data_1BBO
#
_entry.id   1BBO
#
_cell.length_a   1.000
_cell.length_b   1.000
_cell.length_c   1.000
_cell.angle_alpha   90.00
_cell.angle_beta   90.00
_cell.angle_gamma   90.00
#
_symmetry.space_group_name_H-M   'P 1'
#
loop_
_entity.id
_entity.type
_entity.pdbx_description
1 polymer 'HUMAN ENHANCER-BINDING PROTEIN MBP-1'
2 non-polymer 'ZINC ION'
#
_entity_poly.entity_id   1
_entity_poly.type   'polypeptide(L)'
_entity_poly.pdbx_seq_one_letter_code
;KYICEECGIR(ABA)KKPSMLKKHIRTHTDVRPYHCTYCNFSFKTKGNLTKHMKSKAHSKK
;
_entity_poly.pdbx_strand_id   A
#
loop_
_chem_comp.id
_chem_comp.type
_chem_comp.name
_chem_comp.formula
ZN non-polymer 'ZINC ION' 'Zn 2'
#
# COMPACT_ATOMS: atom_id res chain seq x y z
N LYS A 1 -13.31 -1.06 -17.86
CA LYS A 1 -13.59 -0.91 -16.41
C LYS A 1 -12.28 -0.79 -15.63
N TYR A 2 -12.29 0.01 -14.61
CA TYR A 2 -11.06 0.18 -13.80
C TYR A 2 -11.39 0.56 -12.36
N ILE A 3 -12.00 -0.35 -11.65
CA ILE A 3 -12.36 -0.05 -10.23
C ILE A 3 -12.01 -1.25 -9.36
N CYS A 4 -11.02 -1.08 -8.51
CA CYS A 4 -10.64 -2.22 -7.64
C CYS A 4 -11.83 -2.69 -6.82
N GLU A 5 -12.15 -3.95 -6.97
CA GLU A 5 -13.29 -4.50 -6.21
C GLU A 5 -12.98 -4.62 -4.72
N GLU A 6 -11.72 -4.48 -4.37
CA GLU A 6 -11.35 -4.59 -2.94
C GLU A 6 -11.38 -3.22 -2.26
N CYS A 7 -10.44 -2.39 -2.61
CA CYS A 7 -10.40 -1.04 -1.99
C CYS A 7 -11.48 -0.13 -2.56
N GLY A 8 -11.69 -0.24 -3.84
CA GLY A 8 -12.72 0.62 -4.49
C GLY A 8 -12.04 1.81 -5.17
N ILE A 9 -10.75 1.68 -5.39
CA ILE A 9 -10.01 2.79 -6.05
C ILE A 9 -10.56 3.07 -7.44
N ARG A 10 -10.63 4.34 -7.77
CA ARG A 10 -11.15 4.73 -9.11
C ARG A 10 -10.01 5.24 -10.00
N ABA A 11 -9.67 4.45 -10.99
CA ABA A 11 -8.57 4.86 -11.90
C ABA A 11 -8.96 4.59 -13.36
O ABA A 11 -8.55 3.62 -13.95
CB ABA A 11 -7.33 4.02 -11.57
CG ABA A 11 -6.63 4.62 -10.34
H2 ABA A 11 -10.13 3.59 -11.12
HA ABA A 11 -8.37 5.92 -11.78
HB3 ABA A 11 -7.62 3.01 -11.36
HB2 ABA A 11 -6.65 4.03 -12.41
HG1 ABA A 11 -6.32 5.63 -10.57
HG3 ABA A 11 -7.32 4.63 -9.51
HG2 ABA A 11 -5.78 4.03 -10.09
N LYS A 12 -9.74 5.49 -13.90
CA LYS A 12 -10.18 5.32 -15.31
C LYS A 12 -9.02 4.94 -16.25
N LYS A 13 -7.82 5.26 -15.87
CA LYS A 13 -6.66 4.91 -16.74
C LYS A 13 -6.08 3.53 -16.35
N PRO A 14 -5.62 2.74 -17.34
CA PRO A 14 -5.04 1.41 -17.06
C PRO A 14 -3.81 1.53 -16.17
N SER A 15 -2.74 2.07 -16.72
CA SER A 15 -1.48 2.22 -15.94
C SER A 15 -1.77 2.49 -14.47
N MET A 16 -2.70 3.37 -14.23
CA MET A 16 -3.03 3.70 -12.83
C MET A 16 -3.65 2.48 -12.14
N LEU A 17 -4.68 1.92 -12.74
CA LEU A 17 -5.32 0.74 -12.12
C LEU A 17 -4.40 -0.46 -12.26
N LYS A 18 -4.09 -0.81 -13.50
CA LYS A 18 -3.19 -1.97 -13.75
C LYS A 18 -2.11 -2.06 -12.67
N LYS A 19 -1.62 -0.93 -12.25
CA LYS A 19 -0.59 -0.95 -11.21
C LYS A 19 -1.23 -1.19 -9.86
N HIS A 20 -2.31 -0.50 -9.61
CA HIS A 20 -3.00 -0.67 -8.32
C HIS A 20 -3.37 -2.13 -8.09
N ILE A 21 -4.03 -2.71 -9.06
CA ILE A 21 -4.43 -4.13 -8.90
C ILE A 21 -3.18 -5.00 -8.67
N ARG A 22 -2.09 -4.66 -9.32
CA ARG A 22 -0.87 -5.47 -9.13
C ARG A 22 -0.30 -5.27 -7.73
N THR A 23 -0.71 -4.22 -7.07
CA THR A 23 -0.17 -3.99 -5.70
C THR A 23 -0.73 -5.00 -4.71
N HIS A 24 -1.89 -5.53 -5.01
CA HIS A 24 -2.48 -6.53 -4.07
C HIS A 24 -1.70 -7.83 -4.13
N THR A 25 -0.57 -7.79 -4.77
CA THR A 25 0.25 -9.01 -4.89
C THR A 25 1.31 -9.05 -3.79
N ASP A 26 2.53 -8.89 -4.20
CA ASP A 26 3.64 -8.89 -3.22
C ASP A 26 4.74 -8.00 -3.74
N VAL A 27 4.33 -7.00 -4.45
CA VAL A 27 5.30 -6.04 -5.03
C VAL A 27 5.46 -4.81 -4.14
N ARG A 28 5.64 -5.04 -2.86
CA ARG A 28 5.81 -3.90 -1.90
C ARG A 28 7.21 -3.98 -1.23
N PRO A 29 8.23 -3.41 -1.88
CA PRO A 29 9.59 -3.42 -1.33
C PRO A 29 9.72 -2.61 -0.03
N TYR A 30 8.84 -1.68 0.17
CA TYR A 30 8.93 -0.85 1.41
C TYR A 30 8.39 -1.62 2.63
N HIS A 31 9.27 -2.33 3.30
CA HIS A 31 8.83 -3.11 4.50
C HIS A 31 9.16 -2.37 5.79
N CYS A 32 8.22 -2.37 6.71
CA CYS A 32 8.48 -1.67 8.00
C CYS A 32 9.71 -2.26 8.68
N THR A 33 10.36 -1.46 9.49
CA THR A 33 11.57 -1.97 10.18
C THR A 33 11.18 -2.77 11.43
N TYR A 34 9.93 -3.11 11.51
CA TYR A 34 9.45 -3.89 12.69
C TYR A 34 8.40 -4.92 12.26
N CYS A 35 7.30 -4.43 11.78
CA CYS A 35 6.22 -5.35 11.33
C CYS A 35 6.62 -6.13 10.10
N ASN A 36 5.67 -6.89 9.59
CA ASN A 36 5.93 -7.70 8.39
C ASN A 36 5.12 -7.14 7.23
N PHE A 37 4.51 -6.00 7.47
CA PHE A 37 3.69 -5.36 6.42
C PHE A 37 4.57 -4.54 5.49
N SER A 38 4.06 -4.21 4.35
CA SER A 38 4.86 -3.41 3.41
C SER A 38 3.97 -2.53 2.55
N PHE A 39 4.59 -1.63 1.84
CA PHE A 39 3.82 -0.71 0.97
C PHE A 39 4.48 -0.58 -0.40
N LYS A 40 3.70 -0.15 -1.35
CA LYS A 40 4.25 0.02 -2.73
C LYS A 40 4.90 1.39 -2.88
N THR A 41 4.60 2.27 -1.96
CA THR A 41 5.19 3.63 -2.03
C THR A 41 5.84 4.02 -0.71
N LYS A 42 6.75 4.95 -0.79
CA LYS A 42 7.45 5.39 0.43
C LYS A 42 6.55 6.30 1.24
N GLY A 43 5.55 6.85 0.61
CA GLY A 43 4.62 7.75 1.33
C GLY A 43 3.95 7.00 2.49
N ASN A 44 3.24 5.96 2.16
CA ASN A 44 2.56 5.17 3.22
C ASN A 44 3.54 4.78 4.32
N LEU A 45 4.77 4.55 3.94
CA LEU A 45 5.78 4.17 4.95
C LEU A 45 5.83 5.21 6.06
N THR A 46 6.17 6.42 5.68
CA THR A 46 6.23 7.50 6.70
C THR A 46 4.92 7.57 7.47
N LYS A 47 3.84 7.27 6.79
CA LYS A 47 2.52 7.32 7.46
C LYS A 47 2.42 6.23 8.52
N HIS A 48 3.07 5.13 8.28
CA HIS A 48 3.02 4.02 9.27
C HIS A 48 4.08 4.21 10.36
N MET A 49 5.07 5.02 10.07
CA MET A 49 6.13 5.25 11.07
C MET A 49 5.80 6.47 11.94
N LYS A 50 5.07 7.40 11.37
CA LYS A 50 4.71 8.60 12.14
C LYS A 50 3.85 8.23 13.34
N SER A 51 3.09 7.17 13.20
CA SER A 51 2.23 6.73 14.32
C SER A 51 3.07 6.33 15.52
N LYS A 52 2.49 6.45 16.68
CA LYS A 52 3.25 6.07 17.90
C LYS A 52 3.41 4.56 18.02
N ALA A 53 3.21 3.88 16.91
CA ALA A 53 3.36 2.41 16.94
C ALA A 53 4.71 2.00 17.53
N HIS A 54 5.71 1.95 16.69
CA HIS A 54 7.05 1.56 17.17
C HIS A 54 8.15 2.32 16.44
N SER A 55 8.47 3.47 16.96
CA SER A 55 9.53 4.29 16.31
C SER A 55 10.29 5.08 17.37
N LYS A 56 11.02 4.39 18.19
CA LYS A 56 11.81 5.08 19.24
C LYS A 56 13.06 5.71 18.67
N LYS A 57 12.89 6.44 17.59
CA LYS A 57 14.06 7.09 16.96
C LYS A 57 14.80 7.96 17.97
ZN ZN B . -7.23 -2.30 -4.31
ZN ZN C . 5.52 -1.32 11.78
N LYS A 1 -15.38 -1.79 -14.18
CA LYS A 1 -14.33 -1.27 -15.08
C LYS A 1 -13.00 -1.22 -14.34
N TYR A 2 -12.34 -0.10 -14.41
CA TYR A 2 -11.03 0.04 -13.72
C TYR A 2 -11.23 0.43 -12.25
N ILE A 3 -12.06 -0.31 -11.57
CA ILE A 3 -12.33 -0.02 -10.14
C ILE A 3 -11.99 -1.24 -9.28
N CYS A 4 -11.01 -1.10 -8.43
CA CYS A 4 -10.66 -2.26 -7.58
C CYS A 4 -11.82 -2.64 -6.68
N GLU A 5 -12.38 -3.78 -6.94
CA GLU A 5 -13.51 -4.25 -6.12
C GLU A 5 -13.12 -4.44 -4.66
N GLU A 6 -11.84 -4.53 -4.42
CA GLU A 6 -11.38 -4.71 -3.02
C GLU A 6 -11.29 -3.38 -2.30
N CYS A 7 -10.36 -2.55 -2.72
CA CYS A 7 -10.22 -1.23 -2.05
C CYS A 7 -11.32 -0.29 -2.52
N GLY A 8 -11.42 -0.15 -3.81
CA GLY A 8 -12.45 0.75 -4.39
C GLY A 8 -11.78 1.91 -5.10
N ILE A 9 -10.52 1.74 -5.43
CA ILE A 9 -9.80 2.83 -6.13
C ILE A 9 -10.42 3.09 -7.50
N ARG A 10 -10.67 4.34 -7.79
CA ARG A 10 -11.28 4.68 -9.11
C ARG A 10 -10.24 5.29 -10.05
N ABA A 11 -9.79 4.50 -10.99
CA ABA A 11 -8.77 5.02 -11.95
C ABA A 11 -9.31 4.93 -13.38
O ABA A 11 -9.35 3.89 -13.98
CB ABA A 11 -7.52 4.14 -11.85
CG ABA A 11 -6.99 4.20 -10.41
H2 ABA A 11 -10.12 3.58 -11.06
HA ABA A 11 -8.55 6.05 -11.72
HB3 ABA A 11 -7.76 3.13 -12.11
HB2 ABA A 11 -6.77 4.52 -12.52
HG1 ABA A 11 -6.25 3.43 -10.26
HG3 ABA A 11 -6.53 5.16 -10.22
HG2 ABA A 11 -7.81 4.05 -9.72
N LYS A 12 -9.70 6.07 -13.90
CA LYS A 12 -10.24 6.10 -15.27
C LYS A 12 -9.19 5.70 -16.32
N LYS A 13 -8.08 5.16 -15.87
CA LYS A 13 -7.03 4.74 -16.84
C LYS A 13 -6.38 3.39 -16.43
N PRO A 14 -5.94 2.59 -17.40
CA PRO A 14 -5.31 1.30 -17.11
C PRO A 14 -4.02 1.47 -16.31
N SER A 15 -3.00 1.97 -16.97
CA SER A 15 -1.69 2.17 -16.29
C SER A 15 -1.86 2.46 -14.80
N MET A 16 -2.81 3.29 -14.48
CA MET A 16 -3.04 3.62 -13.06
C MET A 16 -3.60 2.40 -12.32
N LEU A 17 -4.66 1.84 -12.86
CA LEU A 17 -5.26 0.65 -12.20
C LEU A 17 -4.27 -0.51 -12.31
N LYS A 18 -3.88 -0.82 -13.52
CA LYS A 18 -2.92 -1.93 -13.75
C LYS A 18 -1.90 -2.02 -12.61
N LYS A 19 -1.28 -0.92 -12.30
CA LYS A 19 -0.29 -0.94 -11.21
C LYS A 19 -0.99 -1.19 -9.87
N HIS A 20 -2.14 -0.59 -9.71
CA HIS A 20 -2.87 -0.78 -8.43
C HIS A 20 -3.22 -2.24 -8.22
N ILE A 21 -3.85 -2.84 -9.20
CA ILE A 21 -4.21 -4.27 -9.03
C ILE A 21 -2.97 -5.08 -8.69
N ARG A 22 -1.84 -4.64 -9.18
CA ARG A 22 -0.59 -5.38 -8.88
C ARG A 22 -0.13 -5.12 -7.46
N THR A 23 -0.62 -4.06 -6.87
CA THR A 23 -0.21 -3.78 -5.47
C THR A 23 -0.86 -4.76 -4.51
N HIS A 24 -1.58 -5.72 -5.06
CA HIS A 24 -2.26 -6.72 -4.18
C HIS A 24 -1.53 -8.06 -4.24
N THR A 25 -0.41 -8.08 -4.92
CA THR A 25 0.37 -9.33 -5.03
C THR A 25 1.45 -9.40 -3.96
N ASP A 26 2.62 -8.95 -4.30
CA ASP A 26 3.72 -8.99 -3.31
C ASP A 26 4.77 -7.95 -3.67
N VAL A 27 4.34 -6.98 -4.40
CA VAL A 27 5.27 -5.90 -4.81
C VAL A 27 5.15 -4.70 -3.87
N ARG A 28 5.23 -4.98 -2.60
CA ARG A 28 5.13 -3.92 -1.57
C ARG A 28 6.23 -4.11 -0.51
N PRO A 29 7.43 -3.58 -0.78
CA PRO A 29 8.56 -3.71 0.16
C PRO A 29 8.28 -3.10 1.55
N TYR A 30 7.34 -2.22 1.64
CA TYR A 30 7.05 -1.62 2.99
C TYR A 30 6.08 -2.50 3.78
N HIS A 31 6.62 -3.53 4.40
CA HIS A 31 5.74 -4.44 5.20
C HIS A 31 5.68 -4.03 6.67
N CYS A 32 4.53 -4.16 7.27
CA CYS A 32 4.42 -3.78 8.70
C CYS A 32 5.28 -4.71 9.56
N THR A 33 5.98 -4.14 10.50
CA THR A 33 6.85 -4.98 11.38
C THR A 33 6.01 -5.95 12.21
N TYR A 34 4.71 -5.80 12.14
CA TYR A 34 3.81 -6.71 12.93
C TYR A 34 2.90 -7.50 12.00
N CYS A 35 1.94 -6.84 11.43
CA CYS A 35 1.00 -7.54 10.52
C CYS A 35 1.73 -8.16 9.34
N ASN A 36 0.96 -8.59 8.38
CA ASN A 36 1.53 -9.22 7.17
C ASN A 36 1.19 -8.36 5.97
N PHE A 37 0.52 -7.27 6.22
CA PHE A 37 0.13 -6.36 5.12
C PHE A 37 1.29 -5.45 4.76
N SER A 38 1.24 -4.91 3.58
CA SER A 38 2.33 -4.02 3.17
C SER A 38 1.83 -2.96 2.20
N PHE A 39 2.68 -2.02 1.91
CA PHE A 39 2.30 -0.93 0.98
C PHE A 39 3.41 -0.67 -0.02
N LYS A 40 3.04 -0.14 -1.14
CA LYS A 40 4.07 0.14 -2.17
C LYS A 40 4.79 1.44 -1.84
N THR A 41 4.15 2.25 -1.05
CA THR A 41 4.78 3.55 -0.66
C THR A 41 5.06 3.63 0.83
N LYS A 42 6.00 4.47 1.18
CA LYS A 42 6.34 4.62 2.61
C LYS A 42 5.32 5.50 3.32
N GLY A 43 4.60 6.26 2.54
CA GLY A 43 3.57 7.16 3.15
C GLY A 43 2.51 6.33 3.89
N ASN A 44 1.86 5.46 3.16
CA ASN A 44 0.83 4.61 3.79
C ASN A 44 1.36 3.96 5.06
N LEU A 45 2.59 3.54 5.02
CA LEU A 45 3.19 2.90 6.21
C LEU A 45 3.03 3.82 7.42
N THR A 46 3.57 5.00 7.31
CA THR A 46 3.45 5.95 8.44
C THR A 46 2.01 6.05 8.91
N LYS A 47 1.11 5.89 7.99
CA LYS A 47 -0.33 5.98 8.35
C LYS A 47 -0.79 4.74 9.12
N HIS A 48 -0.47 3.57 8.60
CA HIS A 48 -0.88 2.33 9.29
C HIS A 48 -0.23 2.25 10.68
N MET A 49 0.76 3.07 10.89
CA MET A 49 1.45 3.05 12.21
C MET A 49 0.83 4.09 13.15
N LYS A 50 0.52 5.23 12.60
CA LYS A 50 -0.08 6.30 13.44
C LYS A 50 -1.24 5.75 14.27
N SER A 51 -2.06 4.96 13.63
CA SER A 51 -3.21 4.38 14.37
C SER A 51 -2.76 3.71 15.67
N LYS A 52 -3.65 3.64 16.61
CA LYS A 52 -3.29 3.01 17.91
C LYS A 52 -3.06 1.50 17.73
N ALA A 53 -3.05 1.07 16.50
CA ALA A 53 -2.84 -0.37 16.24
C ALA A 53 -1.70 -0.92 17.10
N HIS A 54 -0.53 -0.95 16.53
CA HIS A 54 0.63 -1.47 17.30
C HIS A 54 1.92 -0.76 16.87
N SER A 55 2.20 0.34 17.50
CA SER A 55 3.43 1.09 17.16
C SER A 55 3.89 1.94 18.33
N LYS A 56 2.94 2.57 18.99
CA LYS A 56 3.28 3.44 20.14
C LYS A 56 2.87 2.77 21.46
N LYS A 57 2.98 1.46 21.49
CA LYS A 57 2.60 0.74 22.73
C LYS A 57 3.01 -0.74 22.63
ZN ZN B . -7.06 -2.49 -4.45
ZN ZN C . 0.45 -3.58 11.44
N LYS A 1 -14.81 0.76 -15.36
CA LYS A 1 -13.96 -0.25 -16.02
C LYS A 1 -12.60 -0.31 -15.33
N TYR A 2 -12.49 0.33 -14.20
CA TYR A 2 -11.20 0.31 -13.48
C TYR A 2 -11.40 0.57 -11.99
N ILE A 3 -12.39 -0.09 -11.43
CA ILE A 3 -12.66 0.10 -9.98
C ILE A 3 -12.22 -1.14 -9.20
N CYS A 4 -11.16 -1.02 -8.45
CA CYS A 4 -10.70 -2.21 -7.69
C CYS A 4 -11.84 -2.79 -6.87
N GLU A 5 -12.23 -3.98 -7.21
CA GLU A 5 -13.34 -4.63 -6.47
C GLU A 5 -13.02 -4.74 -4.98
N GLU A 6 -11.76 -4.67 -4.63
CA GLU A 6 -11.40 -4.78 -3.21
C GLU A 6 -11.46 -3.42 -2.51
N CYS A 7 -10.57 -2.54 -2.88
CA CYS A 7 -10.56 -1.20 -2.25
C CYS A 7 -11.63 -0.31 -2.86
N GLY A 8 -11.64 -0.23 -4.16
CA GLY A 8 -12.64 0.60 -4.87
C GLY A 8 -11.94 1.79 -5.55
N ILE A 9 -10.64 1.72 -5.62
CA ILE A 9 -9.89 2.83 -6.26
C ILE A 9 -10.45 3.12 -7.64
N ARG A 10 -10.77 4.36 -7.89
CA ARG A 10 -11.33 4.73 -9.22
C ARG A 10 -10.26 5.35 -10.12
N ABA A 11 -9.78 4.57 -11.06
CA ABA A 11 -8.74 5.09 -11.99
C ABA A 11 -9.16 4.86 -13.44
O ABA A 11 -8.94 3.81 -14.00
CB ABA A 11 -7.43 4.32 -11.74
CG ABA A 11 -7.08 4.35 -10.25
H2 ABA A 11 -10.11 3.64 -11.14
HA ABA A 11 -8.60 6.15 -11.83
HB3 ABA A 11 -7.54 3.31 -12.07
HB2 ABA A 11 -6.65 4.79 -12.30
HG1 ABA A 11 -7.92 4.01 -9.67
HG3 ABA A 11 -6.24 3.71 -10.06
HG2 ABA A 11 -6.83 5.36 -9.95
N LYS A 12 -9.77 5.85 -14.02
CA LYS A 12 -10.22 5.73 -15.42
C LYS A 12 -9.11 5.24 -16.35
N LYS A 13 -7.87 5.37 -15.93
CA LYS A 13 -6.76 4.90 -16.81
C LYS A 13 -6.20 3.52 -16.35
N PRO A 14 -5.79 2.67 -17.31
CA PRO A 14 -5.25 1.34 -16.96
C PRO A 14 -3.95 1.46 -16.17
N SER A 15 -2.94 2.01 -16.82
CA SER A 15 -1.62 2.18 -16.13
C SER A 15 -1.79 2.44 -14.64
N MET A 16 -2.73 3.28 -14.30
CA MET A 16 -2.95 3.58 -12.88
C MET A 16 -3.58 2.37 -12.17
N LEU A 17 -4.66 1.87 -12.71
CA LEU A 17 -5.31 0.70 -12.08
C LEU A 17 -4.36 -0.49 -12.16
N LYS A 18 -3.99 -0.83 -13.37
CA LYS A 18 -3.07 -1.98 -13.57
C LYS A 18 -2.03 -2.04 -12.46
N LYS A 19 -1.43 -0.92 -12.18
CA LYS A 19 -0.41 -0.90 -11.12
C LYS A 19 -1.07 -1.14 -9.76
N HIS A 20 -2.19 -0.51 -9.56
CA HIS A 20 -2.90 -0.67 -8.26
C HIS A 20 -3.28 -2.13 -8.02
N ILE A 21 -3.87 -2.75 -9.01
CA ILE A 21 -4.26 -4.18 -8.82
C ILE A 21 -3.05 -5.03 -8.45
N ARG A 22 -1.90 -4.65 -8.95
CA ARG A 22 -0.68 -5.45 -8.63
C ARG A 22 -0.21 -5.20 -7.20
N THR A 23 -0.49 -4.05 -6.67
CA THR A 23 -0.03 -3.78 -5.29
C THR A 23 -0.73 -4.71 -4.30
N HIS A 24 -1.63 -5.54 -4.79
CA HIS A 24 -2.34 -6.47 -3.88
C HIS A 24 -1.62 -7.82 -3.81
N THR A 25 -0.56 -7.93 -4.56
CA THR A 25 0.19 -9.21 -4.55
C THR A 25 1.30 -9.17 -3.51
N ASP A 26 2.48 -8.92 -3.97
CA ASP A 26 3.64 -8.85 -3.05
C ASP A 26 4.76 -8.08 -3.71
N VAL A 27 4.36 -7.19 -4.57
CA VAL A 27 5.35 -6.37 -5.29
C VAL A 27 5.64 -5.06 -4.53
N ARG A 28 5.84 -5.17 -3.25
CA ARG A 28 6.13 -3.97 -2.42
C ARG A 28 7.51 -4.13 -1.72
N PRO A 29 8.59 -3.81 -2.44
CA PRO A 29 9.94 -3.93 -1.89
C PRO A 29 10.18 -2.97 -0.72
N TYR A 30 9.31 -2.02 -0.54
CA TYR A 30 9.51 -1.07 0.58
C TYR A 30 8.83 -1.58 1.85
N HIS A 31 9.58 -2.31 2.65
CA HIS A 31 9.01 -2.86 3.91
C HIS A 31 9.53 -2.11 5.13
N CYS A 32 8.66 -1.85 6.07
CA CYS A 32 9.13 -1.12 7.29
C CYS A 32 10.12 -1.97 8.06
N THR A 33 10.95 -1.32 8.84
CA THR A 33 11.95 -2.08 9.64
C THR A 33 11.40 -2.42 11.02
N TYR A 34 10.10 -2.34 11.15
CA TYR A 34 9.47 -2.66 12.45
C TYR A 34 8.16 -3.42 12.25
N CYS A 35 7.39 -2.97 11.31
CA CYS A 35 6.10 -3.62 11.03
C CYS A 35 6.24 -4.65 9.92
N ASN A 36 5.11 -5.17 9.50
CA ASN A 36 5.11 -6.19 8.42
C ASN A 36 4.41 -5.63 7.20
N PHE A 37 4.16 -4.34 7.25
CA PHE A 37 3.48 -3.68 6.10
C PHE A 37 4.49 -3.25 5.05
N SER A 38 4.05 -3.15 3.83
CA SER A 38 4.98 -2.74 2.76
C SER A 38 4.27 -1.84 1.76
N PHE A 39 5.04 -0.98 1.13
CA PHE A 39 4.46 -0.06 0.13
C PHE A 39 5.10 -0.27 -1.25
N LYS A 40 4.39 0.13 -2.26
CA LYS A 40 4.93 -0.04 -3.64
C LYS A 40 5.81 1.15 -4.00
N THR A 41 5.71 2.19 -3.21
CA THR A 41 6.54 3.40 -3.48
C THR A 41 7.40 3.76 -2.30
N LYS A 42 8.47 4.47 -2.57
CA LYS A 42 9.37 4.88 -1.49
C LYS A 42 8.81 6.07 -0.74
N GLY A 43 7.84 6.72 -1.34
CA GLY A 43 7.24 7.91 -0.68
C GLY A 43 6.50 7.48 0.58
N ASN A 44 5.47 6.70 0.40
CA ASN A 44 4.70 6.23 1.57
C ASN A 44 5.63 5.76 2.69
N LEU A 45 6.76 5.23 2.30
CA LEU A 45 7.72 4.76 3.32
C LEU A 45 8.13 5.91 4.22
N THR A 46 8.69 6.93 3.63
CA THR A 46 9.12 8.09 4.43
C THR A 46 7.96 8.61 5.28
N LYS A 47 6.77 8.47 4.75
CA LYS A 47 5.59 8.94 5.51
C LYS A 47 5.29 8.05 6.71
N HIS A 48 5.37 6.75 6.49
CA HIS A 48 5.09 5.82 7.63
C HIS A 48 6.19 5.91 8.68
N MET A 49 7.32 6.44 8.30
CA MET A 49 8.43 6.55 9.28
C MET A 49 8.38 7.89 10.01
N LYS A 50 8.12 8.93 9.27
CA LYS A 50 8.05 10.27 9.90
C LYS A 50 7.11 10.26 11.11
N SER A 51 6.03 9.54 10.97
CA SER A 51 5.07 9.48 12.10
C SER A 51 5.76 9.03 13.39
N LYS A 52 5.12 9.28 14.49
CA LYS A 52 5.71 8.88 15.80
C LYS A 52 5.68 7.36 15.97
N ALA A 53 5.31 6.68 14.92
CA ALA A 53 5.25 5.19 15.00
C ALA A 53 6.51 4.64 15.64
N HIS A 54 7.57 4.59 14.87
CA HIS A 54 8.83 4.07 15.41
C HIS A 54 9.98 4.33 14.45
N SER A 55 10.81 5.27 14.81
CA SER A 55 11.96 5.60 13.95
C SER A 55 13.15 6.04 14.80
N LYS A 56 14.04 5.11 15.01
CA LYS A 56 15.24 5.43 15.82
C LYS A 56 16.21 6.32 15.07
N LYS A 57 15.75 7.49 14.71
CA LYS A 57 16.62 8.42 13.96
C LYS A 57 17.93 8.67 14.72
ZN ZN B . -7.22 -2.38 -4.39
ZN ZN C . 6.40 0.51 10.90
N LYS A 1 -13.80 -0.93 -17.58
CA LYS A 1 -13.94 -1.02 -16.10
C LYS A 1 -12.57 -0.94 -15.44
N TYR A 2 -12.43 -0.02 -14.52
CA TYR A 2 -11.12 0.12 -13.82
C TYR A 2 -11.32 0.53 -12.37
N ILE A 3 -11.86 -0.37 -11.59
CA ILE A 3 -12.09 -0.05 -10.16
C ILE A 3 -11.75 -1.27 -9.30
N CYS A 4 -10.85 -1.09 -8.37
CA CYS A 4 -10.49 -2.25 -7.51
C CYS A 4 -11.67 -2.66 -6.65
N GLU A 5 -12.09 -3.87 -6.85
CA GLU A 5 -13.24 -4.38 -6.06
C GLU A 5 -12.87 -4.52 -4.58
N GLU A 6 -11.60 -4.47 -4.28
CA GLU A 6 -11.19 -4.59 -2.87
C GLU A 6 -11.12 -3.23 -2.20
N CYS A 7 -10.15 -2.44 -2.59
CA CYS A 7 -10.02 -1.10 -1.96
C CYS A 7 -11.13 -0.17 -2.44
N GLY A 8 -11.34 -0.17 -3.74
CA GLY A 8 -12.40 0.70 -4.33
C GLY A 8 -11.75 1.88 -5.04
N ILE A 9 -10.48 1.74 -5.36
CA ILE A 9 -9.77 2.83 -6.06
C ILE A 9 -10.42 3.11 -7.42
N ARG A 10 -10.56 4.38 -7.73
CA ARG A 10 -11.18 4.76 -9.03
C ARG A 10 -10.15 5.33 -9.98
N ABA A 11 -9.86 4.60 -11.02
CA ABA A 11 -8.86 5.08 -12.02
C ABA A 11 -9.36 4.84 -13.43
O ABA A 11 -9.24 3.76 -13.97
CB ABA A 11 -7.56 4.30 -11.83
CG ABA A 11 -7.12 4.39 -10.36
H2 ABA A 11 -10.29 3.72 -11.15
HA ABA A 11 -8.69 6.15 -11.88
HB3 ABA A 11 -7.72 3.27 -12.08
HB2 ABA A 11 -6.80 4.70 -12.45
HG1 ABA A 11 -6.90 5.42 -10.11
HG3 ABA A 11 -7.90 4.02 -9.71
HG2 ABA A 11 -6.22 3.80 -10.20
N LYS A 12 -9.92 5.86 -14.02
CA LYS A 12 -10.44 5.73 -15.40
C LYS A 12 -9.37 5.26 -16.39
N LYS A 13 -8.12 5.29 -15.99
CA LYS A 13 -7.03 4.84 -16.92
C LYS A 13 -6.42 3.48 -16.47
N PRO A 14 -5.97 2.66 -17.42
CA PRO A 14 -5.38 1.36 -17.10
C PRO A 14 -4.09 1.51 -16.30
N SER A 15 -3.06 2.02 -16.95
CA SER A 15 -1.74 2.21 -16.27
C SER A 15 -1.92 2.48 -14.79
N MET A 16 -2.86 3.32 -14.46
CA MET A 16 -3.09 3.64 -13.04
C MET A 16 -3.69 2.42 -12.32
N LEU A 17 -4.75 1.88 -12.87
CA LEU A 17 -5.38 0.70 -12.23
C LEU A 17 -4.43 -0.49 -12.36
N LYS A 18 -4.11 -0.81 -13.60
CA LYS A 18 -3.19 -1.96 -13.85
C LYS A 18 -2.10 -2.02 -12.78
N LYS A 19 -1.53 -0.90 -12.47
CA LYS A 19 -0.48 -0.89 -11.45
C LYS A 19 -1.09 -1.14 -10.08
N HIS A 20 -2.22 -0.52 -9.84
CA HIS A 20 -2.88 -0.69 -8.54
C HIS A 20 -3.21 -2.15 -8.30
N ILE A 21 -3.90 -2.75 -9.23
CA ILE A 21 -4.25 -4.18 -9.06
C ILE A 21 -2.99 -5.02 -8.83
N ARG A 22 -1.89 -4.58 -9.42
CA ARG A 22 -0.64 -5.35 -9.24
C ARG A 22 -0.06 -5.13 -7.85
N THR A 23 -0.52 -4.12 -7.18
CA THR A 23 0.00 -3.86 -5.82
C THR A 23 -0.52 -4.91 -4.83
N HIS A 24 -1.57 -5.60 -5.21
CA HIS A 24 -2.13 -6.63 -4.29
C HIS A 24 -1.38 -7.95 -4.46
N THR A 25 -0.29 -7.89 -5.16
CA THR A 25 0.51 -9.12 -5.38
C THR A 25 1.44 -9.36 -4.20
N ASP A 26 2.67 -8.99 -4.38
CA ASP A 26 3.67 -9.17 -3.31
C ASP A 26 4.73 -8.11 -3.44
N VAL A 27 4.32 -7.01 -4.01
CA VAL A 27 5.26 -5.88 -4.21
C VAL A 27 5.05 -4.80 -3.15
N ARG A 28 4.93 -5.22 -1.93
CA ARG A 28 4.72 -4.27 -0.81
C ARG A 28 5.76 -4.55 0.32
N PRO A 29 6.93 -3.95 0.23
CA PRO A 29 7.98 -4.17 1.26
C PRO A 29 7.58 -3.64 2.63
N TYR A 30 6.85 -2.57 2.67
CA TYR A 30 6.43 -2.01 4.00
C TYR A 30 5.48 -2.97 4.73
N HIS A 31 6.04 -3.80 5.59
CA HIS A 31 5.19 -4.77 6.35
C HIS A 31 4.95 -4.29 7.77
N CYS A 32 3.72 -4.40 8.25
CA CYS A 32 3.45 -3.94 9.63
C CYS A 32 4.34 -4.70 10.61
N THR A 33 4.65 -4.08 11.72
CA THR A 33 5.52 -4.76 12.72
C THR A 33 4.70 -5.72 13.58
N TYR A 34 3.52 -6.03 13.12
CA TYR A 34 2.64 -6.96 13.89
C TYR A 34 1.85 -7.85 12.94
N CYS A 35 0.94 -7.24 12.22
CA CYS A 35 0.11 -8.01 11.26
C CYS A 35 0.96 -8.65 10.18
N ASN A 36 0.29 -9.08 9.14
CA ASN A 36 0.98 -9.73 8.00
C ASN A 36 0.69 -8.93 6.74
N PHE A 37 -0.01 -7.84 6.92
CA PHE A 37 -0.35 -6.98 5.75
C PHE A 37 0.83 -6.10 5.38
N SER A 38 0.75 -5.49 4.23
CA SER A 38 1.86 -4.61 3.82
C SER A 38 1.36 -3.50 2.91
N PHE A 39 2.23 -2.55 2.66
CA PHE A 39 1.84 -1.41 1.80
C PHE A 39 2.96 -1.10 0.79
N LYS A 40 2.60 -0.41 -0.26
CA LYS A 40 3.60 -0.05 -1.29
C LYS A 40 4.29 1.25 -0.94
N THR A 41 3.71 2.00 -0.04
CA THR A 41 4.32 3.30 0.35
C THR A 41 4.39 3.45 1.87
N LYS A 42 5.28 4.29 2.31
CA LYS A 42 5.44 4.50 3.76
C LYS A 42 4.25 5.28 4.31
N GLY A 43 3.54 5.93 3.44
CA GLY A 43 2.36 6.71 3.89
C GLY A 43 1.30 5.78 4.48
N ASN A 44 0.66 5.03 3.64
CA ASN A 44 -0.37 4.09 4.13
C ASN A 44 0.15 3.32 5.34
N LEU A 45 1.41 3.02 5.33
CA LEU A 45 1.98 2.26 6.47
C LEU A 45 1.83 3.08 7.76
N THR A 46 2.24 4.32 7.69
CA THR A 46 2.12 5.18 8.89
C THR A 46 0.67 5.29 9.33
N LYS A 47 -0.22 5.30 8.38
CA LYS A 47 -1.66 5.41 8.73
C LYS A 47 -2.11 4.19 9.52
N HIS A 48 -1.64 3.04 9.11
CA HIS A 48 -2.04 1.80 9.83
C HIS A 48 -1.48 1.81 11.25
N MET A 49 -0.36 2.45 11.43
CA MET A 49 0.25 2.50 12.78
C MET A 49 -0.46 3.52 13.65
N LYS A 50 -0.94 4.57 13.03
CA LYS A 50 -1.65 5.62 13.81
C LYS A 50 -2.85 5.03 14.54
N SER A 51 -3.66 4.30 13.82
CA SER A 51 -4.85 3.69 14.46
C SER A 51 -4.49 3.08 15.81
N LYS A 52 -5.46 2.98 16.67
CA LYS A 52 -5.19 2.39 18.01
C LYS A 52 -4.90 0.90 17.89
N ALA A 53 -4.73 0.43 16.68
CA ALA A 53 -4.44 -1.01 16.49
C ALA A 53 -3.35 -1.48 17.46
N HIS A 54 -2.13 -1.44 17.01
CA HIS A 54 -1.03 -1.89 17.89
C HIS A 54 0.26 -1.14 17.58
N SER A 55 0.44 -0.01 18.21
CA SER A 55 1.67 0.78 17.97
C SER A 55 1.88 1.79 19.09
N LYS A 56 2.06 1.28 20.28
CA LYS A 56 2.28 2.20 21.43
C LYS A 56 3.38 3.20 21.13
N LYS A 57 4.59 2.83 21.41
CA LYS A 57 5.72 3.76 21.14
C LYS A 57 7.06 3.05 21.36
ZN ZN B . -6.92 -2.40 -4.39
ZN ZN C . -0.68 -4.09 12.10
N LYS A 1 -14.24 -2.18 -16.35
CA LYS A 1 -13.89 -0.79 -15.94
C LYS A 1 -12.55 -0.77 -15.23
N TYR A 2 -12.41 0.11 -14.27
CA TYR A 2 -11.12 0.18 -13.54
C TYR A 2 -11.34 0.50 -12.05
N ILE A 3 -12.26 -0.21 -11.45
CA ILE A 3 -12.56 0.01 -10.01
C ILE A 3 -12.14 -1.21 -9.19
N CYS A 4 -11.06 -1.09 -8.46
CA CYS A 4 -10.63 -2.25 -7.65
C CYS A 4 -11.78 -2.79 -6.82
N GLU A 5 -12.13 -4.01 -7.07
CA GLU A 5 -13.25 -4.62 -6.31
C GLU A 5 -12.94 -4.71 -4.81
N GLU A 6 -11.69 -4.58 -4.47
CA GLU A 6 -11.32 -4.66 -3.03
C GLU A 6 -11.35 -3.29 -2.37
N CYS A 7 -10.41 -2.45 -2.73
CA CYS A 7 -10.38 -1.10 -2.12
C CYS A 7 -11.46 -0.21 -2.70
N GLY A 8 -11.57 -0.23 -4.01
CA GLY A 8 -12.60 0.62 -4.68
C GLY A 8 -11.93 1.80 -5.36
N ILE A 9 -10.63 1.72 -5.53
CA ILE A 9 -9.92 2.84 -6.19
C ILE A 9 -10.46 3.05 -7.60
N ARG A 10 -10.83 4.27 -7.90
CA ARG A 10 -11.36 4.56 -9.26
C ARG A 10 -10.32 5.25 -10.13
N ABA A 11 -9.73 4.50 -11.02
CA ABA A 11 -8.70 5.10 -11.92
C ABA A 11 -9.19 5.09 -13.37
O ABA A 11 -9.30 4.06 -13.99
CB ABA A 11 -7.43 4.26 -11.84
CG ABA A 11 -6.91 4.26 -10.39
H2 ABA A 11 -9.96 3.56 -11.11
HA ABA A 11 -8.50 6.13 -11.62
HB3 ABA A 11 -7.63 3.25 -12.13
HB2 ABA A 11 -6.68 4.67 -12.49
HG1 ABA A 11 -6.35 5.17 -10.20
HG3 ABA A 11 -7.74 4.21 -9.71
HG2 ABA A 11 -6.26 3.41 -10.23
N LYS A 12 -9.46 6.26 -13.88
CA LYS A 12 -9.94 6.36 -15.27
C LYS A 12 -8.89 5.90 -16.28
N LYS A 13 -7.82 5.29 -15.80
CA LYS A 13 -6.77 4.82 -16.74
C LYS A 13 -6.20 3.44 -16.30
N PRO A 14 -5.72 2.64 -17.27
CA PRO A 14 -5.15 1.32 -16.96
C PRO A 14 -3.89 1.43 -16.12
N SER A 15 -2.83 1.92 -16.74
CA SER A 15 -1.53 2.08 -16.02
C SER A 15 -1.76 2.37 -14.53
N MET A 16 -2.70 3.23 -14.26
CA MET A 16 -2.97 3.56 -12.84
C MET A 16 -3.61 2.37 -12.14
N LEU A 17 -4.61 1.78 -12.77
CA LEU A 17 -5.26 0.61 -12.14
C LEU A 17 -4.35 -0.60 -12.24
N LYS A 18 -4.01 -0.97 -13.47
CA LYS A 18 -3.11 -2.14 -13.67
C LYS A 18 -2.05 -2.22 -12.57
N LYS A 19 -1.46 -1.10 -12.28
CA LYS A 19 -0.43 -1.12 -11.22
C LYS A 19 -1.08 -1.34 -9.86
N HIS A 20 -2.20 -0.69 -9.67
CA HIS A 20 -2.91 -0.83 -8.38
C HIS A 20 -3.29 -2.29 -8.14
N ILE A 21 -3.96 -2.88 -9.09
CA ILE A 21 -4.35 -4.30 -8.90
C ILE A 21 -3.13 -5.15 -8.60
N ARG A 22 -2.00 -4.75 -9.13
CA ARG A 22 -0.76 -5.52 -8.89
C ARG A 22 -0.23 -5.24 -7.50
N THR A 23 -0.70 -4.19 -6.89
CA THR A 23 -0.22 -3.87 -5.53
C THR A 23 -0.81 -4.84 -4.50
N HIS A 24 -1.76 -5.63 -4.93
CA HIS A 24 -2.38 -6.59 -3.97
C HIS A 24 -1.63 -7.93 -4.00
N THR A 25 -0.51 -7.95 -4.67
CA THR A 25 0.29 -9.19 -4.75
C THR A 25 1.39 -9.19 -3.70
N ASP A 26 2.57 -8.87 -4.14
CA ASP A 26 3.72 -8.83 -3.21
C ASP A 26 4.80 -7.94 -3.77
N VAL A 27 4.38 -6.98 -4.53
CA VAL A 27 5.32 -6.03 -5.15
C VAL A 27 5.32 -4.70 -4.39
N ARG A 28 5.38 -4.79 -3.10
CA ARG A 28 5.38 -3.57 -2.24
C ARG A 28 6.67 -3.51 -1.39
N PRO A 29 7.74 -2.97 -1.96
CA PRO A 29 9.03 -2.87 -1.24
C PRO A 29 8.98 -1.94 -0.03
N TYR A 30 7.96 -1.11 0.06
CA TYR A 30 7.87 -0.20 1.22
C TYR A 30 7.20 -0.88 2.41
N HIS A 31 7.98 -1.57 3.22
CA HIS A 31 7.39 -2.27 4.40
C HIS A 31 7.50 -1.41 5.66
N CYS A 32 6.47 -1.48 6.49
CA CYS A 32 6.50 -0.67 7.75
C CYS A 32 7.67 -1.11 8.63
N THR A 33 8.13 -0.22 9.46
CA THR A 33 9.27 -0.57 10.34
C THR A 33 8.76 -1.32 11.58
N TYR A 34 7.54 -1.78 11.51
CA TYR A 34 6.96 -2.53 12.65
C TYR A 34 6.08 -3.66 12.15
N CYS A 35 5.00 -3.30 11.51
CA CYS A 35 4.06 -4.33 10.97
C CYS A 35 4.72 -5.15 9.88
N ASN A 36 3.90 -5.88 9.19
CA ASN A 36 4.40 -6.74 8.09
C ASN A 36 3.74 -6.31 6.79
N PHE A 37 2.98 -5.25 6.88
CA PHE A 37 2.28 -4.74 5.67
C PHE A 37 3.23 -3.88 4.85
N SER A 38 2.82 -3.56 3.65
CA SER A 38 3.68 -2.73 2.81
C SER A 38 2.88 -1.99 1.76
N PHE A 39 3.53 -1.08 1.07
CA PHE A 39 2.82 -0.31 0.02
C PHE A 39 3.67 -0.21 -1.24
N LYS A 40 3.00 0.03 -2.34
CA LYS A 40 3.75 0.15 -3.62
C LYS A 40 4.39 1.52 -3.76
N THR A 41 3.95 2.45 -2.94
CA THR A 41 4.52 3.83 -3.01
C THR A 41 5.07 4.29 -1.67
N LYS A 42 5.97 5.23 -1.72
CA LYS A 42 6.55 5.74 -0.45
C LYS A 42 5.57 6.67 0.25
N GLY A 43 4.58 7.11 -0.47
CA GLY A 43 3.58 8.02 0.16
C GLY A 43 2.73 7.25 1.18
N ASN A 44 1.91 6.36 0.69
CA ASN A 44 1.06 5.58 1.60
C ASN A 44 1.87 5.07 2.78
N LEU A 45 3.11 4.79 2.54
CA LEU A 45 3.98 4.28 3.64
C LEU A 45 4.07 5.33 4.74
N THR A 46 4.41 6.53 4.37
CA THR A 46 4.53 7.60 5.40
C THR A 46 3.18 7.86 6.06
N LYS A 47 2.13 7.71 5.30
CA LYS A 47 0.78 7.93 5.86
C LYS A 47 0.47 6.93 6.96
N HIS A 48 1.00 5.75 6.82
CA HIS A 48 0.74 4.71 7.85
C HIS A 48 1.59 4.95 9.10
N MET A 49 2.77 5.47 8.88
CA MET A 49 3.66 5.75 10.04
C MET A 49 3.15 6.95 10.84
N LYS A 50 2.55 7.87 10.15
CA LYS A 50 2.02 9.08 10.86
C LYS A 50 0.96 8.68 11.86
N SER A 51 0.10 7.77 11.48
CA SER A 51 -0.98 7.34 12.40
C SER A 51 -0.42 7.10 13.81
N LYS A 52 -1.28 7.18 14.78
CA LYS A 52 -0.81 6.97 16.18
C LYS A 52 -0.50 5.50 16.43
N ALA A 53 -0.56 4.72 15.38
CA ALA A 53 -0.28 3.27 15.54
C ALA A 53 0.99 3.06 16.37
N HIS A 54 2.12 3.06 15.70
CA HIS A 54 3.39 2.86 16.42
C HIS A 54 4.51 3.70 15.83
N SER A 55 4.59 4.92 16.28
CA SER A 55 5.65 5.82 15.76
C SER A 55 6.04 6.85 16.82
N LYS A 56 5.07 7.25 17.59
CA LYS A 56 5.35 8.26 18.66
C LYS A 56 4.66 7.86 19.96
N LYS A 57 4.74 6.61 20.30
CA LYS A 57 4.10 6.14 21.55
C LYS A 57 4.58 6.95 22.74
ZN ZN B . -7.15 -2.38 -4.37
ZN ZN C . 3.01 -0.36 11.03
N LYS A 1 -15.08 -1.05 -15.05
CA LYS A 1 -14.14 -0.28 -15.90
C LYS A 1 -12.74 -0.27 -15.27
N TYR A 2 -12.63 0.36 -14.14
CA TYR A 2 -11.31 0.41 -13.45
C TYR A 2 -11.47 0.70 -11.97
N ILE A 3 -12.39 0.02 -11.35
CA ILE A 3 -12.64 0.23 -9.89
C ILE A 3 -12.28 -1.04 -9.11
N CYS A 4 -11.16 -1.03 -8.43
CA CYS A 4 -10.79 -2.24 -7.66
C CYS A 4 -11.94 -2.68 -6.78
N GLU A 5 -12.54 -3.78 -7.14
CA GLU A 5 -13.68 -4.29 -6.35
C GLU A 5 -13.27 -4.56 -4.90
N GLU A 6 -11.99 -4.67 -4.66
CA GLU A 6 -11.52 -4.92 -3.28
C GLU A 6 -11.43 -3.62 -2.49
N CYS A 7 -10.54 -2.75 -2.90
CA CYS A 7 -10.40 -1.46 -2.17
C CYS A 7 -11.44 -0.46 -2.64
N GLY A 8 -11.49 -0.25 -3.93
CA GLY A 8 -12.48 0.70 -4.49
C GLY A 8 -11.74 1.85 -5.18
N ILE A 9 -10.46 1.66 -5.40
CA ILE A 9 -9.68 2.72 -6.06
C ILE A 9 -10.27 3.05 -7.43
N ARG A 10 -10.49 4.32 -7.68
CA ARG A 10 -11.08 4.71 -9.00
C ARG A 10 -10.02 5.35 -9.89
N ABA A 11 -9.63 4.64 -10.92
CA ABA A 11 -8.60 5.18 -11.86
C ABA A 11 -9.08 5.09 -13.30
O ABA A 11 -9.21 4.01 -13.84
CB ABA A 11 -7.32 4.35 -11.71
CG ABA A 11 -6.88 4.33 -10.25
H2 ABA A 11 -10.02 3.75 -11.08
HA ABA A 11 -8.41 6.22 -11.62
HB3 ABA A 11 -7.51 3.35 -12.05
HB2 ABA A 11 -6.55 4.78 -12.32
HG1 ABA A 11 -6.72 5.33 -9.90
HG3 ABA A 11 -7.65 3.87 -9.65
HG2 ABA A 11 -5.97 3.75 -10.14
N LYS A 12 -9.35 6.21 -13.90
CA LYS A 12 -9.82 6.20 -15.30
C LYS A 12 -8.71 5.81 -16.28
N LYS A 13 -7.59 5.36 -15.75
CA LYS A 13 -6.47 4.97 -16.64
C LYS A 13 -6.01 3.52 -16.35
N PRO A 14 -5.74 2.70 -17.38
CA PRO A 14 -5.30 1.32 -17.16
C PRO A 14 -3.97 1.28 -16.44
N SER A 15 -2.98 1.93 -17.01
CA SER A 15 -1.65 1.93 -16.36
C SER A 15 -1.78 2.17 -14.85
N MET A 16 -2.76 2.97 -14.48
CA MET A 16 -2.95 3.26 -13.04
C MET A 16 -3.60 2.08 -12.35
N LEU A 17 -4.81 1.74 -12.75
CA LEU A 17 -5.48 0.60 -12.11
C LEU A 17 -4.59 -0.62 -12.25
N LYS A 18 -4.20 -0.88 -13.48
CA LYS A 18 -3.32 -2.03 -13.74
C LYS A 18 -2.26 -2.16 -12.64
N LYS A 19 -1.53 -1.11 -12.42
CA LYS A 19 -0.48 -1.18 -11.37
C LYS A 19 -1.12 -1.41 -10.00
N HIS A 20 -2.26 -0.79 -9.78
CA HIS A 20 -2.91 -0.97 -8.47
C HIS A 20 -3.31 -2.43 -8.24
N ILE A 21 -3.95 -3.03 -9.22
CA ILE A 21 -4.36 -4.44 -9.03
C ILE A 21 -3.14 -5.30 -8.66
N ARG A 22 -1.99 -4.91 -9.16
CA ARG A 22 -0.78 -5.70 -8.84
C ARG A 22 -0.37 -5.47 -7.40
N THR A 23 -0.56 -4.27 -6.93
CA THR A 23 -0.18 -3.99 -5.52
C THR A 23 -0.73 -5.06 -4.60
N HIS A 24 -1.76 -5.74 -5.04
CA HIS A 24 -2.35 -6.81 -4.18
C HIS A 24 -1.49 -8.06 -4.26
N THR A 25 -0.28 -7.91 -4.76
CA THR A 25 0.63 -9.07 -4.86
C THR A 25 1.69 -9.03 -3.78
N ASP A 26 2.89 -8.72 -4.16
CA ASP A 26 3.99 -8.65 -3.18
C ASP A 26 4.99 -7.62 -3.63
N VAL A 27 4.50 -6.66 -4.35
CA VAL A 27 5.37 -5.56 -4.86
C VAL A 27 5.30 -4.34 -3.94
N ARG A 28 5.38 -4.58 -2.67
CA ARG A 28 5.33 -3.49 -1.67
C ARG A 28 6.62 -3.47 -0.83
N PRO A 29 7.68 -2.85 -1.35
CA PRO A 29 8.97 -2.79 -0.63
C PRO A 29 8.85 -2.11 0.74
N TYR A 30 7.85 -1.29 0.90
CA TYR A 30 7.70 -0.61 2.22
C TYR A 30 7.04 -1.56 3.24
N HIS A 31 7.86 -2.34 3.90
CA HIS A 31 7.32 -3.30 4.91
C HIS A 31 7.52 -2.77 6.33
N CYS A 32 6.54 -2.99 7.18
CA CYS A 32 6.69 -2.51 8.58
C CYS A 32 7.84 -3.23 9.27
N THR A 33 8.49 -2.56 10.17
CA THR A 33 9.63 -3.21 10.87
C THR A 33 9.12 -4.12 12.00
N TYR A 34 7.85 -4.41 11.96
CA TYR A 34 7.27 -5.30 13.01
C TYR A 34 6.24 -6.24 12.38
N CYS A 35 5.15 -5.69 11.93
CA CYS A 35 4.09 -6.53 11.31
C CYS A 35 4.59 -7.17 10.03
N ASN A 36 3.64 -7.67 9.26
CA ASN A 36 3.98 -8.32 7.98
C ASN A 36 3.30 -7.59 6.84
N PHE A 37 2.63 -6.51 7.21
CA PHE A 37 1.92 -5.71 6.18
C PHE A 37 2.90 -4.81 5.45
N SER A 38 2.54 -4.39 4.27
CA SER A 38 3.44 -3.52 3.50
C SER A 38 2.65 -2.56 2.63
N PHE A 39 3.35 -1.60 2.07
CA PHE A 39 2.69 -0.61 1.20
C PHE A 39 3.50 -0.36 -0.07
N LYS A 40 2.85 0.14 -1.08
CA LYS A 40 3.57 0.41 -2.35
C LYS A 40 4.15 1.82 -2.33
N THR A 41 3.70 2.60 -1.37
CA THR A 41 4.21 3.99 -1.26
C THR A 41 4.81 4.26 0.11
N LYS A 42 5.67 5.24 0.16
CA LYS A 42 6.31 5.59 1.43
C LYS A 42 5.37 6.41 2.31
N GLY A 43 4.32 6.91 1.70
CA GLY A 43 3.36 7.72 2.50
C GLY A 43 2.62 6.84 3.50
N ASN A 44 1.85 5.92 2.99
CA ASN A 44 1.09 5.01 3.89
C ASN A 44 1.98 4.52 5.03
N LEU A 45 3.25 4.39 4.74
CA LEU A 45 4.18 3.91 5.79
C LEU A 45 4.13 4.85 6.98
N THR A 46 4.45 6.09 6.75
CA THR A 46 4.42 7.07 7.86
C THR A 46 3.09 6.99 8.61
N LYS A 47 2.07 6.65 7.87
CA LYS A 47 0.72 6.54 8.50
C LYS A 47 0.65 5.36 9.46
N HIS A 48 1.10 4.21 9.01
CA HIS A 48 1.06 3.01 9.89
C HIS A 48 1.97 3.20 11.10
N MET A 49 3.09 3.83 10.91
CA MET A 49 4.02 4.02 12.04
C MET A 49 3.50 5.10 12.99
N LYS A 50 2.75 6.02 12.46
CA LYS A 50 2.20 7.10 13.32
C LYS A 50 1.33 6.51 14.44
N SER A 51 0.68 5.43 14.14
CA SER A 51 -0.19 4.80 15.17
C SER A 51 0.64 4.34 16.37
N LYS A 52 0.01 4.29 17.51
CA LYS A 52 0.74 3.87 18.73
C LYS A 52 0.94 2.36 18.74
N ALA A 53 0.67 1.74 17.62
CA ALA A 53 0.84 0.27 17.55
C ALA A 53 2.19 -0.16 18.12
N HIS A 54 3.23 0.11 17.39
CA HIS A 54 4.57 -0.28 17.88
C HIS A 54 5.65 0.60 17.27
N SER A 55 5.99 1.65 17.98
CA SER A 55 7.04 2.56 17.47
C SER A 55 7.64 3.37 18.62
N LYS A 56 8.71 2.86 19.17
CA LYS A 56 9.37 3.58 20.29
C LYS A 56 10.17 4.78 19.79
N LYS A 57 9.52 5.63 19.04
CA LYS A 57 10.22 6.82 18.51
C LYS A 57 10.88 7.61 19.63
ZN ZN B . -7.19 -2.73 -4.53
ZN ZN C . 3.43 -2.56 12.10
N LYS A 1 -14.73 0.78 -15.62
CA LYS A 1 -14.62 -0.56 -14.99
C LYS A 1 -13.30 -0.69 -14.27
N TYR A 2 -12.65 0.43 -14.06
CA TYR A 2 -11.35 0.39 -13.35
C TYR A 2 -11.53 0.61 -11.86
N ILE A 3 -12.49 -0.08 -11.29
CA ILE A 3 -12.77 0.07 -9.84
C ILE A 3 -12.30 -1.18 -9.09
N CYS A 4 -11.18 -1.08 -8.41
CA CYS A 4 -10.71 -2.27 -7.66
C CYS A 4 -11.79 -2.80 -6.74
N GLU A 5 -12.25 -3.98 -7.03
CA GLU A 5 -13.32 -4.59 -6.19
C GLU A 5 -12.90 -4.68 -4.73
N GLU A 6 -11.62 -4.68 -4.47
CA GLU A 6 -11.17 -4.77 -3.06
C GLU A 6 -11.21 -3.41 -2.38
N CYS A 7 -10.36 -2.52 -2.83
CA CYS A 7 -10.33 -1.17 -2.22
C CYS A 7 -11.45 -0.31 -2.77
N GLY A 8 -11.48 -0.21 -4.07
CA GLY A 8 -12.53 0.61 -4.74
C GLY A 8 -11.88 1.80 -5.44
N ILE A 9 -10.59 1.72 -5.64
CA ILE A 9 -9.89 2.84 -6.31
C ILE A 9 -10.46 3.07 -7.71
N ARG A 10 -10.85 4.29 -7.98
CA ARG A 10 -11.42 4.60 -9.31
C ARG A 10 -10.39 5.31 -10.19
N ABA A 11 -9.73 4.55 -11.03
CA ABA A 11 -8.71 5.15 -11.93
C ABA A 11 -9.23 5.19 -13.37
O ABA A 11 -9.37 4.18 -14.01
CB ABA A 11 -7.46 4.28 -11.88
CG ABA A 11 -6.82 4.39 -10.50
H2 ABA A 11 -9.92 3.58 -11.06
HA ABA A 11 -8.49 6.17 -11.61
HB3 ABA A 11 -7.71 3.25 -12.09
HB2 ABA A 11 -6.76 4.62 -12.63
HG1 ABA A 11 -6.38 5.37 -10.38
HG3 ABA A 11 -7.58 4.25 -9.73
HG2 ABA A 11 -6.06 3.64 -10.38
N LYS A 12 -9.48 6.38 -13.84
CA LYS A 12 -9.98 6.53 -15.23
C LYS A 12 -8.95 6.06 -16.27
N LYS A 13 -7.91 5.40 -15.82
CA LYS A 13 -6.88 4.92 -16.79
C LYS A 13 -6.34 3.52 -16.39
N PRO A 14 -5.92 2.72 -17.39
CA PRO A 14 -5.39 1.38 -17.11
C PRO A 14 -4.09 1.44 -16.31
N SER A 15 -3.03 1.90 -16.97
CA SER A 15 -1.71 2.00 -16.28
C SER A 15 -1.88 2.31 -14.80
N MET A 16 -2.83 3.14 -14.49
CA MET A 16 -3.06 3.49 -13.08
C MET A 16 -3.67 2.30 -12.36
N LEU A 17 -4.76 1.79 -12.88
CA LEU A 17 -5.40 0.62 -12.22
C LEU A 17 -4.48 -0.58 -12.35
N LYS A 18 -4.14 -0.89 -13.58
CA LYS A 18 -3.24 -2.04 -13.84
C LYS A 18 -2.16 -2.15 -12.76
N LYS A 19 -1.52 -1.06 -12.47
CA LYS A 19 -0.47 -1.11 -11.43
C LYS A 19 -1.10 -1.30 -10.05
N HIS A 20 -2.20 -0.64 -9.83
CA HIS A 20 -2.87 -0.75 -8.51
C HIS A 20 -3.21 -2.20 -8.22
N ILE A 21 -3.83 -2.86 -9.16
CA ILE A 21 -4.17 -4.28 -8.91
C ILE A 21 -2.93 -5.12 -8.67
N ARG A 22 -1.84 -4.73 -9.30
CA ARG A 22 -0.59 -5.51 -9.10
C ARG A 22 -0.06 -5.31 -7.69
N THR A 23 -0.46 -4.23 -7.07
CA THR A 23 0.02 -3.96 -5.70
C THR A 23 -0.53 -5.00 -4.72
N HIS A 24 -1.68 -5.55 -5.04
CA HIS A 24 -2.29 -6.57 -4.12
C HIS A 24 -1.52 -7.88 -4.23
N THR A 25 -0.33 -7.82 -4.77
CA THR A 25 0.47 -9.05 -4.91
C THR A 25 1.43 -9.19 -3.73
N ASP A 26 2.67 -8.91 -3.99
CA ASP A 26 3.68 -9.01 -2.91
C ASP A 26 4.86 -8.15 -3.28
N VAL A 27 4.59 -7.12 -4.03
CA VAL A 27 5.66 -6.19 -4.46
C VAL A 27 5.68 -4.91 -3.62
N ARG A 28 5.53 -5.07 -2.34
CA ARG A 28 5.53 -3.89 -1.42
C ARG A 28 6.72 -3.95 -0.44
N PRO A 29 7.89 -3.47 -0.85
CA PRO A 29 9.08 -3.49 0.03
C PRO A 29 8.90 -2.59 1.26
N TYR A 30 8.17 -1.53 1.11
CA TYR A 30 7.97 -0.61 2.27
C TYR A 30 7.05 -1.24 3.31
N HIS A 31 7.57 -1.45 4.51
CA HIS A 31 6.73 -2.07 5.58
C HIS A 31 6.76 -1.23 6.86
N CYS A 32 5.60 -1.08 7.49
CA CYS A 32 5.58 -0.26 8.73
C CYS A 32 6.40 -0.94 9.83
N THR A 33 7.16 -0.15 10.54
CA THR A 33 7.99 -0.74 11.63
C THR A 33 7.11 -1.34 12.71
N TYR A 34 5.89 -0.90 12.77
CA TYR A 34 4.95 -1.43 13.80
C TYR A 34 4.02 -2.48 13.20
N CYS A 35 3.04 -2.02 12.44
CA CYS A 35 2.09 -2.98 11.83
C CYS A 35 2.81 -3.99 10.94
N ASN A 36 2.04 -4.63 10.10
CA ASN A 36 2.62 -5.64 9.17
C ASN A 36 2.21 -5.28 7.75
N PHE A 37 1.51 -4.18 7.63
CA PHE A 37 1.07 -3.74 6.29
C PHE A 37 2.25 -3.29 5.46
N SER A 38 2.07 -3.25 4.17
CA SER A 38 3.18 -2.82 3.28
C SER A 38 2.66 -1.98 2.13
N PHE A 39 3.49 -1.06 1.68
CA PHE A 39 3.09 -0.18 0.56
C PHE A 39 4.08 -0.30 -0.60
N LYS A 40 3.62 0.07 -1.77
CA LYS A 40 4.49 0.00 -2.96
C LYS A 40 5.32 1.26 -3.12
N THR A 41 4.92 2.31 -2.44
CA THR A 41 5.68 3.58 -2.53
C THR A 41 6.00 4.16 -1.17
N LYS A 42 7.02 4.97 -1.12
CA LYS A 42 7.41 5.58 0.16
C LYS A 42 6.42 6.68 0.53
N GLY A 43 5.75 7.21 -0.45
CA GLY A 43 4.76 8.29 -0.16
C GLY A 43 3.72 7.79 0.85
N ASN A 44 3.10 6.70 0.53
CA ASN A 44 2.08 6.14 1.44
C ASN A 44 2.69 5.86 2.81
N LEU A 45 3.95 5.48 2.81
CA LEU A 45 4.60 5.20 4.11
C LEU A 45 4.53 6.42 5.01
N THR A 46 5.11 7.49 4.56
CA THR A 46 5.07 8.73 5.37
C THR A 46 3.64 9.07 5.75
N LYS A 47 2.73 8.74 4.88
CA LYS A 47 1.30 9.03 5.16
C LYS A 47 0.79 8.17 6.31
N HIS A 48 1.11 6.89 6.27
CA HIS A 48 0.64 5.99 7.35
C HIS A 48 1.23 6.42 8.69
N MET A 49 2.46 6.83 8.69
CA MET A 49 3.10 7.26 9.95
C MET A 49 2.65 8.67 10.32
N LYS A 50 2.11 9.38 9.37
CA LYS A 50 1.65 10.76 9.65
C LYS A 50 0.53 10.74 10.69
N SER A 51 -0.36 9.79 10.57
CA SER A 51 -1.47 9.71 11.54
C SER A 51 -0.94 9.63 12.97
N LYS A 52 -1.84 9.61 13.92
CA LYS A 52 -1.39 9.52 15.32
C LYS A 52 -1.32 8.08 15.79
N ALA A 53 -1.55 7.17 14.89
CA ALA A 53 -1.49 5.73 15.26
C ALA A 53 -0.29 5.46 16.14
N HIS A 54 0.82 5.14 15.53
CA HIS A 54 2.04 4.85 16.32
C HIS A 54 3.27 5.44 15.63
N SER A 55 3.41 6.73 15.71
CA SER A 55 4.56 7.38 15.07
C SER A 55 4.58 8.88 15.38
N LYS A 56 5.39 9.26 16.32
CA LYS A 56 5.46 10.70 16.67
C LYS A 56 5.62 11.55 15.42
N LYS A 57 6.79 11.57 14.88
CA LYS A 57 7.04 12.37 13.67
C LYS A 57 6.21 11.84 12.50
ZN ZN B . -7.10 -2.38 -4.50
ZN ZN C . 1.73 1.03 11.34
N LYS A 1 -14.19 -0.59 -16.64
CA LYS A 1 -14.41 -1.10 -15.26
C LYS A 1 -13.11 -1.06 -14.48
N TYR A 2 -12.53 0.11 -14.39
CA TYR A 2 -11.24 0.23 -13.63
C TYR A 2 -11.50 0.64 -12.19
N ILE A 3 -12.14 -0.23 -11.46
CA ILE A 3 -12.43 0.06 -10.03
C ILE A 3 -12.08 -1.14 -9.18
N CYS A 4 -11.02 -1.04 -8.41
CA CYS A 4 -10.66 -2.19 -7.57
C CYS A 4 -11.78 -2.55 -6.61
N GLU A 5 -12.42 -3.64 -6.89
CA GLU A 5 -13.54 -4.07 -6.01
C GLU A 5 -13.06 -4.29 -4.58
N GLU A 6 -11.78 -4.47 -4.42
CA GLU A 6 -11.25 -4.69 -3.06
C GLU A 6 -11.10 -3.37 -2.31
N CYS A 7 -10.22 -2.53 -2.79
CA CYS A 7 -10.03 -1.22 -2.11
C CYS A 7 -11.11 -0.25 -2.54
N GLY A 8 -11.22 -0.06 -3.83
CA GLY A 8 -12.24 0.87 -4.37
C GLY A 8 -11.55 2.02 -5.13
N ILE A 9 -10.31 1.81 -5.49
CA ILE A 9 -9.59 2.87 -6.22
C ILE A 9 -10.26 3.16 -7.55
N ARG A 10 -10.50 4.42 -7.81
CA ARG A 10 -11.16 4.80 -9.09
C ARG A 10 -10.11 5.30 -10.10
N ABA A 11 -9.58 4.37 -10.86
CA ABA A 11 -8.56 4.75 -11.88
C ABA A 11 -9.09 4.52 -13.29
O ABA A 11 -8.71 3.58 -13.95
CB ABA A 11 -7.33 3.87 -11.66
CG ABA A 11 -6.57 4.37 -10.42
H2 ABA A 11 -9.86 3.43 -10.77
HA ABA A 11 -8.31 5.80 -11.76
HB3 ABA A 11 -7.62 2.84 -11.50
HB2 ABA A 11 -6.68 3.92 -12.52
HG1 ABA A 11 -5.66 3.81 -10.29
HG3 ABA A 11 -6.32 5.42 -10.55
HG2 ABA A 11 -7.19 4.26 -9.55
N LYS A 12 -9.96 5.39 -13.70
CA LYS A 12 -10.56 5.26 -15.06
C LYS A 12 -9.53 4.83 -16.11
N LYS A 13 -8.29 5.17 -15.88
CA LYS A 13 -7.24 4.78 -16.88
C LYS A 13 -6.55 3.44 -16.48
N PRO A 14 -6.12 2.65 -17.47
CA PRO A 14 -5.45 1.37 -17.20
C PRO A 14 -4.16 1.56 -16.42
N SER A 15 -3.16 2.12 -17.08
CA SER A 15 -1.85 2.35 -16.40
C SER A 15 -2.02 2.61 -14.91
N MET A 16 -2.94 3.45 -14.58
CA MET A 16 -3.16 3.77 -13.15
C MET A 16 -3.72 2.53 -12.42
N LEU A 17 -4.75 1.94 -12.98
CA LEU A 17 -5.33 0.74 -12.33
C LEU A 17 -4.35 -0.42 -12.46
N LYS A 18 -4.00 -0.75 -13.68
CA LYS A 18 -3.04 -1.87 -13.92
C LYS A 18 -2.00 -1.94 -12.81
N LYS A 19 -1.37 -0.83 -12.54
CA LYS A 19 -0.35 -0.83 -11.48
C LYS A 19 -0.99 -1.08 -10.13
N HIS A 20 -2.13 -0.50 -9.92
CA HIS A 20 -2.81 -0.70 -8.62
C HIS A 20 -3.18 -2.15 -8.40
N ILE A 21 -3.82 -2.75 -9.37
CA ILE A 21 -4.20 -4.17 -9.20
C ILE A 21 -2.97 -5.03 -8.88
N ARG A 22 -1.84 -4.61 -9.38
CA ARG A 22 -0.62 -5.40 -9.11
C ARG A 22 -0.21 -5.27 -7.65
N THR A 23 -0.34 -4.10 -7.11
CA THR A 23 0.04 -3.91 -5.69
C THR A 23 -0.51 -5.03 -4.83
N HIS A 24 -1.57 -5.65 -5.28
CA HIS A 24 -2.14 -6.75 -4.47
C HIS A 24 -1.34 -8.04 -4.71
N THR A 25 -0.14 -7.86 -5.19
CA THR A 25 0.71 -9.04 -5.46
C THR A 25 1.63 -9.30 -4.27
N ASP A 26 2.87 -8.95 -4.43
CA ASP A 26 3.84 -9.16 -3.34
C ASP A 26 4.86 -8.04 -3.36
N VAL A 27 4.45 -6.93 -3.88
CA VAL A 27 5.35 -5.75 -3.96
C VAL A 27 5.07 -4.78 -2.80
N ARG A 28 4.91 -5.36 -1.64
CA ARG A 28 4.64 -4.55 -0.42
C ARG A 28 5.74 -4.82 0.65
N PRO A 29 6.86 -4.10 0.57
CA PRO A 29 7.95 -4.29 1.54
C PRO A 29 7.57 -3.88 2.97
N TYR A 30 6.30 -3.94 3.28
CA TYR A 30 5.85 -3.56 4.66
C TYR A 30 4.91 -4.63 5.21
N HIS A 31 5.47 -5.73 5.65
CA HIS A 31 4.62 -6.82 6.20
C HIS A 31 4.52 -6.73 7.72
N CYS A 32 3.34 -7.01 8.25
CA CYS A 32 3.17 -6.94 9.71
C CYS A 32 4.04 -8.00 10.39
N THR A 33 4.64 -7.63 11.49
CA THR A 33 5.50 -8.61 12.21
C THR A 33 4.68 -9.80 12.67
N TYR A 34 3.39 -9.59 12.81
CA TYR A 34 2.51 -10.70 13.26
C TYR A 34 1.76 -11.32 12.08
N CYS A 35 0.77 -10.61 11.59
CA CYS A 35 0.00 -11.16 10.45
C CYS A 35 0.90 -11.38 9.23
N ASN A 36 0.27 -11.65 8.12
CA ASN A 36 1.03 -11.88 6.87
C ASN A 36 0.65 -10.82 5.84
N PHE A 37 -0.24 -9.95 6.24
CA PHE A 37 -0.67 -8.88 5.32
C PHE A 37 0.40 -7.81 5.21
N SER A 38 0.40 -7.09 4.12
CA SER A 38 1.42 -6.04 3.96
C SER A 38 0.86 -4.85 3.20
N PHE A 39 1.65 -3.81 3.15
CA PHE A 39 1.20 -2.59 2.44
C PHE A 39 2.30 -2.05 1.54
N LYS A 40 1.90 -1.26 0.59
CA LYS A 40 2.89 -0.68 -0.35
C LYS A 40 3.51 0.59 0.24
N THR A 41 2.95 1.06 1.32
CA THR A 41 3.49 2.28 1.95
C THR A 41 3.62 2.13 3.46
N LYS A 42 4.52 2.89 4.02
CA LYS A 42 4.73 2.81 5.47
C LYS A 42 3.58 3.47 6.23
N GLY A 43 2.84 4.30 5.54
CA GLY A 43 1.70 4.98 6.21
C GLY A 43 0.71 3.94 6.73
N ASN A 44 0.15 3.19 5.81
CA ASN A 44 -0.82 2.15 6.21
C ASN A 44 -0.26 1.29 7.35
N LEU A 45 1.01 0.99 7.26
CA LEU A 45 1.63 0.16 8.32
C LEU A 45 1.30 0.73 9.69
N THR A 46 1.69 1.96 9.91
CA THR A 46 1.40 2.59 11.22
C THR A 46 -0.09 2.46 11.54
N LYS A 47 -0.89 2.48 10.52
CA LYS A 47 -2.35 2.36 10.74
C LYS A 47 -2.70 0.98 11.28
N HIS A 48 -2.17 -0.03 10.66
CA HIS A 48 -2.47 -1.42 11.14
C HIS A 48 -1.84 -1.66 12.51
N MET A 49 -0.85 -0.86 12.83
CA MET A 49 -0.19 -1.03 14.14
C MET A 49 -0.86 -0.16 15.20
N LYS A 50 -1.58 0.82 14.74
CA LYS A 50 -2.27 1.72 15.69
C LYS A 50 -3.33 0.94 16.47
N SER A 51 -4.11 0.18 15.75
CA SER A 51 -5.17 -0.61 16.42
C SER A 51 -4.56 -1.46 17.52
N LYS A 52 -5.36 -1.77 18.50
CA LYS A 52 -4.85 -2.60 19.62
C LYS A 52 -4.81 -4.07 19.23
N ALA A 53 -4.81 -4.33 17.95
CA ALA A 53 -4.77 -5.75 17.50
C ALA A 53 -3.67 -6.51 18.23
N HIS A 54 -2.46 -6.35 17.78
CA HIS A 54 -1.33 -7.05 18.44
C HIS A 54 -0.06 -6.21 18.40
N SER A 55 0.07 -5.35 19.38
CA SER A 55 1.27 -4.49 19.43
C SER A 55 1.77 -4.32 20.87
N LYS A 56 0.85 -4.36 21.80
CA LYS A 56 1.24 -4.21 23.23
C LYS A 56 1.40 -5.56 23.90
N LYS A 57 0.50 -5.85 24.81
CA LYS A 57 0.58 -7.15 25.52
C LYS A 57 0.61 -8.31 24.53
ZN ZN B . -6.92 -2.51 -4.59
ZN ZN C . -0.93 -7.57 12.15
N LYS A 1 -15.27 -1.05 -15.00
CA LYS A 1 -14.40 0.01 -15.56
C LYS A 1 -12.99 -0.09 -14.96
N TYR A 2 -12.81 0.56 -13.83
CA TYR A 2 -11.47 0.52 -13.19
C TYR A 2 -11.58 0.74 -11.69
N ILE A 3 -12.50 0.03 -11.08
CA ILE A 3 -12.68 0.18 -9.61
C ILE A 3 -12.20 -1.09 -8.91
N CYS A 4 -11.03 -1.02 -8.31
CA CYS A 4 -10.53 -2.24 -7.62
C CYS A 4 -11.61 -2.86 -6.75
N GLU A 5 -11.93 -4.08 -7.04
CA GLU A 5 -12.98 -4.77 -6.26
C GLU A 5 -12.63 -4.84 -4.76
N GLU A 6 -11.36 -4.69 -4.46
CA GLU A 6 -10.97 -4.76 -3.04
C GLU A 6 -10.98 -3.38 -2.38
N CYS A 7 -10.06 -2.54 -2.78
CA CYS A 7 -10.01 -1.18 -2.18
C CYS A 7 -11.10 -0.28 -2.74
N GLY A 8 -11.24 -0.30 -4.05
CA GLY A 8 -12.28 0.54 -4.69
C GLY A 8 -11.63 1.75 -5.36
N ILE A 9 -10.33 1.69 -5.51
CA ILE A 9 -9.63 2.83 -6.15
C ILE A 9 -10.22 3.11 -7.53
N ARG A 10 -10.56 4.35 -7.76
CA ARG A 10 -11.15 4.72 -9.08
C ARG A 10 -10.10 5.37 -9.98
N ABA A 11 -9.71 4.65 -11.00
CA ABA A 11 -8.70 5.19 -11.95
C ABA A 11 -9.25 5.24 -13.37
O ABA A 11 -9.42 4.22 -14.01
CB ABA A 11 -7.47 4.28 -11.94
CG ABA A 11 -6.92 4.19 -10.51
H2 ABA A 11 -10.09 3.75 -11.15
HA ABA A 11 -8.43 6.21 -11.65
HB3 ABA A 11 -7.75 3.30 -12.28
HB2 ABA A 11 -6.72 4.67 -12.58
HG1 ABA A 11 -6.46 5.12 -10.24
HG3 ABA A 11 -7.73 3.98 -9.82
HG2 ABA A 11 -6.19 3.40 -10.45
N LYS A 12 -9.52 6.43 -13.83
CA LYS A 12 -10.07 6.57 -15.20
C LYS A 12 -9.09 6.09 -16.28
N LYS A 13 -8.03 5.42 -15.87
CA LYS A 13 -7.05 4.92 -16.88
C LYS A 13 -6.50 3.53 -16.50
N PRO A 14 -6.09 2.74 -17.50
CA PRO A 14 -5.55 1.39 -17.25
C PRO A 14 -4.22 1.44 -16.50
N SER A 15 -3.20 1.92 -17.18
CA SER A 15 -1.85 2.02 -16.54
C SER A 15 -1.96 2.29 -15.04
N MET A 16 -2.91 3.11 -14.68
CA MET A 16 -3.09 3.43 -13.25
C MET A 16 -3.70 2.23 -12.52
N LEU A 17 -4.83 1.78 -13.00
CA LEU A 17 -5.47 0.62 -12.33
C LEU A 17 -4.56 -0.60 -12.49
N LYS A 18 -4.24 -0.91 -13.73
CA LYS A 18 -3.36 -2.07 -14.00
C LYS A 18 -2.28 -2.18 -12.93
N LYS A 19 -1.54 -1.12 -12.75
CA LYS A 19 -0.47 -1.16 -11.73
C LYS A 19 -1.05 -1.37 -10.34
N HIS A 20 -2.18 -0.75 -10.08
CA HIS A 20 -2.81 -0.91 -8.75
C HIS A 20 -3.19 -2.35 -8.48
N ILE A 21 -3.88 -2.96 -9.41
CA ILE A 21 -4.28 -4.37 -9.17
C ILE A 21 -3.06 -5.22 -8.85
N ARG A 22 -1.91 -4.84 -9.39
CA ARG A 22 -0.70 -5.63 -9.11
C ARG A 22 -0.23 -5.37 -7.68
N THR A 23 -0.45 -4.18 -7.20
CA THR A 23 -0.03 -3.87 -5.82
C THR A 23 -0.53 -4.94 -4.85
N HIS A 24 -1.56 -5.63 -5.26
CA HIS A 24 -2.12 -6.69 -4.36
C HIS A 24 -1.32 -7.97 -4.54
N THR A 25 -0.13 -7.84 -5.06
CA THR A 25 0.72 -9.04 -5.27
C THR A 25 1.57 -9.29 -4.03
N ASP A 26 2.78 -8.83 -4.10
CA ASP A 26 3.70 -9.01 -2.97
C ASP A 26 4.81 -7.98 -3.04
N VAL A 27 4.47 -6.87 -3.64
CA VAL A 27 5.46 -5.78 -3.79
C VAL A 27 5.20 -4.64 -2.80
N ARG A 28 4.84 -5.01 -1.60
CA ARG A 28 4.54 -4.00 -0.54
C ARG A 28 5.54 -4.17 0.63
N PRO A 29 6.72 -3.56 0.53
CA PRO A 29 7.73 -3.68 1.60
C PRO A 29 7.24 -3.10 2.94
N TYR A 30 6.42 -2.10 2.89
CA TYR A 30 5.92 -1.51 4.16
C TYR A 30 4.92 -2.44 4.85
N HIS A 31 5.31 -2.98 5.98
CA HIS A 31 4.39 -3.92 6.72
C HIS A 31 4.16 -3.42 8.15
N CYS A 32 2.94 -3.51 8.61
CA CYS A 32 2.66 -3.06 10.01
C CYS A 32 3.38 -3.96 11.00
N THR A 33 3.93 -3.37 12.02
CA THR A 33 4.64 -4.18 13.03
C THR A 33 3.66 -5.09 13.77
N TYR A 34 2.42 -4.69 13.80
CA TYR A 34 1.39 -5.50 14.50
C TYR A 34 0.62 -6.39 13.52
N CYS A 35 -0.26 -5.78 12.77
CA CYS A 35 -1.06 -6.57 11.79
C CYS A 35 -0.15 -7.30 10.81
N ASN A 36 -0.74 -7.67 9.70
CA ASN A 36 0.04 -8.38 8.65
C ASN A 36 -0.17 -7.69 7.31
N PHE A 37 -0.95 -6.64 7.33
CA PHE A 37 -1.23 -5.91 6.08
C PHE A 37 0.03 -5.19 5.60
N SER A 38 0.06 -4.86 4.33
CA SER A 38 1.25 -4.17 3.81
C SER A 38 0.87 -3.10 2.80
N PHE A 39 1.65 -2.04 2.76
CA PHE A 39 1.37 -0.94 1.82
C PHE A 39 2.53 -0.76 0.83
N LYS A 40 2.23 -0.14 -0.27
CA LYS A 40 3.29 0.09 -1.30
C LYS A 40 4.02 1.40 -1.05
N THR A 41 3.43 2.24 -0.22
CA THR A 41 4.08 3.55 0.09
C THR A 41 4.14 3.82 1.58
N LYS A 42 5.05 4.67 1.96
CA LYS A 42 5.18 5.00 3.39
C LYS A 42 4.03 5.87 3.85
N GLY A 43 3.41 6.54 2.91
CA GLY A 43 2.27 7.42 3.27
C GLY A 43 1.16 6.60 3.92
N ASN A 44 0.58 5.72 3.15
CA ASN A 44 -0.51 4.88 3.71
C ASN A 44 -0.07 4.21 5.01
N LEU A 45 1.13 3.68 4.99
CA LEU A 45 1.64 3.01 6.21
C LEU A 45 1.56 3.95 7.40
N THR A 46 2.08 5.13 7.22
CA THR A 46 2.05 6.12 8.32
C THR A 46 0.61 6.40 8.75
N LYS A 47 -0.27 6.39 7.78
CA LYS A 47 -1.70 6.65 8.11
C LYS A 47 -2.27 5.52 8.94
N HIS A 48 -1.80 4.33 8.71
CA HIS A 48 -2.31 3.17 9.49
C HIS A 48 -1.80 3.23 10.92
N MET A 49 -0.66 3.81 11.11
CA MET A 49 -0.10 3.91 12.48
C MET A 49 -0.72 5.08 13.23
N LYS A 50 -0.87 6.19 12.55
CA LYS A 50 -1.47 7.37 13.22
C LYS A 50 -2.79 7.02 13.88
N SER A 51 -3.61 6.27 13.17
CA SER A 51 -4.92 5.88 13.74
C SER A 51 -4.75 5.35 15.17
N LYS A 52 -5.83 5.33 15.90
CA LYS A 52 -5.75 4.83 17.30
C LYS A 52 -5.58 3.32 17.33
N ALA A 53 -5.37 2.75 16.18
CA ALA A 53 -5.20 1.26 16.12
C ALA A 53 -4.22 0.80 17.20
N HIS A 54 -2.98 0.66 16.81
CA HIS A 54 -1.97 0.22 17.81
C HIS A 54 -0.61 0.84 17.52
N SER A 55 -0.40 2.01 18.05
CA SER A 55 0.90 2.70 17.82
C SER A 55 1.21 3.64 18.99
N LYS A 56 1.70 3.07 20.06
CA LYS A 56 2.04 3.91 21.23
C LYS A 56 2.93 5.07 20.83
N LYS A 57 4.22 4.88 20.97
CA LYS A 57 5.15 5.97 20.60
C LYS A 57 4.91 6.43 19.17
ZN ZN B . -6.89 -2.48 -4.54
ZN ZN C . -1.57 -2.58 12.24
N LYS A 1 -15.00 0.54 -15.36
CA LYS A 1 -14.59 -0.87 -15.20
C LYS A 1 -13.22 -0.95 -14.52
N TYR A 2 -12.57 0.19 -14.43
CA TYR A 2 -11.22 0.19 -13.80
C TYR A 2 -11.33 0.61 -12.33
N ILE A 3 -12.05 -0.18 -11.57
CA ILE A 3 -12.22 0.12 -10.12
C ILE A 3 -11.93 -1.12 -9.30
N CYS A 4 -10.93 -1.04 -8.46
CA CYS A 4 -10.61 -2.23 -7.63
C CYS A 4 -11.76 -2.56 -6.69
N GLU A 5 -12.39 -3.67 -6.95
CA GLU A 5 -13.52 -4.08 -6.09
C GLU A 5 -13.08 -4.34 -4.65
N GLU A 6 -11.79 -4.54 -4.46
CA GLU A 6 -11.30 -4.80 -3.11
C GLU A 6 -11.17 -3.49 -2.32
N CYS A 7 -10.27 -2.65 -2.75
CA CYS A 7 -10.09 -1.36 -2.04
C CYS A 7 -11.19 -0.39 -2.42
N GLY A 8 -11.32 -0.19 -3.71
CA GLY A 8 -12.36 0.74 -4.22
C GLY A 8 -11.70 1.93 -4.91
N ILE A 9 -10.48 1.75 -5.32
CA ILE A 9 -9.78 2.85 -6.00
C ILE A 9 -10.39 3.12 -7.37
N ARG A 10 -10.52 4.38 -7.70
CA ARG A 10 -11.10 4.74 -9.02
C ARG A 10 -10.04 5.31 -9.97
N ABA A 11 -9.84 4.64 -11.07
CA ABA A 11 -8.83 5.12 -12.05
C ABA A 11 -9.41 5.08 -13.46
O ABA A 11 -9.47 4.06 -14.08
CB ABA A 11 -7.61 4.18 -11.99
CG ABA A 11 -7.02 4.22 -10.58
H2 ABA A 11 -10.35 3.83 -11.25
HA ABA A 11 -8.55 6.15 -11.81
HB3 ABA A 11 -7.91 3.18 -12.23
HB2 ABA A 11 -6.88 4.52 -12.71
HG1 ABA A 11 -6.65 5.22 -10.37
HG3 ABA A 11 -7.77 3.95 -9.86
HG2 ABA A 11 -6.20 3.52 -10.52
N LYS A 12 -9.83 6.23 -13.93
CA LYS A 12 -10.41 6.30 -15.29
C LYS A 12 -9.45 5.83 -16.38
N LYS A 13 -8.34 5.24 -15.98
CA LYS A 13 -7.37 4.77 -17.00
C LYS A 13 -6.72 3.43 -16.57
N PRO A 14 -6.36 2.57 -17.54
CA PRO A 14 -5.74 1.28 -17.21
C PRO A 14 -4.40 1.47 -16.52
N SER A 15 -3.42 1.92 -17.27
CA SER A 15 -2.05 2.14 -16.70
C SER A 15 -2.07 2.38 -15.19
N MET A 16 -2.97 3.21 -14.75
CA MET A 16 -3.05 3.49 -13.30
C MET A 16 -3.61 2.27 -12.57
N LEU A 17 -4.81 1.86 -12.94
CA LEU A 17 -5.40 0.68 -12.27
C LEU A 17 -4.40 -0.48 -12.40
N LYS A 18 -3.95 -0.67 -13.61
CA LYS A 18 -2.98 -1.75 -13.89
C LYS A 18 -1.97 -1.89 -12.75
N LYS A 19 -1.29 -0.83 -12.47
CA LYS A 19 -0.29 -0.88 -11.38
C LYS A 19 -0.97 -1.13 -10.03
N HIS A 20 -2.12 -0.54 -9.84
CA HIS A 20 -2.83 -0.74 -8.56
C HIS A 20 -3.14 -2.21 -8.32
N ILE A 21 -3.69 -2.86 -9.31
CA ILE A 21 -4.02 -4.29 -9.12
C ILE A 21 -2.76 -5.10 -8.85
N ARG A 22 -1.65 -4.66 -9.37
CA ARG A 22 -0.40 -5.41 -9.14
C ARG A 22 0.03 -5.29 -7.69
N THR A 23 -0.31 -4.20 -7.08
CA THR A 23 0.08 -4.02 -5.66
C THR A 23 -0.50 -5.13 -4.79
N HIS A 24 -1.58 -5.72 -5.22
CA HIS A 24 -2.19 -6.81 -4.42
C HIS A 24 -1.40 -8.09 -4.58
N THR A 25 -0.17 -7.95 -5.01
CA THR A 25 0.68 -9.14 -5.20
C THR A 25 1.59 -9.34 -4.00
N ASP A 26 2.83 -9.02 -4.18
CA ASP A 26 3.81 -9.17 -3.07
C ASP A 26 4.88 -8.10 -3.19
N VAL A 27 4.48 -7.01 -3.76
CA VAL A 27 5.42 -5.87 -3.95
C VAL A 27 5.24 -4.82 -2.85
N ARG A 28 5.11 -5.29 -1.64
CA ARG A 28 4.93 -4.38 -0.47
C ARG A 28 6.08 -4.58 0.54
N PRO A 29 7.19 -3.88 0.36
CA PRO A 29 8.33 -4.00 1.28
C PRO A 29 8.03 -3.53 2.71
N TYR A 30 7.18 -2.53 2.83
CA TYR A 30 6.85 -2.04 4.19
C TYR A 30 6.09 -3.10 5.00
N HIS A 31 6.82 -3.90 5.74
CA HIS A 31 6.16 -4.97 6.56
C HIS A 31 6.02 -4.56 8.02
N CYS A 32 4.93 -4.97 8.64
CA CYS A 32 4.73 -4.61 10.08
C CYS A 32 5.72 -5.37 10.96
N THR A 33 6.24 -4.70 11.95
CA THR A 33 7.21 -5.39 12.85
C THR A 33 6.53 -6.51 13.62
N TYR A 34 5.23 -6.53 13.58
CA TYR A 34 4.46 -7.59 14.30
C TYR A 34 3.76 -8.52 13.32
N CYS A 35 2.74 -8.01 12.68
CA CYS A 35 1.99 -8.85 11.70
C CYS A 35 2.87 -9.23 10.52
N ASN A 36 2.29 -9.99 9.63
CA ASN A 36 3.03 -10.42 8.43
C ASN A 36 2.52 -9.64 7.23
N PHE A 37 1.61 -8.73 7.49
CA PHE A 37 1.05 -7.91 6.41
C PHE A 37 2.04 -6.87 5.95
N SER A 38 1.74 -6.20 4.87
CA SER A 38 2.67 -5.18 4.38
C SER A 38 1.95 -4.15 3.52
N PHE A 39 2.63 -3.07 3.24
CA PHE A 39 2.02 -2.01 2.41
C PHE A 39 3.00 -1.53 1.34
N LYS A 40 2.47 -0.87 0.34
CA LYS A 40 3.33 -0.36 -0.74
C LYS A 40 3.92 1.00 -0.41
N THR A 41 3.31 1.67 0.55
CA THR A 41 3.81 3.02 0.93
C THR A 41 4.19 3.06 2.40
N LYS A 42 5.04 4.00 2.74
CA LYS A 42 5.47 4.13 4.14
C LYS A 42 4.38 4.79 4.96
N GLY A 43 3.47 5.45 4.30
CA GLY A 43 2.37 6.13 5.04
C GLY A 43 1.44 5.08 5.66
N ASN A 44 0.84 4.28 4.82
CA ASN A 44 -0.07 3.24 5.33
C ASN A 44 0.54 2.53 6.54
N LEU A 45 1.84 2.40 6.52
CA LEU A 45 2.51 1.72 7.65
C LEU A 45 2.19 2.44 8.96
N THR A 46 2.50 3.71 8.99
CA THR A 46 2.21 4.48 10.23
C THR A 46 0.74 4.38 10.59
N LYS A 47 -0.10 4.33 9.59
CA LYS A 47 -1.55 4.23 9.86
C LYS A 47 -1.90 2.89 10.52
N HIS A 48 -1.31 1.84 10.02
CA HIS A 48 -1.60 0.51 10.62
C HIS A 48 -1.08 0.44 12.05
N MET A 49 -0.03 1.17 12.32
CA MET A 49 0.53 1.16 13.69
C MET A 49 -0.26 2.08 14.61
N LYS A 50 -0.65 3.21 14.08
CA LYS A 50 -1.43 4.17 14.90
C LYS A 50 -2.68 3.49 15.46
N SER A 51 -2.94 2.30 15.01
CA SER A 51 -4.13 1.58 15.50
C SER A 51 -3.91 1.07 16.92
N LYS A 52 -4.94 0.52 17.51
CA LYS A 52 -4.81 0.00 18.89
C LYS A 52 -4.49 -1.49 18.88
N ALA A 53 -4.02 -1.96 17.75
CA ALA A 53 -3.67 -3.41 17.66
C ALA A 53 -2.46 -3.74 18.52
N HIS A 54 -1.30 -3.37 18.05
CA HIS A 54 -0.07 -3.66 18.82
C HIS A 54 0.94 -2.53 18.70
N SER A 55 0.80 -1.55 19.55
CA SER A 55 1.73 -0.40 19.51
C SER A 55 1.99 0.13 20.92
N LYS A 56 0.98 0.05 21.75
CA LYS A 56 1.13 0.55 23.13
C LYS A 56 2.22 -0.24 23.88
N LYS A 57 1.86 -1.42 24.29
CA LYS A 57 2.84 -2.26 25.03
C LYS A 57 4.12 -2.42 24.22
ZN ZN B . -6.98 -2.57 -4.55
ZN ZN C . 0.69 -5.10 12.66
N LYS A 1 -14.23 -1.11 -16.64
CA LYS A 1 -14.37 -0.91 -15.18
C LYS A 1 -13.00 -0.97 -14.50
N TYR A 2 -12.34 0.16 -14.46
CA TYR A 2 -11.00 0.19 -13.83
C TYR A 2 -11.12 0.57 -12.35
N ILE A 3 -11.92 -0.17 -11.63
CA ILE A 3 -12.10 0.11 -10.18
C ILE A 3 -11.80 -1.14 -9.36
N CYS A 4 -11.08 -0.96 -8.28
CA CYS A 4 -10.76 -2.15 -7.45
C CYS A 4 -11.97 -2.61 -6.65
N GLU A 5 -12.52 -3.70 -7.04
CA GLU A 5 -13.70 -4.22 -6.33
C GLU A 5 -13.38 -4.42 -4.84
N GLU A 6 -12.11 -4.43 -4.54
CA GLU A 6 -11.69 -4.62 -3.13
C GLU A 6 -11.54 -3.29 -2.42
N CYS A 7 -10.54 -2.53 -2.80
CA CYS A 7 -10.32 -1.22 -2.15
C CYS A 7 -11.44 -0.25 -2.50
N GLY A 8 -11.63 -0.06 -3.78
CA GLY A 8 -12.68 0.87 -4.27
C GLY A 8 -12.02 2.03 -5.01
N ILE A 9 -10.76 1.88 -5.28
CA ILE A 9 -10.02 2.95 -6.00
C ILE A 9 -10.65 3.21 -7.37
N ARG A 10 -10.69 4.47 -7.75
CA ARG A 10 -11.27 4.84 -9.07
C ARG A 10 -10.20 5.38 -10.02
N ABA A 11 -9.81 4.56 -10.97
CA ABA A 11 -8.78 5.01 -11.95
C ABA A 11 -9.25 4.73 -13.37
O ABA A 11 -8.90 3.72 -13.95
CB ABA A 11 -7.49 4.22 -11.68
CG ABA A 11 -7.16 4.24 -10.19
H2 ABA A 11 -10.19 3.66 -11.04
HA ABA A 11 -8.61 6.08 -11.84
HB3 ABA A 11 -7.62 3.21 -12.01
HB2 ABA A 11 -6.69 4.66 -12.24
HG1 ABA A 11 -7.97 3.79 -9.63
HG3 ABA A 11 -6.25 3.69 -10.02
HG2 ABA A 11 -7.04 5.26 -9.86
N LYS A 12 -10.01 5.63 -13.91
CA LYS A 12 -10.51 5.44 -15.29
C LYS A 12 -9.41 5.03 -16.26
N LYS A 13 -8.18 5.27 -15.87
CA LYS A 13 -7.04 4.89 -16.78
C LYS A 13 -6.42 3.53 -16.36
N PRO A 14 -5.99 2.71 -17.33
CA PRO A 14 -5.38 1.41 -17.03
C PRO A 14 -4.08 1.57 -16.24
N SER A 15 -3.07 2.09 -16.90
CA SER A 15 -1.74 2.29 -16.23
C SER A 15 -1.89 2.50 -14.72
N MET A 16 -2.79 3.36 -14.35
CA MET A 16 -2.98 3.62 -12.91
C MET A 16 -3.57 2.38 -12.23
N LEU A 17 -4.62 1.85 -12.81
CA LEU A 17 -5.24 0.64 -12.21
C LEU A 17 -4.28 -0.54 -12.36
N LYS A 18 -3.90 -0.82 -13.60
CA LYS A 18 -2.97 -1.95 -13.85
C LYS A 18 -1.94 -2.08 -12.72
N LYS A 19 -1.33 -0.99 -12.37
CA LYS A 19 -0.34 -1.03 -11.29
C LYS A 19 -1.02 -1.28 -9.94
N HIS A 20 -2.17 -0.68 -9.79
CA HIS A 20 -2.90 -0.86 -8.51
C HIS A 20 -3.20 -2.34 -8.26
N ILE A 21 -3.74 -2.99 -9.25
CA ILE A 21 -4.05 -4.44 -9.05
C ILE A 21 -2.77 -5.23 -8.78
N ARG A 22 -1.69 -4.75 -9.31
CA ARG A 22 -0.41 -5.46 -9.08
C ARG A 22 0.10 -5.19 -7.68
N THR A 23 -0.42 -4.18 -7.05
CA THR A 23 0.05 -3.88 -5.69
C THR A 23 -0.59 -4.82 -4.67
N HIS A 24 -1.51 -5.64 -5.13
CA HIS A 24 -2.17 -6.59 -4.20
C HIS A 24 -1.43 -7.93 -4.19
N THR A 25 -0.35 -7.99 -4.91
CA THR A 25 0.42 -9.25 -4.96
C THR A 25 1.41 -9.31 -3.82
N ASP A 26 2.63 -8.96 -4.12
CA ASP A 26 3.68 -8.97 -3.07
C ASP A 26 4.79 -8.04 -3.49
N VAL A 27 4.41 -7.04 -4.22
CA VAL A 27 5.42 -6.06 -4.69
C VAL A 27 5.49 -4.85 -3.74
N ARG A 28 5.57 -5.13 -2.47
CA ARG A 28 5.64 -4.05 -1.45
C ARG A 28 6.94 -4.22 -0.61
N PRO A 29 8.07 -3.75 -1.13
CA PRO A 29 9.35 -3.87 -0.43
C PRO A 29 9.36 -3.17 0.94
N TYR A 30 8.35 -2.41 1.23
CA TYR A 30 8.32 -1.71 2.54
C TYR A 30 7.62 -2.56 3.60
N HIS A 31 8.25 -3.64 3.97
CA HIS A 31 7.64 -4.54 5.01
C HIS A 31 8.00 -4.08 6.41
N CYS A 32 7.02 -3.96 7.27
CA CYS A 32 7.32 -3.53 8.65
C CYS A 32 8.29 -4.51 9.30
N THR A 33 9.27 -3.99 9.99
CA THR A 33 10.24 -4.88 10.66
C THR A 33 9.56 -5.81 11.65
N TYR A 34 8.41 -5.37 12.13
CA TYR A 34 7.66 -6.20 13.12
C TYR A 34 6.51 -6.96 12.45
N CYS A 35 5.45 -6.26 12.14
CA CYS A 35 4.29 -6.94 11.49
C CYS A 35 4.66 -7.51 10.13
N ASN A 36 3.66 -7.95 9.43
CA ASN A 36 3.88 -8.54 8.08
C ASN A 36 3.24 -7.65 7.03
N PHE A 37 2.63 -6.58 7.48
CA PHE A 37 1.97 -5.65 6.55
C PHE A 37 3.02 -4.79 5.86
N SER A 38 2.94 -4.72 4.55
CA SER A 38 3.93 -3.90 3.81
C SER A 38 3.23 -2.85 2.96
N PHE A 39 4.02 -1.97 2.42
CA PHE A 39 3.45 -0.89 1.58
C PHE A 39 4.24 -0.78 0.28
N LYS A 40 3.65 -0.11 -0.67
CA LYS A 40 4.34 0.06 -1.97
C LYS A 40 5.16 1.34 -1.98
N THR A 41 4.92 2.18 -1.01
CA THR A 41 5.66 3.46 -0.93
C THR A 41 6.16 3.73 0.48
N LYS A 42 7.18 4.54 0.57
CA LYS A 42 7.73 4.86 1.89
C LYS A 42 6.77 5.75 2.67
N GLY A 43 5.80 6.30 1.98
CA GLY A 43 4.83 7.17 2.67
C GLY A 43 4.05 6.39 3.73
N ASN A 44 3.10 5.61 3.28
CA ASN A 44 2.31 4.80 4.24
C ASN A 44 3.21 4.15 5.29
N LEU A 45 4.32 3.64 4.83
CA LEU A 45 5.26 2.98 5.79
C LEU A 45 5.58 3.92 6.94
N THR A 46 5.96 5.13 6.62
CA THR A 46 6.28 6.11 7.68
C THR A 46 5.11 6.31 8.62
N LYS A 47 3.92 6.25 8.08
CA LYS A 47 2.72 6.44 8.93
C LYS A 47 2.52 5.24 9.86
N HIS A 48 3.02 4.10 9.45
CA HIS A 48 2.86 2.90 10.32
C HIS A 48 3.93 2.86 11.39
N MET A 49 5.02 3.55 11.13
CA MET A 49 6.12 3.56 12.12
C MET A 49 6.01 4.77 13.04
N LYS A 50 5.42 5.82 12.53
CA LYS A 50 5.27 7.06 13.34
C LYS A 50 4.35 6.79 14.54
N SER A 51 3.19 6.26 14.26
CA SER A 51 2.24 5.98 15.37
C SER A 51 2.96 5.32 16.55
N LYS A 52 2.28 5.25 17.65
CA LYS A 52 2.91 4.62 18.85
C LYS A 52 2.98 3.11 18.69
N ALA A 53 2.88 2.65 17.48
CA ALA A 53 2.93 1.18 17.25
C ALA A 53 4.20 0.60 17.86
N HIS A 54 5.14 0.26 17.02
CA HIS A 54 6.40 -0.32 17.54
C HIS A 54 7.59 0.11 16.68
N SER A 55 8.12 1.26 16.99
CA SER A 55 9.29 1.76 16.21
C SER A 55 9.81 3.06 16.81
N LYS A 56 10.53 2.95 17.88
CA LYS A 56 11.07 4.18 18.52
C LYS A 56 12.26 4.70 17.73
N LYS A 57 13.44 4.52 18.27
CA LYS A 57 14.64 5.01 17.58
C LYS A 57 14.81 4.31 16.23
ZN ZN B . -7.09 -2.51 -4.48
ZN ZN C . 4.29 -2.97 12.34
N LYS A 1 -14.24 -1.67 -16.36
CA LYS A 1 -14.39 -0.95 -15.08
C LYS A 1 -13.07 -0.98 -14.30
N TYR A 2 -12.48 0.17 -14.13
CA TYR A 2 -11.20 0.22 -13.39
C TYR A 2 -11.43 0.47 -11.91
N ILE A 3 -12.43 -0.19 -11.37
CA ILE A 3 -12.74 -0.02 -9.92
C ILE A 3 -12.25 -1.23 -9.14
N CYS A 4 -11.15 -1.06 -8.43
CA CYS A 4 -10.63 -2.21 -7.65
C CYS A 4 -11.73 -2.80 -6.78
N GLU A 5 -12.01 -4.05 -7.01
CA GLU A 5 -13.07 -4.73 -6.22
C GLU A 5 -12.73 -4.78 -4.74
N GLU A 6 -11.48 -4.57 -4.41
CA GLU A 6 -11.10 -4.61 -2.98
C GLU A 6 -11.20 -3.23 -2.34
N CYS A 7 -10.32 -2.34 -2.73
CA CYS A 7 -10.34 -0.98 -2.15
C CYS A 7 -11.46 -0.13 -2.76
N GLY A 8 -11.55 -0.17 -4.07
CA GLY A 8 -12.61 0.62 -4.76
C GLY A 8 -11.98 1.82 -5.49
N ILE A 9 -10.68 1.79 -5.65
CA ILE A 9 -10.02 2.91 -6.33
C ILE A 9 -10.58 3.09 -7.75
N ARG A 10 -11.02 4.28 -8.03
CA ARG A 10 -11.58 4.55 -9.38
C ARG A 10 -10.57 5.24 -10.28
N ABA A 11 -9.90 4.46 -11.11
CA ABA A 11 -8.89 5.04 -12.03
C ABA A 11 -9.31 4.84 -13.48
O ABA A 11 -9.10 3.79 -14.05
CB ABA A 11 -7.55 4.33 -11.82
CG ABA A 11 -7.14 4.42 -10.34
H2 ABA A 11 -10.08 3.49 -11.12
HA ABA A 11 -8.80 6.11 -11.84
HB3 ABA A 11 -7.64 3.29 -12.10
HB2 ABA A 11 -6.80 4.79 -12.42
HG1 ABA A 11 -6.85 3.44 -9.98
HG3 ABA A 11 -6.30 5.08 -10.23
HG2 ABA A 11 -7.97 4.78 -9.75
N LYS A 12 -9.91 5.85 -14.05
CA LYS A 12 -10.36 5.74 -15.46
C LYS A 12 -9.20 5.42 -16.42
N LYS A 13 -8.02 5.23 -15.87
CA LYS A 13 -6.84 4.91 -16.74
C LYS A 13 -6.23 3.53 -16.38
N PRO A 14 -5.79 2.74 -17.38
CA PRO A 14 -5.20 1.43 -17.11
C PRO A 14 -3.92 1.54 -16.28
N SER A 15 -2.89 2.09 -16.88
CA SER A 15 -1.59 2.25 -16.15
C SER A 15 -1.82 2.54 -14.67
N MET A 16 -2.78 3.37 -14.39
CA MET A 16 -3.05 3.69 -12.97
C MET A 16 -3.63 2.48 -12.26
N LEU A 17 -4.69 1.93 -12.81
CA LEU A 17 -5.30 0.74 -12.17
C LEU A 17 -4.32 -0.43 -12.27
N LYS A 18 -3.97 -0.75 -13.49
CA LYS A 18 -3.02 -1.87 -13.73
C LYS A 18 -1.98 -1.96 -12.62
N LYS A 19 -1.39 -0.86 -12.28
CA LYS A 19 -0.38 -0.89 -11.21
C LYS A 19 -1.05 -1.09 -9.86
N HIS A 20 -2.16 -0.43 -9.66
CA HIS A 20 -2.88 -0.58 -8.39
C HIS A 20 -3.22 -2.03 -8.11
N ILE A 21 -3.83 -2.67 -9.08
CA ILE A 21 -4.20 -4.09 -8.88
C ILE A 21 -2.96 -4.94 -8.61
N ARG A 22 -1.85 -4.56 -9.18
CA ARG A 22 -0.62 -5.35 -8.97
C ARG A 22 -0.08 -5.16 -7.55
N THR A 23 -0.47 -4.10 -6.91
CA THR A 23 0.03 -3.88 -5.53
C THR A 23 -0.61 -4.86 -4.55
N HIS A 24 -1.70 -5.47 -4.95
CA HIS A 24 -2.36 -6.44 -4.03
C HIS A 24 -1.67 -7.80 -4.09
N THR A 25 -0.54 -7.83 -4.76
CA THR A 25 0.18 -9.11 -4.87
C THR A 25 1.17 -9.24 -3.72
N ASP A 26 2.40 -9.02 -4.03
CA ASP A 26 3.45 -9.12 -3.01
C ASP A 26 4.67 -8.35 -3.47
N VAL A 27 4.40 -7.35 -4.26
CA VAL A 27 5.50 -6.53 -4.80
C VAL A 27 5.70 -5.26 -3.97
N ARG A 28 5.70 -5.41 -2.68
CA ARG A 28 5.89 -4.25 -1.77
C ARG A 28 7.20 -4.41 -0.94
N PRO A 29 8.34 -4.02 -1.50
CA PRO A 29 9.61 -4.14 -0.80
C PRO A 29 9.69 -3.23 0.44
N TYR A 30 8.95 -2.16 0.42
CA TYR A 30 8.96 -1.25 1.59
C TYR A 30 8.18 -1.84 2.76
N HIS A 31 8.89 -2.39 3.72
CA HIS A 31 8.22 -3.00 4.91
C HIS A 31 8.54 -2.21 6.17
N CYS A 32 7.54 -1.97 6.99
CA CYS A 32 7.80 -1.22 8.24
C CYS A 32 8.87 -1.91 9.07
N THR A 33 9.61 -1.15 9.83
CA THR A 33 10.67 -1.76 10.66
C THR A 33 10.08 -2.33 11.95
N TYR A 34 8.79 -2.54 11.94
CA TYR A 34 8.13 -3.10 13.14
C TYR A 34 6.92 -3.95 12.74
N CYS A 35 5.89 -3.30 12.29
CA CYS A 35 4.67 -4.05 11.87
C CYS A 35 5.00 -5.09 10.81
N ASN A 36 3.99 -5.49 10.09
CA ASN A 36 4.19 -6.50 9.02
C ASN A 36 3.58 -5.99 7.72
N PHE A 37 3.13 -4.76 7.74
CA PHE A 37 2.52 -4.17 6.53
C PHE A 37 3.61 -3.70 5.57
N SER A 38 3.26 -3.63 4.31
CA SER A 38 4.26 -3.17 3.31
C SER A 38 3.62 -2.26 2.28
N PHE A 39 4.43 -1.40 1.70
CA PHE A 39 3.92 -0.46 0.67
C PHE A 39 4.70 -0.59 -0.64
N LYS A 40 4.06 -0.22 -1.72
CA LYS A 40 4.75 -0.32 -3.03
C LYS A 40 5.62 0.91 -3.26
N THR A 41 5.39 1.94 -2.48
CA THR A 41 6.18 3.18 -2.63
C THR A 41 6.93 3.52 -1.36
N LYS A 42 7.98 4.28 -1.51
CA LYS A 42 8.78 4.67 -0.34
C LYS A 42 8.11 5.83 0.39
N GLY A 43 7.23 6.50 -0.30
CA GLY A 43 6.54 7.65 0.33
C GLY A 43 5.68 7.17 1.51
N ASN A 44 4.76 6.30 1.22
CA ASN A 44 3.90 5.77 2.29
C ASN A 44 4.74 5.31 3.47
N LEU A 45 5.88 4.74 3.18
CA LEU A 45 6.76 4.27 4.27
C LEU A 45 7.08 5.42 5.21
N THR A 46 7.67 6.46 4.67
CA THR A 46 8.01 7.63 5.52
C THR A 46 6.77 8.12 6.25
N LYS A 47 5.63 8.00 5.62
CA LYS A 47 4.39 8.46 6.27
C LYS A 47 4.02 7.58 7.46
N HIS A 48 4.05 6.29 7.25
CA HIS A 48 3.71 5.37 8.37
C HIS A 48 4.69 5.53 9.52
N MET A 49 5.84 6.10 9.23
CA MET A 49 6.85 6.30 10.29
C MET A 49 6.81 7.72 10.83
N LYS A 50 6.32 8.63 10.03
CA LYS A 50 6.24 10.03 10.49
C LYS A 50 5.23 10.19 11.62
N SER A 51 4.06 9.66 11.42
CA SER A 51 3.02 9.76 12.48
C SER A 51 3.57 9.30 13.83
N LYS A 52 2.73 9.30 14.82
CA LYS A 52 3.19 8.86 16.16
C LYS A 52 3.34 7.35 16.21
N ALA A 53 3.57 6.75 15.07
CA ALA A 53 3.73 5.28 15.04
C ALA A 53 4.89 4.84 15.92
N HIS A 54 5.86 4.20 15.31
CA HIS A 54 7.02 3.75 16.09
C HIS A 54 8.30 3.81 15.27
N SER A 55 8.91 4.97 15.23
CA SER A 55 10.16 5.10 14.45
C SER A 55 10.91 6.37 14.83
N LYS A 56 10.59 6.92 15.97
CA LYS A 56 11.27 8.16 16.42
C LYS A 56 12.40 7.83 17.39
N LYS A 57 12.75 6.57 17.48
CA LYS A 57 13.82 6.17 18.40
C LYS A 57 15.09 6.97 18.13
ZN ZN B . -7.13 -2.16 -4.39
ZN ZN C . 4.81 0.03 11.75
N LYS A 1 -14.01 -1.14 -17.03
CA LYS A 1 -14.17 -0.46 -15.72
C LYS A 1 -12.89 -0.60 -14.90
N TYR A 2 -12.43 0.51 -14.36
CA TYR A 2 -11.19 0.48 -13.53
C TYR A 2 -11.50 0.75 -12.07
N ILE A 3 -12.28 -0.12 -11.47
CA ILE A 3 -12.65 0.05 -10.04
C ILE A 3 -12.22 -1.18 -9.24
N CYS A 4 -11.14 -1.06 -8.50
CA CYS A 4 -10.70 -2.24 -7.70
C CYS A 4 -11.87 -2.81 -6.92
N GLU A 5 -12.19 -4.03 -7.22
CA GLU A 5 -13.32 -4.69 -6.52
C GLU A 5 -13.06 -4.79 -5.02
N GLU A 6 -11.82 -4.64 -4.63
CA GLU A 6 -11.50 -4.73 -3.18
C GLU A 6 -11.57 -3.35 -2.51
N CYS A 7 -10.63 -2.50 -2.83
CA CYS A 7 -10.64 -1.15 -2.21
C CYS A 7 -11.69 -0.26 -2.84
N GLY A 8 -11.73 -0.26 -4.15
CA GLY A 8 -12.74 0.58 -4.86
C GLY A 8 -12.04 1.77 -5.54
N ILE A 9 -10.73 1.70 -5.60
CA ILE A 9 -9.98 2.80 -6.24
C ILE A 9 -10.49 3.05 -7.65
N ARG A 10 -10.83 4.28 -7.94
CA ARG A 10 -11.34 4.61 -9.30
C ARG A 10 -10.27 5.31 -10.14
N ABA A 11 -9.61 4.54 -10.97
CA ABA A 11 -8.54 5.13 -11.84
C ABA A 11 -8.89 4.94 -13.31
O ABA A 11 -8.55 3.94 -13.92
CB ABA A 11 -7.22 4.40 -11.56
CG ABA A 11 -6.92 4.41 -10.07
H2 ABA A 11 -9.80 3.58 -11.02
HA ABA A 11 -8.45 6.19 -11.62
HB3 ABA A 11 -7.29 3.38 -11.91
HB2 ABA A 11 -6.42 4.89 -12.09
HG1 ABA A 11 -6.70 5.41 -9.74
HG3 ABA A 11 -7.78 4.04 -9.51
HG2 ABA A 11 -6.06 3.77 -9.85
N LYS A 12 -9.57 5.91 -13.85
CA LYS A 12 -9.97 5.82 -15.28
C LYS A 12 -8.78 5.42 -16.17
N LYS A 13 -7.60 5.45 -15.60
CA LYS A 13 -6.40 5.08 -16.40
C LYS A 13 -5.94 3.62 -16.08
N PRO A 14 -5.69 2.79 -17.11
CA PRO A 14 -5.26 1.41 -16.86
C PRO A 14 -3.93 1.38 -16.13
N SER A 15 -2.92 1.96 -16.73
CA SER A 15 -1.58 1.96 -16.07
C SER A 15 -1.71 2.22 -14.57
N MET A 16 -2.62 3.09 -14.22
CA MET A 16 -2.82 3.40 -12.78
C MET A 16 -3.50 2.21 -12.09
N LEU A 17 -4.61 1.78 -12.62
CA LEU A 17 -5.31 0.64 -11.99
C LEU A 17 -4.43 -0.59 -12.11
N LYS A 18 -4.10 -0.93 -13.34
CA LYS A 18 -3.24 -2.11 -13.59
C LYS A 18 -2.18 -2.24 -12.51
N LYS A 19 -1.56 -1.15 -12.17
CA LYS A 19 -0.52 -1.21 -11.14
C LYS A 19 -1.17 -1.43 -9.77
N HIS A 20 -2.25 -0.72 -9.54
CA HIS A 20 -2.95 -0.86 -8.24
C HIS A 20 -3.35 -2.30 -7.99
N ILE A 21 -4.02 -2.89 -8.96
CA ILE A 21 -4.43 -4.30 -8.77
C ILE A 21 -3.22 -5.18 -8.50
N ARG A 22 -2.10 -4.84 -9.10
CA ARG A 22 -0.89 -5.66 -8.88
C ARG A 22 -0.28 -5.34 -7.52
N THR A 23 -0.73 -4.27 -6.91
CA THR A 23 -0.16 -3.92 -5.60
C THR A 23 -0.74 -4.84 -4.52
N HIS A 24 -1.83 -5.49 -4.83
CA HIS A 24 -2.44 -6.41 -3.83
C HIS A 24 -1.63 -7.69 -3.75
N THR A 25 -0.55 -7.73 -4.48
CA THR A 25 0.29 -8.93 -4.48
C THR A 25 1.39 -8.79 -3.44
N ASP A 26 2.59 -8.69 -3.93
CA ASP A 26 3.75 -8.54 -3.02
C ASP A 26 4.82 -7.77 -3.74
N VAL A 27 4.38 -6.94 -4.64
CA VAL A 27 5.33 -6.11 -5.42
C VAL A 27 5.63 -4.79 -4.72
N ARG A 28 5.89 -4.88 -3.45
CA ARG A 28 6.20 -3.66 -2.65
C ARG A 28 7.64 -3.73 -2.10
N PRO A 29 8.63 -3.29 -2.88
CA PRO A 29 10.03 -3.32 -2.45
C PRO A 29 10.27 -2.45 -1.21
N TYR A 30 9.61 -1.33 -1.15
CA TYR A 30 9.80 -0.43 0.03
C TYR A 30 9.28 -1.10 1.31
N HIS A 31 10.20 -1.44 2.20
CA HIS A 31 9.78 -2.09 3.48
C HIS A 31 10.27 -1.30 4.69
N CYS A 32 9.43 -1.12 5.67
CA CYS A 32 9.87 -0.34 6.86
C CYS A 32 11.01 -1.07 7.55
N THR A 33 11.87 -0.32 8.21
CA THR A 33 13.01 -0.97 8.91
C THR A 33 12.56 -1.54 10.24
N TYR A 34 11.27 -1.60 10.43
CA TYR A 34 10.72 -2.15 11.70
C TYR A 34 9.47 -2.97 11.43
N CYS A 35 8.43 -2.30 11.01
CA CYS A 35 7.16 -3.02 10.72
C CYS A 35 7.33 -3.97 9.55
N ASN A 36 6.36 -4.83 9.39
CA ASN A 36 6.43 -5.80 8.28
C ASN A 36 5.61 -5.27 7.10
N PHE A 37 5.25 -4.02 7.20
CA PHE A 37 4.45 -3.40 6.13
C PHE A 37 5.34 -2.96 4.98
N SER A 38 4.78 -2.94 3.80
CA SER A 38 5.58 -2.53 2.62
C SER A 38 4.77 -1.62 1.70
N PHE A 39 5.47 -0.73 1.03
CA PHE A 39 4.77 0.20 0.11
C PHE A 39 5.25 0.00 -1.33
N LYS A 40 4.45 0.43 -2.26
CA LYS A 40 4.81 0.29 -3.69
C LYS A 40 5.60 1.49 -4.18
N THR A 41 5.55 2.56 -3.42
CA THR A 41 6.29 3.78 -3.83
C THR A 41 7.10 4.37 -2.69
N LYS A 42 8.11 5.11 -3.04
CA LYS A 42 8.96 5.73 -2.02
C LYS A 42 8.22 6.86 -1.33
N GLY A 43 7.19 7.36 -1.98
CA GLY A 43 6.41 8.47 -1.38
C GLY A 43 5.77 8.00 -0.07
N ASN A 44 4.90 7.03 -0.17
CA ASN A 44 4.23 6.53 1.05
C ASN A 44 5.27 6.11 2.09
N LEU A 45 6.35 5.55 1.62
CA LEU A 45 7.41 5.11 2.57
C LEU A 45 7.88 6.30 3.39
N THR A 46 8.19 7.38 2.71
CA THR A 46 8.66 8.58 3.43
C THR A 46 7.62 9.05 4.43
N LYS A 47 6.38 8.88 4.09
CA LYS A 47 5.30 9.33 5.01
C LYS A 47 5.30 8.48 6.28
N HIS A 48 5.47 7.20 6.13
CA HIS A 48 5.49 6.33 7.33
C HIS A 48 6.63 6.71 8.25
N MET A 49 7.71 7.14 7.66
CA MET A 49 8.88 7.54 8.49
C MET A 49 8.66 8.93 9.07
N LYS A 50 8.01 9.77 8.31
CA LYS A 50 7.75 11.15 8.79
C LYS A 50 7.25 11.12 10.24
N SER A 51 6.17 10.42 10.44
CA SER A 51 5.61 10.33 11.81
C SER A 51 6.68 9.88 12.80
N LYS A 52 6.55 10.31 14.02
CA LYS A 52 7.56 9.91 15.04
C LYS A 52 7.32 8.47 15.49
N ALA A 53 6.98 7.63 14.55
CA ALA A 53 6.74 6.21 14.91
C ALA A 53 7.99 5.59 15.52
N HIS A 54 8.81 5.01 14.68
CA HIS A 54 10.05 4.38 15.19
C HIS A 54 11.20 4.54 14.21
N SER A 55 11.89 5.65 14.31
CA SER A 55 13.02 5.89 13.39
C SER A 55 14.05 6.81 14.03
N LYS A 56 14.49 6.44 15.21
CA LYS A 56 15.50 7.28 15.91
C LYS A 56 16.71 7.52 15.02
N LYS A 57 16.93 6.62 14.10
CA LYS A 57 18.09 6.78 13.19
C LYS A 57 18.06 5.73 12.08
ZN ZN B . -7.32 -2.39 -4.33
ZN ZN C . 7.33 1.07 10.67
N LYS A 1 -15.08 0.30 -15.20
CA LYS A 1 -14.37 -1.00 -15.36
C LYS A 1 -13.07 -1.00 -14.57
N TYR A 2 -12.48 0.16 -14.43
CA TYR A 2 -11.22 0.25 -13.66
C TYR A 2 -11.48 0.56 -12.19
N ILE A 3 -12.12 -0.37 -11.52
CA ILE A 3 -12.44 -0.16 -10.08
C ILE A 3 -11.93 -1.34 -9.24
N CYS A 4 -10.93 -1.10 -8.44
CA CYS A 4 -10.40 -2.21 -7.61
C CYS A 4 -11.52 -2.91 -6.85
N GLU A 5 -11.56 -4.20 -6.97
CA GLU A 5 -12.62 -4.96 -6.27
C GLU A 5 -12.42 -4.95 -4.75
N GLU A 6 -11.25 -4.55 -4.32
CA GLU A 6 -10.98 -4.51 -2.86
C GLU A 6 -11.13 -3.10 -2.30
N CYS A 7 -10.16 -2.26 -2.59
CA CYS A 7 -10.24 -0.86 -2.06
C CYS A 7 -11.33 -0.05 -2.76
N GLY A 8 -11.55 -0.32 -4.03
CA GLY A 8 -12.59 0.44 -4.75
C GLY A 8 -11.97 1.65 -5.45
N ILE A 9 -10.67 1.69 -5.49
CA ILE A 9 -9.98 2.83 -6.16
C ILE A 9 -10.55 3.05 -7.55
N ARG A 10 -10.78 4.29 -7.90
CA ARG A 10 -11.32 4.59 -9.25
C ARG A 10 -10.29 5.29 -10.12
N ABA A 11 -9.81 4.59 -11.11
CA ABA A 11 -8.79 5.18 -12.03
C ABA A 11 -9.22 4.96 -13.48
O ABA A 11 -9.04 3.90 -14.03
CB ABA A 11 -7.45 4.46 -11.80
CG ABA A 11 -7.09 4.52 -10.31
H2 ABA A 11 -10.13 3.67 -11.25
HA ABA A 11 -8.72 6.24 -11.83
HB3 ABA A 11 -7.53 3.44 -12.12
HB2 ABA A 11 -6.69 4.95 -12.37
HG1 ABA A 11 -6.89 5.54 -10.02
HG3 ABA A 11 -7.91 4.14 -9.72
HG2 ABA A 11 -6.21 3.91 -10.13
N LYS A 12 -9.78 5.99 -14.07
CA LYS A 12 -10.21 5.87 -15.48
C LYS A 12 -9.05 5.51 -16.41
N LYS A 13 -7.87 5.33 -15.83
CA LYS A 13 -6.69 4.96 -16.68
C LYS A 13 -6.15 3.56 -16.29
N PRO A 14 -5.76 2.74 -17.29
CA PRO A 14 -5.23 1.40 -17.00
C PRO A 14 -3.95 1.48 -16.18
N SER A 15 -2.90 1.98 -16.80
CA SER A 15 -1.59 2.10 -16.10
C SER A 15 -1.80 2.40 -14.62
N MET A 16 -2.75 3.25 -14.34
CA MET A 16 -3.01 3.60 -12.93
C MET A 16 -3.65 2.41 -12.21
N LEU A 17 -4.71 1.88 -12.78
CA LEU A 17 -5.38 0.74 -12.13
C LEU A 17 -4.47 -0.49 -12.24
N LYS A 18 -4.16 -0.86 -13.47
CA LYS A 18 -3.28 -2.03 -13.68
C LYS A 18 -2.20 -2.10 -12.61
N LYS A 19 -1.60 -0.98 -12.34
CA LYS A 19 -0.54 -0.97 -11.31
C LYS A 19 -1.16 -1.17 -9.94
N HIS A 20 -2.26 -0.50 -9.71
CA HIS A 20 -2.94 -0.63 -8.41
C HIS A 20 -3.30 -2.07 -8.12
N ILE A 21 -4.00 -2.69 -9.04
CA ILE A 21 -4.38 -4.10 -8.82
C ILE A 21 -3.15 -4.96 -8.55
N ARG A 22 -2.04 -4.58 -9.13
CA ARG A 22 -0.81 -5.37 -8.90
C ARG A 22 -0.23 -5.10 -7.53
N THR A 23 -0.66 -4.03 -6.91
CA THR A 23 -0.13 -3.73 -5.56
C THR A 23 -0.74 -4.66 -4.51
N HIS A 24 -1.67 -5.48 -4.93
CA HIS A 24 -2.31 -6.43 -3.96
C HIS A 24 -1.64 -7.79 -4.01
N THR A 25 -0.59 -7.90 -4.78
CA THR A 25 0.12 -9.19 -4.89
C THR A 25 1.21 -9.31 -3.84
N ASP A 26 2.40 -8.98 -4.22
CA ASP A 26 3.53 -9.07 -3.27
C ASP A 26 4.63 -8.14 -3.71
N VAL A 27 4.25 -7.15 -4.46
CA VAL A 27 5.23 -6.17 -4.95
C VAL A 27 5.25 -4.93 -4.06
N ARG A 28 5.31 -5.17 -2.78
CA ARG A 28 5.33 -4.06 -1.79
C ARG A 28 6.50 -4.28 -0.79
N PRO A 29 7.71 -3.89 -1.19
CA PRO A 29 8.89 -4.06 -0.31
C PRO A 29 8.74 -3.34 1.04
N TYR A 30 7.78 -2.48 1.15
CA TYR A 30 7.61 -1.77 2.45
C TYR A 30 6.65 -2.54 3.37
N HIS A 31 7.19 -3.51 4.10
CA HIS A 31 6.33 -4.31 5.01
C HIS A 31 6.45 -3.83 6.46
N CYS A 32 5.35 -3.86 7.17
CA CYS A 32 5.39 -3.41 8.59
C CYS A 32 6.23 -4.37 9.42
N THR A 33 6.83 -3.88 10.46
CA THR A 33 7.67 -4.77 11.31
C THR A 33 6.79 -5.56 12.27
N TYR A 34 5.52 -5.57 12.01
CA TYR A 34 4.58 -6.32 12.89
C TYR A 34 3.48 -6.99 12.06
N CYS A 35 2.66 -6.17 11.45
CA CYS A 35 1.56 -6.72 10.63
C CYS A 35 2.08 -7.42 9.39
N ASN A 36 1.16 -7.92 8.61
CA ASN A 36 1.55 -8.64 7.37
C ASN A 36 1.21 -7.76 6.18
N PHE A 37 0.85 -6.53 6.47
CA PHE A 37 0.49 -5.58 5.41
C PHE A 37 1.73 -4.89 4.87
N SER A 38 1.63 -4.39 3.68
CA SER A 38 2.79 -3.71 3.09
C SER A 38 2.33 -2.62 2.13
N PHE A 39 3.27 -1.82 1.70
CA PHE A 39 2.93 -0.73 0.77
C PHE A 39 3.93 -0.67 -0.38
N LYS A 40 3.52 -0.07 -1.46
CA LYS A 40 4.42 0.04 -2.63
C LYS A 40 5.27 1.30 -2.50
N THR A 41 4.89 2.15 -1.58
CA THR A 41 5.65 3.40 -1.38
C THR A 41 6.12 3.55 0.06
N LYS A 42 7.13 4.35 0.25
CA LYS A 42 7.64 4.55 1.61
C LYS A 42 6.81 5.59 2.36
N GLY A 43 5.95 6.26 1.63
CA GLY A 43 5.09 7.29 2.28
C GLY A 43 4.07 6.61 3.18
N ASN A 44 3.35 5.67 2.63
CA ASN A 44 2.33 4.97 3.43
C ASN A 44 2.99 4.14 4.53
N LEU A 45 4.25 3.88 4.36
CA LEU A 45 4.97 3.07 5.38
C LEU A 45 5.05 3.84 6.68
N THR A 46 5.61 5.02 6.62
CA THR A 46 5.71 5.84 7.86
C THR A 46 4.34 6.19 8.39
N LYS A 47 3.41 6.37 7.49
CA LYS A 47 2.03 6.72 7.93
C LYS A 47 1.45 5.61 8.80
N HIS A 48 1.78 4.39 8.50
CA HIS A 48 1.25 3.27 9.31
C HIS A 48 2.06 3.09 10.58
N MET A 49 3.33 3.41 10.51
CA MET A 49 4.18 3.26 11.71
C MET A 49 3.99 4.43 12.66
N LYS A 50 3.65 5.57 12.11
CA LYS A 50 3.43 6.76 12.96
C LYS A 50 2.25 6.56 13.89
N SER A 51 1.16 6.09 13.33
CA SER A 51 -0.05 5.87 14.17
C SER A 51 0.33 5.14 15.46
N LYS A 52 -0.53 5.25 16.44
CA LYS A 52 -0.25 4.57 17.74
C LYS A 52 -0.38 3.06 17.59
N ALA A 53 -0.47 2.61 16.37
CA ALA A 53 -0.61 1.15 16.14
C ALA A 53 0.34 0.36 17.04
N HIS A 54 1.53 0.13 16.56
CA HIS A 54 2.50 -0.63 17.36
C HIS A 54 3.94 -0.29 16.99
N SER A 55 4.49 0.65 17.70
CA SER A 55 5.89 1.06 17.41
C SER A 55 6.65 1.31 18.71
N LYS A 56 6.34 0.53 19.70
CA LYS A 56 7.03 0.68 21.01
C LYS A 56 8.39 0.00 20.99
N LYS A 57 9.20 0.35 20.03
CA LYS A 57 10.54 -0.27 19.95
C LYS A 57 11.29 -0.12 21.26
ZN ZN B . -7.06 -2.10 -4.25
ZN ZN C . 1.68 -2.71 11.56
N LYS A 1 -14.12 -0.72 -16.64
CA LYS A 1 -14.38 -0.68 -15.19
C LYS A 1 -13.07 -0.80 -14.42
N TYR A 2 -12.44 0.32 -14.19
CA TYR A 2 -11.16 0.29 -13.45
C TYR A 2 -11.39 0.57 -11.95
N ILE A 3 -12.40 -0.05 -11.41
CA ILE A 3 -12.70 0.14 -9.97
C ILE A 3 -12.31 -1.10 -9.16
N CYS A 4 -11.19 -1.03 -8.47
CA CYS A 4 -10.78 -2.22 -7.68
C CYS A 4 -11.94 -2.75 -6.85
N GLU A 5 -12.35 -3.93 -7.17
CA GLU A 5 -13.48 -4.54 -6.42
C GLU A 5 -13.17 -4.67 -4.94
N GLU A 6 -11.92 -4.62 -4.59
CA GLU A 6 -11.55 -4.76 -3.17
C GLU A 6 -11.57 -3.40 -2.46
N CYS A 7 -10.66 -2.54 -2.83
CA CYS A 7 -10.62 -1.20 -2.19
C CYS A 7 -11.70 -0.30 -2.76
N GLY A 8 -11.73 -0.22 -4.07
CA GLY A 8 -12.75 0.63 -4.74
C GLY A 8 -12.06 1.82 -5.41
N ILE A 9 -10.76 1.74 -5.53
CA ILE A 9 -10.02 2.85 -6.17
C ILE A 9 -10.51 3.08 -7.59
N ARG A 10 -10.88 4.30 -7.89
CA ARG A 10 -11.39 4.60 -9.25
C ARG A 10 -10.30 5.26 -10.10
N ABA A 11 -9.77 4.51 -11.04
CA ABA A 11 -8.70 5.07 -11.93
C ABA A 11 -9.11 4.95 -13.39
O ABA A 11 -9.00 3.90 -13.99
CB ABA A 11 -7.41 4.25 -11.72
CG ABA A 11 -7.03 4.26 -10.22
H2 ABA A 11 -10.06 3.58 -11.16
HA ABA A 11 -8.54 6.12 -11.69
HB3 ABA A 11 -7.55 3.24 -12.04
HB2 ABA A 11 -6.62 4.70 -12.29
HG1 ABA A 11 -7.89 4.03 -9.63
HG3 ABA A 11 -6.26 3.53 -10.04
HG2 ABA A 11 -6.66 5.25 -9.95
N LYS A 12 -9.55 6.05 -13.95
CA LYS A 12 -9.97 6.03 -15.37
C LYS A 12 -8.84 5.65 -16.32
N LYS A 13 -7.73 5.19 -15.78
CA LYS A 13 -6.59 4.80 -16.67
C LYS A 13 -6.02 3.41 -16.27
N PRO A 14 -5.55 2.62 -17.25
CA PRO A 14 -4.99 1.29 -16.96
C PRO A 14 -3.74 1.39 -16.08
N SER A 15 -2.68 1.91 -16.66
CA SER A 15 -1.41 2.06 -15.89
C SER A 15 -1.67 2.32 -14.42
N MET A 16 -2.61 3.19 -14.16
CA MET A 16 -2.92 3.51 -12.74
C MET A 16 -3.57 2.30 -12.07
N LEU A 17 -4.59 1.75 -12.69
CA LEU A 17 -5.25 0.58 -12.08
C LEU A 17 -4.33 -0.63 -12.19
N LYS A 18 -3.96 -0.97 -13.41
CA LYS A 18 -3.05 -2.14 -13.63
C LYS A 18 -2.01 -2.22 -12.53
N LYS A 19 -1.48 -1.10 -12.14
CA LYS A 19 -0.46 -1.11 -11.09
C LYS A 19 -1.13 -1.33 -9.73
N HIS A 20 -2.22 -0.64 -9.52
CA HIS A 20 -2.93 -0.80 -8.24
C HIS A 20 -3.31 -2.25 -8.01
N ILE A 21 -4.01 -2.82 -8.95
CA ILE A 21 -4.41 -4.24 -8.79
C ILE A 21 -3.17 -5.10 -8.54
N ARG A 22 -2.07 -4.75 -9.16
CA ARG A 22 -0.84 -5.54 -8.96
C ARG A 22 -0.26 -5.31 -7.58
N THR A 23 -0.68 -4.27 -6.93
CA THR A 23 -0.15 -4.00 -5.58
C THR A 23 -0.72 -4.99 -4.56
N HIS A 24 -1.87 -5.54 -4.84
CA HIS A 24 -2.46 -6.51 -3.88
C HIS A 24 -1.64 -7.80 -3.87
N THR A 25 -0.53 -7.77 -4.56
CA THR A 25 0.32 -8.98 -4.62
C THR A 25 1.43 -8.87 -3.59
N ASP A 26 2.62 -8.78 -4.07
CA ASP A 26 3.79 -8.68 -3.16
C ASP A 26 4.85 -7.85 -3.84
N VAL A 27 4.38 -6.93 -4.64
CA VAL A 27 5.32 -6.05 -5.37
C VAL A 27 5.59 -4.75 -4.61
N ARG A 28 5.88 -4.88 -3.34
CA ARG A 28 6.16 -3.68 -2.50
C ARG A 28 7.62 -3.71 -2.00
N PRO A 29 8.55 -3.15 -2.78
CA PRO A 29 9.97 -3.14 -2.38
C PRO A 29 10.21 -2.26 -1.15
N TYR A 30 9.65 -1.10 -1.14
CA TYR A 30 9.84 -0.19 0.02
C TYR A 30 9.55 -0.92 1.34
N HIS A 31 10.57 -1.54 1.89
CA HIS A 31 10.38 -2.29 3.18
C HIS A 31 10.83 -1.44 4.37
N CYS A 32 10.07 -1.48 5.44
CA CYS A 32 10.46 -0.69 6.63
C CYS A 32 11.77 -1.20 7.21
N THR A 33 12.43 -0.37 7.96
CA THR A 33 13.72 -0.81 8.56
C THR A 33 13.47 -1.53 9.88
N TYR A 34 12.26 -1.94 10.09
CA TYR A 34 11.92 -2.65 11.35
C TYR A 34 10.82 -3.68 11.10
N CYS A 35 9.68 -3.20 10.69
CA CYS A 35 8.55 -4.11 10.42
C CYS A 35 8.76 -4.89 9.14
N ASN A 36 7.93 -5.88 8.94
CA ASN A 36 8.05 -6.70 7.71
C ASN A 36 7.05 -6.20 6.69
N PHE A 37 6.48 -5.06 6.96
CA PHE A 37 5.49 -4.47 6.03
C PHE A 37 6.19 -3.66 4.96
N SER A 38 5.53 -3.47 3.85
CA SER A 38 6.15 -2.69 2.76
C SER A 38 5.11 -1.88 2.01
N PHE A 39 5.59 -1.05 1.13
CA PHE A 39 4.67 -0.20 0.34
C PHE A 39 5.08 -0.18 -1.12
N LYS A 40 4.15 0.14 -1.97
CA LYS A 40 4.46 0.19 -3.42
C LYS A 40 5.05 1.54 -3.81
N THR A 41 4.89 2.51 -2.94
CA THR A 41 5.42 3.86 -3.24
C THR A 41 6.23 4.41 -2.07
N LYS A 42 7.10 5.32 -2.39
CA LYS A 42 7.93 5.92 -1.33
C LYS A 42 7.09 6.83 -0.45
N GLY A 43 5.99 7.27 -0.98
CA GLY A 43 5.10 8.16 -0.18
C GLY A 43 4.72 7.50 1.13
N ASN A 44 3.87 6.51 1.05
CA ASN A 44 3.44 5.80 2.28
C ASN A 44 4.64 5.48 3.15
N LEU A 45 5.67 4.94 2.54
CA LEU A 45 6.87 4.58 3.32
C LEU A 45 7.35 5.78 4.14
N THR A 46 7.45 6.91 3.49
CA THR A 46 7.90 8.12 4.21
C THR A 46 6.98 8.43 5.38
N LYS A 47 5.72 8.13 5.21
CA LYS A 47 4.76 8.39 6.31
C LYS A 47 4.93 7.38 7.45
N HIS A 48 5.10 6.13 7.09
CA HIS A 48 5.28 5.09 8.13
C HIS A 48 6.55 5.34 8.92
N MET A 49 7.46 6.08 8.34
CA MET A 49 8.74 6.37 9.04
C MET A 49 8.67 7.72 9.73
N LYS A 50 8.10 8.69 9.07
CA LYS A 50 7.98 10.03 9.67
C LYS A 50 7.32 9.96 11.05
N SER A 51 6.25 9.22 11.12
CA SER A 51 5.53 9.10 12.42
C SER A 51 6.51 8.73 13.54
N LYS A 52 6.09 8.92 14.75
CA LYS A 52 6.97 8.59 15.90
C LYS A 52 7.03 7.08 16.11
N ALA A 53 6.80 6.34 15.06
CA ALA A 53 6.84 4.87 15.18
C ALA A 53 8.19 4.40 15.72
N HIS A 54 9.04 3.94 14.83
CA HIS A 54 10.37 3.47 15.27
C HIS A 54 11.45 3.85 14.26
N SER A 55 11.95 5.04 14.40
CA SER A 55 13.01 5.49 13.47
C SER A 55 13.83 6.61 14.11
N LYS A 56 13.98 6.54 15.40
CA LYS A 56 14.77 7.58 16.10
C LYS A 56 16.23 7.57 15.64
N LYS A 57 17.02 6.74 16.28
CA LYS A 57 18.44 6.66 15.90
C LYS A 57 18.59 6.37 14.41
ZN ZN B . -7.31 -2.43 -4.37
ZN ZN C . 7.98 -0.04 10.70
N LYS A 1 -15.30 -1.72 -14.80
CA LYS A 1 -14.25 -0.87 -15.41
C LYS A 1 -12.97 -0.93 -14.58
N TYR A 2 -12.38 0.21 -14.33
CA TYR A 2 -11.13 0.23 -13.52
C TYR A 2 -11.43 0.55 -12.06
N ILE A 3 -12.29 -0.24 -11.47
CA ILE A 3 -12.64 -0.02 -10.04
C ILE A 3 -12.29 -1.23 -9.21
N CYS A 4 -11.18 -1.17 -8.50
CA CYS A 4 -10.81 -2.34 -7.68
C CYS A 4 -11.97 -2.77 -6.79
N GLU A 5 -12.50 -3.92 -7.07
CA GLU A 5 -13.64 -4.42 -6.27
C GLU A 5 -13.26 -4.58 -4.80
N GLU A 6 -11.98 -4.59 -4.51
CA GLU A 6 -11.55 -4.75 -3.11
C GLU A 6 -11.49 -3.40 -2.41
N CYS A 7 -10.57 -2.57 -2.82
CA CYS A 7 -10.45 -1.24 -2.16
C CYS A 7 -11.51 -0.30 -2.71
N GLY A 8 -11.59 -0.24 -4.01
CA GLY A 8 -12.59 0.67 -4.66
C GLY A 8 -11.88 1.82 -5.36
N ILE A 9 -10.60 1.66 -5.60
CA ILE A 9 -9.86 2.74 -6.28
C ILE A 9 -10.42 3.00 -7.68
N ARG A 10 -10.75 4.23 -7.93
CA ARG A 10 -11.32 4.58 -9.25
C ARG A 10 -10.26 5.23 -10.14
N ABA A 11 -9.57 4.43 -10.91
CA ABA A 11 -8.52 5.00 -11.80
C ABA A 11 -9.04 5.16 -13.22
O ABA A 11 -9.32 4.20 -13.90
CB ABA A 11 -7.33 4.05 -11.83
CG ABA A 11 -6.41 4.36 -10.64
H2 ABA A 11 -9.74 3.47 -10.90
HA ABA A 11 -8.22 5.98 -11.42
HB3 ABA A 11 -7.67 3.04 -11.76
HB2 ABA A 11 -6.79 4.18 -12.74
HG1 ABA A 11 -5.91 5.30 -10.79
HG3 ABA A 11 -6.99 4.41 -9.73
HG2 ABA A 11 -5.66 3.58 -10.55
N LYS A 12 -9.18 6.39 -13.63
CA LYS A 12 -9.68 6.64 -15.00
C LYS A 12 -8.67 6.19 -16.05
N LYS A 13 -7.66 5.47 -15.64
CA LYS A 13 -6.64 5.00 -16.61
C LYS A 13 -6.11 3.59 -16.24
N PRO A 14 -5.92 2.70 -17.23
CA PRO A 14 -5.43 1.33 -16.95
C PRO A 14 -4.03 1.36 -16.34
N SER A 15 -3.15 2.13 -16.90
CA SER A 15 -1.77 2.18 -16.35
C SER A 15 -1.81 2.28 -14.82
N MET A 16 -2.63 3.14 -14.32
CA MET A 16 -2.72 3.30 -12.84
C MET A 16 -3.39 2.07 -12.21
N LEU A 17 -4.55 1.70 -12.68
CA LEU A 17 -5.22 0.52 -12.10
C LEU A 17 -4.29 -0.67 -12.23
N LYS A 18 -3.88 -0.93 -13.45
CA LYS A 18 -2.97 -2.06 -13.69
C LYS A 18 -1.97 -2.22 -12.55
N LYS A 19 -1.31 -1.15 -12.22
CA LYS A 19 -0.34 -1.22 -11.12
C LYS A 19 -1.04 -1.47 -9.79
N HIS A 20 -2.18 -0.84 -9.63
CA HIS A 20 -2.93 -1.03 -8.37
C HIS A 20 -3.31 -2.48 -8.16
N ILE A 21 -3.94 -3.08 -9.15
CA ILE A 21 -4.33 -4.49 -8.99
C ILE A 21 -3.11 -5.33 -8.64
N ARG A 22 -1.96 -4.92 -9.14
CA ARG A 22 -0.73 -5.68 -8.85
C ARG A 22 -0.24 -5.37 -7.45
N THR A 23 -0.76 -4.32 -6.88
CA THR A 23 -0.32 -3.96 -5.51
C THR A 23 -0.92 -4.92 -4.50
N HIS A 24 -1.83 -5.74 -4.96
CA HIS A 24 -2.47 -6.71 -4.02
C HIS A 24 -1.65 -8.00 -3.97
N THR A 25 -0.47 -7.97 -4.55
CA THR A 25 0.38 -9.16 -4.55
C THR A 25 1.46 -9.03 -3.49
N ASP A 26 2.64 -8.70 -3.93
CA ASP A 26 3.77 -8.54 -2.98
C ASP A 26 4.84 -7.71 -3.62
N VAL A 27 4.42 -6.84 -4.50
CA VAL A 27 5.37 -5.96 -5.20
C VAL A 27 5.41 -4.56 -4.57
N ARG A 28 5.52 -4.54 -3.27
CA ARG A 28 5.58 -3.25 -2.54
C ARG A 28 6.94 -3.07 -1.83
N PRO A 29 7.93 -2.51 -2.54
CA PRO A 29 9.26 -2.30 -1.94
C PRO A 29 9.23 -1.35 -0.74
N TYR A 30 8.21 -0.51 -0.68
CA TYR A 30 8.13 0.44 0.46
C TYR A 30 7.54 -0.25 1.69
N HIS A 31 8.40 -0.86 2.48
CA HIS A 31 7.91 -1.56 3.70
C HIS A 31 8.16 -0.73 4.96
N CYS A 32 7.22 -0.73 5.86
CA CYS A 32 7.40 0.06 7.10
C CYS A 32 8.57 -0.50 7.90
N THR A 33 9.21 0.34 8.65
CA THR A 33 10.37 -0.15 9.45
C THR A 33 9.89 -0.74 10.79
N TYR A 34 8.62 -1.03 10.86
CA TYR A 34 8.07 -1.61 12.11
C TYR A 34 7.02 -2.68 11.79
N CYS A 35 5.93 -2.24 11.21
CA CYS A 35 4.85 -3.20 10.85
C CYS A 35 5.27 -4.15 9.75
N ASN A 36 4.30 -4.86 9.25
CA ASN A 36 4.56 -5.82 8.16
C ASN A 36 3.83 -5.38 6.90
N PHE A 37 3.28 -4.20 6.98
CA PHE A 37 2.54 -3.64 5.82
C PHE A 37 3.49 -2.95 4.88
N SER A 38 3.05 -2.77 3.66
CA SER A 38 3.92 -2.11 2.68
C SER A 38 3.11 -1.32 1.67
N PHE A 39 3.80 -0.56 0.85
CA PHE A 39 3.10 0.25 -0.17
C PHE A 39 3.82 0.16 -1.51
N LYS A 40 3.08 0.43 -2.56
CA LYS A 40 3.69 0.37 -3.91
C LYS A 40 4.29 1.71 -4.29
N THR A 41 3.90 2.74 -3.58
CA THR A 41 4.44 4.11 -3.87
C THR A 41 5.01 4.75 -2.63
N LYS A 42 5.87 5.72 -2.84
CA LYS A 42 6.49 6.41 -1.70
C LYS A 42 5.48 7.35 -1.04
N GLY A 43 4.43 7.65 -1.77
CA GLY A 43 3.39 8.57 -1.21
C GLY A 43 2.73 7.93 0.02
N ASN A 44 1.89 6.96 -0.21
CA ASN A 44 1.21 6.30 0.92
C ASN A 44 2.21 6.00 2.05
N LEU A 45 3.36 5.51 1.68
CA LEU A 45 4.38 5.19 2.70
C LEU A 45 4.54 6.37 3.67
N THR A 46 4.72 7.54 3.11
CA THR A 46 4.88 8.73 3.97
C THR A 46 3.65 8.95 4.84
N LYS A 47 2.50 8.64 4.29
CA LYS A 47 1.25 8.81 5.07
C LYS A 47 1.22 7.88 6.27
N HIS A 48 1.78 6.72 6.12
CA HIS A 48 1.79 5.76 7.24
C HIS A 48 2.76 6.20 8.33
N MET A 49 3.84 6.81 7.92
CA MET A 49 4.83 7.28 8.92
C MET A 49 4.34 8.54 9.62
N LYS A 50 3.70 9.41 8.89
CA LYS A 50 3.20 10.66 9.51
C LYS A 50 2.42 10.34 10.78
N SER A 51 1.59 9.33 10.70
CA SER A 51 0.78 8.95 11.88
C SER A 51 1.68 8.73 13.09
N LYS A 52 1.21 9.11 14.24
CA LYS A 52 2.03 8.93 15.46
C LYS A 52 2.13 7.46 15.84
N ALA A 53 1.75 6.61 14.94
CA ALA A 53 1.83 5.15 15.24
C ALA A 53 3.14 4.80 15.90
N HIS A 54 4.19 4.77 15.12
CA HIS A 54 5.51 4.44 15.69
C HIS A 54 6.64 5.11 14.92
N SER A 55 7.01 6.27 15.35
CA SER A 55 8.11 7.00 14.66
C SER A 55 9.06 7.62 15.70
N LYS A 56 8.94 7.17 16.91
CA LYS A 56 9.82 7.69 18.00
C LYS A 56 10.48 6.55 18.76
N LYS A 57 9.84 5.41 18.75
CA LYS A 57 10.41 4.25 19.47
C LYS A 57 11.82 3.96 18.99
ZN ZN B . -7.27 -2.60 -4.46
ZN ZN C . 4.22 0.87 10.62
N LYS A 1 -14.58 -0.25 -15.50
CA LYS A 1 -13.62 -1.15 -16.19
C LYS A 1 -12.25 -1.03 -15.55
N TYR A 2 -12.14 -0.19 -14.55
CA TYR A 2 -10.83 -0.01 -13.88
C TYR A 2 -11.01 0.40 -12.43
N ILE A 3 -11.91 -0.29 -11.75
CA ILE A 3 -12.16 0.04 -10.32
C ILE A 3 -11.89 -1.18 -9.45
N CYS A 4 -10.99 -1.04 -8.50
CA CYS A 4 -10.70 -2.20 -7.63
C CYS A 4 -11.88 -2.50 -6.72
N GLU A 5 -12.60 -3.51 -7.07
CA GLU A 5 -13.78 -3.89 -6.26
C GLU A 5 -13.38 -4.20 -4.81
N GLU A 6 -12.11 -4.38 -4.58
CA GLU A 6 -11.68 -4.68 -3.19
C GLU A 6 -11.56 -3.40 -2.37
N CYS A 7 -10.65 -2.54 -2.77
CA CYS A 7 -10.48 -1.28 -2.01
C CYS A 7 -11.58 -0.30 -2.37
N GLY A 8 -11.70 -0.04 -3.64
CA GLY A 8 -12.75 0.90 -4.12
C GLY A 8 -12.08 2.02 -4.91
N ILE A 9 -10.85 1.80 -5.33
CA ILE A 9 -10.14 2.84 -6.10
C ILE A 9 -10.78 3.01 -7.47
N ARG A 10 -10.79 4.23 -7.95
CA ARG A 10 -11.39 4.49 -9.28
C ARG A 10 -10.39 5.18 -10.20
N ABA A 11 -9.84 4.41 -11.12
CA ABA A 11 -8.85 5.00 -12.06
C ABA A 11 -9.25 4.70 -13.50
O ABA A 11 -8.85 3.69 -14.07
CB ABA A 11 -7.48 4.35 -11.80
CG ABA A 11 -7.11 4.49 -10.32
H2 ABA A 11 -10.07 3.47 -11.18
HA ABA A 11 -8.80 6.08 -11.93
HB3 ABA A 11 -7.51 3.32 -12.07
HB2 ABA A 11 -6.73 4.84 -12.40
HG1 ABA A 11 -6.22 3.91 -10.10
HG3 ABA A 11 -6.91 5.53 -10.09
HG2 ABA A 11 -7.92 4.14 -9.71
N LYS A 12 -10.03 5.57 -14.06
CA LYS A 12 -10.48 5.37 -15.47
C LYS A 12 -9.32 4.98 -16.39
N LYS A 13 -8.11 5.20 -15.94
CA LYS A 13 -6.94 4.85 -16.79
C LYS A 13 -6.32 3.49 -16.38
N PRO A 14 -5.87 2.67 -17.35
CA PRO A 14 -5.27 1.36 -17.04
C PRO A 14 -3.99 1.53 -16.22
N SER A 15 -2.94 1.99 -16.88
CA SER A 15 -1.63 2.18 -16.19
C SER A 15 -1.81 2.48 -14.71
N MET A 16 -2.77 3.31 -14.40
CA MET A 16 -3.00 3.64 -12.97
C MET A 16 -3.56 2.44 -12.24
N LEU A 17 -4.67 1.95 -12.71
CA LEU A 17 -5.28 0.76 -12.06
C LEU A 17 -4.29 -0.39 -12.15
N LYS A 18 -3.88 -0.66 -13.36
CA LYS A 18 -2.91 -1.75 -13.60
C LYS A 18 -1.90 -1.86 -12.47
N LYS A 19 -1.35 -0.74 -12.10
CA LYS A 19 -0.36 -0.75 -11.00
C LYS A 19 -1.07 -1.00 -9.66
N HIS A 20 -2.20 -0.38 -9.49
CA HIS A 20 -2.94 -0.55 -8.23
C HIS A 20 -3.24 -2.03 -7.98
N ILE A 21 -3.77 -2.68 -8.98
CA ILE A 21 -4.09 -4.12 -8.82
C ILE A 21 -2.83 -4.95 -8.58
N ARG A 22 -1.73 -4.50 -9.11
CA ARG A 22 -0.47 -5.26 -8.92
C ARG A 22 0.03 -5.13 -7.49
N THR A 23 -0.41 -4.12 -6.79
CA THR A 23 0.05 -3.96 -5.39
C THR A 23 -0.60 -5.01 -4.47
N HIS A 24 -1.68 -5.60 -4.92
CA HIS A 24 -2.35 -6.62 -4.07
C HIS A 24 -1.62 -7.95 -4.16
N THR A 25 -0.48 -7.94 -4.79
CA THR A 25 0.30 -9.19 -4.91
C THR A 25 1.36 -9.27 -3.82
N ASP A 26 2.57 -9.06 -4.21
CA ASP A 26 3.68 -9.11 -3.24
C ASP A 26 4.82 -8.26 -3.75
N VAL A 27 4.45 -7.26 -4.49
CA VAL A 27 5.47 -6.36 -5.07
C VAL A 27 5.67 -5.11 -4.20
N ARG A 28 5.81 -5.33 -2.91
CA ARG A 28 6.00 -4.19 -1.97
C ARG A 28 7.39 -4.29 -1.28
N PRO A 29 8.44 -3.77 -1.94
CA PRO A 29 9.79 -3.83 -1.36
C PRO A 29 9.91 -3.02 -0.07
N TYR A 30 9.11 -2.00 0.07
CA TYR A 30 9.19 -1.18 1.31
C TYR A 30 8.58 -1.93 2.48
N HIS A 31 9.43 -2.53 3.30
CA HIS A 31 8.93 -3.28 4.48
C HIS A 31 9.29 -2.56 5.78
N CYS A 32 8.35 -2.48 6.70
CA CYS A 32 8.66 -1.79 7.98
C CYS A 32 9.83 -2.49 8.66
N THR A 33 10.64 -1.73 9.36
CA THR A 33 11.80 -2.36 10.05
C THR A 33 11.36 -3.02 11.34
N TYR A 34 10.07 -3.20 11.50
CA TYR A 34 9.55 -3.84 12.74
C TYR A 34 8.41 -4.79 12.39
N CYS A 35 7.32 -4.24 11.95
CA CYS A 35 6.15 -5.09 11.58
C CYS A 35 6.48 -6.00 10.40
N ASN A 36 5.44 -6.53 9.80
CA ASN A 36 5.62 -7.42 8.64
C ASN A 36 4.86 -6.87 7.45
N PHE A 37 4.31 -5.69 7.62
CA PHE A 37 3.55 -5.06 6.53
C PHE A 37 4.50 -4.41 5.53
N SER A 38 4.00 -4.16 4.35
CA SER A 38 4.87 -3.53 3.33
C SER A 38 4.06 -2.61 2.43
N PHE A 39 4.77 -1.75 1.71
CA PHE A 39 4.08 -0.81 0.80
C PHE A 39 4.76 -0.77 -0.57
N LYS A 40 4.05 -0.29 -1.54
CA LYS A 40 4.62 -0.21 -2.91
C LYS A 40 5.36 1.10 -3.11
N THR A 41 5.10 2.05 -2.25
CA THR A 41 5.78 3.37 -2.38
C THR A 41 6.39 3.83 -1.06
N LYS A 42 7.37 4.69 -1.17
CA LYS A 42 8.04 5.19 0.04
C LYS A 42 7.14 6.18 0.75
N GLY A 43 6.20 6.73 0.03
CA GLY A 43 5.28 7.72 0.65
C GLY A 43 4.48 7.05 1.77
N ASN A 44 3.76 6.02 1.43
CA ASN A 44 2.96 5.31 2.45
C ASN A 44 3.84 4.88 3.62
N LEU A 45 5.05 4.46 3.31
CA LEU A 45 5.96 4.04 4.39
C LEU A 45 6.11 5.16 5.42
N THR A 46 6.48 6.31 4.96
CA THR A 46 6.64 7.45 5.89
C THR A 46 5.38 7.62 6.73
N LYS A 47 4.26 7.36 6.13
CA LYS A 47 2.99 7.49 6.86
C LYS A 47 2.94 6.50 8.03
N HIS A 48 3.41 5.31 7.79
CA HIS A 48 3.40 4.29 8.86
C HIS A 48 4.34 4.70 9.99
N MET A 49 5.50 5.17 9.62
CA MET A 49 6.48 5.59 10.66
C MET A 49 5.94 6.79 11.43
N LYS A 50 5.19 7.61 10.75
CA LYS A 50 4.63 8.81 11.43
C LYS A 50 4.05 8.43 12.79
N SER A 51 3.15 7.50 12.80
CA SER A 51 2.55 7.08 14.08
C SER A 51 3.63 6.80 15.11
N LYS A 52 3.32 7.04 16.36
CA LYS A 52 4.33 6.81 17.42
C LYS A 52 4.33 5.33 17.82
N ALA A 53 4.19 4.47 16.85
CA ALA A 53 4.20 3.02 17.15
C ALA A 53 5.60 2.55 17.51
N HIS A 54 6.49 2.58 16.54
CA HIS A 54 7.87 2.13 16.81
C HIS A 54 8.84 2.72 15.79
N SER A 55 9.44 3.83 16.15
CA SER A 55 10.40 4.48 15.23
C SER A 55 11.60 5.03 15.99
N LYS A 56 12.22 4.18 16.76
CA LYS A 56 13.40 4.62 17.55
C LYS A 56 14.57 4.98 16.63
N LYS A 57 15.47 4.04 16.45
CA LYS A 57 16.62 4.30 15.59
C LYS A 57 16.17 4.76 14.19
ZN ZN B . -7.21 -2.42 -4.37
ZN ZN C . 5.81 -1.01 11.76
N LYS A 1 -14.57 0.61 -15.95
CA LYS A 1 -14.50 -0.66 -15.18
C LYS A 1 -13.19 -0.75 -14.44
N TYR A 2 -12.59 0.39 -14.16
CA TYR A 2 -11.31 0.39 -13.42
C TYR A 2 -11.53 0.61 -11.94
N ILE A 3 -12.38 -0.19 -11.36
CA ILE A 3 -12.68 -0.06 -9.90
C ILE A 3 -12.13 -1.25 -9.14
N CYS A 4 -11.05 -1.06 -8.42
CA CYS A 4 -10.50 -2.20 -7.66
C CYS A 4 -11.58 -2.88 -6.83
N GLU A 5 -11.69 -4.16 -7.01
CA GLU A 5 -12.72 -4.92 -6.25
C GLU A 5 -12.44 -4.93 -4.75
N GLU A 6 -11.24 -4.59 -4.36
CA GLU A 6 -10.91 -4.58 -2.93
C GLU A 6 -11.05 -3.18 -2.32
N CYS A 7 -10.14 -2.31 -2.65
CA CYS A 7 -10.22 -0.93 -2.10
C CYS A 7 -11.33 -0.12 -2.74
N GLY A 8 -11.50 -0.28 -4.02
CA GLY A 8 -12.57 0.49 -4.72
C GLY A 8 -11.97 1.73 -5.40
N ILE A 9 -10.66 1.74 -5.52
CA ILE A 9 -10.01 2.90 -6.17
C ILE A 9 -10.57 3.13 -7.57
N ARG A 10 -10.80 4.36 -7.92
CA ARG A 10 -11.35 4.66 -9.27
C ARG A 10 -10.31 5.33 -10.16
N ABA A 11 -9.87 4.60 -11.17
CA ABA A 11 -8.86 5.16 -12.11
C ABA A 11 -9.29 4.93 -13.55
O ABA A 11 -9.08 3.87 -14.10
CB ABA A 11 -7.53 4.45 -11.87
CG ABA A 11 -7.12 4.55 -10.39
H2 ABA A 11 -10.22 3.70 -11.30
HA ABA A 11 -8.76 6.24 -11.93
HB3 ABA A 11 -7.63 3.41 -12.15
HB2 ABA A 11 -6.77 4.90 -12.48
HG1 ABA A 11 -6.83 5.56 -10.17
HG3 ABA A 11 -7.96 4.27 -9.78
HG2 ABA A 11 -6.29 3.89 -10.20
N LYS A 12 -9.88 5.93 -14.14
CA LYS A 12 -10.33 5.79 -15.54
C LYS A 12 -9.21 5.34 -16.48
N LYS A 13 -7.99 5.38 -16.00
CA LYS A 13 -6.85 4.94 -16.88
C LYS A 13 -6.30 3.55 -16.47
N PRO A 14 -5.82 2.76 -17.44
CA PRO A 14 -5.29 1.42 -17.14
C PRO A 14 -4.01 1.51 -16.30
N SER A 15 -2.96 1.98 -16.92
CA SER A 15 -1.65 2.11 -16.19
C SER A 15 -1.87 2.43 -14.72
N MET A 16 -2.81 3.28 -14.45
CA MET A 16 -3.07 3.63 -13.03
C MET A 16 -3.68 2.44 -12.30
N LEU A 17 -4.76 1.92 -12.84
CA LEU A 17 -5.40 0.75 -12.19
C LEU A 17 -4.46 -0.45 -12.31
N LYS A 18 -4.14 -0.79 -13.53
CA LYS A 18 -3.23 -1.94 -13.79
C LYS A 18 -2.17 -2.06 -12.70
N LYS A 19 -1.54 -0.97 -12.39
CA LYS A 19 -0.49 -1.01 -11.34
C LYS A 19 -1.14 -1.13 -9.96
N HIS A 20 -2.22 -0.43 -9.77
CA HIS A 20 -2.89 -0.50 -8.45
C HIS A 20 -3.20 -1.93 -8.10
N ILE A 21 -3.81 -2.63 -9.02
CA ILE A 21 -4.15 -4.03 -8.75
C ILE A 21 -2.89 -4.87 -8.55
N ARG A 22 -1.82 -4.52 -9.22
CA ARG A 22 -0.59 -5.30 -9.04
C ARG A 22 -0.07 -5.18 -7.62
N THR A 23 -0.45 -4.13 -6.95
CA THR A 23 0.02 -3.96 -5.55
C THR A 23 -0.56 -5.03 -4.62
N HIS A 24 -1.76 -5.46 -4.92
CA HIS A 24 -2.38 -6.50 -4.06
C HIS A 24 -1.67 -7.85 -4.22
N THR A 25 -0.50 -7.82 -4.81
CA THR A 25 0.25 -9.09 -5.00
C THR A 25 1.26 -9.28 -3.89
N ASP A 26 2.51 -9.10 -4.23
CA ASP A 26 3.58 -9.26 -3.22
C ASP A 26 4.72 -8.33 -3.55
N VAL A 27 4.38 -7.25 -4.19
CA VAL A 27 5.39 -6.25 -4.58
C VAL A 27 5.37 -5.06 -3.62
N ARG A 28 5.31 -5.36 -2.36
CA ARG A 28 5.28 -4.29 -1.32
C ARG A 28 6.52 -4.40 -0.40
N PRO A 29 7.64 -3.81 -0.81
CA PRO A 29 8.87 -3.86 -0.01
C PRO A 29 8.70 -3.19 1.35
N TYR A 30 7.92 -2.14 1.40
CA TYR A 30 7.73 -1.45 2.70
C TYR A 30 7.06 -2.38 3.70
N HIS A 31 7.83 -3.29 4.25
CA HIS A 31 7.26 -4.25 5.24
C HIS A 31 7.39 -3.70 6.66
N CYS A 32 6.36 -3.86 7.45
CA CYS A 32 6.43 -3.37 8.85
C CYS A 32 7.55 -4.07 9.60
N THR A 33 8.18 -3.37 10.50
CA THR A 33 9.28 -4.00 11.28
C THR A 33 8.74 -4.88 12.40
N TYR A 34 7.46 -5.18 12.32
CA TYR A 34 6.83 -6.04 13.37
C TYR A 34 5.87 -7.04 12.73
N CYS A 35 4.79 -6.53 12.21
CA CYS A 35 3.80 -7.43 11.57
C CYS A 35 4.37 -8.07 10.31
N ASN A 36 3.48 -8.53 9.48
CA ASN A 36 3.89 -9.17 8.21
C ASN A 36 3.28 -8.44 7.03
N PHE A 37 2.56 -7.39 7.33
CA PHE A 37 1.92 -6.61 6.25
C PHE A 37 2.91 -5.65 5.62
N SER A 38 2.60 -5.19 4.46
CA SER A 38 3.51 -4.26 3.77
C SER A 38 2.75 -3.36 2.81
N PHE A 39 3.45 -2.37 2.30
CA PHE A 39 2.81 -1.44 1.34
C PHE A 39 3.71 -1.16 0.14
N LYS A 40 3.15 -0.55 -0.86
CA LYS A 40 3.94 -0.24 -2.07
C LYS A 40 4.59 1.13 -1.96
N THR A 41 4.00 1.97 -1.11
CA THR A 41 4.55 3.33 -0.93
C THR A 41 4.88 3.62 0.52
N LYS A 42 5.73 4.58 0.73
CA LYS A 42 6.11 4.94 2.11
C LYS A 42 4.97 5.64 2.81
N GLY A 43 4.07 6.20 2.04
CA GLY A 43 2.92 6.91 2.64
C GLY A 43 2.12 5.96 3.54
N ASN A 44 1.41 5.06 2.91
CA ASN A 44 0.61 4.08 3.69
C ASN A 44 1.42 3.52 4.85
N LEU A 45 2.65 3.15 4.57
CA LEU A 45 3.50 2.59 5.65
C LEU A 45 3.46 3.51 6.86
N THR A 46 3.60 4.78 6.63
CA THR A 46 3.58 5.74 7.76
C THR A 46 2.25 5.65 8.50
N LYS A 47 1.19 5.51 7.76
CA LYS A 47 -0.15 5.43 8.42
C LYS A 47 -0.23 4.21 9.32
N HIS A 48 0.47 3.17 8.96
CA HIS A 48 0.44 1.93 9.79
C HIS A 48 1.23 2.15 11.09
N MET A 49 2.35 2.80 10.98
CA MET A 49 3.16 3.05 12.19
C MET A 49 2.49 4.07 13.09
N LYS A 50 1.80 5.00 12.49
CA LYS A 50 1.10 6.03 13.29
C LYS A 50 0.32 5.40 14.42
N SER A 51 -0.53 4.46 14.09
CA SER A 51 -1.33 3.79 15.14
C SER A 51 -0.45 3.40 16.32
N LYS A 52 -1.02 3.45 17.49
CA LYS A 52 -0.22 3.08 18.69
C LYS A 52 0.01 1.57 18.75
N ALA A 53 -0.21 0.92 17.63
CA ALA A 53 0.00 -0.55 17.61
C ALA A 53 1.40 -0.91 18.11
N HIS A 54 2.40 -0.50 17.38
CA HIS A 54 3.78 -0.80 17.80
C HIS A 54 4.79 0.01 17.02
N SER A 55 5.22 1.09 17.59
CA SER A 55 6.22 1.95 16.89
C SER A 55 7.15 2.62 17.89
N LYS A 56 6.86 3.85 18.23
CA LYS A 56 7.73 4.56 19.19
C LYS A 56 7.24 4.36 20.61
N LYS A 57 6.70 5.40 21.19
CA LYS A 57 6.20 5.28 22.58
C LYS A 57 5.09 4.23 22.68
ZN ZN B . -7.07 -2.11 -4.36
ZN ZN C . 2.97 -3.45 12.16
N LYS A 1 -13.87 -0.91 -17.24
CA LYS A 1 -14.00 -0.69 -15.78
C LYS A 1 -12.62 -0.70 -15.12
N TYR A 2 -12.45 0.14 -14.14
CA TYR A 2 -11.15 0.19 -13.44
C TYR A 2 -11.33 0.49 -11.96
N ILE A 3 -12.28 -0.18 -11.36
CA ILE A 3 -12.54 0.03 -9.91
C ILE A 3 -12.07 -1.18 -9.11
N CYS A 4 -10.97 -1.03 -8.41
CA CYS A 4 -10.48 -2.18 -7.62
C CYS A 4 -11.59 -2.75 -6.75
N GLU A 5 -11.84 -4.01 -6.93
CA GLU A 5 -12.91 -4.66 -6.13
C GLU A 5 -12.56 -4.71 -4.64
N GLU A 6 -11.31 -4.49 -4.31
CA GLU A 6 -10.91 -4.52 -2.89
C GLU A 6 -10.97 -3.13 -2.26
N CYS A 7 -10.06 -2.28 -2.67
CA CYS A 7 -10.04 -0.91 -2.10
C CYS A 7 -11.15 -0.05 -2.68
N GLY A 8 -11.32 -0.13 -3.98
CA GLY A 8 -12.39 0.68 -4.64
C GLY A 8 -11.75 1.87 -5.37
N ILE A 9 -10.46 1.81 -5.56
CA ILE A 9 -9.79 2.93 -6.26
C ILE A 9 -10.40 3.15 -7.64
N ARG A 10 -10.81 4.36 -7.91
CA ARG A 10 -11.42 4.65 -9.23
C ARG A 10 -10.42 5.30 -10.18
N ABA A 11 -9.83 4.50 -11.04
CA ABA A 11 -8.84 5.05 -12.00
C ABA A 11 -9.31 4.80 -13.43
O ABA A 11 -8.95 3.82 -14.05
CB ABA A 11 -7.49 4.33 -11.80
CG ABA A 11 -7.05 4.42 -10.34
H2 ABA A 11 -10.05 3.55 -11.05
HA ABA A 11 -8.73 6.12 -11.85
HB3 ABA A 11 -7.59 3.29 -12.09
HB2 ABA A 11 -6.75 4.79 -12.44
HG1 ABA A 11 -6.31 3.66 -10.13
HG3 ABA A 11 -6.61 5.39 -10.16
HG2 ABA A 11 -7.89 4.29 -9.69
N LYS A 12 -10.10 5.70 -13.93
CA LYS A 12 -10.62 5.56 -15.31
C LYS A 12 -9.54 5.11 -16.30
N LYS A 13 -8.29 5.32 -15.94
CA LYS A 13 -7.20 4.90 -16.88
C LYS A 13 -6.57 3.55 -16.44
N PRO A 14 -6.18 2.70 -17.42
CA PRO A 14 -5.58 1.39 -17.10
C PRO A 14 -4.25 1.56 -16.36
N SER A 15 -3.26 2.08 -17.06
CA SER A 15 -1.92 2.30 -16.44
C SER A 15 -2.03 2.54 -14.94
N MET A 16 -2.89 3.45 -14.57
CA MET A 16 -3.05 3.75 -13.13
C MET A 16 -3.60 2.52 -12.39
N LEU A 17 -4.63 1.94 -12.93
CA LEU A 17 -5.22 0.74 -12.28
C LEU A 17 -4.26 -0.44 -12.42
N LYS A 18 -3.95 -0.77 -13.65
CA LYS A 18 -3.02 -1.90 -13.91
C LYS A 18 -1.95 -2.01 -12.83
N LYS A 19 -1.39 -0.88 -12.47
CA LYS A 19 -0.36 -0.92 -11.42
C LYS A 19 -1.00 -1.12 -10.05
N HIS A 20 -2.10 -0.45 -9.84
CA HIS A 20 -2.78 -0.58 -8.54
C HIS A 20 -3.11 -2.03 -8.26
N ILE A 21 -3.79 -2.65 -9.18
CA ILE A 21 -4.14 -4.08 -8.99
C ILE A 21 -2.88 -4.91 -8.79
N ARG A 22 -1.81 -4.52 -9.44
CA ARG A 22 -0.56 -5.31 -9.28
C ARG A 22 -0.01 -5.16 -7.87
N THR A 23 -0.43 -4.14 -7.18
CA THR A 23 0.07 -3.94 -5.79
C THR A 23 -0.48 -5.01 -4.85
N HIS A 24 -1.64 -5.51 -5.15
CA HIS A 24 -2.23 -6.55 -4.26
C HIS A 24 -1.49 -7.87 -4.45
N THR A 25 -0.34 -7.80 -5.08
CA THR A 25 0.44 -9.03 -5.31
C THR A 25 1.35 -9.31 -4.13
N ASP A 26 2.61 -9.08 -4.34
CA ASP A 26 3.58 -9.32 -3.26
C ASP A 26 4.68 -8.28 -3.33
N VAL A 27 4.33 -7.16 -3.88
CA VAL A 27 5.30 -6.05 -4.02
C VAL A 27 5.15 -5.04 -2.88
N ARG A 28 4.98 -5.56 -1.71
CA ARG A 28 4.82 -4.70 -0.50
C ARG A 28 6.00 -4.93 0.48
N PRO A 29 7.10 -4.21 0.31
CA PRO A 29 8.26 -4.37 1.20
C PRO A 29 7.97 -3.98 2.66
N TYR A 30 7.09 -3.05 2.85
CA TYR A 30 6.77 -2.63 4.24
C TYR A 30 5.95 -3.71 4.96
N HIS A 31 6.50 -4.25 6.03
CA HIS A 31 5.78 -5.31 6.79
C HIS A 31 5.65 -4.96 8.27
N CYS A 32 4.52 -5.27 8.86
CA CYS A 32 4.36 -4.94 10.31
C CYS A 32 5.32 -5.77 11.15
N THR A 33 5.72 -5.24 12.27
CA THR A 33 6.65 -5.99 13.15
C THR A 33 5.90 -7.07 13.93
N TYR A 34 4.67 -7.29 13.54
CA TYR A 34 3.85 -8.33 14.23
C TYR A 34 2.98 -9.06 13.23
N CYS A 35 2.03 -8.37 12.67
CA CYS A 35 1.11 -9.02 11.69
C CYS A 35 1.88 -9.46 10.45
N ASN A 36 1.22 -10.24 9.65
CA ASN A 36 1.87 -10.74 8.41
C ASN A 36 1.42 -9.86 7.25
N PHE A 37 0.78 -8.77 7.59
CA PHE A 37 0.29 -7.84 6.55
C PHE A 37 1.42 -6.98 6.02
N SER A 38 1.29 -6.54 4.80
CA SER A 38 2.34 -5.69 4.21
C SER A 38 1.74 -4.54 3.43
N PHE A 39 2.44 -3.43 3.42
CA PHE A 39 1.95 -2.23 2.69
C PHE A 39 2.89 -1.85 1.56
N LYS A 40 2.37 -1.12 0.62
CA LYS A 40 3.19 -0.69 -0.54
C LYS A 40 3.87 0.65 -0.25
N THR A 41 3.38 1.37 0.73
CA THR A 41 4.00 2.68 1.07
C THR A 41 4.21 2.82 2.57
N LYS A 42 5.14 3.67 2.92
CA LYS A 42 5.44 3.88 4.36
C LYS A 42 4.29 4.61 5.05
N GLY A 43 3.55 5.37 4.29
CA GLY A 43 2.41 6.11 4.89
C GLY A 43 1.50 5.15 5.64
N ASN A 44 0.94 4.21 4.92
CA ASN A 44 0.05 3.23 5.57
C ASN A 44 0.73 2.56 6.76
N LEU A 45 1.97 2.18 6.57
CA LEU A 45 2.70 1.52 7.67
C LEU A 45 2.60 2.35 8.94
N THR A 46 2.96 3.60 8.83
CA THR A 46 2.90 4.49 10.02
C THR A 46 1.49 4.53 10.59
N LYS A 47 0.51 4.47 9.72
CA LYS A 47 -0.90 4.50 10.21
C LYS A 47 -1.25 3.22 10.97
N HIS A 48 -0.72 2.11 10.51
CA HIS A 48 -1.02 0.83 11.21
C HIS A 48 -0.31 0.78 12.56
N MET A 49 0.83 1.40 12.63
CA MET A 49 1.58 1.41 13.90
C MET A 49 1.10 2.52 14.82
N LYS A 50 0.50 3.53 14.23
CA LYS A 50 0.01 4.67 15.05
C LYS A 50 -1.04 4.18 16.06
N SER A 51 -1.91 3.32 15.59
CA SER A 51 -2.96 2.80 16.51
C SER A 51 -2.34 2.02 17.65
N LYS A 52 -3.12 1.73 18.65
CA LYS A 52 -2.60 0.96 19.81
C LYS A 52 -2.72 -0.54 19.58
N ALA A 53 -2.82 -0.93 18.33
CA ALA A 53 -2.93 -2.37 18.02
C ALA A 53 -1.95 -3.18 18.86
N HIS A 54 -0.72 -3.20 18.43
CA HIS A 54 0.30 -3.96 19.18
C HIS A 54 1.67 -3.30 19.08
N SER A 55 1.93 -2.43 20.01
CA SER A 55 3.24 -1.72 20.01
C SER A 55 3.78 -1.61 21.44
N LYS A 56 4.13 -2.74 22.00
CA LYS A 56 4.67 -2.73 23.38
C LYS A 56 6.11 -2.25 23.41
N LYS A 57 6.31 -1.06 22.93
CA LYS A 57 7.69 -0.50 22.91
C LYS A 57 7.65 1.03 22.90
ZN ZN B . -6.93 -2.20 -4.43
ZN ZN C . 0.40 -5.19 12.99
N LYS A 1 -14.02 -1.55 -17.18
CA LYS A 1 -14.01 -0.62 -16.03
C LYS A 1 -12.63 -0.64 -15.36
N TYR A 2 -12.49 0.16 -14.33
CA TYR A 2 -11.18 0.21 -13.63
C TYR A 2 -11.37 0.54 -12.15
N ILE A 3 -12.28 -0.17 -11.52
CA ILE A 3 -12.54 0.08 -10.07
C ILE A 3 -12.17 -1.15 -9.25
N CYS A 4 -11.11 -1.04 -8.47
CA CYS A 4 -10.72 -2.22 -7.66
C CYS A 4 -11.88 -2.69 -6.81
N GLU A 5 -12.35 -3.86 -7.11
CA GLU A 5 -13.48 -4.42 -6.34
C GLU A 5 -13.13 -4.59 -4.86
N GLU A 6 -11.86 -4.56 -4.56
CA GLU A 6 -11.45 -4.72 -3.15
C GLU A 6 -11.42 -3.38 -2.43
N CYS A 7 -10.51 -2.52 -2.82
CA CYS A 7 -10.42 -1.19 -2.16
C CYS A 7 -11.51 -0.27 -2.69
N GLY A 8 -11.58 -0.19 -3.99
CA GLY A 8 -12.60 0.69 -4.63
C GLY A 8 -11.91 1.87 -5.34
N ILE A 9 -10.61 1.74 -5.51
CA ILE A 9 -9.87 2.83 -6.19
C ILE A 9 -10.46 3.09 -7.57
N ARG A 10 -10.79 4.34 -7.83
CA ARG A 10 -11.37 4.66 -9.16
C ARG A 10 -10.32 5.32 -10.06
N ABA A 11 -9.83 4.56 -11.02
CA ABA A 11 -8.81 5.12 -11.94
C ABA A 11 -9.27 4.97 -13.39
O ABA A 11 -9.21 3.91 -13.96
CB ABA A 11 -7.50 4.33 -11.78
CG ABA A 11 -7.09 4.32 -10.30
H2 ABA A 11 -10.13 3.63 -11.11
HA ABA A 11 -8.65 6.17 -11.73
HB3 ABA A 11 -7.64 3.32 -12.12
HB2 ABA A 11 -6.73 4.79 -12.36
HG1 ABA A 11 -7.92 4.00 -9.70
HG3 ABA A 11 -6.26 3.63 -10.16
HG2 ABA A 11 -6.79 5.31 -10.00
N LYS A 12 -9.71 6.06 -13.95
CA LYS A 12 -10.19 6.03 -15.36
C LYS A 12 -9.08 5.66 -16.35
N LYS A 13 -7.95 5.22 -15.83
CA LYS A 13 -6.82 4.85 -16.75
C LYS A 13 -6.22 3.46 -16.36
N PRO A 14 -5.82 2.66 -17.36
CA PRO A 14 -5.23 1.34 -17.08
C PRO A 14 -3.95 1.45 -16.26
N SER A 15 -2.91 1.97 -16.88
CA SER A 15 -1.61 2.12 -16.17
C SER A 15 -1.81 2.39 -14.68
N MET A 16 -2.77 3.21 -14.37
CA MET A 16 -3.02 3.53 -12.95
C MET A 16 -3.63 2.32 -12.24
N LEU A 17 -4.74 1.85 -12.74
CA LEU A 17 -5.38 0.68 -12.10
C LEU A 17 -4.42 -0.51 -12.21
N LYS A 18 -4.07 -0.82 -13.43
CA LYS A 18 -3.14 -1.95 -13.70
C LYS A 18 -2.08 -2.05 -12.59
N LYS A 19 -1.48 -0.95 -12.28
CA LYS A 19 -0.45 -0.99 -11.23
C LYS A 19 -1.09 -1.22 -9.87
N HIS A 20 -2.20 -0.56 -9.65
CA HIS A 20 -2.90 -0.72 -8.36
C HIS A 20 -3.26 -2.17 -8.11
N ILE A 21 -3.89 -2.79 -9.08
CA ILE A 21 -4.28 -4.21 -8.90
C ILE A 21 -3.05 -5.08 -8.63
N ARG A 22 -1.93 -4.68 -9.19
CA ARG A 22 -0.69 -5.48 -8.96
C ARG A 22 -0.16 -5.29 -7.55
N THR A 23 -0.56 -4.22 -6.92
CA THR A 23 -0.07 -3.99 -5.54
C THR A 23 -0.66 -5.01 -4.57
N HIS A 24 -1.75 -5.63 -4.95
CA HIS A 24 -2.37 -6.63 -4.04
C HIS A 24 -1.59 -7.95 -4.10
N THR A 25 -0.42 -7.88 -4.65
CA THR A 25 0.40 -9.10 -4.76
C THR A 25 1.44 -9.15 -3.65
N ASP A 26 2.66 -8.93 -4.01
CA ASP A 26 3.75 -8.93 -3.02
C ASP A 26 4.90 -8.10 -3.54
N VAL A 27 4.53 -7.11 -4.31
CA VAL A 27 5.56 -6.21 -4.89
C VAL A 27 5.71 -4.93 -4.05
N ARG A 28 5.78 -5.09 -2.76
CA ARG A 28 5.93 -3.92 -1.85
C ARG A 28 7.29 -3.98 -1.11
N PRO A 29 8.34 -3.41 -1.70
CA PRO A 29 9.67 -3.43 -1.06
C PRO A 29 9.72 -2.61 0.23
N TYR A 30 8.99 -1.51 0.26
CA TYR A 30 8.99 -0.68 1.50
C TYR A 30 8.39 -1.44 2.68
N HIS A 31 9.23 -1.98 3.52
CA HIS A 31 8.72 -2.74 4.70
C HIS A 31 8.98 -1.98 6.00
N CYS A 32 8.00 -1.97 6.88
CA CYS A 32 8.18 -1.25 8.16
C CYS A 32 9.37 -1.81 8.92
N THR A 33 9.94 -1.00 9.78
CA THR A 33 11.12 -1.48 10.55
C THR A 33 10.66 -2.24 11.79
N TYR A 34 9.42 -2.66 11.76
CA TYR A 34 8.88 -3.41 12.93
C TYR A 34 7.80 -4.40 12.47
N CYS A 35 6.70 -3.87 12.03
CA CYS A 35 5.59 -4.75 11.56
C CYS A 35 6.03 -5.60 10.38
N ASN A 36 5.08 -6.31 9.84
CA ASN A 36 5.37 -7.19 8.68
C ASN A 36 4.65 -6.64 7.46
N PHE A 37 4.07 -5.48 7.63
CA PHE A 37 3.34 -4.85 6.51
C PHE A 37 4.30 -4.12 5.58
N SER A 38 3.86 -3.89 4.37
CA SER A 38 4.74 -3.20 3.41
C SER A 38 3.93 -2.29 2.51
N PHE A 39 4.62 -1.44 1.79
CA PHE A 39 3.94 -0.51 0.87
C PHE A 39 4.61 -0.47 -0.51
N LYS A 40 3.87 -0.06 -1.49
CA LYS A 40 4.44 0.00 -2.87
C LYS A 40 5.13 1.35 -3.10
N THR A 41 4.84 2.30 -2.25
CA THR A 41 5.48 3.63 -2.42
C THR A 41 6.00 4.18 -1.09
N LYS A 42 6.95 5.06 -1.19
CA LYS A 42 7.53 5.65 0.03
C LYS A 42 6.50 6.53 0.73
N GLY A 43 5.48 6.91 0.00
CA GLY A 43 4.43 7.77 0.60
C GLY A 43 3.74 7.06 1.75
N ASN A 44 2.86 6.15 1.42
CA ASN A 44 2.14 5.41 2.48
C ASN A 44 3.10 4.96 3.58
N LEU A 45 4.31 4.66 3.19
CA LEU A 45 5.30 4.22 4.20
C LEU A 45 5.56 5.35 5.20
N THR A 46 5.80 6.52 4.69
CA THR A 46 6.07 7.66 5.59
C THR A 46 4.88 7.89 6.52
N LYS A 47 3.69 7.64 6.02
CA LYS A 47 2.50 7.83 6.87
C LYS A 47 2.49 6.84 8.02
N HIS A 48 2.82 5.61 7.74
CA HIS A 48 2.83 4.60 8.84
C HIS A 48 3.81 5.01 9.93
N MET A 49 4.90 5.61 9.53
CA MET A 49 5.90 6.04 10.53
C MET A 49 5.41 7.26 11.29
N LYS A 50 4.68 8.09 10.60
CA LYS A 50 4.14 9.32 11.25
C LYS A 50 3.53 8.98 12.61
N SER A 51 2.54 8.14 12.59
CA SER A 51 1.89 7.75 13.87
C SER A 51 2.93 7.35 14.91
N LYS A 52 2.58 7.52 16.16
CA LYS A 52 3.53 7.15 17.23
C LYS A 52 3.57 5.64 17.42
N ALA A 53 3.20 4.93 16.38
CA ALA A 53 3.21 3.45 16.47
C ALA A 53 4.49 2.95 17.13
N HIS A 54 5.55 2.88 16.36
CA HIS A 54 6.83 2.41 16.94
C HIS A 54 8.02 2.91 16.13
N SER A 55 8.56 4.02 16.54
CA SER A 55 9.72 4.59 15.82
C SER A 55 10.61 5.38 16.78
N LYS A 56 11.34 4.67 17.61
CA LYS A 56 12.23 5.37 18.56
C LYS A 56 13.48 5.89 17.86
N LYS A 57 13.29 6.51 16.73
CA LYS A 57 14.46 7.04 15.99
C LYS A 57 15.29 7.96 16.87
ZN ZN B . -7.18 -2.44 -4.43
ZN ZN C . 5.12 -0.69 11.81
N LYS A 1 -14.57 0.63 -15.96
CA LYS A 1 -14.65 -0.49 -14.99
C LYS A 1 -13.33 -0.62 -14.24
N TYR A 2 -12.69 0.49 -14.00
CA TYR A 2 -11.40 0.44 -13.26
C TYR A 2 -11.61 0.66 -11.77
N ILE A 3 -12.59 -0.02 -11.23
CA ILE A 3 -12.87 0.11 -9.78
C ILE A 3 -12.37 -1.12 -9.03
N CYS A 4 -11.21 -1.02 -8.42
CA CYS A 4 -10.70 -2.21 -7.68
C CYS A 4 -11.78 -2.76 -6.76
N GLU A 5 -12.21 -3.95 -7.06
CA GLU A 5 -13.26 -4.58 -6.22
C GLU A 5 -12.84 -4.70 -4.75
N GLU A 6 -11.55 -4.68 -4.51
CA GLU A 6 -11.08 -4.80 -3.12
C GLU A 6 -11.13 -3.45 -2.41
N CYS A 7 -10.31 -2.54 -2.86
CA CYS A 7 -10.30 -1.19 -2.21
C CYS A 7 -11.42 -0.33 -2.75
N GLY A 8 -11.45 -0.20 -4.06
CA GLY A 8 -12.52 0.63 -4.70
C GLY A 8 -11.87 1.81 -5.42
N ILE A 9 -10.57 1.73 -5.61
CA ILE A 9 -9.87 2.84 -6.30
C ILE A 9 -10.46 3.08 -7.69
N ARG A 10 -10.83 4.31 -7.95
CA ARG A 10 -11.41 4.63 -9.27
C ARG A 10 -10.39 5.32 -10.16
N ABA A 11 -9.80 4.55 -11.04
CA ABA A 11 -8.78 5.13 -11.97
C ABA A 11 -9.26 5.03 -13.41
O ABA A 11 -9.20 3.98 -14.02
CB ABA A 11 -7.48 4.32 -11.82
CG ABA A 11 -7.01 4.37 -10.37
H2 ABA A 11 -10.03 3.60 -11.10
HA ABA A 11 -8.61 6.18 -11.72
HB3 ABA A 11 -7.66 3.30 -12.12
HB2 ABA A 11 -6.74 4.75 -12.47
HG1 ABA A 11 -7.84 4.17 -9.71
HG3 ABA A 11 -6.24 3.62 -10.22
HG2 ABA A 11 -6.60 5.35 -10.16
N LYS A 12 -9.70 6.13 -13.93
CA LYS A 12 -10.19 6.13 -15.33
C LYS A 12 -9.09 5.77 -16.33
N LYS A 13 -7.96 5.29 -15.84
CA LYS A 13 -6.85 4.92 -16.78
C LYS A 13 -6.28 3.52 -16.44
N PRO A 14 -5.93 2.72 -17.45
CA PRO A 14 -5.37 1.38 -17.22
C PRO A 14 -4.05 1.44 -16.47
N SER A 15 -3.06 2.04 -17.09
CA SER A 15 -1.74 2.13 -16.43
C SER A 15 -1.89 2.40 -14.93
N MET A 16 -2.87 3.19 -14.58
CA MET A 16 -3.06 3.49 -13.15
C MET A 16 -3.66 2.28 -12.44
N LEU A 17 -4.83 1.85 -12.88
CA LEU A 17 -5.45 0.68 -12.23
C LEU A 17 -4.49 -0.50 -12.35
N LYS A 18 -4.13 -0.78 -13.57
CA LYS A 18 -3.19 -1.91 -13.84
C LYS A 18 -2.13 -2.00 -12.75
N LYS A 19 -1.45 -0.92 -12.50
CA LYS A 19 -0.42 -0.96 -11.45
C LYS A 19 -1.05 -1.16 -10.07
N HIS A 20 -2.16 -0.51 -9.85
CA HIS A 20 -2.83 -0.65 -8.54
C HIS A 20 -3.18 -2.10 -8.24
N ILE A 21 -3.75 -2.78 -9.21
CA ILE A 21 -4.09 -4.19 -8.95
C ILE A 21 -2.85 -5.03 -8.67
N ARG A 22 -1.74 -4.65 -9.25
CA ARG A 22 -0.50 -5.43 -9.01
C ARG A 22 -0.05 -5.28 -7.57
N THR A 23 -0.36 -4.16 -6.97
CA THR A 23 0.06 -3.96 -5.56
C THR A 23 -0.54 -5.02 -4.64
N HIS A 24 -1.68 -5.56 -5.02
CA HIS A 24 -2.32 -6.60 -4.16
C HIS A 24 -1.57 -7.93 -4.29
N THR A 25 -0.35 -7.86 -4.74
CA THR A 25 0.44 -9.10 -4.90
C THR A 25 1.37 -9.26 -3.72
N ASP A 26 2.62 -8.99 -3.96
CA ASP A 26 3.63 -9.12 -2.88
C ASP A 26 4.83 -8.29 -3.24
N VAL A 27 4.56 -7.23 -3.95
CA VAL A 27 5.65 -6.32 -4.38
C VAL A 27 5.70 -5.05 -3.53
N ARG A 28 5.54 -5.22 -2.25
CA ARG A 28 5.57 -4.04 -1.33
C ARG A 28 6.72 -4.18 -0.31
N PRO A 29 7.93 -3.78 -0.71
CA PRO A 29 9.10 -3.88 0.19
C PRO A 29 9.00 -2.91 1.38
N TYR A 30 8.18 -1.89 1.24
CA TYR A 30 8.04 -0.93 2.37
C TYR A 30 7.10 -1.47 3.44
N HIS A 31 7.67 -2.15 4.40
CA HIS A 31 6.82 -2.72 5.51
C HIS A 31 6.95 -1.89 6.77
N CYS A 32 5.84 -1.56 7.38
CA CYS A 32 5.92 -0.75 8.61
C CYS A 32 6.82 -1.46 9.64
N THR A 33 7.46 -0.68 10.48
CA THR A 33 8.35 -1.30 11.49
C THR A 33 7.56 -1.73 12.73
N TYR A 34 6.27 -1.85 12.57
CA TYR A 34 5.41 -2.26 13.71
C TYR A 34 4.31 -3.19 13.22
N CYS A 35 3.42 -2.65 12.43
CA CYS A 35 2.32 -3.47 11.89
C CYS A 35 2.82 -4.54 10.94
N ASN A 36 1.94 -5.00 10.09
CA ASN A 36 2.31 -6.03 9.09
C ASN A 36 1.91 -5.57 7.70
N PHE A 37 1.44 -4.35 7.62
CA PHE A 37 1.02 -3.81 6.30
C PHE A 37 2.23 -3.35 5.51
N SER A 38 2.07 -3.23 4.22
CA SER A 38 3.20 -2.79 3.38
C SER A 38 2.72 -1.96 2.21
N PHE A 39 3.60 -1.13 1.69
CA PHE A 39 3.23 -0.26 0.54
C PHE A 39 4.21 -0.43 -0.61
N LYS A 40 3.77 -0.07 -1.78
CA LYS A 40 4.64 -0.18 -2.98
C LYS A 40 5.53 1.05 -3.11
N THR A 41 5.19 2.08 -2.39
CA THR A 41 6.00 3.33 -2.46
C THR A 41 6.38 3.84 -1.08
N LYS A 42 7.42 4.63 -1.05
CA LYS A 42 7.88 5.18 0.24
C LYS A 42 6.95 6.29 0.71
N GLY A 43 6.20 6.85 -0.22
CA GLY A 43 5.27 7.94 0.16
C GLY A 43 4.24 7.42 1.17
N ASN A 44 3.36 6.60 0.70
CA ASN A 44 2.32 6.05 1.62
C ASN A 44 2.95 5.57 2.91
N LEU A 45 4.09 4.94 2.80
CA LEU A 45 4.78 4.44 4.01
C LEU A 45 5.02 5.60 4.99
N THR A 46 5.61 6.65 4.48
CA THR A 46 5.88 7.82 5.34
C THR A 46 4.60 8.36 5.93
N LYS A 47 3.54 8.29 5.16
CA LYS A 47 2.24 8.81 5.66
C LYS A 47 1.72 7.96 6.81
N HIS A 48 1.94 6.67 6.72
CA HIS A 48 1.47 5.78 7.80
C HIS A 48 2.25 6.04 9.09
N MET A 49 3.48 6.44 8.95
CA MET A 49 4.30 6.71 10.14
C MET A 49 3.94 8.06 10.76
N LYS A 50 3.55 8.98 9.92
CA LYS A 50 3.18 10.32 10.44
C LYS A 50 1.96 10.23 11.36
N SER A 51 1.29 9.11 11.32
CA SER A 51 0.11 8.95 12.19
C SER A 51 0.52 8.74 13.64
N LYS A 52 -0.27 9.25 14.54
CA LYS A 52 0.06 9.09 15.98
C LYS A 52 0.10 7.63 16.37
N ALA A 53 -0.14 6.77 15.42
CA ALA A 53 -0.12 5.31 15.72
C ALA A 53 1.15 4.93 16.47
N HIS A 54 2.22 4.76 15.74
CA HIS A 54 3.49 4.39 16.41
C HIS A 54 4.69 4.81 15.58
N SER A 55 5.19 5.99 15.84
CA SER A 55 6.36 6.47 15.08
C SER A 55 7.17 7.48 15.89
N LYS A 56 7.42 7.14 17.13
CA LYS A 56 8.20 8.08 17.99
C LYS A 56 9.67 8.06 17.59
N LYS A 57 9.94 7.92 16.32
CA LYS A 57 11.33 7.89 15.86
C LYS A 57 12.09 9.13 16.35
ZN ZN B . -7.07 -2.34 -4.54
ZN ZN C . 2.35 0.62 11.55
N LYS A 1 -14.32 1.37 -16.61
CA LYS A 1 -14.29 0.16 -15.76
C LYS A 1 -12.92 0.02 -15.10
N TYR A 2 -12.75 0.67 -13.98
CA TYR A 2 -11.45 0.57 -13.28
C TYR A 2 -11.62 0.74 -11.77
N ILE A 3 -12.55 -0.01 -11.22
CA ILE A 3 -12.80 0.08 -9.76
C ILE A 3 -12.25 -1.16 -9.04
N CYS A 4 -11.10 -1.04 -8.44
CA CYS A 4 -10.55 -2.23 -7.74
C CYS A 4 -11.62 -2.89 -6.86
N GLU A 5 -11.90 -4.12 -7.13
CA GLU A 5 -12.92 -4.83 -6.33
C GLU A 5 -12.58 -4.86 -4.85
N GLU A 6 -11.33 -4.69 -4.53
CA GLU A 6 -10.93 -4.71 -3.10
C GLU A 6 -11.07 -3.33 -2.47
N CYS A 7 -10.22 -2.42 -2.88
CA CYS A 7 -10.27 -1.05 -2.31
C CYS A 7 -11.41 -0.24 -2.93
N GLY A 8 -11.46 -0.25 -4.23
CA GLY A 8 -12.53 0.50 -4.95
C GLY A 8 -11.91 1.73 -5.61
N ILE A 9 -10.61 1.73 -5.72
CA ILE A 9 -9.93 2.88 -6.35
C ILE A 9 -10.48 3.13 -7.75
N ARG A 10 -10.89 4.34 -7.99
CA ARG A 10 -11.43 4.68 -9.33
C ARG A 10 -10.40 5.38 -10.20
N ABA A 11 -9.79 4.62 -11.08
CA ABA A 11 -8.75 5.22 -11.98
C ABA A 11 -9.24 5.20 -13.42
O ABA A 11 -9.25 4.17 -14.06
CB ABA A 11 -7.47 4.38 -11.87
CG ABA A 11 -6.98 4.41 -10.42
H2 ABA A 11 -10.01 3.67 -11.16
HA ABA A 11 -8.57 6.26 -11.68
HB3 ABA A 11 -7.67 3.37 -12.18
HB2 ABA A 11 -6.71 4.81 -12.51
HG1 ABA A 11 -7.73 4.86 -9.79
HG3 ABA A 11 -6.79 3.39 -10.09
HG2 ABA A 11 -6.07 4.97 -10.35
N LYS A 12 -9.61 6.34 -13.91
CA LYS A 12 -10.10 6.42 -15.32
C LYS A 12 -9.03 5.99 -16.32
N LYS A 13 -7.94 5.44 -15.83
CA LYS A 13 -6.86 5.00 -16.75
C LYS A 13 -6.35 3.58 -16.38
N PRO A 14 -6.24 2.66 -17.37
CA PRO A 14 -5.77 1.30 -17.07
C PRO A 14 -4.34 1.33 -16.55
N SER A 15 -3.58 2.27 -17.00
CA SER A 15 -2.18 2.35 -16.54
C SER A 15 -2.13 2.41 -15.01
N MET A 16 -2.93 3.28 -14.46
CA MET A 16 -2.95 3.41 -12.99
C MET A 16 -3.64 2.21 -12.33
N LEU A 17 -4.76 1.80 -12.87
CA LEU A 17 -5.45 0.64 -12.26
C LEU A 17 -4.56 -0.60 -12.40
N LYS A 18 -4.19 -0.89 -13.61
CA LYS A 18 -3.33 -2.07 -13.86
C LYS A 18 -2.24 -2.19 -12.79
N LYS A 19 -1.52 -1.12 -12.57
CA LYS A 19 -0.46 -1.17 -11.54
C LYS A 19 -1.06 -1.29 -10.14
N HIS A 20 -2.16 -0.61 -9.93
CA HIS A 20 -2.80 -0.67 -8.60
C HIS A 20 -3.14 -2.10 -8.23
N ILE A 21 -3.70 -2.84 -9.15
CA ILE A 21 -4.05 -4.24 -8.83
C ILE A 21 -2.80 -5.07 -8.60
N ARG A 22 -1.73 -4.72 -9.25
CA ARG A 22 -0.48 -5.49 -9.06
C ARG A 22 0.06 -5.30 -7.65
N THR A 23 -0.30 -4.23 -7.02
CA THR A 23 0.20 -3.99 -5.64
C THR A 23 -0.41 -5.00 -4.65
N HIS A 24 -1.59 -5.48 -4.95
CA HIS A 24 -2.22 -6.46 -4.02
C HIS A 24 -1.49 -7.79 -4.08
N THR A 25 -0.36 -7.79 -4.73
CA THR A 25 0.41 -9.04 -4.84
C THR A 25 1.35 -9.18 -3.66
N ASP A 26 2.60 -9.02 -3.93
CA ASP A 26 3.60 -9.14 -2.85
C ASP A 26 4.77 -8.23 -3.19
N VAL A 27 4.45 -7.18 -3.88
CA VAL A 27 5.48 -6.21 -4.28
C VAL A 27 5.57 -5.03 -3.30
N ARG A 28 5.55 -5.35 -2.03
CA ARG A 28 5.63 -4.30 -0.98
C ARG A 28 6.91 -4.49 -0.15
N PRO A 29 8.04 -3.96 -0.60
CA PRO A 29 9.32 -4.09 0.12
C PRO A 29 9.28 -3.45 1.51
N TYR A 30 8.53 -2.40 1.65
CA TYR A 30 8.47 -1.73 2.97
C TYR A 30 7.69 -2.58 3.97
N HIS A 31 8.39 -3.18 4.90
CA HIS A 31 7.73 -4.04 5.92
C HIS A 31 7.95 -3.48 7.33
N CYS A 32 6.91 -3.47 8.14
CA CYS A 32 7.09 -2.93 9.51
C CYS A 32 8.14 -3.75 10.26
N THR A 33 8.88 -3.09 11.11
CA THR A 33 9.92 -3.83 11.87
C THR A 33 9.29 -4.64 13.00
N TYR A 34 7.99 -4.79 12.94
CA TYR A 34 7.29 -5.56 13.99
C TYR A 34 6.13 -6.36 13.38
N CYS A 35 5.09 -5.66 13.00
CA CYS A 35 3.93 -6.36 12.39
C CYS A 35 4.35 -7.19 11.19
N ASN A 36 3.37 -7.60 10.42
CA ASN A 36 3.65 -8.42 9.22
C ASN A 36 3.08 -7.72 7.99
N PHE A 37 2.61 -6.51 8.21
CA PHE A 37 2.03 -5.73 7.10
C PHE A 37 3.12 -5.06 6.27
N SER A 38 2.81 -4.77 5.05
CA SER A 38 3.81 -4.13 4.18
C SER A 38 3.17 -3.08 3.29
N PHE A 39 3.96 -2.10 2.91
CA PHE A 39 3.42 -1.01 2.04
C PHE A 39 4.23 -0.92 0.76
N LYS A 40 3.62 -0.37 -0.25
CA LYS A 40 4.32 -0.23 -1.56
C LYS A 40 5.17 1.04 -1.58
N THR A 41 4.89 1.94 -0.67
CA THR A 41 5.66 3.20 -0.61
C THR A 41 6.23 3.45 0.77
N LYS A 42 7.26 4.24 0.84
CA LYS A 42 7.88 4.54 2.13
C LYS A 42 7.06 5.57 2.90
N GLY A 43 6.23 6.29 2.19
CA GLY A 43 5.38 7.30 2.87
C GLY A 43 4.47 6.63 3.89
N ASN A 44 3.66 5.73 3.42
CA ASN A 44 2.75 5.02 4.34
C ASN A 44 3.51 4.43 5.52
N LEU A 45 4.74 4.09 5.28
CA LEU A 45 5.56 3.50 6.37
C LEU A 45 5.64 4.49 7.52
N THR A 46 6.20 5.64 7.25
CA THR A 46 6.32 6.66 8.31
C THR A 46 4.97 6.86 9.00
N LYS A 47 3.93 6.72 8.24
CA LYS A 47 2.58 6.90 8.83
C LYS A 47 2.33 5.85 9.89
N HIS A 48 2.70 4.64 9.61
CA HIS A 48 2.50 3.55 10.61
C HIS A 48 3.43 3.74 11.80
N MET A 49 4.45 4.54 11.62
CA MET A 49 5.39 4.77 12.74
C MET A 49 4.93 5.94 13.60
N LYS A 50 4.36 6.93 12.96
CA LYS A 50 3.88 8.11 13.73
C LYS A 50 3.15 7.66 14.99
N SER A 51 2.24 6.73 14.82
CA SER A 51 1.49 6.24 15.99
C SER A 51 2.43 5.61 17.00
N LYS A 52 2.16 5.82 18.25
CA LYS A 52 3.03 5.24 19.29
C LYS A 52 2.83 3.72 19.40
N ALA A 53 2.55 3.11 18.28
CA ALA A 53 2.32 1.65 18.30
C ALA A 53 3.55 0.93 18.87
N HIS A 54 4.49 0.64 18.02
CA HIS A 54 5.70 -0.06 18.51
C HIS A 54 6.94 0.33 17.71
N SER A 55 7.38 1.55 17.90
CA SER A 55 8.58 2.04 17.15
C SER A 55 9.74 2.27 18.12
N LYS A 56 9.72 3.38 18.78
CA LYS A 56 10.82 3.69 19.75
C LYS A 56 10.26 4.37 20.99
N LYS A 57 10.63 5.60 21.18
CA LYS A 57 10.15 6.33 22.36
C LYS A 57 8.66 6.67 22.23
ZN ZN B . -7.02 -2.23 -4.52
ZN ZN C . 3.88 -2.34 13.04
N LYS A 1 -14.90 0.75 -15.50
CA LYS A 1 -14.31 -0.62 -15.54
C LYS A 1 -13.07 -0.68 -14.68
N TYR A 2 -12.40 0.42 -14.54
CA TYR A 2 -11.18 0.44 -13.70
C TYR A 2 -11.50 0.73 -12.24
N ILE A 3 -12.11 -0.24 -11.59
CA ILE A 3 -12.47 -0.05 -10.16
C ILE A 3 -12.02 -1.26 -9.35
N CYS A 4 -11.01 -1.08 -8.55
CA CYS A 4 -10.54 -2.22 -7.73
C CYS A 4 -11.69 -2.90 -6.99
N GLU A 5 -11.76 -4.19 -7.11
CA GLU A 5 -12.84 -4.93 -6.44
C GLU A 5 -12.67 -4.91 -4.93
N GLU A 6 -11.50 -4.55 -4.46
CA GLU A 6 -11.27 -4.50 -3.00
C GLU A 6 -11.39 -3.09 -2.43
N CYS A 7 -10.41 -2.28 -2.71
CA CYS A 7 -10.45 -0.88 -2.19
C CYS A 7 -11.48 -0.03 -2.93
N GLY A 8 -11.70 -0.33 -4.18
CA GLY A 8 -12.70 0.48 -4.94
C GLY A 8 -11.99 1.68 -5.58
N ILE A 9 -10.68 1.64 -5.60
CA ILE A 9 -9.93 2.76 -6.20
C ILE A 9 -10.49 3.12 -7.58
N ARG A 10 -10.64 4.39 -7.82
CA ARG A 10 -11.17 4.83 -9.13
C ARG A 10 -10.05 5.34 -10.03
N ABA A 11 -9.60 4.48 -10.92
CA ABA A 11 -8.51 4.87 -11.84
C ABA A 11 -8.93 4.67 -13.29
O ABA A 11 -8.52 3.73 -13.93
CB ABA A 11 -7.30 3.98 -11.54
CG ABA A 11 -6.62 4.49 -10.26
H2 ABA A 11 -10.00 3.58 -10.97
HA ABA A 11 -8.26 5.92 -11.69
HB3 ABA A 11 -7.63 2.97 -11.40
HB2 ABA A 11 -6.61 4.01 -12.36
HG1 ABA A 11 -7.31 4.43 -9.44
HG3 ABA A 11 -5.75 3.88 -10.04
HG2 ABA A 11 -6.31 5.51 -10.40
N LYS A 12 -9.75 5.57 -13.75
CA LYS A 12 -10.24 5.48 -15.16
C LYS A 12 -9.13 5.05 -16.12
N LYS A 13 -7.89 5.30 -15.77
CA LYS A 13 -6.78 4.91 -16.68
C LYS A 13 -6.21 3.52 -16.29
N PRO A 14 -5.74 2.74 -17.28
CA PRO A 14 -5.18 1.41 -17.01
C PRO A 14 -3.91 1.51 -16.18
N SER A 15 -2.89 2.13 -16.73
CA SER A 15 -1.61 2.27 -15.99
C SER A 15 -1.85 2.51 -14.50
N MET A 16 -2.75 3.41 -14.20
CA MET A 16 -3.03 3.70 -12.78
C MET A 16 -3.67 2.49 -12.09
N LEU A 17 -4.67 1.92 -12.71
CA LEU A 17 -5.32 0.73 -12.09
C LEU A 17 -4.41 -0.48 -12.21
N LYS A 18 -4.08 -0.85 -13.43
CA LYS A 18 -3.19 -2.02 -13.65
C LYS A 18 -2.14 -2.14 -12.55
N LYS A 19 -1.51 -1.04 -12.22
CA LYS A 19 -0.49 -1.10 -11.16
C LYS A 19 -1.15 -1.30 -9.80
N HIS A 20 -2.24 -0.59 -9.59
CA HIS A 20 -2.95 -0.72 -8.30
C HIS A 20 -3.36 -2.16 -8.03
N ILE A 21 -3.98 -2.76 -9.01
CA ILE A 21 -4.41 -4.17 -8.80
C ILE A 21 -3.20 -5.06 -8.51
N ARG A 22 -2.07 -4.71 -9.08
CA ARG A 22 -0.85 -5.52 -8.84
C ARG A 22 -0.30 -5.24 -7.46
N THR A 23 -0.73 -4.18 -6.85
CA THR A 23 -0.22 -3.87 -5.50
C THR A 23 -0.83 -4.81 -4.45
N HIS A 24 -1.88 -5.50 -4.84
CA HIS A 24 -2.51 -6.44 -3.88
C HIS A 24 -1.77 -7.77 -3.86
N THR A 25 -0.66 -7.82 -4.54
CA THR A 25 0.12 -9.07 -4.58
C THR A 25 1.21 -9.06 -3.53
N ASP A 26 2.40 -8.84 -3.98
CA ASP A 26 3.55 -8.81 -3.04
C ASP A 26 4.68 -8.05 -3.70
N VAL A 27 4.29 -7.12 -4.53
CA VAL A 27 5.30 -6.30 -5.23
C VAL A 27 5.53 -4.97 -4.52
N ARG A 28 5.66 -5.04 -3.23
CA ARG A 28 5.90 -3.80 -2.41
C ARG A 28 7.28 -3.88 -1.72
N PRO A 29 8.34 -3.47 -2.41
CA PRO A 29 9.70 -3.52 -1.84
C PRO A 29 9.87 -2.58 -0.63
N TYR A 30 8.97 -1.65 -0.47
CA TYR A 30 9.09 -0.73 0.70
C TYR A 30 8.44 -1.33 1.94
N HIS A 31 9.23 -2.06 2.72
CA HIS A 31 8.67 -2.69 3.96
C HIS A 31 9.10 -1.92 5.21
N CYS A 32 8.21 -1.80 6.16
CA CYS A 32 8.58 -1.07 7.40
C CYS A 32 9.65 -1.84 8.16
N THR A 33 10.45 -1.13 8.90
CA THR A 33 11.52 -1.82 9.67
C THR A 33 10.97 -2.39 10.98
N TYR A 34 9.67 -2.43 11.07
CA TYR A 34 9.03 -2.97 12.29
C TYR A 34 7.81 -3.81 11.94
N CYS A 35 6.85 -3.18 11.32
CA CYS A 35 5.62 -3.92 10.92
C CYS A 35 5.88 -4.84 9.75
N ASN A 36 4.83 -5.51 9.34
CA ASN A 36 4.95 -6.45 8.21
C ASN A 36 4.25 -5.86 7.00
N PHE A 37 3.85 -4.62 7.12
CA PHE A 37 3.17 -3.95 6.01
C PHE A 37 4.17 -3.35 5.05
N SER A 38 3.76 -3.17 3.82
CA SER A 38 4.68 -2.60 2.82
C SER A 38 3.94 -1.70 1.84
N PHE A 39 4.68 -0.97 1.07
CA PHE A 39 4.04 -0.07 0.09
C PHE A 39 4.71 -0.18 -1.28
N LYS A 40 3.97 0.16 -2.31
CA LYS A 40 4.53 0.07 -3.68
C LYS A 40 5.32 1.33 -4.00
N THR A 41 5.17 2.33 -3.18
CA THR A 41 5.89 3.61 -3.42
C THR A 41 6.61 4.10 -2.18
N LYS A 42 7.62 4.91 -2.39
CA LYS A 42 8.38 5.45 -1.25
C LYS A 42 7.60 6.56 -0.58
N GLY A 43 6.62 7.08 -1.27
CA GLY A 43 5.81 8.17 -0.67
C GLY A 43 5.08 7.66 0.56
N ASN A 44 4.19 6.73 0.34
CA ASN A 44 3.43 6.17 1.47
C ASN A 44 4.37 5.69 2.57
N LEU A 45 5.47 5.09 2.16
CA LEU A 45 6.45 4.61 3.15
C LEU A 45 6.82 5.73 4.12
N THR A 46 7.18 6.85 3.58
CA THR A 46 7.55 7.99 4.46
C THR A 46 6.37 8.40 5.32
N LYS A 47 5.19 8.26 4.78
CA LYS A 47 3.98 8.63 5.55
C LYS A 47 3.82 7.73 6.77
N HIS A 48 4.21 6.49 6.64
CA HIS A 48 4.08 5.56 7.79
C HIS A 48 5.20 5.80 8.80
N MET A 49 6.39 5.99 8.29
CA MET A 49 7.55 6.23 9.20
C MET A 49 7.38 7.55 9.95
N LYS A 50 6.78 8.51 9.28
CA LYS A 50 6.57 9.82 9.93
C LYS A 50 5.74 9.68 11.19
N SER A 51 4.72 8.86 11.12
CA SER A 51 3.85 8.67 12.30
C SER A 51 4.68 8.31 13.53
N LYS A 52 4.24 8.76 14.67
CA LYS A 52 5.00 8.46 15.91
C LYS A 52 4.85 7.00 16.29
N ALA A 53 4.37 6.21 15.36
CA ALA A 53 4.20 4.76 15.65
C ALA A 53 5.45 4.19 16.32
N HIS A 54 6.44 3.90 15.52
CA HIS A 54 7.68 3.34 16.09
C HIS A 54 8.91 3.78 15.29
N SER A 55 9.45 4.90 15.68
CA SER A 55 10.65 5.42 14.96
C SER A 55 11.40 6.40 15.83
N LYS A 56 11.97 5.92 16.90
CA LYS A 56 12.72 6.82 17.81
C LYS A 56 14.19 6.90 17.41
N LYS A 57 15.03 6.29 18.20
CA LYS A 57 16.48 6.31 17.90
C LYS A 57 16.75 5.78 16.50
ZN ZN B . -7.25 -2.21 -4.30
ZN ZN C . 5.67 0.22 11.02
N LYS A 1 -14.12 -2.41 -16.39
CA LYS A 1 -14.27 -1.33 -15.37
C LYS A 1 -13.01 -1.23 -14.51
N TYR A 2 -12.37 -0.11 -14.57
CA TYR A 2 -11.13 0.07 -13.76
C TYR A 2 -11.46 0.45 -12.32
N ILE A 3 -12.11 -0.45 -11.63
CA ILE A 3 -12.49 -0.17 -10.21
C ILE A 3 -12.08 -1.34 -9.32
N CYS A 4 -11.07 -1.13 -8.50
CA CYS A 4 -10.63 -2.23 -7.61
C CYS A 4 -11.79 -2.73 -6.76
N GLU A 5 -12.08 -3.99 -6.89
CA GLU A 5 -13.19 -4.57 -6.10
C GLU A 5 -12.84 -4.67 -4.61
N GLU A 6 -11.59 -4.46 -4.29
CA GLU A 6 -11.18 -4.55 -2.87
C GLU A 6 -11.26 -3.18 -2.19
N CYS A 7 -10.35 -2.31 -2.56
CA CYS A 7 -10.36 -0.96 -1.94
C CYS A 7 -11.48 -0.09 -2.51
N GLY A 8 -11.68 -0.21 -3.79
CA GLY A 8 -12.76 0.59 -4.44
C GLY A 8 -12.15 1.79 -5.18
N ILE A 9 -10.86 1.72 -5.42
CA ILE A 9 -10.20 2.83 -6.12
C ILE A 9 -10.76 2.99 -7.52
N ARG A 10 -10.82 4.21 -8.00
CA ARG A 10 -11.37 4.45 -9.36
C ARG A 10 -10.32 5.10 -10.25
N ABA A 11 -9.70 4.30 -11.08
CA ABA A 11 -8.65 4.83 -12.00
C ABA A 11 -9.04 4.56 -13.45
O ABA A 11 -8.69 3.55 -14.01
CB ABA A 11 -7.34 4.11 -11.69
CG ABA A 11 -6.68 4.76 -10.48
H2 ABA A 11 -9.92 3.35 -11.09
HA ABA A 11 -8.55 5.90 -11.85
HB3 ABA A 11 -7.54 3.08 -11.49
HB2 ABA A 11 -6.69 4.18 -12.55
HG1 ABA A 11 -7.38 4.80 -9.66
HG3 ABA A 11 -5.82 4.17 -10.18
HG2 ABA A 11 -6.36 5.76 -10.73
N LYS A 12 -9.76 5.50 -14.03
CA LYS A 12 -10.18 5.32 -15.44
C LYS A 12 -9.02 4.94 -16.36
N LYS A 13 -7.82 5.26 -15.96
CA LYS A 13 -6.66 4.89 -16.83
C LYS A 13 -6.06 3.52 -16.43
N PRO A 14 -5.61 2.72 -17.41
CA PRO A 14 -5.03 1.41 -17.12
C PRO A 14 -3.77 1.54 -16.27
N SER A 15 -2.75 2.14 -16.84
CA SER A 15 -1.49 2.32 -16.08
C SER A 15 -1.74 2.61 -14.61
N MET A 16 -2.74 3.43 -14.36
CA MET A 16 -3.04 3.76 -12.94
C MET A 16 -3.65 2.55 -12.24
N LEU A 17 -4.73 2.02 -12.77
CA LEU A 17 -5.35 0.84 -12.12
C LEU A 17 -4.38 -0.33 -12.20
N LYS A 18 -4.02 -0.67 -13.42
CA LYS A 18 -3.07 -1.80 -13.62
C LYS A 18 -2.04 -1.86 -12.50
N LYS A 19 -1.46 -0.73 -12.18
CA LYS A 19 -0.46 -0.72 -11.10
C LYS A 19 -1.14 -0.95 -9.75
N HIS A 20 -2.27 -0.33 -9.58
CA HIS A 20 -3.01 -0.48 -8.31
C HIS A 20 -3.34 -1.94 -8.04
N ILE A 21 -3.92 -2.58 -9.02
CA ILE A 21 -4.26 -4.01 -8.81
C ILE A 21 -3.01 -4.86 -8.58
N ARG A 22 -1.91 -4.42 -9.13
CA ARG A 22 -0.65 -5.20 -8.93
C ARG A 22 -0.13 -5.03 -7.51
N THR A 23 -0.55 -4.01 -6.84
CA THR A 23 -0.06 -3.81 -5.46
C THR A 23 -0.73 -4.80 -4.49
N HIS A 24 -1.77 -5.45 -4.95
CA HIS A 24 -2.46 -6.42 -4.06
C HIS A 24 -1.79 -7.78 -4.12
N THR A 25 -0.66 -7.84 -4.80
CA THR A 25 0.05 -9.13 -4.90
C THR A 25 1.12 -9.23 -3.83
N ASP A 26 2.33 -9.01 -4.23
CA ASP A 26 3.45 -9.09 -3.27
C ASP A 26 4.62 -8.28 -3.79
N VAL A 27 4.29 -7.27 -4.54
CA VAL A 27 5.34 -6.39 -5.10
C VAL A 27 5.57 -5.15 -4.23
N ARG A 28 5.67 -5.38 -2.95
CA ARG A 28 5.89 -4.27 -1.99
C ARG A 28 7.26 -4.45 -1.27
N PRO A 29 8.35 -3.97 -1.89
CA PRO A 29 9.68 -4.11 -1.28
C PRO A 29 9.81 -3.37 0.05
N TYR A 30 9.11 -2.27 0.20
CA TYR A 30 9.20 -1.53 1.48
C TYR A 30 8.64 -2.35 2.64
N HIS A 31 9.39 -3.34 3.06
CA HIS A 31 8.92 -4.20 4.18
C HIS A 31 9.37 -3.64 5.53
N CYS A 32 8.49 -3.68 6.50
CA CYS A 32 8.88 -3.15 7.82
C CYS A 32 10.02 -3.98 8.40
N THR A 33 10.96 -3.33 9.03
CA THR A 33 12.10 -4.08 9.61
C THR A 33 11.62 -5.00 10.73
N TYR A 34 10.49 -4.65 11.31
CA TYR A 34 9.94 -5.48 12.41
C TYR A 34 8.84 -6.42 11.90
N CYS A 35 7.68 -5.87 11.64
CA CYS A 35 6.57 -6.72 11.13
C CYS A 35 6.90 -7.35 9.80
N ASN A 36 5.87 -7.77 9.12
CA ASN A 36 6.05 -8.40 7.80
C ASN A 36 5.27 -7.63 6.75
N PHE A 37 4.51 -6.67 7.21
CA PHE A 37 3.71 -5.86 6.27
C PHE A 37 4.62 -4.99 5.42
N SER A 38 4.18 -4.70 4.24
CA SER A 38 5.01 -3.86 3.35
C SER A 38 4.17 -2.92 2.51
N PHE A 39 4.82 -2.03 1.83
CA PHE A 39 4.10 -1.06 0.98
C PHE A 39 4.79 -0.93 -0.37
N LYS A 40 4.11 -0.35 -1.30
CA LYS A 40 4.71 -0.18 -2.65
C LYS A 40 5.49 1.13 -2.72
N THR A 41 5.12 2.05 -1.87
CA THR A 41 5.80 3.37 -1.85
C THR A 41 6.44 3.64 -0.50
N LYS A 42 7.41 4.52 -0.51
CA LYS A 42 8.11 4.85 0.75
C LYS A 42 7.22 5.74 1.62
N GLY A 43 6.20 6.29 1.02
CA GLY A 43 5.29 7.17 1.81
C GLY A 43 4.59 6.37 2.90
N ASN A 44 3.70 5.50 2.49
CA ASN A 44 2.98 4.68 3.49
C ASN A 44 3.95 4.04 4.48
N LEU A 45 5.12 3.71 4.00
CA LEU A 45 6.12 3.09 4.91
C LEU A 45 6.44 4.04 6.06
N THR A 46 6.68 5.28 5.74
CA THR A 46 7.00 6.26 6.79
C THR A 46 5.85 6.37 7.78
N LYS A 47 4.65 6.25 7.29
CA LYS A 47 3.48 6.35 8.19
C LYS A 47 3.47 5.19 9.18
N HIS A 48 3.82 4.02 8.71
CA HIS A 48 3.84 2.85 9.62
C HIS A 48 4.88 3.03 10.71
N MET A 49 5.94 3.71 10.37
CA MET A 49 7.02 3.94 11.38
C MET A 49 6.74 5.20 12.18
N LYS A 50 5.94 6.07 11.64
CA LYS A 50 5.61 7.33 12.35
C LYS A 50 4.83 7.04 13.63
N SER A 51 3.74 6.32 13.49
CA SER A 51 2.93 6.00 14.68
C SER A 51 3.80 5.48 15.81
N LYS A 52 3.20 5.26 16.96
CA LYS A 52 4.00 4.76 18.11
C LYS A 52 4.34 3.28 17.92
N ALA A 53 4.36 2.83 16.69
CA ALA A 53 4.68 1.42 16.43
C ALA A 53 6.06 1.06 16.99
N HIS A 54 6.99 0.84 16.11
CA HIS A 54 8.35 0.49 16.56
C HIS A 54 9.41 1.03 15.62
N SER A 55 9.80 2.25 15.84
CA SER A 55 10.83 2.87 14.97
C SER A 55 11.50 4.04 15.67
N LYS A 56 10.73 4.75 16.46
CA LYS A 56 11.29 5.91 17.21
C LYS A 56 11.12 5.72 18.71
N LYS A 57 10.66 4.57 19.09
CA LYS A 57 10.47 4.30 20.54
C LYS A 57 11.75 4.56 21.31
ZN ZN B . -7.22 -2.13 -4.30
ZN ZN C . 6.18 -2.74 11.77
N LYS A 1 -14.04 -1.96 -16.74
CA LYS A 1 -14.24 -1.38 -15.40
C LYS A 1 -12.93 -1.33 -14.65
N TYR A 2 -12.40 -0.15 -14.50
CA TYR A 2 -11.11 -0.01 -13.78
C TYR A 2 -11.33 0.40 -12.32
N ILE A 3 -12.04 -0.43 -11.61
CA ILE A 3 -12.32 -0.12 -10.18
C ILE A 3 -11.96 -1.31 -9.30
N CYS A 4 -10.97 -1.13 -8.45
CA CYS A 4 -10.57 -2.26 -7.59
C CYS A 4 -11.73 -2.71 -6.71
N GLU A 5 -12.10 -3.94 -6.87
CA GLU A 5 -13.23 -4.48 -6.07
C GLU A 5 -12.85 -4.62 -4.60
N GLU A 6 -11.57 -4.51 -4.30
CA GLU A 6 -11.15 -4.64 -2.89
C GLU A 6 -11.15 -3.29 -2.18
N CYS A 7 -10.26 -2.43 -2.57
CA CYS A 7 -10.21 -1.09 -1.92
C CYS A 7 -11.34 -0.20 -2.44
N GLY A 8 -11.53 -0.22 -3.73
CA GLY A 8 -12.60 0.62 -4.33
C GLY A 8 -11.98 1.81 -5.06
N ILE A 9 -10.72 1.71 -5.37
CA ILE A 9 -10.05 2.83 -6.07
C ILE A 9 -10.65 3.02 -7.46
N ARG A 10 -10.72 4.26 -7.88
CA ARG A 10 -11.29 4.56 -9.23
C ARG A 10 -10.24 5.21 -10.13
N ABA A 11 -9.91 4.52 -11.20
CA ABA A 11 -8.90 5.06 -12.14
C ABA A 11 -9.40 4.99 -13.57
O ABA A 11 -9.50 3.93 -14.15
CB ABA A 11 -7.63 4.22 -12.02
CG ABA A 11 -6.97 4.49 -10.67
H2 ABA A 11 -10.33 3.65 -11.37
HA ABA A 11 -8.69 6.11 -11.89
HB3 ABA A 11 -7.88 3.18 -12.10
HB2 ABA A 11 -6.95 4.48 -12.81
HG1 ABA A 11 -6.14 3.80 -10.52
HG3 ABA A 11 -6.59 5.50 -10.63
HG2 ABA A 11 -7.68 4.34 -9.88
N LYS A 12 -9.72 6.13 -14.13
CA LYS A 12 -10.23 6.16 -15.52
C LYS A 12 -9.17 5.70 -16.53
N LYS A 13 -8.09 5.15 -16.05
CA LYS A 13 -7.03 4.69 -17.00
C LYS A 13 -6.39 3.35 -16.54
N PRO A 14 -5.93 2.52 -17.49
CA PRO A 14 -5.32 1.23 -17.16
C PRO A 14 -4.04 1.41 -16.34
N SER A 15 -3.00 1.90 -16.99
CA SER A 15 -1.70 2.12 -16.28
C SER A 15 -1.92 2.47 -14.82
N MET A 16 -2.90 3.29 -14.56
CA MET A 16 -3.17 3.69 -13.16
C MET A 16 -3.71 2.49 -12.38
N LEU A 17 -4.78 1.91 -12.86
CA LEU A 17 -5.36 0.74 -12.16
C LEU A 17 -4.34 -0.40 -12.25
N LYS A 18 -3.99 -0.74 -13.46
CA LYS A 18 -3.01 -1.83 -13.72
C LYS A 18 -1.97 -1.89 -12.60
N LYS A 19 -1.43 -0.76 -12.25
CA LYS A 19 -0.42 -0.73 -11.18
C LYS A 19 -1.09 -0.96 -9.83
N HIS A 20 -2.20 -0.30 -9.63
CA HIS A 20 -2.91 -0.45 -8.34
C HIS A 20 -3.19 -1.92 -8.07
N ILE A 21 -3.80 -2.57 -9.03
CA ILE A 21 -4.12 -4.00 -8.84
C ILE A 21 -2.84 -4.81 -8.62
N ARG A 22 -1.76 -4.38 -9.24
CA ARG A 22 -0.49 -5.13 -9.06
C ARG A 22 0.03 -4.97 -7.64
N THR A 23 -0.47 -3.99 -6.95
CA THR A 23 0.02 -3.80 -5.57
C THR A 23 -0.63 -4.80 -4.61
N HIS A 24 -1.61 -5.53 -5.09
CA HIS A 24 -2.28 -6.52 -4.21
C HIS A 24 -1.58 -7.88 -4.32
N THR A 25 -0.49 -7.92 -5.06
CA THR A 25 0.23 -9.20 -5.21
C THR A 25 1.22 -9.39 -4.07
N ASP A 26 2.45 -9.07 -4.35
CA ASP A 26 3.49 -9.21 -3.31
C ASP A 26 4.63 -8.26 -3.61
N VAL A 27 4.28 -7.18 -4.24
CA VAL A 27 5.30 -6.17 -4.59
C VAL A 27 5.38 -5.06 -3.52
N ARG A 28 5.42 -5.48 -2.28
CA ARG A 28 5.50 -4.51 -1.16
C ARG A 28 6.78 -4.78 -0.33
N PRO A 29 7.92 -4.24 -0.78
CA PRO A 29 9.19 -4.44 -0.07
C PRO A 29 9.21 -3.86 1.35
N TYR A 30 8.25 -3.04 1.67
CA TYR A 30 8.22 -2.46 3.05
C TYR A 30 7.47 -3.37 4.01
N HIS A 31 8.16 -4.34 4.56
CA HIS A 31 7.50 -5.28 5.51
C HIS A 31 7.79 -4.89 6.95
N CYS A 32 6.78 -4.95 7.79
CA CYS A 32 7.01 -4.59 9.21
C CYS A 32 8.10 -5.46 9.82
N THR A 33 8.80 -4.93 10.77
CA THR A 33 9.88 -5.73 11.41
C THR A 33 9.30 -6.72 12.41
N TYR A 34 8.01 -6.92 12.34
CA TYR A 34 7.36 -7.86 13.28
C TYR A 34 6.22 -8.61 12.58
N CYS A 35 5.19 -7.89 12.25
CA CYS A 35 4.03 -8.52 11.58
C CYS A 35 4.44 -9.12 10.24
N ASN A 36 3.44 -9.43 9.45
CA ASN A 36 3.69 -10.02 8.11
C ASN A 36 3.09 -9.14 7.04
N PHE A 37 2.58 -8.00 7.47
CA PHE A 37 1.96 -7.07 6.51
C PHE A 37 3.01 -6.18 5.88
N SER A 38 2.76 -5.72 4.68
CA SER A 38 3.74 -4.85 4.02
C SER A 38 3.05 -3.76 3.22
N PHE A 39 3.79 -2.73 2.91
CA PHE A 39 3.23 -1.61 2.12
C PHE A 39 4.06 -1.35 0.88
N LYS A 40 3.48 -0.65 -0.05
CA LYS A 40 4.22 -0.34 -1.30
C LYS A 40 5.03 0.94 -1.16
N THR A 41 4.73 1.70 -0.14
CA THR A 41 5.47 2.97 0.07
C THR A 41 5.99 3.08 1.50
N LYS A 42 7.02 3.87 1.66
CA LYS A 42 7.59 4.03 3.01
C LYS A 42 6.67 4.88 3.88
N GLY A 43 5.76 5.58 3.26
CA GLY A 43 4.82 6.42 4.04
C GLY A 43 3.92 5.55 4.90
N ASN A 44 3.05 4.82 4.25
CA ASN A 44 2.13 3.94 5.02
C ASN A 44 2.90 3.13 6.05
N LEU A 45 4.11 2.76 5.71
CA LEU A 45 4.91 1.97 6.66
C LEU A 45 5.13 2.77 7.95
N THR A 46 5.54 3.99 7.79
CA THR A 46 5.77 4.84 8.99
C THR A 46 4.51 4.93 9.82
N LYS A 47 3.37 4.93 9.16
CA LYS A 47 2.09 5.01 9.89
C LYS A 47 1.92 3.80 10.82
N HIS A 48 2.26 2.64 10.31
CA HIS A 48 2.12 1.42 11.15
C HIS A 48 3.12 1.45 12.30
N MET A 49 4.21 2.16 12.09
CA MET A 49 5.24 2.24 13.16
C MET A 49 4.91 3.36 14.13
N LYS A 50 4.28 4.39 13.64
CA LYS A 50 3.93 5.53 14.53
C LYS A 50 3.14 5.04 15.74
N SER A 51 1.99 4.49 15.49
CA SER A 51 1.15 3.99 16.61
C SER A 51 2.01 3.20 17.60
N LYS A 52 1.47 2.98 18.76
CA LYS A 52 2.24 2.21 19.78
C LYS A 52 2.26 0.73 19.43
N ALA A 53 2.36 0.44 18.17
CA ALA A 53 2.39 -0.98 17.75
C ALA A 53 3.49 -1.74 18.47
N HIS A 54 4.56 -2.02 17.77
CA HIS A 54 5.67 -2.75 18.40
C HIS A 54 7.01 -2.37 17.77
N SER A 55 7.62 -1.35 18.30
CA SER A 55 8.94 -0.91 17.75
C SER A 55 9.98 -0.86 18.86
N LYS A 56 9.72 -1.56 19.93
CA LYS A 56 10.68 -1.58 21.06
C LYS A 56 10.71 -2.95 21.71
N LYS A 57 9.92 -3.12 22.74
CA LYS A 57 9.89 -4.41 23.44
C LYS A 57 9.61 -5.55 22.47
ZN ZN B . -7.07 -2.25 -4.34
ZN ZN C . 3.84 -4.62 12.83
N LYS A 1 -14.48 -1.56 -16.54
CA LYS A 1 -14.46 -0.45 -15.55
C LYS A 1 -13.21 -0.56 -14.68
N TYR A 2 -12.56 0.55 -14.48
CA TYR A 2 -11.33 0.54 -13.64
C TYR A 2 -11.66 0.85 -12.19
N ILE A 3 -12.13 -0.14 -11.48
CA ILE A 3 -12.47 0.08 -10.05
C ILE A 3 -12.14 -1.16 -9.24
N CYS A 4 -11.09 -1.09 -8.45
CA CYS A 4 -10.74 -2.27 -7.64
C CYS A 4 -11.89 -2.66 -6.73
N GLU A 5 -12.55 -3.73 -7.10
CA GLU A 5 -13.69 -4.19 -6.28
C GLU A 5 -13.30 -4.39 -4.83
N GLU A 6 -12.03 -4.57 -4.59
CA GLU A 6 -11.58 -4.78 -3.20
C GLU A 6 -11.47 -3.46 -2.46
N CYS A 7 -10.56 -2.62 -2.90
CA CYS A 7 -10.39 -1.31 -2.21
C CYS A 7 -11.46 -0.33 -2.69
N GLY A 8 -11.54 -0.20 -3.99
CA GLY A 8 -12.53 0.73 -4.59
C GLY A 8 -11.80 1.88 -5.29
N ILE A 9 -10.52 1.70 -5.49
CA ILE A 9 -9.74 2.77 -6.15
C ILE A 9 -10.33 3.09 -7.52
N ARG A 10 -10.61 4.35 -7.75
CA ARG A 10 -11.18 4.75 -9.06
C ARG A 10 -10.11 5.36 -9.96
N ABA A 11 -9.71 4.60 -10.96
CA ABA A 11 -8.67 5.10 -11.90
C ABA A 11 -9.11 4.88 -13.34
O ABA A 11 -8.82 3.86 -13.93
CB ABA A 11 -7.37 4.33 -11.66
CG ABA A 11 -7.02 4.35 -10.17
H2 ABA A 11 -10.09 3.71 -11.09
HA ABA A 11 -8.53 6.18 -11.74
HB3 ABA A 11 -7.51 3.31 -11.99
HB2 ABA A 11 -6.59 4.79 -12.23
HG1 ABA A 11 -6.17 3.70 -9.99
HG3 ABA A 11 -6.77 5.36 -9.86
HG2 ABA A 11 -7.85 3.99 -9.58
N LYS A 12 -9.82 5.84 -13.89
CA LYS A 12 -10.30 5.69 -15.28
C LYS A 12 -9.15 5.32 -16.24
N LYS A 13 -7.94 5.40 -15.75
CA LYS A 13 -6.78 5.06 -16.63
C LYS A 13 -6.24 3.63 -16.32
N PRO A 14 -5.85 2.85 -17.35
CA PRO A 14 -5.33 1.50 -17.12
C PRO A 14 -4.02 1.52 -16.34
N SER A 15 -2.98 2.02 -16.96
CA SER A 15 -1.65 2.09 -16.28
C SER A 15 -1.80 2.32 -14.79
N MET A 16 -2.76 3.10 -14.41
CA MET A 16 -2.96 3.36 -12.96
C MET A 16 -3.59 2.15 -12.29
N LEU A 17 -4.78 1.80 -12.72
CA LEU A 17 -5.44 0.63 -12.10
C LEU A 17 -4.52 -0.57 -12.27
N LYS A 18 -4.11 -0.79 -13.49
CA LYS A 18 -3.21 -1.91 -13.80
C LYS A 18 -2.17 -2.09 -12.69
N LYS A 19 -1.46 -1.03 -12.40
CA LYS A 19 -0.44 -1.14 -11.34
C LYS A 19 -1.09 -1.36 -9.98
N HIS A 20 -2.20 -0.70 -9.75
CA HIS A 20 -2.89 -0.87 -8.45
C HIS A 20 -3.25 -2.33 -8.20
N ILE A 21 -3.84 -2.95 -9.19
CA ILE A 21 -4.22 -4.37 -9.00
C ILE A 21 -2.98 -5.22 -8.70
N ARG A 22 -1.87 -4.83 -9.24
CA ARG A 22 -0.63 -5.60 -8.99
C ARG A 22 -0.12 -5.37 -7.58
N THR A 23 -0.54 -4.30 -6.98
CA THR A 23 -0.08 -4.02 -5.59
C THR A 23 -0.64 -5.05 -4.61
N HIS A 24 -1.71 -5.71 -5.00
CA HIS A 24 -2.30 -6.72 -4.08
C HIS A 24 -1.49 -8.01 -4.13
N THR A 25 -0.31 -7.92 -4.68
CA THR A 25 0.53 -9.13 -4.78
C THR A 25 1.55 -9.13 -3.65
N ASP A 26 2.77 -8.88 -4.00
CA ASP A 26 3.84 -8.85 -2.98
C ASP A 26 4.96 -7.94 -3.46
N VAL A 27 4.56 -6.96 -4.20
CA VAL A 27 5.54 -5.98 -4.74
C VAL A 27 5.58 -4.70 -3.88
N ARG A 28 5.64 -4.89 -2.60
CA ARG A 28 5.69 -3.73 -1.66
C ARG A 28 7.02 -3.73 -0.87
N PRO A 29 8.07 -3.14 -1.45
CA PRO A 29 9.37 -3.09 -0.77
C PRO A 29 9.36 -2.26 0.52
N TYR A 30 8.39 -1.40 0.65
CA TYR A 30 8.33 -0.57 1.88
C TYR A 30 7.71 -1.36 3.04
N HIS A 31 8.54 -2.01 3.81
CA HIS A 31 8.01 -2.81 4.97
C HIS A 31 8.23 -2.07 6.29
N CYS A 32 7.25 -2.15 7.16
CA CYS A 32 7.39 -1.47 8.47
C CYS A 32 8.51 -2.10 9.27
N THR A 33 9.12 -1.34 10.14
CA THR A 33 10.23 -1.91 10.95
C THR A 33 9.68 -2.68 12.15
N TYR A 34 8.41 -2.98 12.09
CA TYR A 34 7.79 -3.73 13.22
C TYR A 34 6.76 -4.72 12.69
N CYS A 35 5.75 -4.20 12.04
CA CYS A 35 4.68 -5.08 11.49
C CYS A 35 5.16 -5.80 10.24
N ASN A 36 4.37 -6.74 9.80
CA ASN A 36 4.74 -7.49 8.59
C ASN A 36 4.02 -6.91 7.38
N PHE A 37 3.43 -5.76 7.58
CA PHE A 37 2.69 -5.10 6.48
C PHE A 37 3.65 -4.28 5.63
N SER A 38 3.25 -4.02 4.41
CA SER A 38 4.14 -3.25 3.54
C SER A 38 3.32 -2.39 2.57
N PHE A 39 3.98 -1.46 1.95
CA PHE A 39 3.27 -0.58 0.99
C PHE A 39 4.06 -0.45 -0.32
N LYS A 40 3.39 -0.01 -1.34
CA LYS A 40 4.06 0.14 -2.66
C LYS A 40 4.68 1.53 -2.78
N THR A 41 4.30 2.42 -1.90
CA THR A 41 4.86 3.80 -1.95
C THR A 41 5.39 4.24 -0.59
N LYS A 42 6.30 5.18 -0.63
CA LYS A 42 6.89 5.67 0.62
C LYS A 42 5.89 6.56 1.37
N GLY A 43 4.92 7.04 0.66
CA GLY A 43 3.91 7.92 1.31
C GLY A 43 3.22 7.17 2.44
N ASN A 44 2.54 6.10 2.09
CA ASN A 44 1.84 5.31 3.12
C ASN A 44 2.79 4.95 4.27
N LEU A 45 4.03 4.73 3.94
CA LEU A 45 5.00 4.39 5.00
C LEU A 45 5.05 5.50 6.04
N THR A 46 5.36 6.67 5.58
CA THR A 46 5.44 7.82 6.53
C THR A 46 4.13 7.93 7.32
N LYS A 47 3.05 7.59 6.70
CA LYS A 47 1.75 7.67 7.40
C LYS A 47 1.61 6.58 8.47
N HIS A 48 2.07 5.40 8.14
CA HIS A 48 1.99 4.29 9.13
C HIS A 48 3.01 4.47 10.26
N MET A 49 3.97 5.33 10.03
CA MET A 49 5.00 5.56 11.07
C MET A 49 4.69 6.82 11.88
N LYS A 50 4.22 7.83 11.20
CA LYS A 50 3.90 9.09 11.91
C LYS A 50 2.93 8.84 13.06
N SER A 51 1.85 8.16 12.77
CA SER A 51 0.85 7.87 13.83
C SER A 51 1.55 7.42 15.11
N LYS A 52 0.82 7.42 16.19
CA LYS A 52 1.43 6.99 17.47
C LYS A 52 1.61 5.47 17.51
N ALA A 53 1.66 4.88 16.34
CA ALA A 53 1.84 3.40 16.29
C ALA A 53 3.07 2.98 17.07
N HIS A 54 4.12 2.66 16.37
CA HIS A 54 5.37 2.24 17.05
C HIS A 54 6.60 2.71 16.30
N SER A 55 7.02 3.92 16.58
CA SER A 55 8.23 4.44 15.89
C SER A 55 8.96 5.44 16.78
N LYS A 56 8.21 6.33 17.40
CA LYS A 56 8.85 7.33 18.29
C LYS A 56 8.69 6.94 19.75
N LYS A 57 7.77 7.57 20.42
CA LYS A 57 7.55 7.26 21.84
C LYS A 57 6.39 8.06 22.41
ZN ZN B . -7.14 -2.62 -4.51
ZN ZN C . 4.08 -1.02 11.93
N LYS A 1 -15.32 0.69 -14.74
CA LYS A 1 -14.72 -0.62 -15.05
C LYS A 1 -13.35 -0.74 -14.36
N TYR A 2 -12.69 0.37 -14.24
CA TYR A 2 -11.35 0.35 -13.57
C TYR A 2 -11.47 0.68 -12.09
N ILE A 3 -12.26 -0.11 -11.39
CA ILE A 3 -12.44 0.13 -9.93
C ILE A 3 -12.06 -1.12 -9.15
N CYS A 4 -11.03 -1.03 -8.35
CA CYS A 4 -10.63 -2.22 -7.57
C CYS A 4 -11.78 -2.71 -6.71
N GLU A 5 -12.27 -3.86 -7.02
CA GLU A 5 -13.39 -4.42 -6.24
C GLU A 5 -13.02 -4.58 -4.76
N GLU A 6 -11.74 -4.59 -4.48
CA GLU A 6 -11.31 -4.75 -3.07
C GLU A 6 -11.22 -3.39 -2.37
N CYS A 7 -10.29 -2.58 -2.78
CA CYS A 7 -10.16 -1.25 -2.13
C CYS A 7 -11.25 -0.31 -2.61
N GLY A 8 -11.38 -0.23 -3.92
CA GLY A 8 -12.41 0.66 -4.51
C GLY A 8 -11.73 1.86 -5.19
N ILE A 9 -10.44 1.73 -5.40
CA ILE A 9 -9.71 2.84 -6.05
C ILE A 9 -10.29 3.14 -7.43
N ARG A 10 -10.53 4.40 -7.69
CA ARG A 10 -11.11 4.78 -9.01
C ARG A 10 -10.03 5.35 -9.93
N ABA A 11 -9.77 4.68 -11.02
CA ABA A 11 -8.73 5.16 -11.97
C ABA A 11 -9.25 5.12 -13.40
O ABA A 11 -9.33 4.06 -14.01
CB ABA A 11 -7.51 4.26 -11.86
CG ABA A 11 -7.06 4.18 -10.40
H2 ABA A 11 -10.25 3.84 -11.21
HA ABA A 11 -8.48 6.20 -11.72
HB3 ABA A 11 -7.76 3.27 -12.20
HB2 ABA A 11 -6.72 4.66 -12.46
HG1 ABA A 11 -7.88 3.84 -9.78
HG3 ABA A 11 -6.24 3.48 -10.29
HG2 ABA A 11 -6.75 5.15 -10.05
N LYS A 12 -9.58 6.26 -13.92
CA LYS A 12 -10.10 6.33 -15.31
C LYS A 12 -9.07 5.84 -16.33
N LYS A 13 -7.99 5.24 -15.88
CA LYS A 13 -6.96 4.77 -16.85
C LYS A 13 -6.38 3.39 -16.43
N PRO A 14 -5.93 2.59 -17.41
CA PRO A 14 -5.36 1.27 -17.12
C PRO A 14 -4.07 1.37 -16.31
N SER A 15 -3.03 1.87 -16.95
CA SER A 15 -1.71 2.01 -16.25
C SER A 15 -1.89 2.30 -14.77
N MET A 16 -2.84 3.13 -14.46
CA MET A 16 -3.08 3.46 -13.03
C MET A 16 -3.72 2.27 -12.33
N LEU A 17 -4.80 1.76 -12.89
CA LEU A 17 -5.46 0.60 -12.25
C LEU A 17 -4.56 -0.61 -12.38
N LYS A 18 -4.25 -0.96 -13.61
CA LYS A 18 -3.38 -2.13 -13.86
C LYS A 18 -2.26 -2.20 -12.81
N LYS A 19 -1.63 -1.09 -12.59
CA LYS A 19 -0.54 -1.09 -11.60
C LYS A 19 -1.12 -1.30 -10.20
N HIS A 20 -2.24 -0.69 -9.95
CA HIS A 20 -2.87 -0.85 -8.63
C HIS A 20 -3.25 -2.32 -8.36
N ILE A 21 -3.96 -2.91 -9.28
CA ILE A 21 -4.34 -4.33 -9.07
C ILE A 21 -3.13 -5.18 -8.77
N ARG A 22 -2.00 -4.81 -9.32
CA ARG A 22 -0.78 -5.60 -9.07
C ARG A 22 -0.29 -5.39 -7.65
N THR A 23 -0.42 -4.19 -7.16
CA THR A 23 0.04 -3.93 -5.78
C THR A 23 -0.48 -4.99 -4.83
N HIS A 24 -1.56 -5.62 -5.20
CA HIS A 24 -2.12 -6.68 -4.31
C HIS A 24 -1.30 -7.96 -4.48
N THR A 25 -0.12 -7.82 -5.03
CA THR A 25 0.74 -9.00 -5.24
C THR A 25 1.72 -9.17 -4.08
N ASP A 26 2.95 -8.84 -4.35
CA ASP A 26 3.98 -8.96 -3.28
C ASP A 26 4.99 -7.84 -3.42
N VAL A 27 4.54 -6.77 -4.02
CA VAL A 27 5.42 -5.60 -4.21
C VAL A 27 5.18 -4.55 -3.13
N ARG A 28 5.12 -5.01 -1.92
CA ARG A 28 4.88 -4.10 -0.76
C ARG A 28 6.01 -4.28 0.29
N PRO A 29 7.12 -3.58 0.14
CA PRO A 29 8.24 -3.69 1.08
C PRO A 29 7.90 -3.23 2.50
N TYR A 30 6.88 -2.42 2.64
CA TYR A 30 6.52 -1.95 4.01
C TYR A 30 5.72 -3.03 4.75
N HIS A 31 6.42 -3.94 5.36
CA HIS A 31 5.71 -5.03 6.12
C HIS A 31 5.57 -4.67 7.60
N CYS A 32 4.43 -5.02 8.16
CA CYS A 32 4.20 -4.71 9.60
C CYS A 32 5.21 -5.45 10.47
N THR A 33 5.49 -4.92 11.62
CA THR A 33 6.46 -5.60 12.52
C THR A 33 5.80 -6.73 13.28
N TYR A 34 4.60 -7.08 12.86
CA TYR A 34 3.87 -8.18 13.55
C TYR A 34 3.13 -9.03 12.52
N CYS A 35 2.19 -8.43 11.85
CA CYS A 35 1.41 -9.17 10.83
C CYS A 35 2.25 -9.50 9.61
N ASN A 36 1.65 -10.21 8.71
CA ASN A 36 2.36 -10.59 7.46
C ASN A 36 1.89 -9.70 6.34
N PHE A 37 1.10 -8.71 6.69
CA PHE A 37 0.58 -7.78 5.66
C PHE A 37 1.61 -6.71 5.36
N SER A 38 1.38 -5.99 4.30
CA SER A 38 2.33 -4.93 3.93
C SER A 38 1.67 -3.89 3.05
N PHE A 39 2.37 -2.79 2.85
CA PHE A 39 1.81 -1.72 2.01
C PHE A 39 2.84 -1.23 1.00
N LYS A 40 2.38 -0.55 0.00
CA LYS A 40 3.30 -0.04 -1.05
C LYS A 40 3.87 1.33 -0.66
N THR A 41 3.27 1.94 0.32
CA THR A 41 3.76 3.28 0.75
C THR A 41 3.93 3.37 2.26
N LYS A 42 4.74 4.29 2.69
CA LYS A 42 4.97 4.45 4.14
C LYS A 42 3.76 5.09 4.81
N GLY A 43 2.90 5.66 4.01
CA GLY A 43 1.69 6.31 4.58
C GLY A 43 0.72 5.24 5.09
N ASN A 44 0.20 4.47 4.18
CA ASN A 44 -0.74 3.40 4.59
C ASN A 44 -0.19 2.62 5.76
N LEU A 45 1.11 2.47 5.79
CA LEU A 45 1.73 1.72 6.91
C LEU A 45 1.37 2.38 8.23
N THR A 46 1.56 3.67 8.29
CA THR A 46 1.23 4.41 9.54
C THR A 46 -0.22 4.19 9.93
N LYS A 47 -1.08 4.13 8.95
CA LYS A 47 -2.51 3.91 9.26
C LYS A 47 -2.71 2.60 10.01
N HIS A 48 -1.97 1.60 9.60
CA HIS A 48 -2.11 0.28 10.29
C HIS A 48 -1.51 0.35 11.68
N MET A 49 -0.54 1.20 11.86
CA MET A 49 0.09 1.33 13.20
C MET A 49 -0.68 2.33 14.06
N LYS A 50 -1.42 3.19 13.41
CA LYS A 50 -2.19 4.20 14.18
C LYS A 50 -3.18 3.52 15.10
N SER A 51 -3.90 2.56 14.57
CA SER A 51 -4.90 1.85 15.39
C SER A 51 -4.22 1.17 16.58
N LYS A 52 -5.00 0.80 17.56
CA LYS A 52 -4.42 0.13 18.74
C LYS A 52 -4.11 -1.34 18.44
N ALA A 53 -3.89 -1.63 17.19
CA ALA A 53 -3.59 -3.03 16.80
C ALA A 53 -2.56 -3.62 17.74
N HIS A 54 -1.31 -3.51 17.36
CA HIS A 54 -0.23 -4.05 18.22
C HIS A 54 1.05 -3.24 18.09
N SER A 55 1.16 -2.23 18.91
CA SER A 55 2.36 -1.37 18.88
C SER A 55 2.85 -1.10 20.30
N LYS A 56 2.19 -1.70 21.25
CA LYS A 56 2.59 -1.50 22.66
C LYS A 56 2.32 -2.75 23.48
N LYS A 57 1.15 -3.30 23.31
CA LYS A 57 0.80 -4.53 24.07
C LYS A 57 1.85 -5.62 23.86
ZN ZN B . -6.97 -2.53 -4.50
ZN ZN C . 0.19 -5.46 12.15
N LYS A 1 -14.71 -1.20 -16.08
CA LYS A 1 -13.98 0.09 -16.08
C LYS A 1 -12.67 -0.05 -15.32
N TYR A 2 -12.54 0.66 -14.25
CA TYR A 2 -11.29 0.58 -13.46
C TYR A 2 -11.56 0.84 -11.98
N ILE A 3 -12.30 -0.05 -11.37
CA ILE A 3 -12.63 0.11 -9.93
C ILE A 3 -12.20 -1.13 -9.17
N CYS A 4 -11.13 -1.03 -8.41
CA CYS A 4 -10.69 -2.24 -7.65
C CYS A 4 -11.83 -2.79 -6.81
N GLU A 5 -12.26 -3.97 -7.14
CA GLU A 5 -13.36 -4.59 -6.39
C GLU A 5 -13.03 -4.71 -4.90
N GLU A 6 -11.77 -4.66 -4.57
CA GLU A 6 -11.38 -4.78 -3.15
C GLU A 6 -11.38 -3.42 -2.46
N CYS A 7 -10.45 -2.58 -2.85
CA CYS A 7 -10.38 -1.23 -2.21
C CYS A 7 -11.44 -0.30 -2.79
N GLY A 8 -11.50 -0.25 -4.10
CA GLY A 8 -12.50 0.62 -4.76
C GLY A 8 -11.78 1.78 -5.46
N ILE A 9 -10.47 1.67 -5.55
CA ILE A 9 -9.69 2.74 -6.20
C ILE A 9 -10.29 3.10 -7.55
N ARG A 10 -10.50 4.37 -7.77
CA ARG A 10 -11.07 4.81 -9.05
C ARG A 10 -10.00 5.41 -9.96
N ABA A 11 -9.61 4.67 -10.96
CA ABA A 11 -8.56 5.17 -11.90
C ABA A 11 -9.01 4.96 -13.33
O ABA A 11 -8.78 3.92 -13.92
CB ABA A 11 -7.29 4.36 -11.66
CG ABA A 11 -6.95 4.34 -10.17
H2 ABA A 11 -10.01 3.78 -11.09
HA ABA A 11 -8.40 6.23 -11.72
HB3 ABA A 11 -7.42 3.35 -12.02
HB2 ABA A 11 -6.48 4.81 -12.20
HG1 ABA A 11 -6.78 5.34 -9.81
HG3 ABA A 11 -7.78 3.90 -9.62
HG2 ABA A 11 -6.06 3.74 -10.00
N LYS A 12 -9.64 5.96 -13.89
CA LYS A 12 -10.11 5.84 -15.29
C LYS A 12 -8.97 5.46 -16.24
N LYS A 13 -7.77 5.37 -15.70
CA LYS A 13 -6.62 5.01 -16.56
C LYS A 13 -6.12 3.56 -16.26
N PRO A 14 -5.98 2.69 -17.28
CA PRO A 14 -5.51 1.32 -17.03
C PRO A 14 -4.11 1.31 -16.44
N SER A 15 -3.28 2.20 -16.90
CA SER A 15 -1.91 2.25 -16.36
C SER A 15 -1.93 2.33 -14.85
N MET A 16 -2.73 3.23 -14.33
CA MET A 16 -2.82 3.38 -12.86
C MET A 16 -3.50 2.17 -12.22
N LEU A 17 -4.63 1.78 -12.75
CA LEU A 17 -5.32 0.61 -12.15
C LEU A 17 -4.45 -0.62 -12.29
N LYS A 18 -4.11 -0.93 -13.52
CA LYS A 18 -3.25 -2.13 -13.77
C LYS A 18 -2.19 -2.26 -12.69
N LYS A 19 -1.52 -1.18 -12.40
CA LYS A 19 -0.49 -1.24 -11.35
C LYS A 19 -1.12 -1.44 -9.99
N HIS A 20 -2.22 -0.77 -9.76
CA HIS A 20 -2.90 -0.92 -8.46
C HIS A 20 -3.30 -2.36 -8.20
N ILE A 21 -3.99 -2.95 -9.15
CA ILE A 21 -4.40 -4.37 -8.96
C ILE A 21 -3.18 -5.24 -8.70
N ARG A 22 -2.06 -4.86 -9.29
CA ARG A 22 -0.83 -5.65 -9.09
C ARG A 22 -0.25 -5.39 -7.71
N THR A 23 -0.68 -4.33 -7.10
CA THR A 23 -0.15 -4.01 -5.75
C THR A 23 -0.68 -5.01 -4.72
N HIS A 24 -1.77 -5.65 -5.05
CA HIS A 24 -2.33 -6.63 -4.07
C HIS A 24 -1.52 -7.92 -4.11
N THR A 25 -0.37 -7.84 -4.75
CA THR A 25 0.49 -9.02 -4.84
C THR A 25 1.50 -9.02 -3.70
N ASP A 26 2.72 -8.78 -4.05
CA ASP A 26 3.79 -8.75 -3.03
C ASP A 26 4.85 -7.79 -3.47
N VAL A 27 4.42 -6.80 -4.19
CA VAL A 27 5.37 -5.78 -4.70
C VAL A 27 5.43 -4.54 -3.78
N ARG A 28 5.53 -4.80 -2.51
CA ARG A 28 5.60 -3.70 -1.51
C ARG A 28 6.95 -3.73 -0.76
N PRO A 29 7.99 -3.13 -1.34
CA PRO A 29 9.32 -3.12 -0.70
C PRO A 29 9.34 -2.38 0.64
N TYR A 30 8.43 -1.45 0.81
CA TYR A 30 8.41 -0.70 2.10
C TYR A 30 7.81 -1.55 3.21
N HIS A 31 8.66 -2.23 3.95
CA HIS A 31 8.18 -3.09 5.07
C HIS A 31 8.44 -2.44 6.42
N CYS A 32 7.44 -2.43 7.27
CA CYS A 32 7.64 -1.82 8.60
C CYS A 32 8.87 -2.42 9.28
N THR A 33 9.47 -1.66 10.17
CA THR A 33 10.66 -2.19 10.86
C THR A 33 10.25 -2.99 12.09
N TYR A 34 9.04 -3.49 12.06
CA TYR A 34 8.54 -4.29 13.21
C TYR A 34 7.47 -5.29 12.74
N CYS A 35 6.32 -4.76 12.40
CA CYS A 35 5.22 -5.65 11.93
C CYS A 35 5.63 -6.43 10.69
N ASN A 36 4.63 -6.90 9.98
CA ASN A 36 4.90 -7.68 8.75
C ASN A 36 4.17 -7.05 7.58
N PHE A 37 3.53 -5.94 7.85
CA PHE A 37 2.78 -5.23 6.79
C PHE A 37 3.73 -4.46 5.89
N SER A 38 3.32 -4.22 4.67
CA SER A 38 4.20 -3.49 3.75
C SER A 38 3.39 -2.55 2.87
N PHE A 39 4.03 -1.51 2.42
CA PHE A 39 3.34 -0.52 1.56
C PHE A 39 4.04 -0.41 0.20
N LYS A 40 3.33 0.12 -0.75
CA LYS A 40 3.91 0.28 -2.10
C LYS A 40 4.59 1.64 -2.25
N THR A 41 4.29 2.54 -1.35
CA THR A 41 4.91 3.89 -1.43
C THR A 41 5.53 4.30 -0.10
N LYS A 42 6.47 5.20 -0.17
CA LYS A 42 7.13 5.66 1.05
C LYS A 42 6.19 6.55 1.87
N GLY A 43 5.20 7.09 1.21
CA GLY A 43 4.25 7.97 1.93
C GLY A 43 3.50 7.17 2.99
N ASN A 44 2.68 6.25 2.55
CA ASN A 44 1.91 5.43 3.52
C ASN A 44 2.83 4.92 4.64
N LEU A 45 3.98 4.45 4.26
CA LEU A 45 4.91 3.92 5.28
C LEU A 45 5.06 4.93 6.43
N THR A 46 5.35 6.15 6.09
CA THR A 46 5.50 7.18 7.15
C THR A 46 4.24 7.26 7.99
N LYS A 47 3.12 7.10 7.34
CA LYS A 47 1.83 7.15 8.07
C LYS A 47 1.77 6.07 9.14
N HIS A 48 2.37 4.95 8.86
CA HIS A 48 2.35 3.84 9.85
C HIS A 48 3.29 4.15 11.01
N MET A 49 4.35 4.84 10.71
CA MET A 49 5.31 5.19 11.79
C MET A 49 4.89 6.45 12.52
N LYS A 50 4.00 7.19 11.92
CA LYS A 50 3.52 8.45 12.55
C LYS A 50 2.66 8.14 13.78
N SER A 51 1.63 7.37 13.58
CA SER A 51 0.74 7.03 14.72
C SER A 51 1.55 6.51 15.89
N LYS A 52 0.87 6.17 16.96
CA LYS A 52 1.60 5.66 18.14
C LYS A 52 2.06 4.23 17.91
N ALA A 53 2.45 3.95 16.70
CA ALA A 53 2.93 2.58 16.38
C ALA A 53 4.17 2.24 17.18
N HIS A 54 5.27 2.07 16.48
CA HIS A 54 6.52 1.73 17.18
C HIS A 54 7.75 2.16 16.38
N SER A 55 8.20 3.36 16.64
CA SER A 55 9.38 3.88 15.91
C SER A 55 10.39 4.52 16.87
N LYS A 56 9.93 4.78 18.07
CA LYS A 56 10.84 5.40 19.08
C LYS A 56 11.39 4.34 20.02
N LYS A 57 11.92 3.30 19.46
CA LYS A 57 12.48 2.22 20.31
C LYS A 57 13.64 1.52 19.59
ZN ZN B . -7.15 -2.54 -4.46
ZN ZN C . 4.72 -1.63 12.39
N LYS A 1 -14.08 -1.24 -16.66
CA LYS A 1 -14.34 -1.07 -15.21
C LYS A 1 -13.02 -1.08 -14.43
N TYR A 2 -12.36 0.04 -14.43
CA TYR A 2 -11.07 0.11 -13.68
C TYR A 2 -11.30 0.46 -12.22
N ILE A 3 -12.17 -0.28 -11.59
CA ILE A 3 -12.46 -0.03 -10.15
C ILE A 3 -12.09 -1.24 -9.31
N CYS A 4 -11.08 -1.10 -8.49
CA CYS A 4 -10.68 -2.26 -7.65
C CYS A 4 -11.86 -2.76 -6.84
N GLU A 5 -12.22 -3.98 -7.08
CA GLU A 5 -13.36 -4.56 -6.33
C GLU A 5 -13.08 -4.64 -4.83
N GLU A 6 -11.82 -4.56 -4.45
CA GLU A 6 -11.49 -4.64 -3.02
C GLU A 6 -11.50 -3.26 -2.37
N CYS A 7 -10.55 -2.44 -2.74
CA CYS A 7 -10.49 -1.08 -2.14
C CYS A 7 -11.57 -0.18 -2.73
N GLY A 8 -11.67 -0.18 -4.04
CA GLY A 8 -12.69 0.66 -4.71
C GLY A 8 -12.01 1.84 -5.41
N ILE A 9 -10.71 1.75 -5.57
CA ILE A 9 -9.98 2.85 -6.24
C ILE A 9 -10.53 3.08 -7.64
N ARG A 10 -10.90 4.31 -7.91
CA ARG A 10 -11.45 4.63 -9.26
C ARG A 10 -10.40 5.30 -10.14
N ABA A 11 -9.81 4.51 -11.02
CA ABA A 11 -8.76 5.07 -11.92
C ABA A 11 -9.25 5.06 -13.38
O ABA A 11 -9.34 4.01 -13.99
CB ABA A 11 -7.50 4.21 -11.82
CG ABA A 11 -7.02 4.20 -10.36
H2 ABA A 11 -10.06 3.57 -11.08
HA ABA A 11 -8.55 6.10 -11.65
HB3 ABA A 11 -7.72 3.20 -12.13
HB2 ABA A 11 -6.73 4.62 -12.45
HG1 ABA A 11 -6.30 3.41 -10.23
HG3 ABA A 11 -6.56 5.15 -10.12
HG2 ABA A 11 -7.86 4.03 -9.70
N LYS A 12 -9.56 6.21 -13.87
CA LYS A 12 -10.04 6.30 -15.27
C LYS A 12 -9.00 5.84 -16.29
N LYS A 13 -7.94 5.23 -15.81
CA LYS A 13 -6.89 4.74 -16.76
C LYS A 13 -6.29 3.39 -16.31
N PRO A 14 -5.81 2.58 -17.27
CA PRO A 14 -5.21 1.27 -16.95
C PRO A 14 -3.95 1.43 -16.11
N SER A 15 -2.90 1.93 -16.74
CA SER A 15 -1.61 2.12 -16.03
C SER A 15 -1.82 2.40 -14.54
N MET A 16 -2.74 3.28 -14.25
CA MET A 16 -3.02 3.61 -12.85
C MET A 16 -3.62 2.40 -12.13
N LEU A 17 -4.62 1.80 -12.74
CA LEU A 17 -5.27 0.63 -12.11
C LEU A 17 -4.30 -0.57 -12.21
N LYS A 18 -3.95 -0.91 -13.42
CA LYS A 18 -3.02 -2.05 -13.65
C LYS A 18 -1.97 -2.14 -12.53
N LYS A 19 -1.43 -1.02 -12.16
CA LYS A 19 -0.42 -1.02 -11.09
C LYS A 19 -1.10 -1.27 -9.75
N HIS A 20 -2.20 -0.59 -9.54
CA HIS A 20 -2.92 -0.75 -8.27
C HIS A 20 -3.27 -2.21 -8.03
N ILE A 21 -3.97 -2.78 -8.98
CA ILE A 21 -4.35 -4.21 -8.83
C ILE A 21 -3.11 -5.07 -8.60
N ARG A 22 -2.02 -4.70 -9.20
CA ARG A 22 -0.78 -5.50 -9.02
C ARG A 22 -0.19 -5.28 -7.64
N THR A 23 -0.61 -4.24 -6.98
CA THR A 23 -0.06 -3.99 -5.62
C THR A 23 -0.65 -4.95 -4.60
N HIS A 24 -1.79 -5.52 -4.91
CA HIS A 24 -2.39 -6.47 -3.94
C HIS A 24 -1.62 -7.78 -3.95
N THR A 25 -0.53 -7.79 -4.66
CA THR A 25 0.30 -9.01 -4.73
C THR A 25 1.36 -8.99 -3.65
N ASP A 26 2.58 -8.88 -4.08
CA ASP A 26 3.70 -8.85 -3.12
C ASP A 26 4.80 -7.99 -3.70
N VAL A 27 4.38 -7.04 -4.48
CA VAL A 27 5.35 -6.13 -5.13
C VAL A 27 5.60 -4.89 -4.27
N ARG A 28 5.83 -5.12 -3.00
CA ARG A 28 6.11 -3.99 -2.05
C ARG A 28 7.54 -4.12 -1.47
N PRO A 29 8.54 -3.64 -2.21
CA PRO A 29 9.94 -3.72 -1.74
C PRO A 29 10.19 -2.93 -0.46
N TYR A 30 9.29 -2.06 -0.12
CA TYR A 30 9.49 -1.26 1.13
C TYR A 30 8.96 -2.01 2.35
N HIS A 31 9.78 -2.85 2.92
CA HIS A 31 9.34 -3.63 4.12
C HIS A 31 9.94 -3.04 5.40
N CYS A 32 9.10 -2.79 6.37
CA CYS A 32 9.62 -2.22 7.63
C CYS A 32 10.73 -3.12 8.17
N THR A 33 11.70 -2.52 8.82
CA THR A 33 12.81 -3.35 9.37
C THR A 33 12.40 -4.05 10.66
N TYR A 34 11.11 -4.05 10.92
CA TYR A 34 10.60 -4.70 12.17
C TYR A 34 9.32 -5.47 11.87
N CYS A 35 8.29 -4.74 11.54
CA CYS A 35 6.99 -5.39 11.23
C CYS A 35 7.06 -6.17 9.93
N ASN A 36 5.97 -6.82 9.61
CA ASN A 36 5.91 -7.61 8.35
C ASN A 36 5.10 -6.87 7.31
N PHE A 37 4.79 -5.63 7.61
CA PHE A 37 4.00 -4.83 6.65
C PHE A 37 4.90 -4.18 5.62
N SER A 38 4.44 -4.13 4.39
CA SER A 38 5.27 -3.51 3.33
C SER A 38 4.45 -2.54 2.50
N PHE A 39 5.13 -1.56 1.96
CA PHE A 39 4.44 -0.55 1.13
C PHE A 39 4.98 -0.56 -0.29
N LYS A 40 4.21 -0.01 -1.18
CA LYS A 40 4.64 0.03 -2.60
C LYS A 40 5.42 1.31 -2.89
N THR A 41 5.33 2.25 -2.01
CA THR A 41 6.06 3.53 -2.20
C THR A 41 6.87 3.92 -0.98
N LYS A 42 7.86 4.74 -1.19
CA LYS A 42 8.69 5.18 -0.06
C LYS A 42 7.97 6.21 0.80
N GLY A 43 6.88 6.72 0.27
CA GLY A 43 6.12 7.74 1.05
C GLY A 43 5.54 7.10 2.32
N ASN A 44 4.66 6.17 2.14
CA ASN A 44 4.06 5.49 3.32
C ASN A 44 5.14 5.01 4.27
N LEU A 45 6.32 4.80 3.75
CA LEU A 45 7.42 4.33 4.62
C LEU A 45 7.75 5.41 5.65
N THR A 46 8.09 6.56 5.16
CA THR A 46 8.41 7.67 6.09
C THR A 46 7.31 7.85 7.10
N LYS A 47 6.10 7.58 6.68
CA LYS A 47 4.95 7.73 7.61
C LYS A 47 5.00 6.67 8.72
N HIS A 48 5.25 5.44 8.33
CA HIS A 48 5.32 4.37 9.36
C HIS A 48 6.54 4.54 10.25
N MET A 49 7.50 5.28 9.75
CA MET A 49 8.74 5.50 10.56
C MET A 49 8.65 6.80 11.34
N LYS A 50 7.93 7.75 10.80
CA LYS A 50 7.80 9.06 11.50
C LYS A 50 7.32 8.84 12.93
N SER A 51 6.37 7.97 13.08
CA SER A 51 5.84 7.69 14.45
C SER A 51 6.93 7.12 15.34
N LYS A 52 6.80 7.33 16.62
CA LYS A 52 7.82 6.81 17.55
C LYS A 52 7.68 5.30 17.73
N ALA A 53 7.14 4.66 16.72
CA ALA A 53 6.96 3.18 16.81
C ALA A 53 8.28 2.50 17.17
N HIS A 54 9.01 2.11 16.16
CA HIS A 54 10.31 1.44 16.43
C HIS A 54 11.33 1.77 15.35
N SER A 55 12.01 2.88 15.54
CA SER A 55 13.03 3.28 14.53
C SER A 55 14.19 4.00 15.20
N LYS A 56 15.00 3.26 15.91
CA LYS A 56 16.15 3.89 16.60
C LYS A 56 17.28 4.16 15.61
N LYS A 57 18.10 3.16 15.39
CA LYS A 57 19.23 3.34 14.44
C LYS A 57 18.72 3.83 13.09
ZN ZN B . -7.23 -2.36 -4.35
ZN ZN C . 7.26 -1.31 11.72
N LYS A 1 -14.91 -1.19 -14.96
CA LYS A 1 -13.85 -0.72 -15.91
C LYS A 1 -12.50 -0.70 -15.20
N TYR A 2 -12.40 0.13 -14.19
CA TYR A 2 -11.12 0.22 -13.45
C TYR A 2 -11.36 0.49 -11.97
N ILE A 3 -12.33 -0.20 -11.42
CA ILE A 3 -12.65 -0.01 -9.97
C ILE A 3 -12.19 -1.21 -9.16
N CYS A 4 -11.07 -1.07 -8.50
CA CYS A 4 -10.57 -2.21 -7.69
C CYS A 4 -11.69 -2.83 -6.87
N GLU A 5 -11.87 -4.11 -7.01
CA GLU A 5 -12.94 -4.80 -6.26
C GLU A 5 -12.66 -4.83 -4.75
N GLU A 6 -11.44 -4.53 -4.38
CA GLU A 6 -11.11 -4.54 -2.93
C GLU A 6 -11.24 -3.15 -2.32
N CYS A 7 -10.32 -2.29 -2.66
CA CYS A 7 -10.38 -0.91 -2.10
C CYS A 7 -11.46 -0.07 -2.77
N GLY A 8 -11.61 -0.23 -4.06
CA GLY A 8 -12.65 0.56 -4.78
C GLY A 8 -12.00 1.77 -5.47
N ILE A 9 -10.70 1.74 -5.60
CA ILE A 9 -10.01 2.86 -6.27
C ILE A 9 -10.56 3.07 -7.67
N ARG A 10 -10.96 4.28 -7.97
CA ARG A 10 -11.51 4.56 -9.32
C ARG A 10 -10.47 5.25 -10.21
N ABA A 11 -9.87 4.49 -11.10
CA ABA A 11 -8.84 5.07 -12.01
C ABA A 11 -9.25 4.83 -13.46
O ABA A 11 -9.02 3.77 -14.00
CB ABA A 11 -7.50 4.37 -11.76
CG ABA A 11 -7.11 4.47 -10.28
H2 ABA A 11 -10.10 3.53 -11.15
HA ABA A 11 -8.77 6.14 -11.84
HB3 ABA A 11 -7.57 3.34 -12.05
HB2 ABA A 11 -6.74 4.85 -12.36
HG1 ABA A 11 -7.98 4.36 -9.66
HG3 ABA A 11 -6.41 3.67 -10.03
HG2 ABA A 11 -6.64 5.42 -10.08
N LYS A 12 -9.83 5.83 -14.06
CA LYS A 12 -10.26 5.68 -15.48
C LYS A 12 -9.10 5.27 -16.39
N LYS A 13 -7.90 5.36 -15.89
CA LYS A 13 -6.72 4.98 -16.73
C LYS A 13 -6.16 3.59 -16.33
N PRO A 14 -5.72 2.77 -17.31
CA PRO A 14 -5.18 1.44 -17.00
C PRO A 14 -3.91 1.53 -16.17
N SER A 15 -2.87 2.06 -16.78
CA SER A 15 -1.57 2.20 -16.05
C SER A 15 -1.79 2.47 -14.57
N MET A 16 -2.73 3.33 -14.28
CA MET A 16 -3.01 3.64 -12.86
C MET A 16 -3.61 2.43 -12.16
N LEU A 17 -4.67 1.90 -12.72
CA LEU A 17 -5.31 0.72 -12.10
C LEU A 17 -4.36 -0.47 -12.22
N LYS A 18 -4.02 -0.80 -13.45
CA LYS A 18 -3.10 -1.94 -13.71
C LYS A 18 -2.05 -2.04 -12.60
N LYS A 19 -1.48 -0.93 -12.24
CA LYS A 19 -0.46 -0.97 -11.19
C LYS A 19 -1.13 -1.19 -9.84
N HIS A 20 -2.23 -0.52 -9.63
CA HIS A 20 -2.95 -0.67 -8.36
C HIS A 20 -3.30 -2.12 -8.09
N ILE A 21 -3.94 -2.74 -9.06
CA ILE A 21 -4.31 -4.16 -8.86
C ILE A 21 -3.08 -5.02 -8.64
N ARG A 22 -1.98 -4.64 -9.25
CA ARG A 22 -0.75 -5.45 -9.07
C ARG A 22 -0.16 -5.23 -7.68
N THR A 23 -0.59 -4.19 -7.04
CA THR A 23 -0.05 -3.93 -5.68
C THR A 23 -0.68 -4.87 -4.66
N HIS A 24 -1.80 -5.46 -5.00
CA HIS A 24 -2.45 -6.39 -4.05
C HIS A 24 -1.72 -7.73 -4.07
N THR A 25 -0.61 -7.77 -4.75
CA THR A 25 0.16 -9.02 -4.83
C THR A 25 1.18 -9.08 -3.71
N ASP A 26 2.41 -8.93 -4.07
CA ASP A 26 3.49 -8.97 -3.06
C ASP A 26 4.65 -8.15 -3.57
N VAL A 27 4.32 -7.17 -4.36
CA VAL A 27 5.35 -6.28 -4.94
C VAL A 27 5.59 -5.05 -4.05
N ARG A 28 5.70 -5.29 -2.78
CA ARG A 28 5.92 -4.18 -1.81
C ARG A 28 7.27 -4.38 -1.08
N PRO A 29 8.37 -3.91 -1.68
CA PRO A 29 9.69 -4.07 -1.05
C PRO A 29 9.80 -3.33 0.28
N TYR A 30 9.17 -2.20 0.38
CA TYR A 30 9.24 -1.43 1.66
C TYR A 30 8.53 -2.20 2.79
N HIS A 31 9.32 -2.70 3.73
CA HIS A 31 8.72 -3.46 4.87
C HIS A 31 9.07 -2.81 6.21
N CYS A 32 8.10 -2.70 7.08
CA CYS A 32 8.39 -2.08 8.40
C CYS A 32 9.49 -2.86 9.12
N THR A 33 10.30 -2.17 9.86
CA THR A 33 11.39 -2.87 10.58
C THR A 33 10.85 -3.57 11.83
N TYR A 34 9.55 -3.65 11.91
CA TYR A 34 8.92 -4.33 13.08
C TYR A 34 7.75 -5.19 12.63
N CYS A 35 6.70 -4.55 12.21
CA CYS A 35 5.50 -5.31 11.74
C CYS A 35 5.85 -6.20 10.56
N ASN A 36 4.81 -6.67 9.91
CA ASN A 36 4.99 -7.53 8.74
C ASN A 36 4.32 -6.90 7.53
N PHE A 37 3.82 -5.70 7.75
CA PHE A 37 3.15 -4.98 6.65
C PHE A 37 4.16 -4.42 5.68
N SER A 38 3.73 -4.18 4.47
CA SER A 38 4.66 -3.63 3.47
C SER A 38 3.97 -2.60 2.59
N PHE A 39 4.76 -1.71 2.04
CA PHE A 39 4.21 -0.65 1.16
C PHE A 39 4.89 -0.65 -0.19
N LYS A 40 4.25 -0.06 -1.15
CA LYS A 40 4.82 0.00 -2.51
C LYS A 40 5.65 1.26 -2.70
N THR A 41 5.49 2.19 -1.79
CA THR A 41 6.25 3.46 -1.89
C THR A 41 6.95 3.79 -0.58
N LYS A 42 7.97 4.60 -0.69
CA LYS A 42 8.73 4.99 0.51
C LYS A 42 7.98 6.04 1.31
N GLY A 43 7.02 6.66 0.67
CA GLY A 43 6.22 7.70 1.37
C GLY A 43 5.41 7.09 2.51
N ASN A 44 4.57 6.14 2.17
CA ASN A 44 3.75 5.50 3.22
C ASN A 44 4.62 4.99 4.35
N LEU A 45 5.83 4.65 4.05
CA LEU A 45 6.73 4.14 5.10
C LEU A 45 6.89 5.20 6.18
N THR A 46 7.39 6.35 5.81
CA THR A 46 7.57 7.43 6.81
C THR A 46 6.26 7.68 7.54
N LYS A 47 5.17 7.49 6.83
CA LYS A 47 3.84 7.70 7.46
C LYS A 47 3.59 6.66 8.56
N HIS A 48 4.01 5.46 8.32
CA HIS A 48 3.80 4.41 9.35
C HIS A 48 4.79 4.56 10.50
N MET A 49 6.04 4.65 10.17
CA MET A 49 7.07 4.80 11.23
C MET A 49 6.78 6.03 12.08
N LYS A 50 6.09 6.97 11.50
CA LYS A 50 5.77 8.21 12.26
C LYS A 50 4.95 7.87 13.50
N SER A 51 3.89 7.13 13.30
CA SER A 51 3.03 6.77 14.45
C SER A 51 3.88 6.31 15.63
N LYS A 52 3.39 6.56 16.81
CA LYS A 52 4.15 6.14 18.03
C LYS A 52 4.06 4.64 18.23
N ALA A 53 3.78 3.93 17.18
CA ALA A 53 3.67 2.45 17.30
C ALA A 53 4.98 1.85 17.80
N HIS A 54 6.01 1.98 17.00
CA HIS A 54 7.31 1.42 17.42
C HIS A 54 8.44 1.98 16.55
N SER A 55 9.10 2.98 17.06
CA SER A 55 10.23 3.60 16.30
C SER A 55 11.52 3.53 17.10
N LYS A 56 11.63 4.38 18.08
CA LYS A 56 12.86 4.39 18.93
C LYS A 56 12.51 4.55 20.40
N LYS A 57 11.45 3.89 20.81
CA LYS A 57 11.04 3.98 22.23
C LYS A 57 12.19 3.62 23.16
ZN ZN B . -7.21 -2.16 -4.31
ZN ZN C . 5.41 -1.24 12.06
N LYS A 1 -13.31 -1.06 -17.86
CA LYS A 1 -13.59 -0.91 -16.41
C LYS A 1 -12.28 -0.79 -15.63
N TYR A 2 -12.29 0.01 -14.61
CA TYR A 2 -11.06 0.18 -13.80
C TYR A 2 -11.39 0.56 -12.36
N ILE A 3 -12.00 -0.35 -11.65
CA ILE A 3 -12.36 -0.05 -10.23
C ILE A 3 -12.01 -1.25 -9.36
N CYS A 4 -11.02 -1.08 -8.51
CA CYS A 4 -10.64 -2.22 -7.64
C CYS A 4 -11.83 -2.69 -6.82
N GLU A 5 -12.15 -3.95 -6.97
CA GLU A 5 -13.29 -4.50 -6.21
C GLU A 5 -12.98 -4.62 -4.72
N GLU A 6 -11.72 -4.48 -4.37
CA GLU A 6 -11.35 -4.59 -2.94
C GLU A 6 -11.38 -3.22 -2.26
N CYS A 7 -10.44 -2.39 -2.61
CA CYS A 7 -10.40 -1.04 -1.99
C CYS A 7 -11.48 -0.13 -2.56
N GLY A 8 -11.69 -0.24 -3.84
CA GLY A 8 -12.72 0.62 -4.49
C GLY A 8 -12.04 1.81 -5.17
N ILE A 9 -10.75 1.68 -5.39
CA ILE A 9 -10.01 2.79 -6.05
C ILE A 9 -10.56 3.07 -7.44
N ARG A 10 -10.63 4.34 -7.77
CA ARG A 10 -11.15 4.73 -9.11
C ARG A 10 -10.01 5.24 -10.00
N ABA A 11 -9.67 4.45 -10.99
CA ABA A 11 -8.57 4.86 -11.90
C ABA A 11 -8.96 4.59 -13.36
O ABA A 11 -8.55 3.62 -13.95
CB ABA A 11 -7.33 4.02 -11.57
CG ABA A 11 -6.63 4.62 -10.34
H2 ABA A 11 -10.13 3.59 -11.12
HA ABA A 11 -8.37 5.92 -11.78
HB3 ABA A 11 -7.62 3.01 -11.36
HB2 ABA A 11 -6.65 4.03 -12.41
HG1 ABA A 11 -6.32 5.63 -10.57
HG3 ABA A 11 -7.32 4.63 -9.51
HG2 ABA A 11 -5.78 4.03 -10.09
N LYS A 12 -9.74 5.49 -13.90
CA LYS A 12 -10.18 5.32 -15.31
C LYS A 12 -9.02 4.94 -16.25
N LYS A 13 -7.82 5.26 -15.87
CA LYS A 13 -6.66 4.91 -16.74
C LYS A 13 -6.08 3.53 -16.35
N PRO A 14 -5.62 2.74 -17.34
CA PRO A 14 -5.04 1.41 -17.06
C PRO A 14 -3.81 1.53 -16.17
N SER A 15 -2.74 2.07 -16.72
CA SER A 15 -1.48 2.22 -15.94
C SER A 15 -1.77 2.49 -14.47
N MET A 16 -2.70 3.37 -14.23
CA MET A 16 -3.03 3.70 -12.83
C MET A 16 -3.65 2.48 -12.14
N LEU A 17 -4.68 1.92 -12.74
CA LEU A 17 -5.32 0.74 -12.12
C LEU A 17 -4.40 -0.46 -12.26
N LYS A 18 -4.09 -0.81 -13.50
CA LYS A 18 -3.19 -1.97 -13.75
C LYS A 18 -2.11 -2.06 -12.67
N LYS A 19 -1.62 -0.93 -12.25
CA LYS A 19 -0.59 -0.95 -11.21
C LYS A 19 -1.23 -1.19 -9.86
N HIS A 20 -2.31 -0.50 -9.61
CA HIS A 20 -3.00 -0.67 -8.32
C HIS A 20 -3.37 -2.13 -8.09
N ILE A 21 -4.03 -2.71 -9.06
CA ILE A 21 -4.43 -4.13 -8.90
C ILE A 21 -3.18 -5.00 -8.67
N ARG A 22 -2.09 -4.66 -9.32
CA ARG A 22 -0.87 -5.47 -9.13
C ARG A 22 -0.30 -5.27 -7.73
N THR A 23 -0.71 -4.22 -7.07
CA THR A 23 -0.17 -3.99 -5.70
C THR A 23 -0.73 -5.00 -4.71
N HIS A 24 -1.89 -5.53 -5.01
CA HIS A 24 -2.48 -6.53 -4.07
C HIS A 24 -1.70 -7.83 -4.13
N THR A 25 -0.57 -7.79 -4.77
CA THR A 25 0.25 -9.01 -4.89
C THR A 25 1.31 -9.05 -3.79
N ASP A 26 2.53 -8.89 -4.20
CA ASP A 26 3.64 -8.89 -3.22
C ASP A 26 4.74 -8.00 -3.74
N VAL A 27 4.33 -7.00 -4.45
CA VAL A 27 5.30 -6.04 -5.03
C VAL A 27 5.46 -4.81 -4.14
N ARG A 28 5.64 -5.04 -2.86
CA ARG A 28 5.81 -3.90 -1.90
C ARG A 28 7.21 -3.98 -1.23
N PRO A 29 8.23 -3.41 -1.88
CA PRO A 29 9.59 -3.42 -1.33
C PRO A 29 9.72 -2.61 -0.03
N TYR A 30 8.84 -1.68 0.17
CA TYR A 30 8.93 -0.85 1.41
C TYR A 30 8.39 -1.62 2.63
N HIS A 31 9.27 -2.33 3.30
CA HIS A 31 8.83 -3.11 4.50
C HIS A 31 9.16 -2.37 5.79
N CYS A 32 8.22 -2.37 6.71
CA CYS A 32 8.48 -1.67 8.00
C CYS A 32 9.71 -2.26 8.68
N THR A 33 10.36 -1.46 9.49
CA THR A 33 11.57 -1.97 10.18
C THR A 33 11.18 -2.77 11.43
N TYR A 34 9.93 -3.11 11.51
CA TYR A 34 9.45 -3.89 12.69
C TYR A 34 8.40 -4.92 12.26
N CYS A 35 7.30 -4.43 11.78
CA CYS A 35 6.22 -5.35 11.33
C CYS A 35 6.62 -6.13 10.10
N ASN A 36 5.67 -6.89 9.59
CA ASN A 36 5.93 -7.70 8.39
C ASN A 36 5.12 -7.14 7.23
N PHE A 37 4.51 -6.00 7.47
CA PHE A 37 3.69 -5.36 6.42
C PHE A 37 4.57 -4.54 5.49
N SER A 38 4.06 -4.21 4.35
CA SER A 38 4.86 -3.41 3.41
C SER A 38 3.97 -2.53 2.55
N PHE A 39 4.59 -1.63 1.84
CA PHE A 39 3.82 -0.71 0.97
C PHE A 39 4.48 -0.58 -0.40
N LYS A 40 3.70 -0.15 -1.35
CA LYS A 40 4.25 0.02 -2.73
C LYS A 40 4.90 1.39 -2.88
N THR A 41 4.60 2.27 -1.96
CA THR A 41 5.19 3.63 -2.03
C THR A 41 5.84 4.02 -0.71
N LYS A 42 6.75 4.95 -0.79
CA LYS A 42 7.45 5.39 0.43
C LYS A 42 6.55 6.30 1.24
N GLY A 43 5.55 6.85 0.61
CA GLY A 43 4.62 7.75 1.33
C GLY A 43 3.95 7.00 2.49
N ASN A 44 3.24 5.96 2.16
CA ASN A 44 2.56 5.17 3.22
C ASN A 44 3.54 4.78 4.32
N LEU A 45 4.77 4.55 3.94
CA LEU A 45 5.78 4.17 4.95
C LEU A 45 5.83 5.21 6.06
N THR A 46 6.17 6.42 5.68
CA THR A 46 6.23 7.50 6.70
C THR A 46 4.92 7.57 7.47
N LYS A 47 3.84 7.27 6.79
CA LYS A 47 2.52 7.32 7.46
C LYS A 47 2.42 6.23 8.52
N HIS A 48 3.07 5.13 8.28
CA HIS A 48 3.02 4.02 9.27
C HIS A 48 4.08 4.21 10.36
N MET A 49 5.07 5.02 10.07
CA MET A 49 6.13 5.25 11.07
C MET A 49 5.80 6.47 11.94
N LYS A 50 5.07 7.40 11.37
CA LYS A 50 4.71 8.60 12.14
C LYS A 50 3.85 8.23 13.34
N SER A 51 3.09 7.17 13.20
CA SER A 51 2.23 6.73 14.32
C SER A 51 3.07 6.33 15.52
N LYS A 52 2.49 6.45 16.68
CA LYS A 52 3.25 6.07 17.90
C LYS A 52 3.41 4.56 18.02
N ALA A 53 3.21 3.88 16.91
CA ALA A 53 3.36 2.41 16.94
C ALA A 53 4.71 2.00 17.53
N HIS A 54 5.71 1.95 16.69
CA HIS A 54 7.05 1.56 17.17
C HIS A 54 8.15 2.32 16.44
N SER A 55 8.47 3.47 16.96
CA SER A 55 9.53 4.29 16.31
C SER A 55 10.29 5.08 17.37
N LYS A 56 11.02 4.39 18.19
CA LYS A 56 11.81 5.08 19.24
C LYS A 56 13.06 5.71 18.67
N LYS A 57 12.89 6.44 17.59
CA LYS A 57 14.06 7.09 16.96
C LYS A 57 14.80 7.96 17.97
ZN ZN B . -7.23 -2.30 -4.31
ZN ZN C . 5.52 -1.32 11.78
N LYS A 1 -17.47 -5.20 -7.43
CA LYS A 1 -16.80 -4.78 -8.68
C LYS A 1 -15.32 -4.52 -8.42
N TYR A 2 -14.85 -3.39 -8.88
CA TYR A 2 -13.41 -3.07 -8.66
C TYR A 2 -13.20 -2.43 -7.29
N ILE A 3 -13.70 -3.08 -6.28
CA ILE A 3 -13.55 -2.55 -4.90
C ILE A 3 -12.84 -3.57 -4.02
N CYS A 4 -11.67 -3.23 -3.54
CA CYS A 4 -10.95 -4.19 -2.69
C CYS A 4 -11.73 -4.47 -1.42
N GLU A 5 -12.22 -5.67 -1.31
CA GLU A 5 -12.99 -6.04 -0.10
C GLU A 5 -12.14 -5.94 1.16
N GLU A 6 -10.85 -5.92 1.00
CA GLU A 6 -9.98 -5.82 2.18
C GLU A 6 -9.82 -4.37 2.64
N CYS A 7 -9.16 -3.59 1.82
CA CYS A 7 -8.97 -2.16 2.19
C CYS A 7 -10.25 -1.38 1.97
N GLY A 8 -10.76 -1.49 0.76
CA GLY A 8 -12.01 -0.76 0.41
C GLY A 8 -11.71 0.29 -0.66
N ILE A 9 -10.61 0.14 -1.33
CA ILE A 9 -10.26 1.12 -2.38
C ILE A 9 -11.29 1.08 -3.50
N ARG A 10 -11.75 2.25 -3.90
CA ARG A 10 -12.76 2.31 -4.98
C ARG A 10 -12.14 2.80 -6.28
N ABA A 11 -11.90 1.88 -7.19
CA ABA A 11 -11.29 2.27 -8.50
C ABA A 11 -12.21 1.90 -9.65
O ABA A 11 -12.32 0.76 -10.03
CB ABA A 11 -9.98 1.51 -8.66
CG ABA A 11 -9.04 1.85 -7.49
H2 ABA A 11 -12.14 0.95 -7.01
HA ABA A 11 -11.12 3.34 -8.51
HB3 ABA A 11 -10.17 0.44 -8.67
HB2 ABA A 11 -9.52 1.79 -9.58
HG1 ABA A 11 -8.22 1.15 -7.47
HG3 ABA A 11 -8.66 2.85 -7.60
HG2 ABA A 11 -9.59 1.77 -6.55
N LYS A 12 -12.86 2.89 -10.18
CA LYS A 12 -13.80 2.65 -11.30
C LYS A 12 -13.08 2.12 -12.54
N LYS A 13 -11.83 1.74 -12.40
CA LYS A 13 -11.09 1.21 -13.57
C LYS A 13 -10.21 0.00 -13.19
N PRO A 14 -9.99 -0.94 -14.13
CA PRO A 14 -9.16 -2.12 -13.84
C PRO A 14 -7.72 -1.74 -13.54
N SER A 15 -7.01 -1.29 -14.55
CA SER A 15 -5.58 -0.90 -14.36
C SER A 15 -5.32 -0.37 -12.95
N MET A 16 -6.22 0.46 -12.49
CA MET A 16 -6.04 1.02 -11.13
C MET A 16 -6.22 -0.08 -10.08
N LEU A 17 -7.32 -0.78 -10.15
CA LEU A 17 -7.55 -1.87 -9.17
C LEU A 17 -6.52 -2.97 -9.40
N LYS A 18 -6.48 -3.46 -10.62
CA LYS A 18 -5.52 -4.54 -10.96
C LYS A 18 -4.20 -4.36 -10.21
N LYS A 19 -3.65 -3.20 -10.28
CA LYS A 19 -2.38 -2.96 -9.57
C LYS A 19 -2.60 -3.01 -8.06
N HIS A 20 -3.71 -2.46 -7.64
CA HIS A 20 -3.99 -2.46 -6.19
C HIS A 20 -4.10 -3.87 -5.65
N ILE A 21 -4.92 -4.67 -6.27
CA ILE A 21 -5.07 -6.06 -5.78
C ILE A 21 -3.70 -6.73 -5.72
N ARG A 22 -2.82 -6.33 -6.61
CA ARG A 22 -1.46 -6.93 -6.62
C ARG A 22 -0.63 -6.38 -5.47
N THR A 23 -1.03 -5.26 -4.93
CA THR A 23 -0.24 -4.71 -3.80
C THR A 23 -0.47 -5.54 -2.54
N HIS A 24 -1.21 -6.62 -2.67
CA HIS A 24 -1.47 -7.49 -1.48
C HIS A 24 -0.65 -8.77 -1.57
N THR A 25 0.21 -8.84 -2.56
CA THR A 25 1.05 -10.06 -2.72
C THR A 25 2.39 -9.87 -2.04
N ASP A 26 3.36 -9.42 -2.79
CA ASP A 26 4.71 -9.21 -2.21
C ASP A 26 5.47 -8.21 -3.04
N VAL A 27 4.74 -7.40 -3.74
CA VAL A 27 5.37 -6.37 -4.59
C VAL A 27 5.41 -5.02 -3.85
N ARG A 28 5.90 -5.07 -2.65
CA ARG A 28 6.00 -3.84 -1.82
C ARG A 28 7.39 -3.77 -1.14
N PRO A 29 8.39 -3.24 -1.85
CA PRO A 29 9.75 -3.13 -1.30
C PRO A 29 9.84 -2.30 -0.02
N TYR A 30 8.88 -1.47 0.24
CA TYR A 30 8.95 -0.65 1.48
C TYR A 30 8.36 -1.43 2.66
N HIS A 31 9.17 -2.29 3.24
CA HIS A 31 8.69 -3.10 4.41
C HIS A 31 9.04 -2.42 5.74
N CYS A 32 8.14 -2.51 6.69
CA CYS A 32 8.42 -1.88 8.00
C CYS A 32 9.60 -2.59 8.67
N THR A 33 10.49 -1.83 9.24
CA THR A 33 11.66 -2.45 9.92
C THR A 33 11.24 -3.30 11.11
N TYR A 34 9.96 -3.24 11.44
CA TYR A 34 9.46 -4.04 12.59
C TYR A 34 8.40 -5.04 12.13
N CYS A 35 7.24 -4.54 11.81
CA CYS A 35 6.15 -5.44 11.37
C CYS A 35 6.56 -6.22 10.12
N ASN A 36 5.58 -6.87 9.55
CA ASN A 36 5.84 -7.66 8.33
C ASN A 36 5.05 -7.06 7.16
N PHE A 37 4.37 -5.99 7.46
CA PHE A 37 3.57 -5.32 6.41
C PHE A 37 4.46 -4.42 5.56
N SER A 38 3.98 -4.10 4.39
CA SER A 38 4.80 -3.24 3.52
C SER A 38 3.92 -2.40 2.62
N PHE A 39 4.53 -1.48 1.93
CA PHE A 39 3.77 -0.61 1.02
C PHE A 39 4.48 -0.47 -0.32
N LYS A 40 3.73 -0.18 -1.34
CA LYS A 40 4.36 -0.02 -2.67
C LYS A 40 5.01 1.35 -2.79
N THR A 41 4.56 2.27 -1.96
CA THR A 41 5.12 3.65 -2.00
C THR A 41 5.83 4.00 -0.71
N LYS A 42 6.73 4.95 -0.81
CA LYS A 42 7.47 5.37 0.39
C LYS A 42 6.62 6.31 1.25
N GLY A 43 5.61 6.87 0.64
CA GLY A 43 4.73 7.80 1.40
C GLY A 43 4.05 7.05 2.55
N ASN A 44 3.31 6.03 2.20
CA ASN A 44 2.61 5.26 3.25
C ASN A 44 3.57 4.88 4.37
N LEU A 45 4.77 4.53 4.01
CA LEU A 45 5.77 4.15 5.03
C LEU A 45 5.88 5.26 6.08
N THR A 46 6.23 6.43 5.62
CA THR A 46 6.35 7.56 6.57
C THR A 46 5.12 7.67 7.45
N LYS A 47 4.00 7.29 6.89
CA LYS A 47 2.75 7.36 7.69
C LYS A 47 2.69 6.25 8.73
N HIS A 48 2.96 5.04 8.33
CA HIS A 48 2.92 3.92 9.30
C HIS A 48 3.96 4.13 10.41
N MET A 49 4.87 5.03 10.16
CA MET A 49 5.92 5.28 11.18
C MET A 49 5.51 6.44 12.08
N LYS A 50 4.92 7.45 11.50
CA LYS A 50 4.49 8.62 12.31
C LYS A 50 3.70 8.16 13.54
N SER A 51 2.82 7.22 13.34
CA SER A 51 2.02 6.72 14.47
C SER A 51 2.91 6.32 15.64
N LYS A 52 2.36 6.37 16.82
CA LYS A 52 3.17 6.01 18.02
C LYS A 52 3.49 4.51 18.02
N ALA A 53 3.18 3.86 16.93
CA ALA A 53 3.46 2.40 16.84
C ALA A 53 4.85 2.09 17.36
N HIS A 54 5.80 2.02 16.46
CA HIS A 54 7.19 1.72 16.89
C HIS A 54 8.20 2.41 15.98
N SER A 55 8.53 3.62 16.31
CA SER A 55 9.51 4.36 15.48
C SER A 55 10.20 5.44 16.30
N LYS A 56 9.43 6.12 17.11
CA LYS A 56 10.02 7.19 17.96
C LYS A 56 10.10 6.76 19.42
N LYS A 57 10.35 5.49 19.62
CA LYS A 57 10.45 4.98 21.00
C LYS A 57 10.97 3.54 21.02
ZN ZN B . -6.57 -3.65 -0.86
ZN ZN C . 5.47 -1.43 11.80
N LYS A 1 -15.49 -2.07 -14.56
CA LYS A 1 -14.44 -2.76 -15.33
C LYS A 1 -13.08 -2.61 -14.64
N TYR A 2 -13.12 -2.14 -13.43
CA TYR A 2 -11.85 -1.96 -12.68
C TYR A 2 -12.09 -1.96 -11.17
N ILE A 3 -12.89 -2.90 -10.73
CA ILE A 3 -13.20 -3.00 -9.28
C ILE A 3 -12.47 -4.20 -8.69
N CYS A 4 -11.45 -3.96 -7.90
CA CYS A 4 -10.73 -5.10 -7.30
C CYS A 4 -11.71 -6.04 -6.60
N GLU A 5 -11.82 -7.23 -7.11
CA GLU A 5 -12.74 -8.20 -6.50
C GLU A 5 -12.40 -8.46 -5.03
N GLU A 6 -11.19 -8.16 -4.65
CA GLU A 6 -10.80 -8.39 -3.24
C GLU A 6 -11.15 -7.19 -2.36
N CYS A 7 -10.48 -6.09 -2.59
CA CYS A 7 -10.77 -4.88 -1.77
C CYS A 7 -12.02 -4.18 -2.27
N GLY A 8 -12.05 -3.92 -3.55
CA GLY A 8 -13.23 -3.23 -4.15
C GLY A 8 -12.82 -1.84 -4.65
N ILE A 9 -11.53 -1.60 -4.70
CA ILE A 9 -11.06 -0.28 -5.16
C ILE A 9 -11.69 0.09 -6.50
N ARG A 10 -12.29 1.24 -6.57
CA ARG A 10 -12.93 1.67 -7.84
C ARG A 10 -12.03 2.63 -8.63
N ABA A 11 -11.40 2.12 -9.66
CA ABA A 11 -10.50 2.97 -10.48
C ABA A 11 -10.88 2.87 -11.95
O ABA A 11 -10.43 1.99 -12.65
CB ABA A 11 -9.06 2.50 -10.32
CG ABA A 11 -8.71 2.39 -8.82
H2 ABA A 11 -11.51 1.16 -9.88
HA ABA A 11 -10.61 4.02 -10.17
HB3 ABA A 11 -8.94 1.54 -10.78
HB2 ABA A 11 -8.39 3.20 -10.78
HG1 ABA A 11 -9.45 1.79 -8.31
HG3 ABA A 11 -7.73 1.93 -8.71
HG2 ABA A 11 -8.69 3.38 -8.38
N LYS A 12 -11.70 3.78 -12.40
CA LYS A 12 -12.13 3.76 -13.82
C LYS A 12 -10.95 3.67 -14.79
N LYS A 13 -9.77 4.00 -14.33
CA LYS A 13 -8.58 3.93 -15.23
C LYS A 13 -7.73 2.66 -14.96
N PRO A 14 -7.14 2.07 -16.02
CA PRO A 14 -6.31 0.86 -15.85
C PRO A 14 -5.07 1.16 -15.03
N SER A 15 -4.22 2.00 -15.56
CA SER A 15 -2.96 2.36 -14.84
C SER A 15 -3.16 2.35 -13.33
N MET A 16 -4.26 2.91 -12.90
CA MET A 16 -4.54 2.94 -11.44
C MET A 16 -4.87 1.54 -10.93
N LEU A 17 -5.82 0.89 -11.56
CA LEU A 17 -6.17 -0.47 -11.11
C LEU A 17 -5.00 -1.39 -11.34
N LYS A 18 -4.57 -1.47 -12.58
CA LYS A 18 -3.41 -2.34 -12.93
C LYS A 18 -2.38 -2.32 -11.81
N LYS A 19 -2.04 -1.15 -11.36
CA LYS A 19 -1.04 -1.07 -10.28
C LYS A 19 -1.61 -1.63 -9.00
N HIS A 20 -2.85 -1.30 -8.72
CA HIS A 20 -3.49 -1.80 -7.49
C HIS A 20 -3.52 -3.33 -7.45
N ILE A 21 -3.98 -3.92 -8.53
CA ILE A 21 -4.04 -5.40 -8.56
C ILE A 21 -2.66 -6.01 -8.28
N ARG A 22 -1.63 -5.33 -8.70
CA ARG A 22 -0.25 -5.87 -8.47
C ARG A 22 0.16 -5.72 -7.01
N THR A 23 -0.36 -4.74 -6.34
CA THR A 23 0.04 -4.58 -4.92
C THR A 23 -0.43 -5.78 -4.08
N HIS A 24 -1.12 -6.71 -4.71
CA HIS A 24 -1.60 -7.90 -3.95
C HIS A 24 -0.59 -9.04 -4.06
N THR A 25 0.46 -8.81 -4.79
CA THR A 25 1.48 -9.87 -4.94
C THR A 25 2.57 -9.73 -3.89
N ASP A 26 3.66 -9.17 -4.27
CA ASP A 26 4.77 -8.98 -3.33
C ASP A 26 5.68 -7.89 -3.86
N VAL A 27 5.09 -7.00 -4.58
CA VAL A 27 5.87 -5.87 -5.16
C VAL A 27 5.85 -4.66 -4.23
N ARG A 28 6.09 -4.91 -2.97
CA ARG A 28 6.12 -3.80 -1.97
C ARG A 28 7.50 -3.74 -1.28
N PRO A 29 8.48 -3.10 -1.92
CA PRO A 29 9.83 -2.99 -1.36
C PRO A 29 9.86 -2.18 -0.05
N TYR A 30 8.80 -1.48 0.23
CA TYR A 30 8.79 -0.68 1.48
C TYR A 30 8.25 -1.51 2.65
N HIS A 31 9.15 -2.16 3.35
CA HIS A 31 8.73 -2.99 4.52
C HIS A 31 9.09 -2.32 5.83
N CYS A 32 8.20 -2.41 6.80
CA CYS A 32 8.49 -1.77 8.11
C CYS A 32 9.67 -2.47 8.78
N THR A 33 10.32 -1.78 9.67
CA THR A 33 11.49 -2.40 10.36
C THR A 33 11.04 -3.04 11.67
N TYR A 34 9.76 -3.28 11.78
CA TYR A 34 9.23 -3.91 13.02
C TYR A 34 8.13 -4.91 12.67
N CYS A 35 7.26 -4.50 11.80
CA CYS A 35 6.15 -5.39 11.39
C CYS A 35 6.49 -6.20 10.16
N ASN A 36 5.52 -6.89 9.64
CA ASN A 36 5.74 -7.72 8.43
C ASN A 36 4.91 -7.15 7.28
N PHE A 37 4.38 -5.98 7.50
CA PHE A 37 3.56 -5.34 6.45
C PHE A 37 4.44 -4.54 5.50
N SER A 38 3.98 -4.37 4.29
CA SER A 38 4.77 -3.60 3.31
C SER A 38 3.87 -2.76 2.42
N PHE A 39 4.42 -1.67 1.95
CA PHE A 39 3.64 -0.76 1.07
C PHE A 39 4.29 -0.63 -0.31
N LYS A 40 3.50 -0.27 -1.28
CA LYS A 40 4.05 -0.10 -2.64
C LYS A 40 4.64 1.29 -2.82
N THR A 41 4.32 2.16 -1.90
CA THR A 41 4.84 3.55 -1.97
C THR A 41 5.63 3.92 -0.72
N LYS A 42 6.49 4.88 -0.87
CA LYS A 42 7.30 5.31 0.28
C LYS A 42 6.49 6.24 1.18
N GLY A 43 5.40 6.74 0.65
CA GLY A 43 4.55 7.65 1.46
C GLY A 43 3.94 6.90 2.64
N ASN A 44 3.11 5.93 2.32
CA ASN A 44 2.47 5.14 3.40
C ASN A 44 3.50 4.75 4.45
N LEU A 45 4.71 4.55 4.02
CA LEU A 45 5.77 4.15 4.98
C LEU A 45 5.92 5.23 6.05
N THR A 46 6.23 6.42 5.62
CA THR A 46 6.39 7.52 6.60
C THR A 46 5.15 7.64 7.47
N LYS A 47 4.02 7.31 6.91
CA LYS A 47 2.77 7.40 7.71
C LYS A 47 2.70 6.29 8.75
N HIS A 48 3.06 5.10 8.36
CA HIS A 48 3.01 3.97 9.33
C HIS A 48 4.07 4.15 10.42
N MET A 49 5.06 4.96 10.14
CA MET A 49 6.12 5.18 11.16
C MET A 49 5.77 6.36 12.06
N LYS A 50 5.28 7.41 11.47
CA LYS A 50 4.92 8.60 12.28
C LYS A 50 4.03 8.21 13.45
N SER A 51 3.13 7.29 13.20
CA SER A 51 2.22 6.85 14.28
C SER A 51 3.00 6.40 15.51
N LYS A 52 2.33 6.33 16.63
CA LYS A 52 3.02 5.89 17.87
C LYS A 52 3.33 4.40 17.83
N ALA A 53 3.10 3.80 16.68
CA ALA A 53 3.38 2.35 16.56
C ALA A 53 4.75 1.99 17.13
N HIS A 54 5.78 2.31 16.39
CA HIS A 54 7.14 2.01 16.88
C HIS A 54 8.19 2.66 15.99
N SER A 55 8.78 3.69 16.49
CA SER A 55 9.82 4.40 15.71
C SER A 55 10.89 4.95 16.64
N LYS A 56 11.97 4.24 16.74
CA LYS A 56 13.08 4.68 17.62
C LYS A 56 13.82 5.88 17.02
N LYS A 57 13.10 6.95 16.82
CA LYS A 57 13.74 8.15 16.23
C LYS A 57 14.96 8.57 17.04
ZN ZN B . -7.28 -4.97 -3.98
ZN ZN C . 5.52 -1.32 11.86
N LYS A 1 -17.77 -3.42 -10.86
CA LYS A 1 -17.35 -3.25 -9.44
C LYS A 1 -15.84 -3.07 -9.36
N TYR A 2 -15.43 -2.00 -8.72
CA TYR A 2 -13.97 -1.75 -8.59
C TYR A 2 -13.64 -1.09 -7.26
N ILE A 3 -13.81 -1.83 -6.20
CA ILE A 3 -13.51 -1.28 -4.85
C ILE A 3 -12.80 -2.33 -4.00
N CYS A 4 -11.65 -1.99 -3.51
CA CYS A 4 -10.92 -2.98 -2.68
C CYS A 4 -11.67 -3.25 -1.39
N GLU A 5 -12.07 -4.47 -1.21
CA GLU A 5 -12.80 -4.83 0.02
C GLU A 5 -11.91 -4.71 1.25
N GLU A 6 -10.63 -4.61 1.04
CA GLU A 6 -9.72 -4.49 2.19
C GLU A 6 -9.48 -3.03 2.57
N CYS A 7 -8.78 -2.32 1.73
CA CYS A 7 -8.52 -0.89 2.03
C CYS A 7 -9.78 -0.06 1.85
N GLY A 8 -10.45 -0.28 0.75
CA GLY A 8 -11.70 0.48 0.47
C GLY A 8 -11.44 1.51 -0.62
N ILE A 9 -10.36 1.31 -1.36
CA ILE A 9 -10.04 2.27 -2.43
C ILE A 9 -11.15 2.31 -3.48
N ARG A 10 -11.48 3.50 -3.92
CA ARG A 10 -12.55 3.65 -4.94
C ARG A 10 -11.99 4.05 -6.29
N ABA A 11 -12.05 3.15 -7.23
CA ABA A 11 -11.52 3.45 -8.59
C ABA A 11 -12.49 2.97 -9.66
O ABA A 11 -12.50 1.81 -10.02
CB ABA A 11 -10.19 2.71 -8.76
CG ABA A 11 -9.25 3.06 -7.61
H2 ABA A 11 -12.44 2.26 -7.05
HA ABA A 11 -11.38 4.53 -8.69
HB3 ABA A 11 -10.37 1.65 -8.78
HB2 ABA A 11 -9.75 3.00 -9.69
HG1 ABA A 11 -9.03 4.11 -7.62
HG3 ABA A 11 -9.72 2.81 -6.67
HG2 ABA A 11 -8.33 2.49 -7.71
N LYS A 12 -13.29 3.88 -10.15
CA LYS A 12 -14.27 3.51 -11.19
C LYS A 12 -13.62 2.87 -12.42
N LYS A 13 -12.31 2.96 -12.52
CA LYS A 13 -11.61 2.36 -13.71
C LYS A 13 -10.81 1.09 -13.30
N PRO A 14 -10.68 0.12 -14.22
CA PRO A 14 -9.93 -1.11 -13.93
C PRO A 14 -8.44 -0.83 -13.70
N SER A 15 -7.77 -0.44 -14.77
CA SER A 15 -6.30 -0.13 -14.66
C SER A 15 -5.94 0.40 -13.28
N MET A 16 -6.75 1.28 -12.77
CA MET A 16 -6.46 1.84 -11.43
C MET A 16 -6.67 0.77 -10.36
N LEU A 17 -7.82 0.14 -10.38
CA LEU A 17 -8.09 -0.91 -9.37
C LEU A 17 -7.18 -2.10 -9.66
N LYS A 18 -7.32 -2.65 -10.85
CA LYS A 18 -6.49 -3.81 -11.24
C LYS A 18 -5.08 -3.70 -10.66
N LYS A 19 -4.52 -2.53 -10.77
CA LYS A 19 -3.16 -2.35 -10.22
C LYS A 19 -3.21 -2.36 -8.70
N HIS A 20 -4.20 -1.70 -8.18
CA HIS A 20 -4.34 -1.65 -6.71
C HIS A 20 -4.46 -3.04 -6.12
N ILE A 21 -5.40 -3.79 -6.62
CA ILE A 21 -5.57 -5.17 -6.10
C ILE A 21 -4.28 -5.96 -6.24
N ARG A 22 -3.50 -5.64 -7.25
CA ARG A 22 -2.22 -6.36 -7.43
C ARG A 22 -1.19 -5.91 -6.42
N THR A 23 -1.43 -4.79 -5.79
CA THR A 23 -0.46 -4.31 -4.78
C THR A 23 -0.51 -5.16 -3.52
N HIS A 24 -1.58 -5.90 -3.36
CA HIS A 24 -1.71 -6.77 -2.15
C HIS A 24 -0.98 -8.09 -2.36
N THR A 25 -0.23 -8.16 -3.42
CA THR A 25 0.50 -9.40 -3.72
C THR A 25 1.82 -9.43 -2.95
N ASP A 26 2.86 -9.11 -3.64
CA ASP A 26 4.19 -9.11 -3.00
C ASP A 26 5.07 -8.09 -3.70
N VAL A 27 4.42 -7.11 -4.24
CA VAL A 27 5.13 -6.04 -4.95
C VAL A 27 5.26 -4.77 -4.09
N ARG A 28 5.63 -4.99 -2.85
CA ARG A 28 5.79 -3.85 -1.89
C ARG A 28 7.18 -3.94 -1.22
N PRO A 29 8.20 -3.37 -1.83
CA PRO A 29 9.56 -3.40 -1.26
C PRO A 29 9.67 -2.64 0.07
N TYR A 30 8.93 -1.57 0.21
CA TYR A 30 9.01 -0.80 1.49
C TYR A 30 8.45 -1.61 2.66
N HIS A 31 9.33 -2.28 3.37
CA HIS A 31 8.88 -3.10 4.54
C HIS A 31 9.16 -2.38 5.86
N CYS A 32 8.20 -2.40 6.76
CA CYS A 32 8.43 -1.72 8.06
C CYS A 32 9.66 -2.29 8.75
N THR A 33 10.32 -1.50 9.54
CA THR A 33 11.52 -2.00 10.24
C THR A 33 11.15 -2.79 11.49
N TYR A 34 9.90 -3.18 11.55
CA TYR A 34 9.43 -3.95 12.74
C TYR A 34 8.40 -4.99 12.31
N CYS A 35 7.26 -4.51 11.90
CA CYS A 35 6.19 -5.44 11.45
C CYS A 35 6.61 -6.25 10.25
N ASN A 36 5.64 -6.86 9.62
CA ASN A 36 5.90 -7.68 8.43
C ASN A 36 5.12 -7.12 7.25
N PHE A 37 4.46 -6.02 7.49
CA PHE A 37 3.67 -5.37 6.43
C PHE A 37 4.55 -4.57 5.50
N SER A 38 4.04 -4.18 4.38
CA SER A 38 4.85 -3.39 3.45
C SER A 38 4.00 -2.44 2.62
N PHE A 39 4.65 -1.55 1.92
CA PHE A 39 3.91 -0.58 1.08
C PHE A 39 4.54 -0.44 -0.29
N LYS A 40 3.78 0.05 -1.23
CA LYS A 40 4.31 0.22 -2.60
C LYS A 40 5.00 1.58 -2.76
N THR A 41 4.73 2.46 -1.83
CA THR A 41 5.37 3.81 -1.91
C THR A 41 5.99 4.22 -0.58
N LYS A 42 6.93 5.12 -0.64
CA LYS A 42 7.59 5.57 0.59
C LYS A 42 6.63 6.44 1.42
N GLY A 43 5.61 6.93 0.76
CA GLY A 43 4.64 7.79 1.49
C GLY A 43 3.93 6.98 2.59
N ASN A 44 3.07 6.09 2.17
CA ASN A 44 2.36 5.26 3.17
C ASN A 44 3.33 4.70 4.20
N LEU A 45 4.52 4.39 3.77
CA LEU A 45 5.51 3.85 4.72
C LEU A 45 5.80 4.87 5.81
N THR A 46 6.07 6.09 5.41
CA THR A 46 6.35 7.15 6.40
C THR A 46 5.17 7.34 7.33
N LYS A 47 3.98 7.17 6.79
CA LYS A 47 2.77 7.35 7.63
C LYS A 47 2.72 6.28 8.71
N HIS A 48 3.08 5.08 8.36
CA HIS A 48 3.04 3.98 9.36
C HIS A 48 4.08 4.23 10.45
N MET A 49 5.15 4.89 10.09
CA MET A 49 6.20 5.17 11.09
C MET A 49 5.80 6.34 11.98
N LYS A 50 5.06 7.26 11.43
CA LYS A 50 4.63 8.43 12.23
C LYS A 50 3.83 7.99 13.45
N SER A 51 2.86 7.14 13.21
CA SER A 51 2.03 6.66 14.34
C SER A 51 2.89 6.29 15.53
N LYS A 52 2.31 6.33 16.70
CA LYS A 52 3.09 5.99 17.91
C LYS A 52 3.41 4.50 17.94
N ALA A 53 3.16 3.84 16.84
CA ALA A 53 3.44 2.38 16.80
C ALA A 53 4.83 2.09 17.35
N HIS A 54 5.80 2.03 16.48
CA HIS A 54 7.17 1.75 16.94
C HIS A 54 8.21 2.42 16.06
N SER A 55 8.54 3.65 16.39
CA SER A 55 9.54 4.38 15.59
C SER A 55 10.10 5.57 16.36
N LYS A 56 10.72 5.28 17.47
CA LYS A 56 11.29 6.38 18.29
C LYS A 56 12.14 7.31 17.43
N LYS A 57 13.39 6.99 17.30
CA LYS A 57 14.28 7.84 16.49
C LYS A 57 15.65 7.19 16.30
ZN ZN B . -6.45 -2.60 -1.13
ZN ZN C . 5.51 -1.43 11.88
N LYS A 1 -15.74 -0.73 -12.61
CA LYS A 1 -15.28 0.61 -12.20
C LYS A 1 -13.83 0.52 -11.70
N TYR A 2 -13.51 1.34 -10.73
CA TYR A 2 -12.12 1.33 -10.20
C TYR A 2 -12.10 1.56 -8.69
N ILE A 3 -12.95 0.86 -7.99
CA ILE A 3 -13.01 1.01 -6.51
C ILE A 3 -12.54 -0.27 -5.82
N CYS A 4 -11.36 -0.25 -5.27
CA CYS A 4 -10.87 -1.48 -4.60
C CYS A 4 -11.90 -2.01 -3.62
N GLU A 5 -12.35 -3.19 -3.87
CA GLU A 5 -13.37 -3.80 -2.98
C GLU A 5 -12.84 -4.00 -1.57
N GLU A 6 -11.55 -3.93 -1.40
CA GLU A 6 -10.98 -4.12 -0.05
C GLU A 6 -10.83 -2.78 0.68
N CYS A 7 -9.91 -1.97 0.21
CA CYS A 7 -9.71 -0.66 0.88
C CYS A 7 -10.83 0.31 0.52
N GLY A 8 -11.14 0.37 -0.75
CA GLY A 8 -12.21 1.30 -1.21
C GLY A 8 -11.59 2.50 -1.93
N ILE A 9 -10.34 2.37 -2.30
CA ILE A 9 -9.68 3.49 -3.00
C ILE A 9 -10.42 3.80 -4.31
N ARG A 10 -10.76 5.06 -4.48
CA ARG A 10 -11.48 5.44 -5.73
C ARG A 10 -10.55 6.14 -6.71
N ABA A 11 -10.15 5.43 -7.73
CA ABA A 11 -9.23 6.02 -8.74
C ABA A 11 -9.93 6.12 -10.09
O ABA A 11 -10.20 5.13 -10.73
CB ABA A 11 -8.00 5.12 -8.89
CG ABA A 11 -7.27 5.03 -7.55
H2 ABA A 11 -10.43 4.49 -7.82
HA ABA A 11 -8.94 7.02 -8.42
HB3 ABA A 11 -8.31 4.14 -9.21
HB2 ABA A 11 -7.34 5.54 -9.63
HG1 ABA A 11 -6.65 5.89 -7.41
HG3 ABA A 11 -7.99 4.97 -6.74
HG2 ABA A 11 -6.65 4.14 -7.53
N LYS A 12 -10.22 7.33 -10.49
CA LYS A 12 -10.90 7.54 -11.79
C LYS A 12 -10.03 7.08 -12.96
N LYS A 13 -8.94 6.40 -12.68
CA LYS A 13 -8.07 5.94 -13.80
C LYS A 13 -7.51 4.51 -13.53
N PRO A 14 -7.23 3.76 -14.60
CA PRO A 14 -6.69 2.39 -14.44
C PRO A 14 -5.31 2.40 -13.81
N SER A 15 -4.34 2.88 -14.55
CA SER A 15 -2.94 2.93 -14.03
C SER A 15 -2.92 3.15 -12.52
N MET A 16 -3.75 4.03 -12.07
CA MET A 16 -3.80 4.29 -10.61
C MET A 16 -4.38 3.09 -9.88
N LEU A 17 -5.48 2.58 -10.38
CA LEU A 17 -6.11 1.41 -9.72
C LEU A 17 -5.28 0.17 -10.01
N LYS A 18 -5.15 -0.14 -11.29
CA LYS A 18 -4.35 -1.34 -11.69
C LYS A 18 -3.15 -1.52 -10.77
N LYS A 19 -2.45 -0.46 -10.52
CA LYS A 19 -1.28 -0.57 -9.64
C LYS A 19 -1.73 -0.84 -8.21
N HIS A 20 -2.77 -0.16 -7.81
CA HIS A 20 -3.28 -0.36 -6.44
C HIS A 20 -3.70 -1.80 -6.21
N ILE A 21 -4.53 -2.31 -7.07
CA ILE A 21 -4.97 -3.71 -6.90
C ILE A 21 -3.75 -4.64 -6.84
N ARG A 22 -2.70 -4.25 -7.52
CA ARG A 22 -1.49 -5.10 -7.51
C ARG A 22 -0.73 -4.92 -6.20
N THR A 23 -1.05 -3.89 -5.48
CA THR A 23 -0.36 -3.67 -4.20
C THR A 23 -0.83 -4.67 -3.14
N HIS A 24 -1.87 -5.39 -3.45
CA HIS A 24 -2.39 -6.38 -2.46
C HIS A 24 -1.71 -7.73 -2.67
N THR A 25 -0.72 -7.76 -3.51
CA THR A 25 -0.01 -9.05 -3.77
C THR A 25 1.24 -9.14 -2.91
N ASP A 26 2.35 -8.85 -3.51
CA ASP A 26 3.63 -8.92 -2.77
C ASP A 26 4.66 -8.03 -3.43
N VAL A 27 4.17 -7.03 -4.08
CA VAL A 27 5.06 -6.08 -4.79
C VAL A 27 5.24 -4.79 -3.97
N ARG A 28 5.49 -4.97 -2.71
CA ARG A 28 5.69 -3.80 -1.80
C ARG A 28 7.10 -3.84 -1.16
N PRO A 29 8.09 -3.32 -1.86
CA PRO A 29 9.48 -3.31 -1.34
C PRO A 29 9.66 -2.45 -0.08
N TYR A 30 8.72 -1.60 0.19
CA TYR A 30 8.85 -0.74 1.41
C TYR A 30 8.33 -1.46 2.65
N HIS A 31 9.19 -2.23 3.28
CA HIS A 31 8.75 -2.97 4.51
C HIS A 31 9.09 -2.19 5.77
N CYS A 32 8.21 -2.27 6.75
CA CYS A 32 8.47 -1.53 8.02
C CYS A 32 9.73 -2.07 8.69
N THR A 33 10.36 -1.25 9.48
CA THR A 33 11.60 -1.70 10.17
C THR A 33 11.25 -2.51 11.42
N TYR A 34 10.00 -2.90 11.52
CA TYR A 34 9.57 -3.68 12.70
C TYR A 34 8.56 -4.75 12.28
N CYS A 35 7.42 -4.31 11.84
CA CYS A 35 6.37 -5.26 11.41
C CYS A 35 6.80 -6.06 10.19
N ASN A 36 5.85 -6.70 9.58
CA ASN A 36 6.13 -7.52 8.38
C ASN A 36 5.31 -6.98 7.22
N PHE A 37 4.62 -5.90 7.49
CA PHE A 37 3.78 -5.29 6.43
C PHE A 37 4.62 -4.43 5.52
N SER A 38 4.05 -4.02 4.41
CA SER A 38 4.83 -3.18 3.49
C SER A 38 3.91 -2.35 2.61
N PHE A 39 4.49 -1.43 1.89
CA PHE A 39 3.68 -0.56 1.00
C PHE A 39 4.32 -0.42 -0.37
N LYS A 40 3.52 -0.10 -1.35
CA LYS A 40 4.06 0.06 -2.72
C LYS A 40 4.74 1.42 -2.89
N THR A 41 4.48 2.32 -1.97
CA THR A 41 5.11 3.66 -2.05
C THR A 41 5.87 4.02 -0.78
N LYS A 42 6.80 4.92 -0.92
CA LYS A 42 7.59 5.33 0.25
C LYS A 42 6.78 6.26 1.15
N GLY A 43 5.72 6.79 0.62
CA GLY A 43 4.88 7.70 1.43
C GLY A 43 4.16 6.92 2.53
N ASN A 44 3.23 6.10 2.13
CA ASN A 44 2.48 5.29 3.12
C ASN A 44 3.43 4.68 4.14
N LEU A 45 4.61 4.36 3.69
CA LEU A 45 5.60 3.75 4.62
C LEU A 45 5.92 4.73 5.75
N THR A 46 6.26 5.93 5.39
CA THR A 46 6.59 6.94 6.43
C THR A 46 5.37 7.22 7.30
N LYS A 47 4.21 7.15 6.71
CA LYS A 47 2.98 7.42 7.49
C LYS A 47 2.78 6.36 8.58
N HIS A 48 3.22 5.16 8.29
CA HIS A 48 3.08 4.07 9.30
C HIS A 48 4.11 4.21 10.40
N MET A 49 5.28 4.69 10.04
CA MET A 49 6.34 4.86 11.06
C MET A 49 6.02 6.03 11.98
N LYS A 50 5.37 7.02 11.45
CA LYS A 50 5.03 8.20 12.29
C LYS A 50 4.10 7.80 13.43
N SER A 51 3.15 6.95 13.13
CA SER A 51 2.21 6.51 14.19
C SER A 51 2.95 6.17 15.47
N LYS A 52 2.26 6.23 16.57
CA LYS A 52 2.92 5.92 17.87
C LYS A 52 3.19 4.42 17.99
N ALA A 53 2.93 3.70 16.93
CA ALA A 53 3.16 2.23 16.97
C ALA A 53 4.53 1.93 17.57
N HIS A 54 5.54 1.91 16.74
CA HIS A 54 6.90 1.62 17.25
C HIS A 54 7.96 2.44 16.53
N SER A 55 8.17 3.62 17.02
CA SER A 55 9.18 4.52 16.38
C SER A 55 9.78 5.46 17.43
N LYS A 56 8.96 5.87 18.37
CA LYS A 56 9.45 6.79 19.42
C LYS A 56 8.94 6.35 20.80
N LYS A 57 9.01 5.07 21.06
CA LYS A 57 8.55 4.56 22.36
C LYS A 57 9.25 5.28 23.50
ZN ZN B . -6.94 -1.94 -1.90
ZN ZN C . 5.53 -1.26 11.83
N LYS A 1 -15.51 -2.61 -13.39
CA LYS A 1 -14.65 -1.96 -14.40
C LYS A 1 -13.21 -1.91 -13.90
N TYR A 2 -12.98 -1.14 -12.88
CA TYR A 2 -11.59 -1.05 -12.34
C TYR A 2 -11.61 -0.58 -10.89
N ILE A 3 -12.47 -1.18 -10.10
CA ILE A 3 -12.57 -0.79 -8.67
C ILE A 3 -12.15 -1.97 -7.78
N CYS A 4 -10.97 -1.89 -7.20
CA CYS A 4 -10.55 -3.02 -6.34
C CYS A 4 -11.61 -3.34 -5.31
N GLU A 5 -12.25 -4.46 -5.49
CA GLU A 5 -13.31 -4.86 -4.53
C GLU A 5 -12.76 -4.95 -3.11
N GLU A 6 -11.47 -5.05 -2.98
CA GLU A 6 -10.87 -5.15 -1.64
C GLU A 6 -10.69 -3.77 -1.01
N CYS A 7 -9.84 -2.98 -1.61
CA CYS A 7 -9.61 -1.62 -1.05
C CYS A 7 -10.69 -0.66 -1.52
N GLY A 8 -10.85 -0.60 -2.82
CA GLY A 8 -11.89 0.30 -3.40
C GLY A 8 -11.21 1.35 -4.27
N ILE A 9 -9.97 1.12 -4.60
CA ILE A 9 -9.24 2.08 -5.45
C ILE A 9 -9.96 2.25 -6.79
N ARG A 10 -10.19 3.48 -7.17
CA ARG A 10 -10.89 3.74 -8.46
C ARG A 10 -9.92 4.25 -9.52
N ABA A 11 -9.65 3.41 -10.49
CA ABA A 11 -8.71 3.82 -11.57
C ABA A 11 -9.33 3.56 -12.94
O ABA A 11 -9.51 2.43 -13.33
CB ABA A 11 -7.43 2.98 -11.45
CG ABA A 11 -6.84 3.12 -10.04
H2 ABA A 11 -10.04 2.52 -10.50
HA ABA A 11 -8.49 4.88 -11.48
HB3 ABA A 11 -7.66 1.95 -11.66
HB2 ABA A 11 -6.71 3.33 -12.17
HG1 ABA A 11 -6.63 4.17 -9.83
HG3 ABA A 11 -7.56 2.75 -9.31
HG2 ABA A 11 -5.93 2.55 -9.97
N LYS A 12 -9.64 4.62 -13.64
CA LYS A 12 -10.25 4.45 -14.97
C LYS A 12 -9.24 3.94 -16.01
N LYS A 13 -8.08 3.53 -15.53
CA LYS A 13 -7.05 3.02 -16.48
C LYS A 13 -6.56 1.60 -16.05
N PRO A 14 -6.42 0.67 -17.01
CA PRO A 14 -5.97 -0.69 -16.67
C PRO A 14 -4.57 -0.68 -16.08
N SER A 15 -3.64 -0.12 -16.82
CA SER A 15 -2.25 -0.07 -16.29
C SER A 15 -2.24 0.36 -14.84
N MET A 16 -3.17 1.20 -14.46
CA MET A 16 -3.22 1.66 -13.06
C MET A 16 -3.80 0.58 -12.16
N LEU A 17 -5.05 0.22 -12.41
CA LEU A 17 -5.67 -0.83 -11.59
C LEU A 17 -4.80 -2.07 -11.67
N LYS A 18 -4.53 -2.47 -12.87
CA LYS A 18 -3.70 -3.67 -13.09
C LYS A 18 -2.53 -3.69 -12.09
N LYS A 19 -1.78 -2.63 -12.06
CA LYS A 19 -0.64 -2.60 -11.12
C LYS A 19 -1.14 -2.66 -9.68
N HIS A 20 -2.24 -2.00 -9.42
CA HIS A 20 -2.77 -2.01 -8.05
C HIS A 20 -3.15 -3.42 -7.60
N ILE A 21 -3.89 -4.12 -8.44
CA ILE A 21 -4.29 -5.50 -8.05
C ILE A 21 -3.05 -6.32 -7.71
N ARG A 22 -1.95 -6.02 -8.35
CA ARG A 22 -0.72 -6.78 -8.06
C ARG A 22 -0.18 -6.41 -6.70
N THR A 23 -0.30 -5.16 -6.36
CA THR A 23 0.20 -4.72 -5.04
C THR A 23 -0.26 -5.67 -3.94
N HIS A 24 -1.33 -6.37 -4.21
CA HIS A 24 -1.84 -7.32 -3.18
C HIS A 24 -1.00 -8.60 -3.19
N THR A 25 0.15 -8.52 -3.81
CA THR A 25 1.03 -9.70 -3.88
C THR A 25 2.19 -9.56 -2.90
N ASP A 26 3.35 -9.32 -3.43
CA ASP A 26 4.54 -9.16 -2.57
C ASP A 26 5.51 -8.20 -3.24
N VAL A 27 4.95 -7.33 -4.01
CA VAL A 27 5.78 -6.33 -4.72
C VAL A 27 5.81 -5.00 -3.97
N ARG A 28 6.02 -5.10 -2.67
CA ARG A 28 6.07 -3.89 -1.81
C ARG A 28 7.44 -3.80 -1.11
N PRO A 29 8.45 -3.27 -1.79
CA PRO A 29 9.79 -3.14 -1.21
C PRO A 29 9.81 -2.31 0.08
N TYR A 30 8.85 -1.45 0.24
CA TYR A 30 8.82 -0.63 1.48
C TYR A 30 8.27 -1.43 2.65
N HIS A 31 9.13 -2.15 3.32
CA HIS A 31 8.69 -2.98 4.49
C HIS A 31 9.03 -2.30 5.81
N CYS A 32 8.14 -2.40 6.77
CA CYS A 32 8.42 -1.75 8.08
C CYS A 32 9.63 -2.43 8.73
N THR A 33 10.37 -1.66 9.48
CA THR A 33 11.57 -2.25 10.16
C THR A 33 11.16 -3.01 11.41
N TYR A 34 9.90 -3.28 11.53
CA TYR A 34 9.41 -4.03 12.72
C TYR A 34 8.31 -5.02 12.32
N CYS A 35 7.19 -4.49 11.91
CA CYS A 35 6.07 -5.38 11.49
C CYS A 35 6.43 -6.19 10.26
N ASN A 36 5.42 -6.74 9.66
CA ASN A 36 5.62 -7.54 8.43
C ASN A 36 4.83 -6.93 7.28
N PHE A 37 4.22 -5.81 7.57
CA PHE A 37 3.42 -5.12 6.53
C PHE A 37 4.33 -4.32 5.61
N SER A 38 3.85 -4.04 4.44
CA SER A 38 4.69 -3.27 3.49
C SER A 38 3.83 -2.42 2.58
N PHE A 39 4.48 -1.54 1.86
CA PHE A 39 3.74 -0.65 0.94
C PHE A 39 4.44 -0.56 -0.42
N LYS A 40 3.69 -0.17 -1.42
CA LYS A 40 4.28 -0.06 -2.77
C LYS A 40 4.88 1.32 -2.97
N THR A 41 4.53 2.22 -2.07
CA THR A 41 5.06 3.60 -2.17
C THR A 41 5.80 4.02 -0.92
N LYS A 42 6.66 4.98 -1.05
CA LYS A 42 7.43 5.47 0.11
C LYS A 42 6.58 6.40 0.96
N GLY A 43 5.49 6.85 0.41
CA GLY A 43 4.60 7.77 1.18
C GLY A 43 3.96 7.02 2.35
N ASN A 44 3.14 6.06 2.03
CA ASN A 44 2.46 5.29 3.09
C ASN A 44 3.46 4.91 4.19
N LEU A 45 4.69 4.72 3.80
CA LEU A 45 5.71 4.35 4.80
C LEU A 45 5.79 5.42 5.88
N THR A 46 6.09 6.62 5.48
CA THR A 46 6.18 7.72 6.46
C THR A 46 4.93 7.74 7.32
N LYS A 47 3.83 7.35 6.74
CA LYS A 47 2.55 7.34 7.50
C LYS A 47 2.57 6.27 8.60
N HIS A 48 2.97 5.09 8.24
CA HIS A 48 3.00 4.00 9.27
C HIS A 48 4.02 4.29 10.35
N MET A 49 5.12 4.88 9.97
CA MET A 49 6.16 5.20 10.98
C MET A 49 5.74 6.37 11.85
N LYS A 50 4.95 7.25 11.29
CA LYS A 50 4.50 8.43 12.07
C LYS A 50 3.75 7.99 13.32
N SER A 51 3.04 6.89 13.22
CA SER A 51 2.29 6.40 14.39
C SER A 51 3.22 6.07 15.55
N LYS A 52 2.71 6.17 16.74
CA LYS A 52 3.55 5.87 17.93
C LYS A 52 3.73 4.36 18.09
N ALA A 53 3.35 3.63 17.08
CA ALA A 53 3.50 2.15 17.17
C ALA A 53 4.89 1.77 17.66
N HIS A 54 5.87 1.93 16.81
CA HIS A 54 7.24 1.58 17.21
C HIS A 54 8.27 2.37 16.40
N SER A 55 8.67 3.47 16.94
CA SER A 55 9.67 4.31 16.23
C SER A 55 10.40 5.22 17.21
N LYS A 56 11.51 4.76 17.71
CA LYS A 56 12.28 5.60 18.68
C LYS A 56 13.03 6.70 17.97
N LYS A 57 12.33 7.47 17.19
CA LYS A 57 12.99 8.58 16.46
C LYS A 57 13.75 9.49 17.42
ZN ZN B . -6.65 -3.21 -3.53
ZN ZN C . 5.51 -1.33 11.88
N LYS A 1 -18.00 0.71 -9.06
CA LYS A 1 -17.64 -0.69 -8.73
C LYS A 1 -16.15 -0.79 -8.43
N TYR A 2 -15.54 0.34 -8.22
CA TYR A 2 -14.09 0.33 -7.91
C TYR A 2 -13.85 0.32 -6.41
N ILE A 3 -14.55 -0.55 -5.74
CA ILE A 3 -14.40 -0.65 -4.27
C ILE A 3 -13.67 -1.94 -3.90
N CYS A 4 -12.41 -1.82 -3.55
CA CYS A 4 -11.67 -3.06 -3.18
C CYS A 4 -12.41 -3.83 -2.10
N GLU A 5 -12.86 -5.00 -2.45
CA GLU A 5 -13.61 -5.82 -1.47
C GLU A 5 -12.78 -6.10 -0.21
N GLU A 6 -11.48 -6.00 -0.32
CA GLU A 6 -10.63 -6.25 0.86
C GLU A 6 -10.54 -5.02 1.75
N CYS A 7 -9.92 -3.99 1.25
CA CYS A 7 -9.79 -2.75 2.05
C CYS A 7 -11.07 -1.94 1.98
N GLY A 8 -11.49 -1.66 0.77
CA GLY A 8 -12.73 -0.86 0.58
C GLY A 8 -12.38 0.49 -0.06
N ILE A 9 -11.19 0.58 -0.61
CA ILE A 9 -10.79 1.85 -1.25
C ILE A 9 -11.75 2.22 -2.38
N ARG A 10 -12.27 3.43 -2.31
CA ARG A 10 -13.22 3.88 -3.35
C ARG A 10 -12.54 4.80 -4.36
N ABA A 11 -12.11 4.24 -5.46
CA ABA A 11 -11.43 5.07 -6.49
C ABA A 11 -12.33 5.29 -7.70
O ABA A 11 -12.60 4.36 -8.45
CB ABA A 11 -10.16 4.35 -6.95
CG ABA A 11 -9.16 4.31 -5.79
H2 ABA A 11 -12.24 3.28 -5.61
HA ABA A 11 -11.18 6.05 -6.07
HB3 ABA A 11 -10.41 3.35 -7.24
HB2 ABA A 11 -9.73 4.86 -7.79
HG1 ABA A 11 -8.76 5.30 -5.64
HG3 ABA A 11 -9.66 3.99 -4.89
HG2 ABA A 11 -8.36 3.64 -6.03
N LYS A 12 -12.79 6.49 -7.87
CA LYS A 12 -13.68 6.79 -9.01
C LYS A 12 -12.98 6.59 -10.36
N LYS A 13 -11.81 5.98 -10.34
CA LYS A 13 -11.08 5.77 -11.63
C LYS A 13 -10.38 4.39 -11.65
N PRO A 14 -10.21 3.79 -12.85
CA PRO A 14 -9.55 2.48 -12.96
C PRO A 14 -8.08 2.56 -12.56
N SER A 15 -7.29 3.22 -13.39
CA SER A 15 -5.83 3.36 -13.09
C SER A 15 -5.58 3.42 -11.59
N MET A 16 -6.45 4.10 -10.90
CA MET A 16 -6.27 4.20 -9.44
C MET A 16 -6.58 2.86 -8.78
N LEU A 17 -7.75 2.33 -9.07
CA LEU A 17 -8.10 1.01 -8.46
C LEU A 17 -7.19 -0.05 -9.06
N LYS A 18 -7.21 -0.14 -10.36
CA LYS A 18 -6.35 -1.14 -11.06
C LYS A 18 -5.01 -1.31 -10.36
N LYS A 19 -4.37 -0.21 -10.06
CA LYS A 19 -3.06 -0.31 -9.39
C LYS A 19 -3.24 -0.75 -7.94
N HIS A 20 -4.27 -0.25 -7.32
CA HIS A 20 -4.52 -0.63 -5.92
C HIS A 20 -4.68 -2.13 -5.78
N ILE A 21 -5.50 -2.71 -6.62
CA ILE A 21 -5.69 -4.17 -6.53
C ILE A 21 -4.37 -4.91 -6.79
N ARG A 22 -3.54 -4.32 -7.61
CA ARG A 22 -2.25 -4.98 -7.91
C ARG A 22 -1.35 -4.93 -6.70
N THR A 23 -1.60 -4.01 -5.82
CA THR A 23 -0.76 -3.91 -4.61
C THR A 23 -0.95 -5.13 -3.70
N HIS A 24 -2.11 -5.74 -3.78
CA HIS A 24 -2.35 -6.93 -2.93
C HIS A 24 -1.58 -8.15 -3.46
N THR A 25 -0.60 -7.87 -4.29
CA THR A 25 0.19 -8.98 -4.86
C THR A 25 1.45 -9.19 -4.04
N ASP A 26 2.55 -8.76 -4.57
CA ASP A 26 3.83 -8.90 -3.86
C ASP A 26 4.81 -7.89 -4.39
N VAL A 27 4.26 -6.78 -4.83
CA VAL A 27 5.11 -5.70 -5.38
C VAL A 27 5.30 -4.56 -4.38
N ARG A 28 5.55 -4.92 -3.15
CA ARG A 28 5.75 -3.90 -2.09
C ARG A 28 7.17 -3.99 -1.49
N PRO A 29 8.15 -3.32 -2.12
CA PRO A 29 9.53 -3.35 -1.63
C PRO A 29 9.68 -2.67 -0.26
N TYR A 30 8.88 -1.67 -0.02
CA TYR A 30 8.97 -0.97 1.30
C TYR A 30 8.42 -1.84 2.43
N HIS A 31 9.28 -2.17 3.37
CA HIS A 31 8.84 -3.04 4.52
C HIS A 31 9.18 -2.38 5.87
N CYS A 32 8.25 -2.46 6.80
CA CYS A 32 8.54 -1.84 8.13
C CYS A 32 9.69 -2.57 8.81
N THR A 33 10.58 -1.83 9.41
CA THR A 33 11.72 -2.48 10.11
C THR A 33 11.22 -3.34 11.27
N TYR A 34 10.05 -3.03 11.75
CA TYR A 34 9.49 -3.82 12.88
C TYR A 34 8.47 -4.85 12.40
N CYS A 35 7.31 -4.39 12.03
CA CYS A 35 6.27 -5.34 11.55
C CYS A 35 6.76 -6.12 10.35
N ASN A 36 5.82 -6.70 9.65
CA ASN A 36 6.14 -7.50 8.45
C ASN A 36 5.33 -6.98 7.27
N PHE A 37 4.56 -5.95 7.54
CA PHE A 37 3.72 -5.36 6.47
C PHE A 37 4.58 -4.67 5.44
N SER A 38 4.03 -4.46 4.27
CA SER A 38 4.80 -3.79 3.21
C SER A 38 3.93 -2.85 2.40
N PHE A 39 4.54 -1.78 1.92
CA PHE A 39 3.78 -0.80 1.11
C PHE A 39 4.39 -0.64 -0.28
N LYS A 40 3.60 -0.14 -1.19
CA LYS A 40 4.08 0.04 -2.58
C LYS A 40 4.76 1.41 -2.74
N THR A 41 4.51 2.29 -1.80
CA THR A 41 5.14 3.63 -1.89
C THR A 41 5.81 4.03 -0.58
N LYS A 42 6.75 4.92 -0.68
CA LYS A 42 7.47 5.37 0.52
C LYS A 42 6.57 6.30 1.34
N GLY A 43 5.60 6.89 0.69
CA GLY A 43 4.69 7.81 1.42
C GLY A 43 4.02 7.06 2.58
N ASN A 44 3.39 5.97 2.26
CA ASN A 44 2.71 5.18 3.31
C ASN A 44 3.71 4.76 4.39
N LEU A 45 4.93 4.53 3.98
CA LEU A 45 5.96 4.11 4.96
C LEU A 45 6.08 5.18 6.05
N THR A 46 6.43 6.37 5.64
CA THR A 46 6.57 7.45 6.64
C THR A 46 5.29 7.58 7.46
N LYS A 47 4.19 7.30 6.82
CA LYS A 47 2.89 7.39 7.54
C LYS A 47 2.78 6.31 8.62
N HIS A 48 3.15 5.11 8.28
CA HIS A 48 3.07 4.01 9.27
C HIS A 48 4.00 4.29 10.45
N MET A 49 5.15 4.82 10.16
CA MET A 49 6.10 5.13 11.27
C MET A 49 5.71 6.41 11.98
N LYS A 50 4.87 7.18 11.35
CA LYS A 50 4.43 8.45 11.98
C LYS A 50 3.67 8.18 13.27
N SER A 51 2.84 7.16 13.24
CA SER A 51 2.06 6.83 14.45
C SER A 51 2.99 6.59 15.64
N LYS A 52 2.42 6.33 16.79
CA LYS A 52 3.26 6.09 17.98
C LYS A 52 3.55 4.60 18.16
N ALA A 53 3.10 3.82 17.21
CA ALA A 53 3.35 2.36 17.30
C ALA A 53 4.78 2.07 17.75
N HIS A 54 5.68 1.97 16.81
CA HIS A 54 7.09 1.69 17.16
C HIS A 54 8.03 2.50 16.27
N SER A 55 8.10 3.78 16.53
CA SER A 55 8.99 4.64 15.71
C SER A 55 9.01 6.06 16.26
N LYS A 56 10.04 6.37 16.99
CA LYS A 56 10.12 7.75 17.55
C LYS A 56 9.86 8.79 16.47
N LYS A 57 10.84 9.01 15.64
CA LYS A 57 10.66 10.01 14.56
C LYS A 57 9.56 9.58 13.60
ZN ZN B . -7.30 -3.27 -1.21
ZN ZN C . 5.55 -1.36 11.89
N LYS A 1 -17.36 -5.72 -10.78
CA LYS A 1 -17.05 -5.66 -9.33
C LYS A 1 -15.57 -5.34 -9.13
N TYR A 2 -15.12 -4.25 -9.69
CA TYR A 2 -13.69 -3.88 -9.54
C TYR A 2 -13.48 -2.94 -8.36
N ILE A 3 -13.74 -3.44 -7.18
CA ILE A 3 -13.57 -2.61 -5.97
C ILE A 3 -12.83 -3.40 -4.90
N CYS A 4 -11.59 -3.04 -4.66
CA CYS A 4 -10.84 -3.79 -3.63
C CYS A 4 -11.54 -3.71 -2.28
N GLU A 5 -12.12 -4.79 -1.89
CA GLU A 5 -12.82 -4.82 -0.58
C GLU A 5 -11.88 -4.48 0.57
N GLU A 6 -10.59 -4.63 0.33
CA GLU A 6 -9.62 -4.32 1.39
C GLU A 6 -9.38 -2.82 1.49
N CYS A 7 -8.80 -2.26 0.46
CA CYS A 7 -8.53 -0.80 0.48
C CYS A 7 -9.79 -0.03 0.13
N GLY A 8 -10.35 -0.36 -1.02
CA GLY A 8 -11.59 0.33 -1.48
C GLY A 8 -11.32 1.06 -2.79
N ILE A 9 -10.26 0.70 -3.46
CA ILE A 9 -9.93 1.36 -4.74
C ILE A 9 -11.05 1.14 -5.75
N ARG A 10 -11.50 2.21 -6.36
CA ARG A 10 -12.57 2.08 -7.37
C ARG A 10 -11.99 2.11 -8.79
N ABA A 11 -11.65 0.95 -9.29
CA ABA A 11 -11.07 0.87 -10.66
C ABA A 11 -12.01 0.12 -11.60
O ABA A 11 -11.78 -1.01 -11.96
CB ABA A 11 -9.74 0.11 -10.57
CG ABA A 11 -8.68 1.02 -9.97
H2 ABA A 11 -11.78 0.13 -8.75
HA ABA A 11 -10.91 1.87 -11.03
HB3 ABA A 11 -9.87 -0.77 -9.95
HB2 ABA A 11 -9.44 -0.21 -11.55
HG1 ABA A 11 -7.72 0.51 -9.96
HG3 ABA A 11 -8.60 1.92 -10.55
HG2 ABA A 11 -8.95 1.27 -8.96
N LYS A 12 -13.07 0.79 -11.97
CA LYS A 12 -14.06 0.17 -12.88
C LYS A 12 -13.40 -0.67 -13.99
N LYS A 13 -12.19 -0.30 -14.36
CA LYS A 13 -11.51 -1.08 -15.42
C LYS A 13 -10.59 -2.19 -14.82
N PRO A 14 -10.43 -3.31 -15.54
CA PRO A 14 -9.58 -4.41 -15.05
C PRO A 14 -8.13 -3.98 -14.90
N SER A 15 -7.47 -3.75 -16.03
CA SER A 15 -6.05 -3.32 -15.99
C SER A 15 -5.73 -2.49 -14.75
N MET A 16 -6.58 -1.55 -14.46
CA MET A 16 -6.34 -0.71 -13.27
C MET A 16 -6.48 -1.55 -11.99
N LEU A 17 -7.56 -2.28 -11.89
CA LEU A 17 -7.77 -3.11 -10.68
C LEU A 17 -6.76 -4.25 -10.70
N LYS A 18 -6.81 -5.05 -11.74
CA LYS A 18 -5.87 -6.20 -11.88
C LYS A 18 -4.52 -5.87 -11.27
N LYS A 19 -3.96 -4.77 -11.66
CA LYS A 19 -2.65 -4.39 -11.11
C LYS A 19 -2.77 -4.07 -9.62
N HIS A 20 -3.83 -3.41 -9.26
CA HIS A 20 -4.01 -3.07 -7.83
C HIS A 20 -4.12 -4.32 -6.97
N ILE A 21 -4.99 -5.23 -7.36
CA ILE A 21 -5.13 -6.45 -6.55
C ILE A 21 -3.79 -7.16 -6.39
N ARG A 22 -2.94 -7.01 -7.37
CA ARG A 22 -1.61 -7.67 -7.27
C ARG A 22 -0.76 -7.00 -6.21
N THR A 23 -0.83 -5.70 -6.13
CA THR A 23 -0.02 -4.98 -5.12
C THR A 23 -0.13 -5.67 -3.77
N HIS A 24 -1.20 -6.38 -3.55
CA HIS A 24 -1.35 -7.07 -2.25
C HIS A 24 -0.54 -8.36 -2.25
N THR A 25 0.41 -8.44 -3.14
CA THR A 25 1.25 -9.65 -3.23
C THR A 25 2.53 -9.46 -2.43
N ASP A 26 3.60 -9.23 -3.14
CA ASP A 26 4.90 -9.03 -2.46
C ASP A 26 5.73 -8.05 -3.26
N VAL A 27 5.05 -7.21 -3.98
CA VAL A 27 5.73 -6.19 -4.79
C VAL A 27 5.76 -4.84 -4.06
N ARG A 28 6.06 -4.91 -2.80
CA ARG A 28 6.13 -3.69 -1.96
C ARG A 28 7.53 -3.56 -1.33
N PRO A 29 8.49 -2.97 -2.05
CA PRO A 29 9.86 -2.79 -1.54
C PRO A 29 9.93 -1.85 -0.33
N TYR A 30 8.85 -1.74 0.40
CA TYR A 30 8.85 -0.85 1.61
C TYR A 30 8.27 -1.58 2.82
N HIS A 31 9.05 -2.46 3.40
CA HIS A 31 8.57 -3.21 4.59
C HIS A 31 8.96 -2.53 5.89
N CYS A 32 8.07 -2.55 6.85
CA CYS A 32 8.39 -1.91 8.15
C CYS A 32 9.55 -2.65 8.82
N THR A 33 10.44 -1.90 9.42
CA THR A 33 11.58 -2.56 10.10
C THR A 33 11.11 -3.45 11.23
N TYR A 34 9.93 -3.16 11.72
CA TYR A 34 9.38 -3.98 12.84
C TYR A 34 8.34 -4.98 12.32
N CYS A 35 7.18 -4.49 11.97
CA CYS A 35 6.13 -5.40 11.46
C CYS A 35 6.59 -6.10 10.19
N ASN A 36 5.66 -6.77 9.55
CA ASN A 36 5.98 -7.49 8.30
C ASN A 36 5.16 -6.91 7.16
N PHE A 37 4.37 -5.91 7.48
CA PHE A 37 3.53 -5.27 6.44
C PHE A 37 4.39 -4.37 5.57
N SER A 38 3.94 -4.13 4.38
CA SER A 38 4.73 -3.26 3.48
C SER A 38 3.83 -2.42 2.59
N PHE A 39 4.43 -1.52 1.87
CA PHE A 39 3.64 -0.65 0.98
C PHE A 39 4.31 -0.54 -0.39
N LYS A 40 3.53 -0.17 -1.36
CA LYS A 40 4.09 -0.04 -2.73
C LYS A 40 4.73 1.34 -2.93
N THR A 41 4.52 2.20 -1.97
CA THR A 41 5.11 3.57 -2.08
C THR A 41 5.75 3.99 -0.77
N LYS A 42 6.69 4.89 -0.88
CA LYS A 42 7.38 5.39 0.32
C LYS A 42 6.49 6.32 1.12
N GLY A 43 5.48 6.83 0.48
CA GLY A 43 4.57 7.76 1.20
C GLY A 43 3.92 7.03 2.39
N ASN A 44 3.17 6.00 2.07
CA ASN A 44 2.51 5.23 3.15
C ASN A 44 3.51 4.86 4.24
N LEU A 45 4.70 4.51 3.83
CA LEU A 45 5.74 4.15 4.84
C LEU A 45 5.81 5.21 5.91
N THR A 46 6.12 6.42 5.52
CA THR A 46 6.21 7.50 6.51
C THR A 46 4.95 7.56 7.35
N LYS A 47 3.85 7.22 6.74
CA LYS A 47 2.57 7.24 7.49
C LYS A 47 2.57 6.18 8.60
N HIS A 48 2.96 4.98 8.26
CA HIS A 48 3.00 3.91 9.28
C HIS A 48 4.07 4.20 10.33
N MET A 49 5.02 5.03 9.96
CA MET A 49 6.11 5.36 10.92
C MET A 49 5.72 6.58 11.74
N LYS A 50 4.79 7.35 11.23
CA LYS A 50 4.37 8.56 11.96
C LYS A 50 3.72 8.18 13.28
N SER A 51 2.83 7.22 13.22
CA SER A 51 2.15 6.80 14.46
C SER A 51 3.18 6.42 15.52
N LYS A 52 2.79 6.54 16.75
CA LYS A 52 3.73 6.19 17.85
C LYS A 52 3.80 4.68 18.04
N ALA A 53 3.39 3.95 17.05
CA ALA A 53 3.44 2.46 17.16
C ALA A 53 4.80 2.01 17.71
N HIS A 54 5.76 1.94 16.83
CA HIS A 54 7.11 1.52 17.27
C HIS A 54 8.20 2.24 16.48
N SER A 55 8.56 3.40 16.95
CA SER A 55 9.61 4.19 16.24
C SER A 55 10.54 4.88 17.24
N LYS A 56 9.99 5.23 18.38
CA LYS A 56 10.82 5.91 19.42
C LYS A 56 11.34 4.91 20.45
N LYS A 57 10.84 5.03 21.64
CA LYS A 57 11.28 4.10 22.72
C LYS A 57 11.10 2.66 22.29
ZN ZN B . -6.32 -3.05 -2.26
ZN ZN C . 5.44 -1.42 11.91
N LYS A 1 -18.17 -3.40 -7.26
CA LYS A 1 -17.71 -2.35 -8.20
C LYS A 1 -16.19 -2.30 -8.21
N TYR A 2 -15.61 -1.54 -7.32
CA TYR A 2 -14.14 -1.45 -7.28
C TYR A 2 -13.64 -1.09 -5.88
N ILE A 3 -14.17 -1.77 -4.90
CA ILE A 3 -13.75 -1.50 -3.49
C ILE A 3 -12.92 -2.66 -2.98
N CYS A 4 -11.62 -2.47 -2.92
CA CYS A 4 -10.76 -3.58 -2.42
C CYS A 4 -11.35 -4.17 -1.14
N GLU A 5 -11.63 -5.43 -1.19
CA GLU A 5 -12.20 -6.11 0.00
C GLU A 5 -11.27 -6.01 1.21
N GLU A 6 -10.02 -5.75 0.97
CA GLU A 6 -9.07 -5.66 2.09
C GLU A 6 -8.94 -4.23 2.61
N CYS A 7 -8.34 -3.38 1.81
CA CYS A 7 -8.18 -1.97 2.24
C CYS A 7 -9.49 -1.19 2.12
N GLY A 8 -10.14 -1.35 1.00
CA GLY A 8 -11.43 -0.64 0.78
C GLY A 8 -11.22 0.54 -0.18
N ILE A 9 -10.09 0.53 -0.85
CA ILE A 9 -9.82 1.64 -1.80
C ILE A 9 -10.94 1.76 -2.82
N ARG A 10 -11.45 2.94 -2.97
CA ARG A 10 -12.55 3.15 -3.95
C ARG A 10 -12.03 3.77 -5.24
N ABA A 11 -12.03 2.97 -6.29
CA ABA A 11 -11.54 3.48 -7.60
C ABA A 11 -12.63 3.35 -8.67
O ABA A 11 -12.94 2.27 -9.11
CB ABA A 11 -10.33 2.64 -8.03
CG ABA A 11 -9.25 2.72 -6.96
H2 ABA A 11 -12.35 2.04 -6.20
HA ABA A 11 -11.26 4.53 -7.51
HB3 ABA A 11 -10.64 1.61 -8.16
HB2 ABA A 11 -9.95 3.01 -8.96
HG1 ABA A 11 -8.80 3.71 -6.96
HG3 ABA A 11 -9.68 2.53 -5.98
HG2 ABA A 11 -8.49 1.98 -7.15
N LYS A 12 -13.17 4.47 -9.06
CA LYS A 12 -14.23 4.45 -10.08
C LYS A 12 -13.74 3.92 -11.44
N LYS A 13 -12.55 3.35 -11.45
CA LYS A 13 -12.02 2.82 -12.74
C LYS A 13 -11.23 1.50 -12.53
N PRO A 14 -11.19 0.64 -13.56
CA PRO A 14 -10.47 -0.64 -13.46
C PRO A 14 -8.97 -0.44 -13.32
N SER A 15 -8.35 0.02 -14.40
CA SER A 15 -6.88 0.27 -14.38
C SER A 15 -6.40 0.68 -12.99
N MET A 16 -7.19 1.48 -12.33
CA MET A 16 -6.80 1.92 -10.97
C MET A 16 -6.96 0.77 -9.98
N LEU A 17 -8.13 0.20 -9.92
CA LEU A 17 -8.34 -0.92 -8.97
C LEU A 17 -7.47 -2.09 -9.41
N LYS A 18 -7.64 -2.50 -10.65
CA LYS A 18 -6.84 -3.63 -11.18
C LYS A 18 -5.41 -3.57 -10.65
N LYS A 19 -4.77 -2.46 -10.85
CA LYS A 19 -3.38 -2.34 -10.36
C LYS A 19 -3.33 -2.45 -8.85
N HIS A 20 -4.31 -1.87 -8.19
CA HIS A 20 -4.32 -1.92 -6.71
C HIS A 20 -4.43 -3.36 -6.21
N ILE A 21 -5.37 -4.10 -6.74
CA ILE A 21 -5.50 -5.50 -6.26
C ILE A 21 -4.18 -6.24 -6.42
N ARG A 22 -3.41 -5.85 -7.40
CA ARG A 22 -2.11 -6.53 -7.59
C ARG A 22 -1.13 -6.10 -6.51
N THR A 23 -1.26 -4.89 -6.06
CA THR A 23 -0.33 -4.43 -4.99
C THR A 23 -0.30 -5.42 -3.85
N HIS A 24 -1.33 -6.21 -3.73
CA HIS A 24 -1.38 -7.19 -2.63
C HIS A 24 -0.60 -8.45 -3.03
N THR A 25 0.25 -8.31 -4.00
CA THR A 25 1.05 -9.46 -4.45
C THR A 25 2.34 -9.53 -3.67
N ASP A 26 3.38 -9.02 -4.27
CA ASP A 26 4.70 -9.04 -3.60
C ASP A 26 5.58 -7.97 -4.20
N VAL A 27 4.93 -6.93 -4.66
CA VAL A 27 5.66 -5.80 -5.28
C VAL A 27 5.71 -4.59 -4.35
N ARG A 28 5.90 -4.86 -3.09
CA ARG A 28 5.97 -3.77 -2.07
C ARG A 28 7.37 -3.77 -1.41
N PRO A 29 8.36 -3.11 -2.02
CA PRO A 29 9.71 -3.06 -1.45
C PRO A 29 9.76 -2.39 -0.09
N TYR A 30 8.90 -1.44 0.15
CA TYR A 30 8.91 -0.76 1.46
C TYR A 30 8.36 -1.68 2.56
N HIS A 31 9.22 -2.08 3.47
CA HIS A 31 8.78 -2.98 4.58
C HIS A 31 9.10 -2.37 5.95
N CYS A 32 8.18 -2.49 6.87
CA CYS A 32 8.45 -1.91 8.22
C CYS A 32 9.59 -2.66 8.89
N THR A 33 10.45 -1.94 9.55
CA THR A 33 11.58 -2.62 10.24
C THR A 33 11.08 -3.50 11.37
N TYR A 34 9.92 -3.16 11.87
CA TYR A 34 9.35 -3.97 12.99
C TYR A 34 8.33 -4.99 12.48
N CYS A 35 7.17 -4.51 12.13
CA CYS A 35 6.12 -5.44 11.62
C CYS A 35 6.62 -6.21 10.40
N ASN A 36 5.67 -6.71 9.65
CA ASN A 36 6.01 -7.48 8.42
C ASN A 36 5.21 -6.95 7.25
N PHE A 37 4.41 -5.94 7.52
CA PHE A 37 3.59 -5.34 6.44
C PHE A 37 4.47 -4.62 5.45
N SER A 38 3.96 -4.40 4.26
CA SER A 38 4.76 -3.70 3.24
C SER A 38 3.90 -2.75 2.41
N PHE A 39 4.50 -1.67 1.99
CA PHE A 39 3.77 -0.68 1.17
C PHE A 39 4.41 -0.53 -0.20
N LYS A 40 3.63 -0.05 -1.13
CA LYS A 40 4.15 0.14 -2.51
C LYS A 40 4.79 1.51 -2.67
N THR A 41 4.53 2.40 -1.73
CA THR A 41 5.11 3.75 -1.82
C THR A 41 5.75 4.18 -0.50
N LYS A 42 6.66 5.11 -0.58
CA LYS A 42 7.33 5.58 0.64
C LYS A 42 6.38 6.43 1.47
N GLY A 43 5.37 6.97 0.83
CA GLY A 43 4.40 7.81 1.56
C GLY A 43 3.73 7.00 2.67
N ASN A 44 2.97 6.01 2.28
CA ASN A 44 2.29 5.19 3.28
C ASN A 44 3.28 4.66 4.31
N LEU A 45 4.40 4.21 3.84
CA LEU A 45 5.42 3.68 4.79
C LEU A 45 5.75 4.74 5.84
N THR A 46 6.05 5.92 5.39
CA THR A 46 6.37 7.01 6.35
C THR A 46 5.21 7.25 7.30
N LYS A 47 4.01 7.10 6.79
CA LYS A 47 2.82 7.31 7.65
C LYS A 47 2.75 6.23 8.73
N HIS A 48 3.19 5.05 8.38
CA HIS A 48 3.14 3.94 9.38
C HIS A 48 4.18 4.17 10.48
N MET A 49 5.25 4.84 10.13
CA MET A 49 6.30 5.10 11.14
C MET A 49 5.93 6.30 12.02
N LYS A 50 5.42 7.33 11.38
CA LYS A 50 5.03 8.54 12.16
C LYS A 50 4.13 8.16 13.32
N SER A 51 3.18 7.30 13.06
CA SER A 51 2.25 6.90 14.15
C SER A 51 3.03 6.53 15.40
N LYS A 52 2.35 6.52 16.52
CA LYS A 52 3.03 6.17 17.79
C LYS A 52 3.34 4.68 17.85
N ALA A 53 3.11 4.00 16.76
CA ALA A 53 3.38 2.54 16.74
C ALA A 53 4.75 2.24 17.34
N HIS A 54 5.74 2.14 16.49
CA HIS A 54 7.10 1.85 17.00
C HIS A 54 8.16 2.52 16.14
N SER A 55 8.47 3.74 16.45
CA SER A 55 9.49 4.48 15.67
C SER A 55 10.16 5.54 16.53
N LYS A 56 11.09 5.11 17.35
CA LYS A 56 11.79 6.09 18.22
C LYS A 56 12.33 7.25 17.42
N LYS A 57 13.57 7.15 17.02
CA LYS A 57 14.18 8.25 16.23
C LYS A 57 13.35 8.55 14.99
ZN ZN B . -6.18 -3.30 -1.10
ZN ZN C . 5.46 -1.45 11.97
N LYS A 1 -18.04 -0.30 -10.70
CA LYS A 1 -17.64 -1.67 -10.32
C LYS A 1 -16.13 -1.75 -10.10
N TYR A 2 -15.44 -0.70 -10.49
CA TYR A 2 -13.97 -0.69 -10.32
C TYR A 2 -13.59 0.05 -9.03
N ILE A 3 -14.06 -0.47 -7.93
CA ILE A 3 -13.74 0.17 -6.62
C ILE A 3 -13.23 -0.88 -5.64
N CYS A 4 -12.01 -0.73 -5.19
CA CYS A 4 -11.49 -1.73 -4.24
C CYS A 4 -12.28 -1.71 -2.94
N GLU A 5 -13.00 -2.78 -2.71
CA GLU A 5 -13.81 -2.86 -1.48
C GLU A 5 -12.93 -2.84 -0.23
N GLU A 6 -11.66 -3.13 -0.40
CA GLU A 6 -10.76 -3.13 0.77
C GLU A 6 -10.34 -1.71 1.12
N CYS A 7 -9.60 -1.08 0.25
CA CYS A 7 -9.17 0.31 0.54
C CYS A 7 -10.31 1.28 0.28
N GLY A 8 -10.84 1.21 -0.91
CA GLY A 8 -11.96 2.11 -1.30
C GLY A 8 -11.53 3.03 -2.42
N ILE A 9 -10.50 2.63 -3.14
CA ILE A 9 -10.01 3.48 -4.24
C ILE A 9 -11.02 3.49 -5.38
N ARG A 10 -11.21 4.65 -5.97
CA ARG A 10 -12.18 4.76 -7.09
C ARG A 10 -11.46 4.99 -8.42
N ABA A 11 -11.65 4.08 -9.34
CA ABA A 11 -11.00 4.21 -10.66
C ABA A 11 -12.00 3.93 -11.77
O ABA A 11 -12.28 2.78 -12.07
CB ABA A 11 -9.85 3.19 -10.74
CG ABA A 11 -8.83 3.47 -9.64
H2 ABA A 11 -12.22 3.29 -9.14
HA ABA A 11 -10.61 5.22 -10.78
HB3 ABA A 11 -10.24 2.20 -10.63
HB2 ABA A 11 -9.38 3.27 -11.70
HG1 ABA A 11 -8.38 4.45 -9.79
HG3 ABA A 11 -9.32 3.46 -8.67
HG2 ABA A 11 -8.06 2.71 -9.66
N LYS A 12 -12.51 4.97 -12.36
CA LYS A 12 -13.49 4.81 -13.45
C LYS A 12 -12.94 4.00 -14.62
N LYS A 13 -11.79 3.40 -14.46
CA LYS A 13 -11.21 2.60 -15.58
C LYS A 13 -10.51 1.33 -15.05
N PRO A 14 -10.51 0.24 -15.82
CA PRO A 14 -9.85 -1.00 -15.40
C PRO A 14 -8.35 -0.81 -15.22
N SER A 15 -7.65 -0.64 -16.32
CA SER A 15 -6.16 -0.46 -16.27
C SER A 15 -5.70 0.12 -14.93
N MET A 16 -6.38 1.13 -14.45
CA MET A 16 -5.98 1.72 -13.15
C MET A 16 -6.32 0.76 -12.02
N LEU A 17 -7.57 0.42 -11.90
CA LEU A 17 -7.96 -0.52 -10.81
C LEU A 17 -7.10 -1.77 -10.94
N LYS A 18 -7.06 -2.28 -12.15
CA LYS A 18 -6.27 -3.50 -12.43
C LYS A 18 -4.95 -3.48 -11.65
N LYS A 19 -4.17 -2.47 -11.88
CA LYS A 19 -2.88 -2.38 -11.16
C LYS A 19 -3.11 -2.25 -9.66
N HIS A 20 -4.11 -1.51 -9.28
CA HIS A 20 -4.37 -1.34 -7.83
C HIS A 20 -4.65 -2.67 -7.15
N ILE A 21 -5.51 -3.46 -7.73
CA ILE A 21 -5.80 -4.77 -7.10
C ILE A 21 -4.55 -5.64 -7.04
N ARG A 22 -3.65 -5.44 -7.97
CA ARG A 22 -2.41 -6.26 -7.95
C ARG A 22 -1.54 -5.86 -6.77
N THR A 23 -1.62 -4.62 -6.38
CA THR A 23 -0.79 -4.17 -5.24
C THR A 23 -1.09 -5.00 -3.98
N HIS A 24 -2.28 -5.54 -3.91
CA HIS A 24 -2.63 -6.36 -2.72
C HIS A 24 -1.97 -7.73 -2.79
N THR A 25 -0.95 -7.82 -3.59
CA THR A 25 -0.23 -9.11 -3.74
C THR A 25 1.00 -9.13 -2.86
N ASP A 26 2.13 -8.98 -3.48
CA ASP A 26 3.40 -9.00 -2.72
C ASP A 26 4.41 -8.10 -3.42
N VAL A 27 3.88 -7.13 -4.09
CA VAL A 27 4.75 -6.17 -4.83
C VAL A 27 4.97 -4.89 -4.02
N ARG A 28 5.21 -5.05 -2.76
CA ARG A 28 5.45 -3.90 -1.86
C ARG A 28 6.86 -3.99 -1.22
N PRO A 29 7.87 -3.47 -1.90
CA PRO A 29 9.25 -3.51 -1.37
C PRO A 29 9.43 -2.69 -0.08
N TYR A 30 8.70 -1.62 0.04
CA TYR A 30 8.84 -0.79 1.28
C TYR A 30 8.36 -1.56 2.51
N HIS A 31 9.26 -2.25 3.16
CA HIS A 31 8.85 -3.03 4.38
C HIS A 31 9.21 -2.29 5.67
N CYS A 32 8.37 -2.43 6.68
CA CYS A 32 8.65 -1.74 7.97
C CYS A 32 9.85 -2.39 8.66
N THR A 33 10.68 -1.58 9.26
CA THR A 33 11.86 -2.14 9.96
C THR A 33 11.44 -2.99 11.15
N TYR A 34 10.19 -2.87 11.52
CA TYR A 34 9.67 -3.66 12.67
C TYR A 34 8.65 -4.70 12.20
N CYS A 35 7.49 -4.23 11.82
CA CYS A 35 6.45 -5.19 11.35
C CYS A 35 6.88 -5.91 10.09
N ASN A 36 6.03 -6.78 9.63
CA ASN A 36 6.32 -7.55 8.40
C ASN A 36 5.48 -7.01 7.26
N PHE A 37 4.74 -5.97 7.56
CA PHE A 37 3.88 -5.36 6.53
C PHE A 37 4.70 -4.56 5.55
N SER A 38 4.09 -4.13 4.49
CA SER A 38 4.85 -3.34 3.50
C SER A 38 3.92 -2.47 2.67
N PHE A 39 4.52 -1.55 1.94
CA PHE A 39 3.71 -0.64 1.10
C PHE A 39 4.30 -0.52 -0.30
N LYS A 40 3.49 -0.04 -1.21
CA LYS A 40 3.98 0.10 -2.61
C LYS A 40 4.68 1.45 -2.81
N THR A 41 4.43 2.37 -1.92
CA THR A 41 5.09 3.70 -2.04
C THR A 41 5.91 4.04 -0.82
N LYS A 42 6.86 4.92 -1.00
CA LYS A 42 7.72 5.33 0.12
C LYS A 42 6.98 6.27 1.06
N GLY A 43 5.92 6.86 0.56
CA GLY A 43 5.14 7.79 1.40
C GLY A 43 4.42 7.02 2.52
N ASN A 44 3.56 6.13 2.13
CA ASN A 44 2.82 5.32 3.14
C ASN A 44 3.77 4.84 4.23
N LEU A 45 4.99 4.58 3.85
CA LEU A 45 5.97 4.09 4.85
C LEU A 45 6.11 5.11 5.97
N THR A 46 6.45 6.32 5.61
CA THR A 46 6.61 7.38 6.64
C THR A 46 5.32 7.52 7.44
N LYS A 47 4.21 7.33 6.79
CA LYS A 47 2.92 7.46 7.50
C LYS A 47 2.76 6.36 8.55
N HIS A 48 3.12 5.16 8.17
CA HIS A 48 2.99 4.03 9.13
C HIS A 48 3.95 4.23 10.30
N MET A 49 5.04 4.88 10.06
CA MET A 49 6.02 5.12 11.15
C MET A 49 5.59 6.30 12.01
N LYS A 50 5.10 7.32 11.37
CA LYS A 50 4.65 8.51 12.12
C LYS A 50 3.63 8.13 13.19
N SER A 51 3.20 6.89 13.14
CA SER A 51 2.20 6.43 14.14
C SER A 51 2.85 6.23 15.50
N LYS A 52 2.05 5.94 16.49
CA LYS A 52 2.61 5.74 17.85
C LYS A 52 2.85 4.25 18.10
N ALA A 53 2.93 3.49 17.05
CA ALA A 53 3.18 2.03 17.21
C ALA A 53 4.58 1.77 17.72
N HIS A 54 5.55 1.90 16.83
CA HIS A 54 6.95 1.66 17.24
C HIS A 54 7.90 2.62 16.54
N SER A 55 8.08 3.78 17.13
CA SER A 55 8.98 4.78 16.52
C SER A 55 9.69 5.58 17.61
N LYS A 56 9.00 5.80 18.70
CA LYS A 56 9.61 6.57 19.80
C LYS A 56 10.85 5.86 20.36
N LYS A 57 10.61 4.83 21.14
CA LYS A 57 11.74 4.09 21.72
C LYS A 57 12.69 3.62 20.63
ZN ZN B . -7.07 -1.77 -2.42
ZN ZN C . 5.64 -1.20 11.70
N LYS A 1 -14.38 -4.84 -16.06
CA LYS A 1 -14.49 -4.53 -14.61
C LYS A 1 -13.11 -4.34 -14.02
N TYR A 2 -12.61 -3.13 -14.11
CA TYR A 2 -11.26 -2.86 -13.54
C TYR A 2 -11.37 -2.38 -12.10
N ILE A 3 -12.02 -3.15 -11.28
CA ILE A 3 -12.17 -2.77 -9.85
C ILE A 3 -11.68 -3.89 -8.95
N CYS A 4 -10.93 -3.53 -7.93
CA CYS A 4 -10.43 -4.58 -7.03
C CYS A 4 -11.52 -5.12 -6.13
N GLU A 5 -11.93 -6.32 -6.41
CA GLU A 5 -12.99 -6.92 -5.57
C GLU A 5 -12.58 -6.95 -4.11
N GLU A 6 -11.30 -6.75 -3.87
CA GLU A 6 -10.80 -6.77 -2.48
C GLU A 6 -10.81 -5.36 -1.88
N CYS A 7 -9.95 -4.51 -2.38
CA CYS A 7 -9.90 -3.14 -1.85
C CYS A 7 -11.15 -2.36 -2.22
N GLY A 8 -11.42 -2.31 -3.50
CA GLY A 8 -12.61 -1.58 -3.99
C GLY A 8 -12.16 -0.41 -4.87
N ILE A 9 -10.89 -0.41 -5.20
CA ILE A 9 -10.35 0.68 -6.03
C ILE A 9 -11.07 0.74 -7.38
N ARG A 10 -11.29 1.93 -7.86
CA ARG A 10 -11.98 2.10 -9.17
C ARG A 10 -11.04 2.70 -10.22
N ABA A 11 -10.58 1.86 -11.12
CA ABA A 11 -9.66 2.36 -12.19
C ABA A 11 -10.14 1.90 -13.55
O ABA A 11 -9.68 0.90 -14.08
CB ABA A 11 -8.27 1.79 -11.94
CG ABA A 11 -7.89 1.98 -10.46
H2 ABA A 11 -10.82 0.92 -11.10
HA ABA A 11 -9.65 3.45 -12.17
HB3 ABA A 11 -8.27 0.74 -12.17
HB2 ABA A 11 -7.56 2.29 -12.57
HG1 ABA A 11 -8.59 1.48 -9.83
HG3 ABA A 11 -6.90 1.58 -10.29
HG2 ABA A 11 -7.88 3.03 -10.23
N LYS A 12 -11.06 2.63 -14.12
CA LYS A 12 -11.59 2.25 -15.45
C LYS A 12 -10.47 1.92 -16.45
N LYS A 13 -9.27 2.36 -16.15
CA LYS A 13 -8.14 2.05 -17.08
C LYS A 13 -7.31 0.84 -16.58
N PRO A 14 -6.81 0.00 -17.51
CA PRO A 14 -6.01 -1.17 -17.13
C PRO A 14 -4.71 -0.76 -16.43
N SER A 15 -3.82 -0.17 -17.19
CA SER A 15 -2.50 0.27 -16.61
C SER A 15 -2.61 0.58 -15.13
N MET A 16 -3.61 1.35 -14.77
CA MET A 16 -3.78 1.70 -13.35
C MET A 16 -4.16 0.46 -12.54
N LEU A 17 -5.14 -0.26 -13.02
CA LEU A 17 -5.56 -1.49 -12.29
C LEU A 17 -4.44 -2.54 -12.40
N LYS A 18 -4.08 -2.86 -13.62
CA LYS A 18 -3.01 -3.87 -13.84
C LYS A 18 -1.93 -3.76 -12.76
N LYS A 19 -1.47 -2.56 -12.53
CA LYS A 19 -0.43 -2.38 -11.50
C LYS A 19 -1.02 -2.61 -10.12
N HIS A 20 -2.23 -2.16 -9.94
CA HIS A 20 -2.87 -2.33 -8.61
C HIS A 20 -2.95 -3.80 -8.22
N ILE A 21 -3.44 -4.61 -9.14
CA ILE A 21 -3.53 -6.06 -8.80
C ILE A 21 -2.15 -6.63 -8.53
N ARG A 22 -1.15 -6.06 -9.17
CA ARG A 22 0.22 -6.58 -8.95
C ARG A 22 0.74 -6.11 -7.60
N THR A 23 0.11 -5.13 -7.03
CA THR A 23 0.58 -4.65 -5.72
C THR A 23 0.13 -5.58 -4.60
N HIS A 24 -0.67 -6.56 -4.94
CA HIS A 24 -1.16 -7.51 -3.90
C HIS A 24 -0.24 -8.73 -3.83
N THR A 25 0.81 -8.69 -4.60
CA THR A 25 1.75 -9.84 -4.59
C THR A 25 2.80 -9.66 -3.49
N ASP A 26 3.92 -9.18 -3.89
CA ASP A 26 5.01 -8.96 -2.91
C ASP A 26 5.97 -7.92 -3.46
N VAL A 27 5.42 -7.05 -4.25
CA VAL A 27 6.24 -5.98 -4.85
C VAL A 27 6.19 -4.69 -4.01
N ARG A 28 6.36 -4.85 -2.72
CA ARG A 28 6.33 -3.68 -1.80
C ARG A 28 7.67 -3.61 -1.02
N PRO A 29 8.70 -3.03 -1.64
CA PRO A 29 10.01 -2.91 -0.99
C PRO A 29 9.99 -2.10 0.30
N TYR A 30 8.89 -1.46 0.58
CA TYR A 30 8.82 -0.65 1.84
C TYR A 30 8.29 -1.50 3.00
N HIS A 31 9.09 -2.45 3.43
CA HIS A 31 8.64 -3.32 4.56
C HIS A 31 9.00 -2.70 5.90
N CYS A 32 8.05 -2.64 6.80
CA CYS A 32 8.35 -2.06 8.13
C CYS A 32 9.47 -2.83 8.80
N THR A 33 10.40 -2.12 9.39
CA THR A 33 11.52 -2.82 10.07
C THR A 33 11.01 -3.73 11.17
N TYR A 34 9.84 -3.42 11.67
CA TYR A 34 9.25 -4.26 12.76
C TYR A 34 8.20 -5.23 12.22
N CYS A 35 7.04 -4.71 11.91
CA CYS A 35 5.96 -5.59 11.38
C CYS A 35 6.35 -6.22 10.05
N ASN A 36 5.39 -6.85 9.45
CA ASN A 36 5.63 -7.52 8.15
C ASN A 36 4.84 -6.82 7.06
N PHE A 37 4.09 -5.82 7.47
CA PHE A 37 3.27 -5.07 6.49
C PHE A 37 4.15 -4.13 5.68
N SER A 38 4.01 -4.19 4.38
CA SER A 38 4.83 -3.31 3.51
C SER A 38 3.97 -2.45 2.63
N PHE A 39 4.60 -1.51 1.98
CA PHE A 39 3.85 -0.60 1.08
C PHE A 39 4.55 -0.49 -0.27
N LYS A 40 3.85 0.00 -1.24
CA LYS A 40 4.44 0.15 -2.58
C LYS A 40 5.07 1.52 -2.74
N THR A 41 4.75 2.40 -1.82
CA THR A 41 5.32 3.77 -1.89
C THR A 41 5.83 4.23 -0.54
N LYS A 42 6.73 5.17 -0.57
CA LYS A 42 7.28 5.69 0.70
C LYS A 42 6.24 6.50 1.45
N GLY A 43 5.18 6.85 0.78
CA GLY A 43 4.11 7.64 1.44
C GLY A 43 3.50 6.85 2.60
N ASN A 44 2.66 5.91 2.28
CA ASN A 44 2.03 5.10 3.34
C ASN A 44 3.05 4.66 4.38
N LEU A 45 4.21 4.28 3.91
CA LEU A 45 5.27 3.84 4.86
C LEU A 45 5.51 4.91 5.92
N THR A 46 5.69 6.12 5.48
CA THR A 46 5.92 7.22 6.44
C THR A 46 4.77 7.35 7.42
N LYS A 47 3.58 7.07 6.95
CA LYS A 47 2.40 7.18 7.85
C LYS A 47 2.41 6.05 8.88
N HIS A 48 3.05 4.96 8.54
CA HIS A 48 3.09 3.83 9.50
C HIS A 48 4.21 4.03 10.51
N MET A 49 5.18 4.83 10.15
CA MET A 49 6.31 5.07 11.07
C MET A 49 6.06 6.34 11.90
N LYS A 50 5.32 7.25 11.33
CA LYS A 50 5.03 8.51 12.05
C LYS A 50 4.21 8.24 13.31
N SER A 51 3.14 7.53 13.15
CA SER A 51 2.28 7.21 14.32
C SER A 51 3.12 6.77 15.50
N LYS A 52 2.51 6.70 16.65
CA LYS A 52 3.28 6.27 17.86
C LYS A 52 3.54 4.78 17.82
N ALA A 53 3.46 4.20 16.65
CA ALA A 53 3.71 2.75 16.54
C ALA A 53 5.08 2.39 17.13
N HIS A 54 6.02 2.12 16.26
CA HIS A 54 7.37 1.76 16.75
C HIS A 54 8.45 2.27 15.81
N SER A 55 8.83 3.51 15.99
CA SER A 55 9.87 4.09 15.12
C SER A 55 10.23 5.50 15.56
N LYS A 56 11.00 5.59 16.61
CA LYS A 56 11.39 6.92 17.12
C LYS A 56 12.46 7.54 16.23
N LYS A 57 13.67 7.56 16.72
CA LYS A 57 14.77 8.15 15.91
C LYS A 57 14.98 7.36 14.63
ZN ZN B . -6.60 -4.16 -4.24
ZN ZN C . 5.43 -1.61 11.93
N LYS A 1 -15.43 -3.42 -14.75
CA LYS A 1 -15.60 -2.92 -13.37
C LYS A 1 -14.23 -2.79 -12.69
N TYR A 2 -13.86 -1.57 -12.39
CA TYR A 2 -12.55 -1.36 -11.73
C TYR A 2 -12.70 -1.35 -10.22
N ILE A 3 -13.48 -2.27 -9.73
CA ILE A 3 -13.70 -2.36 -8.26
C ILE A 3 -12.90 -3.53 -7.69
N CYS A 4 -11.80 -3.24 -7.03
CA CYS A 4 -11.00 -4.35 -6.46
C CYS A 4 -11.89 -5.27 -5.63
N GLU A 5 -11.94 -6.50 -6.02
CA GLU A 5 -12.77 -7.48 -5.28
C GLU A 5 -12.29 -7.65 -3.84
N GLU A 6 -11.08 -7.24 -3.56
CA GLU A 6 -10.58 -7.38 -2.18
C GLU A 6 -10.88 -6.14 -1.34
N CYS A 7 -10.22 -5.06 -1.65
CA CYS A 7 -10.45 -3.82 -0.87
C CYS A 7 -11.76 -3.15 -1.28
N GLY A 8 -11.96 -3.03 -2.57
CA GLY A 8 -13.21 -2.39 -3.07
C GLY A 8 -12.89 -1.01 -3.66
N ILE A 9 -11.62 -0.75 -3.89
CA ILE A 9 -11.26 0.57 -4.46
C ILE A 9 -11.97 0.82 -5.79
N ARG A 10 -12.66 1.92 -5.87
CA ARG A 10 -13.39 2.25 -7.12
C ARG A 10 -12.60 3.23 -7.98
N ABA A 11 -11.88 2.72 -8.95
CA ABA A 11 -11.08 3.61 -9.84
C ABA A 11 -11.59 3.52 -11.28
O ABA A 11 -11.23 2.62 -12.01
CB ABA A 11 -9.62 3.16 -9.82
CG ABA A 11 -9.10 3.14 -8.37
H2 ABA A 11 -11.87 1.74 -9.08
HA ABA A 11 -11.18 4.64 -9.50
HB3 ABA A 11 -9.54 2.18 -10.25
HB2 ABA A 11 -9.03 3.85 -10.40
HG1 ABA A 11 -8.60 2.19 -8.19
HG3 ABA A 11 -8.40 3.94 -8.22
HG2 ABA A 11 -9.92 3.25 -7.68
N LYS A 12 -12.42 4.45 -11.66
CA LYS A 12 -12.97 4.44 -13.03
C LYS A 12 -11.86 4.48 -14.09
N LYS A 13 -10.62 4.47 -13.66
CA LYS A 13 -9.48 4.51 -14.64
C LYS A 13 -8.60 3.24 -14.52
N PRO A 14 -8.11 2.71 -15.65
CA PRO A 14 -7.25 1.52 -15.62
C PRO A 14 -5.96 1.78 -14.87
N SER A 15 -5.10 2.59 -15.44
CA SER A 15 -3.80 2.91 -14.78
C SER A 15 -3.94 2.95 -13.27
N MET A 16 -5.01 3.53 -12.79
CA MET A 16 -5.21 3.61 -11.33
C MET A 16 -5.48 2.21 -10.77
N LEU A 17 -6.46 1.54 -11.33
CA LEU A 17 -6.76 0.18 -10.84
C LEU A 17 -5.60 -0.74 -11.18
N LYS A 18 -5.31 -0.82 -12.45
CA LYS A 18 -4.19 -1.69 -12.91
C LYS A 18 -3.05 -1.72 -11.89
N LYS A 19 -2.66 -0.57 -11.44
CA LYS A 19 -1.56 -0.53 -10.44
C LYS A 19 -2.05 -1.05 -9.09
N HIS A 20 -3.25 -0.65 -8.74
CA HIS A 20 -3.80 -1.10 -7.45
C HIS A 20 -3.84 -2.62 -7.37
N ILE A 21 -4.40 -3.23 -8.38
CA ILE A 21 -4.47 -4.72 -8.37
C ILE A 21 -3.07 -5.33 -8.32
N ARG A 22 -2.12 -4.65 -8.88
CA ARG A 22 -0.73 -5.20 -8.87
C ARG A 22 -0.12 -5.09 -7.48
N THR A 23 -0.64 -4.23 -6.66
CA THR A 23 -0.07 -4.10 -5.31
C THR A 23 -0.42 -5.31 -4.43
N HIS A 24 -1.41 -6.07 -4.84
CA HIS A 24 -1.79 -7.26 -4.04
C HIS A 24 -0.85 -8.43 -4.34
N THR A 25 0.19 -8.15 -5.08
CA THR A 25 1.14 -9.23 -5.42
C THR A 25 2.23 -9.31 -4.37
N ASP A 26 3.37 -8.81 -4.73
CA ASP A 26 4.51 -8.82 -3.79
C ASP A 26 5.50 -7.77 -4.23
N VAL A 27 4.99 -6.76 -4.83
CA VAL A 27 5.84 -5.66 -5.32
C VAL A 27 5.88 -4.49 -4.32
N ARG A 28 6.03 -4.82 -3.08
CA ARG A 28 6.08 -3.76 -2.01
C ARG A 28 7.46 -3.77 -1.31
N PRO A 29 8.44 -3.08 -1.88
CA PRO A 29 9.79 -3.03 -1.28
C PRO A 29 9.79 -2.30 0.07
N TYR A 30 8.86 -1.41 0.25
CA TYR A 30 8.82 -0.66 1.54
C TYR A 30 8.27 -1.54 2.67
N HIS A 31 9.17 -2.07 3.48
CA HIS A 31 8.73 -2.95 4.61
C HIS A 31 9.00 -2.28 5.95
N CYS A 32 8.06 -2.38 6.86
CA CYS A 32 8.27 -1.74 8.18
C CYS A 32 9.54 -2.31 8.83
N THR A 33 10.18 -1.52 9.65
CA THR A 33 11.41 -2.01 10.31
C THR A 33 11.06 -2.85 11.54
N TYR A 34 9.85 -3.32 11.58
CA TYR A 34 9.41 -4.14 12.73
C TYR A 34 8.36 -5.16 12.29
N CYS A 35 7.18 -4.68 11.99
CA CYS A 35 6.10 -5.60 11.56
C CYS A 35 6.52 -6.40 10.33
N ASN A 36 5.55 -6.90 9.63
CA ASN A 36 5.83 -7.70 8.40
C ASN A 36 5.03 -7.16 7.24
N PHE A 37 4.36 -6.06 7.48
CA PHE A 37 3.54 -5.45 6.40
C PHE A 37 4.41 -4.65 5.45
N SER A 38 3.95 -4.48 4.24
CA SER A 38 4.74 -3.71 3.26
C SER A 38 3.85 -2.82 2.41
N PHE A 39 4.42 -1.75 1.92
CA PHE A 39 3.64 -0.81 1.07
C PHE A 39 4.32 -0.60 -0.29
N LYS A 40 3.53 -0.23 -1.26
CA LYS A 40 4.09 -0.01 -2.62
C LYS A 40 4.69 1.38 -2.72
N THR A 41 4.34 2.23 -1.79
CA THR A 41 4.87 3.62 -1.80
C THR A 41 5.65 3.94 -0.54
N LYS A 42 6.51 4.90 -0.64
CA LYS A 42 7.32 5.28 0.52
C LYS A 42 6.52 6.19 1.44
N GLY A 43 5.47 6.75 0.92
CA GLY A 43 4.62 7.64 1.75
C GLY A 43 4.00 6.84 2.89
N ASN A 44 3.23 5.84 2.54
CA ASN A 44 2.59 5.02 3.59
C ASN A 44 3.61 4.60 4.64
N LEU A 45 4.80 4.31 4.18
CA LEU A 45 5.85 3.90 5.13
C LEU A 45 6.03 4.95 6.21
N THR A 46 6.35 6.14 5.80
CA THR A 46 6.53 7.23 6.77
C THR A 46 5.30 7.38 7.65
N LYS A 47 4.16 7.10 7.09
CA LYS A 47 2.91 7.22 7.87
C LYS A 47 2.83 6.13 8.94
N HIS A 48 3.08 4.92 8.55
CA HIS A 48 3.03 3.81 9.54
C HIS A 48 4.07 4.01 10.64
N MET A 49 5.05 4.83 10.36
CA MET A 49 6.11 5.09 11.36
C MET A 49 5.85 6.39 12.12
N LYS A 50 5.12 7.28 11.49
CA LYS A 50 4.81 8.57 12.15
C LYS A 50 3.91 8.36 13.36
N SER A 51 2.84 7.64 13.16
CA SER A 51 1.90 7.39 14.28
C SER A 51 2.65 6.88 15.51
N LYS A 52 1.92 6.58 16.55
CA LYS A 52 2.58 6.08 17.78
C LYS A 52 3.01 4.63 17.60
N ALA A 53 3.25 4.24 16.37
CA ALA A 53 3.68 2.84 16.11
C ALA A 53 4.98 2.54 16.84
N HIS A 54 6.00 2.20 16.08
CA HIS A 54 7.30 1.89 16.71
C HIS A 54 8.46 2.31 15.82
N SER A 55 8.83 3.56 15.92
CA SER A 55 9.96 4.05 15.09
C SER A 55 10.48 5.38 15.60
N LYS A 56 10.16 5.70 16.83
CA LYS A 56 10.64 6.99 17.41
C LYS A 56 11.88 6.77 18.25
N LYS A 57 12.47 5.61 18.12
CA LYS A 57 13.69 5.32 18.91
C LYS A 57 14.75 6.38 18.68
ZN ZN B . -7.29 -4.03 -3.47
ZN ZN C . 5.44 -1.60 12.02
N LYS A 1 -13.01 -1.68 -17.84
CA LYS A 1 -13.38 -1.26 -16.46
C LYS A 1 -12.17 -1.36 -15.55
N TYR A 2 -11.94 -0.32 -14.78
CA TYR A 2 -10.78 -0.32 -13.85
C TYR A 2 -11.24 -0.36 -12.39
N ILE A 3 -11.92 -1.43 -12.04
CA ILE A 3 -12.42 -1.57 -10.65
C ILE A 3 -11.88 -2.85 -10.02
N CYS A 4 -10.89 -2.71 -9.16
CA CYS A 4 -10.34 -3.94 -8.52
C CYS A 4 -11.45 -4.81 -7.98
N GLU A 5 -11.55 -5.98 -8.51
CA GLU A 5 -12.61 -6.91 -8.04
C GLU A 5 -12.46 -7.25 -6.57
N GLU A 6 -11.30 -6.98 -6.03
CA GLU A 6 -11.09 -7.28 -4.59
C GLU A 6 -11.42 -6.09 -3.71
N CYS A 7 -10.62 -5.06 -3.79
CA CYS A 7 -10.88 -3.86 -2.96
C CYS A 7 -12.02 -3.03 -3.54
N GLY A 8 -11.96 -2.80 -4.83
CA GLY A 8 -13.02 -2.00 -5.49
C GLY A 8 -12.46 -0.63 -5.88
N ILE A 9 -11.16 -0.49 -5.82
CA ILE A 9 -10.54 0.80 -6.18
C ILE A 9 -10.97 1.22 -7.58
N ARG A 10 -11.48 2.42 -7.70
CA ARG A 10 -11.93 2.92 -9.03
C ARG A 10 -10.91 3.90 -9.62
N ABA A 11 -10.07 3.40 -10.49
CA ABA A 11 -9.04 4.27 -11.13
C ABA A 11 -9.25 4.32 -12.64
O ABA A 11 -8.70 3.50 -13.36
CB ABA A 11 -7.65 3.70 -10.84
CG ABA A 11 -7.48 3.49 -9.34
H2 ABA A 11 -10.11 2.45 -10.73
HA ABA A 11 -9.14 5.29 -10.74
HB3 ABA A 11 -7.53 2.76 -11.36
HB2 ABA A 11 -6.90 4.40 -11.19
HG1 ABA A 11 -7.45 4.44 -8.83
HG3 ABA A 11 -8.30 2.91 -8.95
HG2 ABA A 11 -6.56 2.96 -9.15
N LYS A 12 -10.02 5.25 -13.09
CA LYS A 12 -10.27 5.36 -14.55
C LYS A 12 -8.98 5.31 -15.36
N LYS A 13 -7.86 5.40 -14.67
CA LYS A 13 -6.56 5.36 -15.38
C LYS A 13 -5.91 3.95 -15.27
N PRO A 14 -5.44 3.35 -16.38
CA PRO A 14 -4.82 2.03 -16.32
C PRO A 14 -3.56 2.05 -15.46
N SER A 15 -2.61 2.87 -15.85
CA SER A 15 -1.35 2.95 -15.05
C SER A 15 -1.65 2.90 -13.56
N MET A 16 -2.71 3.57 -13.16
CA MET A 16 -3.07 3.58 -11.73
C MET A 16 -3.60 2.21 -11.31
N LEU A 17 -4.59 1.72 -12.02
CA LEU A 17 -5.14 0.40 -11.68
C LEU A 17 -4.07 -0.66 -11.91
N LYS A 18 -3.59 -0.72 -13.12
CA LYS A 18 -2.54 -1.70 -13.48
C LYS A 18 -1.56 -1.87 -12.32
N LYS A 19 -1.15 -0.78 -11.74
CA LYS A 19 -0.20 -0.88 -10.63
C LYS A 19 -0.92 -1.41 -9.39
N HIS A 20 -2.11 -0.93 -9.17
CA HIS A 20 -2.88 -1.39 -8.00
C HIS A 20 -3.06 -2.90 -8.03
N ILE A 21 -3.55 -3.40 -9.15
CA ILE A 21 -3.76 -4.87 -9.24
C ILE A 21 -2.44 -5.60 -8.98
N ARG A 22 -1.35 -4.99 -9.40
CA ARG A 22 -0.05 -5.66 -9.19
C ARG A 22 0.40 -5.51 -7.74
N THR A 23 -0.26 -4.65 -7.02
CA THR A 23 0.13 -4.46 -5.60
C THR A 23 -0.37 -5.63 -4.76
N HIS A 24 -1.32 -6.36 -5.29
CA HIS A 24 -1.86 -7.52 -4.53
C HIS A 24 -0.87 -8.67 -4.57
N THR A 25 0.27 -8.42 -5.18
CA THR A 25 1.28 -9.47 -5.28
C THR A 25 2.27 -9.36 -4.13
N ASP A 26 3.46 -9.00 -4.46
CA ASP A 26 4.50 -8.85 -3.43
C ASP A 26 5.50 -7.82 -3.88
N VAL A 27 5.00 -6.92 -4.67
CA VAL A 27 5.87 -5.84 -5.21
C VAL A 27 5.90 -4.63 -4.27
N ARG A 28 6.07 -4.90 -3.00
CA ARG A 28 6.12 -3.82 -1.99
C ARG A 28 7.51 -3.78 -1.31
N PRO A 29 8.46 -3.07 -1.90
CA PRO A 29 9.81 -2.98 -1.32
C PRO A 29 9.82 -2.31 0.05
N TYR A 30 8.97 -1.34 0.24
CA TYR A 30 8.93 -0.65 1.56
C TYR A 30 8.42 -1.60 2.64
N HIS A 31 9.30 -1.96 3.56
CA HIS A 31 8.89 -2.89 4.67
C HIS A 31 9.16 -2.26 6.02
N CYS A 32 8.21 -2.37 6.93
CA CYS A 32 8.43 -1.77 8.27
C CYS A 32 9.61 -2.44 8.96
N THR A 33 10.28 -1.72 9.82
CA THR A 33 11.45 -2.30 10.51
C THR A 33 10.99 -3.17 11.69
N TYR A 34 9.72 -3.44 11.71
CA TYR A 34 9.16 -4.28 12.82
C TYR A 34 8.08 -5.22 12.28
N CYS A 35 6.98 -4.63 11.87
CA CYS A 35 5.88 -5.46 11.33
C CYS A 35 6.28 -6.15 10.05
N ASN A 36 5.49 -7.10 9.63
CA ASN A 36 5.80 -7.83 8.39
C ASN A 36 5.00 -7.23 7.24
N PHE A 37 4.44 -6.08 7.52
CA PHE A 37 3.64 -5.39 6.47
C PHE A 37 4.54 -4.63 5.51
N SER A 38 4.08 -4.48 4.30
CA SER A 38 4.90 -3.75 3.30
C SER A 38 4.03 -2.82 2.45
N PHE A 39 4.62 -1.74 2.02
CA PHE A 39 3.88 -0.76 1.20
C PHE A 39 4.49 -0.63 -0.20
N LYS A 40 3.71 -0.16 -1.12
CA LYS A 40 4.21 0.01 -2.50
C LYS A 40 4.83 1.38 -2.70
N THR A 41 4.55 2.28 -1.80
CA THR A 41 5.12 3.65 -1.92
C THR A 41 5.73 4.13 -0.61
N LYS A 42 6.63 5.05 -0.73
CA LYS A 42 7.29 5.60 0.47
C LYS A 42 6.32 6.47 1.25
N GLY A 43 5.29 6.92 0.59
CA GLY A 43 4.29 7.78 1.28
C GLY A 43 3.63 7.01 2.41
N ASN A 44 2.94 5.96 2.06
CA ASN A 44 2.26 5.16 3.11
C ASN A 44 3.26 4.71 4.16
N LEU A 45 4.45 4.40 3.73
CA LEU A 45 5.48 3.95 4.70
C LEU A 45 5.69 5.04 5.76
N THR A 46 5.89 6.24 5.30
CA THR A 46 6.10 7.36 6.25
C THR A 46 4.92 7.49 7.20
N LYS A 47 3.75 7.21 6.69
CA LYS A 47 2.54 7.32 7.56
C LYS A 47 2.58 6.27 8.67
N HIS A 48 2.95 5.07 8.33
CA HIS A 48 3.02 4.01 9.36
C HIS A 48 4.01 4.38 10.45
N MET A 49 5.05 5.06 10.06
CA MET A 49 6.06 5.47 11.07
C MET A 49 5.58 6.69 11.84
N LYS A 50 4.88 7.55 11.16
CA LYS A 50 4.35 8.77 11.84
C LYS A 50 3.75 8.41 13.19
N SER A 51 2.78 7.53 13.16
CA SER A 51 2.13 7.13 14.43
C SER A 51 3.18 6.65 15.44
N LYS A 52 2.89 6.84 16.70
CA LYS A 52 3.86 6.41 17.74
C LYS A 52 3.82 4.90 17.91
N ALA A 53 3.71 4.20 16.83
CA ALA A 53 3.66 2.71 16.92
C ALA A 53 4.93 2.17 17.54
N HIS A 54 5.90 1.89 16.71
CA HIS A 54 7.18 1.36 17.24
C HIS A 54 8.37 1.86 16.43
N SER A 55 8.85 3.02 16.78
CA SER A 55 10.01 3.57 16.04
C SER A 55 10.82 4.50 16.94
N LYS A 56 11.22 3.99 18.08
CA LYS A 56 12.02 4.83 19.00
C LYS A 56 13.25 5.39 18.30
N LYS A 57 13.69 4.72 17.28
CA LYS A 57 14.87 5.20 16.53
C LYS A 57 15.09 4.37 15.27
ZN ZN B . -7.25 -4.20 -4.87
ZN ZN C . 5.40 -1.43 11.97
N LYS A 1 -17.15 -5.59 -10.01
CA LYS A 1 -16.21 -6.72 -10.24
C LYS A 1 -14.80 -6.34 -9.79
N TYR A 2 -14.48 -5.08 -9.90
CA TYR A 2 -13.14 -4.63 -9.49
C TYR A 2 -13.13 -4.18 -8.02
N ILE A 3 -13.37 -5.12 -7.14
CA ILE A 3 -13.39 -4.80 -5.68
C ILE A 3 -12.45 -5.71 -4.92
N CYS A 4 -11.38 -5.17 -4.39
CA CYS A 4 -10.44 -6.02 -3.64
C CYS A 4 -11.16 -6.82 -2.58
N GLU A 5 -10.93 -8.10 -2.57
CA GLU A 5 -11.58 -8.96 -1.57
C GLU A 5 -11.06 -8.71 -0.16
N GLU A 6 -9.95 -8.01 -0.07
CA GLU A 6 -9.39 -7.71 1.27
C GLU A 6 -9.72 -6.31 1.73
N CYS A 7 -9.09 -5.33 1.15
CA CYS A 7 -9.37 -3.93 1.55
C CYS A 7 -10.74 -3.47 1.09
N GLY A 8 -11.16 -3.94 -0.05
CA GLY A 8 -12.50 -3.52 -0.56
C GLY A 8 -12.35 -2.31 -1.49
N ILE A 9 -11.13 -2.01 -1.86
CA ILE A 9 -10.91 -0.85 -2.75
C ILE A 9 -11.80 -0.95 -3.99
N ARG A 10 -12.39 0.17 -4.36
CA ARG A 10 -13.27 0.15 -5.55
C ARG A 10 -12.65 0.93 -6.71
N ABA A 11 -12.26 0.21 -7.73
CA ABA A 11 -11.64 0.87 -8.91
C ABA A 11 -12.31 0.38 -10.19
O ABA A 11 -12.01 -0.69 -10.68
CB ABA A 11 -10.16 0.50 -8.96
CG ABA A 11 -9.49 0.82 -7.62
H2 ABA A 11 -12.37 -0.76 -7.71
HA ABA A 11 -11.77 1.94 -8.83
HB3 ABA A 11 -10.05 -0.55 -9.16
HB2 ABA A 11 -9.68 1.05 -9.75
HG1 ABA A 11 -9.47 1.89 -7.48
HG3 ABA A 11 -10.04 0.37 -6.81
HG2 ABA A 11 -8.47 0.45 -7.61
N LYS A 12 -13.21 1.18 -10.70
CA LYS A 12 -13.91 0.79 -11.94
C LYS A 12 -12.93 0.55 -13.09
N LYS A 13 -11.66 0.70 -12.82
CA LYS A 13 -10.64 0.48 -13.90
C LYS A 13 -9.71 -0.72 -13.55
N PRO A 14 -9.37 -1.56 -14.55
CA PRO A 14 -8.49 -2.71 -14.28
C PRO A 14 -7.12 -2.26 -13.82
N SER A 15 -6.38 -1.64 -14.73
CA SER A 15 -5.02 -1.15 -14.37
C SER A 15 -4.95 -0.70 -12.93
N MET A 16 -5.99 -0.05 -12.48
CA MET A 16 -5.99 0.43 -11.08
C MET A 16 -6.17 -0.76 -10.13
N LEU A 17 -7.17 -1.57 -10.38
CA LEU A 17 -7.38 -2.73 -9.50
C LEU A 17 -6.27 -3.74 -9.73
N LYS A 18 -6.17 -4.20 -10.96
CA LYS A 18 -5.10 -5.19 -11.29
C LYS A 18 -3.82 -4.87 -10.52
N LYS A 19 -3.46 -3.63 -10.49
CA LYS A 19 -2.23 -3.25 -9.77
C LYS A 19 -2.46 -3.39 -8.27
N HIS A 20 -3.61 -2.94 -7.83
CA HIS A 20 -3.92 -3.03 -6.39
C HIS A 20 -3.86 -4.47 -5.91
N ILE A 21 -4.58 -5.34 -6.57
CA ILE A 21 -4.56 -6.76 -6.15
C ILE A 21 -3.14 -7.29 -6.13
N ARG A 22 -2.31 -6.77 -6.99
CA ARG A 22 -0.91 -7.25 -7.02
C ARG A 22 -0.12 -6.67 -5.85
N THR A 23 -0.64 -5.65 -5.24
CA THR A 23 0.10 -5.07 -4.10
C THR A 23 -0.03 -5.95 -2.85
N HIS A 24 -0.81 -7.01 -2.95
CA HIS A 24 -0.97 -7.91 -1.78
C HIS A 24 -0.03 -9.10 -1.89
N THR A 25 0.81 -9.09 -2.89
CA THR A 25 1.77 -10.21 -3.06
C THR A 25 3.06 -9.95 -2.31
N ASP A 26 4.03 -9.45 -3.01
CA ASP A 26 5.32 -9.17 -2.35
C ASP A 26 6.06 -8.09 -3.13
N VAL A 27 5.29 -7.32 -3.84
CA VAL A 27 5.87 -6.23 -4.64
C VAL A 27 5.80 -4.90 -3.88
N ARG A 28 6.21 -4.96 -2.65
CA ARG A 28 6.18 -3.74 -1.78
C ARG A 28 7.56 -3.57 -1.09
N PRO A 29 8.53 -3.00 -1.80
CA PRO A 29 9.87 -2.79 -1.23
C PRO A 29 9.87 -1.95 0.04
N TYR A 30 8.78 -1.29 0.33
CA TYR A 30 8.74 -0.46 1.57
C TYR A 30 8.23 -1.29 2.75
N HIS A 31 9.13 -2.02 3.39
CA HIS A 31 8.71 -2.85 4.56
C HIS A 31 9.03 -2.17 5.88
N CYS A 32 8.15 -2.32 6.85
CA CYS A 32 8.40 -1.68 8.17
C CYS A 32 9.62 -2.34 8.84
N THR A 33 10.30 -1.58 9.66
CA THR A 33 11.49 -2.16 10.34
C THR A 33 11.06 -2.98 11.55
N TYR A 34 9.79 -3.29 11.62
CA TYR A 34 9.28 -4.09 12.76
C TYR A 34 8.21 -5.08 12.29
N CYS A 35 7.11 -4.55 11.84
CA CYS A 35 6.01 -5.41 11.35
C CYS A 35 6.40 -6.16 10.09
N ASN A 36 5.48 -6.95 9.60
CA ASN A 36 5.72 -7.71 8.38
C ASN A 36 4.93 -7.10 7.23
N PHE A 37 4.37 -5.95 7.52
CA PHE A 37 3.57 -5.24 6.49
C PHE A 37 4.45 -4.39 5.60
N SER A 38 3.98 -4.08 4.44
CA SER A 38 4.78 -3.26 3.53
C SER A 38 3.89 -2.44 2.62
N PHE A 39 4.49 -1.53 1.92
CA PHE A 39 3.70 -0.67 1.01
C PHE A 39 4.37 -0.55 -0.36
N LYS A 40 3.61 -0.21 -1.34
CA LYS A 40 4.17 -0.06 -2.70
C LYS A 40 4.70 1.35 -2.90
N THR A 41 4.35 2.21 -1.98
CA THR A 41 4.82 3.62 -2.07
C THR A 41 5.54 4.05 -0.81
N LYS A 42 6.35 5.06 -0.94
CA LYS A 42 7.10 5.54 0.23
C LYS A 42 6.23 6.48 1.07
N GLY A 43 5.10 6.85 0.52
CA GLY A 43 4.20 7.76 1.28
C GLY A 43 3.58 7.02 2.46
N ASN A 44 3.00 5.88 2.19
CA ASN A 44 2.38 5.09 3.27
C ASN A 44 3.45 4.57 4.23
N LEU A 45 4.67 4.56 3.78
CA LEU A 45 5.77 4.07 4.64
C LEU A 45 5.95 5.01 5.83
N THR A 46 6.19 6.26 5.53
CA THR A 46 6.38 7.24 6.63
C THR A 46 5.10 7.36 7.45
N LYS A 47 3.98 7.22 6.80
CA LYS A 47 2.70 7.33 7.54
C LYS A 47 2.60 6.26 8.62
N HIS A 48 3.14 5.10 8.35
CA HIS A 48 3.07 4.01 9.35
C HIS A 48 4.17 4.18 10.39
N MET A 49 5.28 4.74 9.98
CA MET A 49 6.39 4.94 10.93
C MET A 49 6.15 6.17 11.81
N LYS A 50 5.43 7.12 11.27
CA LYS A 50 5.14 8.34 12.05
C LYS A 50 4.27 8.02 13.26
N SER A 51 3.23 7.28 13.03
CA SER A 51 2.33 6.91 14.15
C SER A 51 3.13 6.47 15.36
N LYS A 52 2.52 6.52 16.51
CA LYS A 52 3.23 6.10 17.74
C LYS A 52 3.43 4.59 17.76
N ALA A 53 3.18 3.97 16.65
CA ALA A 53 3.35 2.49 16.57
C ALA A 53 4.63 2.05 17.27
N HIS A 54 5.71 2.00 16.53
CA HIS A 54 6.98 1.58 17.13
C HIS A 54 8.17 2.17 16.38
N SER A 55 8.64 3.30 16.85
CA SER A 55 9.80 3.95 16.19
C SER A 55 10.75 4.51 17.24
N LYS A 56 10.86 3.83 18.34
CA LYS A 56 11.76 4.31 19.42
C LYS A 56 13.21 3.92 19.12
N LYS A 57 13.68 4.30 17.96
CA LYS A 57 15.07 3.96 17.60
C LYS A 57 16.05 4.45 18.67
ZN ZN B . -6.55 -4.75 -1.24
ZN ZN C . 5.40 -1.38 11.90
N LYS A 1 -11.80 0.49 -18.82
CA LYS A 1 -12.31 0.36 -17.43
C LYS A 1 -11.15 0.18 -16.46
N TYR A 2 -10.59 1.27 -16.02
CA TYR A 2 -9.45 1.18 -15.07
C TYR A 2 -9.92 1.28 -13.63
N ILE A 3 -10.99 0.59 -13.32
CA ILE A 3 -11.54 0.64 -11.94
C ILE A 3 -11.25 -0.68 -11.22
N CYS A 4 -10.27 -0.67 -10.34
CA CYS A 4 -9.97 -1.94 -9.62
C CYS A 4 -11.23 -2.55 -9.07
N GLU A 5 -11.56 -3.70 -9.57
CA GLU A 5 -12.79 -4.39 -9.09
C GLU A 5 -12.73 -4.68 -7.59
N GLU A 6 -11.54 -4.67 -7.04
CA GLU A 6 -11.43 -4.94 -5.59
C GLU A 6 -11.60 -3.67 -4.77
N CYS A 7 -10.66 -2.77 -4.88
CA CYS A 7 -10.76 -1.51 -4.11
C CYS A 7 -11.75 -0.56 -4.76
N GLY A 8 -11.57 -0.34 -6.04
CA GLY A 8 -12.48 0.57 -6.78
C GLY A 8 -11.72 1.83 -7.19
N ILE A 9 -10.41 1.77 -7.10
CA ILE A 9 -9.61 2.95 -7.48
C ILE A 9 -9.87 3.33 -8.94
N ARG A 10 -10.21 4.57 -9.16
CA ARG A 10 -10.48 5.01 -10.55
C ARG A 10 -9.29 5.77 -11.14
N ABA A 11 -8.59 5.12 -12.04
CA ABA A 11 -7.40 5.78 -12.68
C ABA A 11 -7.56 5.81 -14.19
O ABA A 11 -7.33 4.83 -14.87
CB ABA A 11 -6.15 4.97 -12.33
CG ABA A 11 -6.03 4.82 -10.81
H2 ABA A 11 -8.84 4.21 -12.31
HA ABA A 11 -7.32 6.80 -12.30
HB3 ABA A 11 -6.21 3.98 -12.78
HB2 ABA A 11 -5.28 5.47 -12.72
HG1 ABA A 11 -6.97 4.51 -10.40
HG3 ABA A 11 -5.28 4.08 -10.57
HG2 ABA A 11 -5.73 5.77 -10.38
N LYS A 12 -7.93 6.95 -14.70
CA LYS A 12 -8.10 7.09 -16.17
C LYS A 12 -6.82 6.82 -16.95
N LYS A 13 -5.80 6.32 -16.28
CA LYS A 13 -4.52 6.04 -17.00
C LYS A 13 -3.99 4.62 -16.65
N PRO A 14 -3.34 3.93 -17.61
CA PRO A 14 -2.80 2.59 -17.37
C PRO A 14 -1.72 2.61 -16.29
N SER A 15 -0.59 3.20 -16.61
CA SER A 15 0.54 3.27 -15.63
C SER A 15 0.02 3.38 -14.21
N MET A 16 -0.97 4.20 -14.02
CA MET A 16 -1.52 4.37 -12.66
C MET A 16 -2.25 3.09 -12.22
N LEU A 17 -3.13 2.60 -13.07
CA LEU A 17 -3.86 1.37 -12.71
C LEU A 17 -2.89 0.18 -12.77
N LYS A 18 -2.33 -0.03 -13.95
CA LYS A 18 -1.36 -1.15 -14.13
C LYS A 18 -0.50 -1.34 -12.88
N LYS A 19 -0.08 -0.26 -12.30
CA LYS A 19 0.74 -0.37 -11.10
C LYS A 19 -0.14 -0.75 -9.90
N HIS A 20 -1.27 -0.10 -9.81
CA HIS A 20 -2.19 -0.39 -8.69
C HIS A 20 -2.56 -1.86 -8.67
N ILE A 21 -3.06 -2.34 -9.78
CA ILE A 21 -3.44 -3.77 -9.83
C ILE A 21 -2.25 -4.64 -9.48
N ARG A 22 -1.08 -4.21 -9.86
CA ARG A 22 0.13 -5.02 -9.54
C ARG A 22 0.46 -4.93 -8.06
N THR A 23 -0.10 -3.96 -7.38
CA THR A 23 0.19 -3.84 -5.94
C THR A 23 -0.51 -4.94 -5.14
N HIS A 24 -1.59 -5.46 -5.67
CA HIS A 24 -2.29 -6.54 -4.93
C HIS A 24 -1.46 -7.81 -4.92
N THR A 25 -0.25 -7.70 -5.40
CA THR A 25 0.63 -8.88 -5.43
C THR A 25 1.55 -8.89 -4.22
N ASP A 26 2.80 -8.73 -4.48
CA ASP A 26 3.80 -8.71 -3.38
C ASP A 26 4.93 -7.80 -3.78
N VAL A 27 4.58 -6.82 -4.55
CA VAL A 27 5.61 -5.86 -5.02
C VAL A 27 5.71 -4.63 -4.10
N ARG A 28 5.78 -4.90 -2.81
CA ARG A 28 5.89 -3.80 -1.81
C ARG A 28 7.25 -3.86 -1.09
N PRO A 29 8.29 -3.22 -1.63
CA PRO A 29 9.61 -3.23 -1.01
C PRO A 29 9.62 -2.50 0.34
N TYR A 30 9.02 -1.34 0.37
CA TYR A 30 9.01 -0.56 1.64
C TYR A 30 8.51 -1.43 2.81
N HIS A 31 9.44 -2.11 3.45
CA HIS A 31 9.06 -2.98 4.60
C HIS A 31 9.28 -2.26 5.94
N CYS A 32 8.35 -2.42 6.85
CA CYS A 32 8.51 -1.74 8.17
C CYS A 32 9.72 -2.31 8.90
N THR A 33 10.23 -1.56 9.84
CA THR A 33 11.41 -2.06 10.61
C THR A 33 10.96 -2.92 11.79
N TYR A 34 9.73 -3.35 11.73
CA TYR A 34 9.21 -4.19 12.84
C TYR A 34 8.20 -5.20 12.30
N CYS A 35 7.13 -4.69 11.76
CA CYS A 35 6.08 -5.57 11.21
C CYS A 35 6.53 -6.21 9.90
N ASN A 36 5.77 -7.18 9.46
CA ASN A 36 6.12 -7.87 8.20
C ASN A 36 5.30 -7.26 7.07
N PHE A 37 4.65 -6.17 7.37
CA PHE A 37 3.82 -5.49 6.35
C PHE A 37 4.66 -4.57 5.50
N SER A 38 4.20 -4.27 4.32
CA SER A 38 4.97 -3.37 3.44
C SER A 38 4.06 -2.50 2.61
N PHE A 39 4.65 -1.57 1.92
CA PHE A 39 3.85 -0.65 1.08
C PHE A 39 4.50 -0.48 -0.30
N LYS A 40 3.72 -0.07 -1.24
CA LYS A 40 4.27 0.13 -2.62
C LYS A 40 4.87 1.52 -2.75
N THR A 41 4.54 2.39 -1.83
CA THR A 41 5.09 3.77 -1.89
C THR A 41 5.68 4.20 -0.56
N LYS A 42 6.56 5.15 -0.61
CA LYS A 42 7.19 5.64 0.63
C LYS A 42 6.18 6.45 1.44
N GLY A 43 5.17 6.93 0.78
CA GLY A 43 4.14 7.73 1.49
C GLY A 43 3.57 6.92 2.65
N ASN A 44 2.76 5.95 2.32
CA ASN A 44 2.16 5.11 3.38
C ASN A 44 3.21 4.70 4.41
N LEU A 45 4.32 4.23 3.93
CA LEU A 45 5.40 3.81 4.87
C LEU A 45 5.68 4.92 5.87
N THR A 46 5.88 6.11 5.37
CA THR A 46 6.17 7.24 6.27
C THR A 46 5.05 7.41 7.30
N LYS A 47 3.85 7.12 6.89
CA LYS A 47 2.70 7.25 7.83
C LYS A 47 2.72 6.13 8.86
N HIS A 48 2.97 4.93 8.41
CA HIS A 48 3.00 3.79 9.36
C HIS A 48 4.11 3.96 10.38
N MET A 49 5.09 4.76 10.04
CA MET A 49 6.22 4.99 10.97
C MET A 49 6.00 6.26 11.78
N LYS A 50 5.52 7.28 11.13
CA LYS A 50 5.28 8.57 11.84
C LYS A 50 4.40 8.33 13.06
N SER A 51 3.35 7.58 12.88
CA SER A 51 2.43 7.32 14.01
C SER A 51 3.21 6.84 15.23
N LYS A 52 2.58 6.90 16.38
CA LYS A 52 3.27 6.46 17.61
C LYS A 52 3.34 4.94 17.68
N ALA A 53 3.31 4.31 16.54
CA ALA A 53 3.36 2.83 16.51
C ALA A 53 4.62 2.32 17.22
N HIS A 54 5.61 1.96 16.44
CA HIS A 54 6.86 1.46 17.05
C HIS A 54 8.09 1.95 16.29
N SER A 55 8.53 3.12 16.64
CA SER A 55 9.71 3.69 15.94
C SER A 55 10.39 4.73 16.82
N LYS A 56 10.32 4.53 18.11
CA LYS A 56 10.95 5.50 19.04
C LYS A 56 12.47 5.54 18.84
N LYS A 57 13.15 4.66 19.51
CA LYS A 57 14.63 4.63 19.37
C LYS A 57 15.03 4.50 17.90
ZN ZN B . -7.10 -2.47 -5.81
ZN ZN C . 5.37 -1.56 11.80
N LYS A 1 -15.21 -0.27 -12.74
CA LYS A 1 -14.17 0.62 -13.29
C LYS A 1 -12.86 0.43 -12.54
N TYR A 2 -12.23 1.53 -12.17
CA TYR A 2 -10.95 1.41 -11.43
C TYR A 2 -11.16 1.55 -9.93
N ILE A 3 -12.02 0.71 -9.40
CA ILE A 3 -12.30 0.76 -7.95
C ILE A 3 -11.94 -0.56 -7.28
N CYS A 4 -10.81 -0.61 -6.63
CA CYS A 4 -10.42 -1.89 -5.99
C CYS A 4 -11.56 -2.40 -5.10
N GLU A 5 -12.12 -3.50 -5.50
CA GLU A 5 -13.23 -4.07 -4.71
C GLU A 5 -12.80 -4.43 -3.30
N GLU A 6 -11.51 -4.50 -3.08
CA GLU A 6 -11.02 -4.84 -1.73
C GLU A 6 -10.89 -3.59 -0.86
N CYS A 7 -9.98 -2.74 -1.20
CA CYS A 7 -9.79 -1.51 -0.40
C CYS A 7 -10.84 -0.48 -0.77
N GLY A 8 -10.98 -0.25 -2.05
CA GLY A 8 -11.98 0.74 -2.52
C GLY A 8 -11.28 1.96 -3.11
N ILE A 9 -10.02 1.81 -3.43
CA ILE A 9 -9.28 2.94 -4.01
C ILE A 9 -9.89 3.40 -5.32
N ARG A 10 -10.21 4.66 -5.41
CA ARG A 10 -10.82 5.19 -6.65
C ARG A 10 -9.79 5.93 -7.49
N ABA A 11 -9.15 5.22 -8.38
CA ABA A 11 -8.13 5.87 -9.25
C ABA A 11 -8.72 6.23 -10.60
O ABA A 11 -9.04 5.36 -11.39
CB ABA A 11 -6.96 4.91 -9.45
CG ABA A 11 -5.98 5.04 -8.28
H2 ABA A 11 -9.35 4.25 -8.49
HA ABA A 11 -7.78 6.79 -8.76
HB3 ABA A 11 -7.33 3.90 -9.50
HB2 ABA A 11 -6.46 5.13 -10.37
HG1 ABA A 11 -5.47 5.99 -8.35
HG3 ABA A 11 -6.52 4.99 -7.35
HG2 ABA A 11 -5.25 4.24 -8.32
N LYS A 12 -8.83 7.49 -10.86
CA LYS A 12 -9.38 7.93 -12.16
C LYS A 12 -8.44 7.61 -13.31
N LYS A 13 -7.43 6.81 -13.02
CA LYS A 13 -6.48 6.45 -14.10
C LYS A 13 -5.96 4.98 -13.94
N PRO A 14 -5.84 4.23 -15.05
CA PRO A 14 -5.37 2.83 -14.96
C PRO A 14 -3.94 2.74 -14.42
N SER A 15 -3.07 3.56 -14.93
CA SER A 15 -1.67 3.52 -14.44
C SER A 15 -1.63 3.42 -12.91
N MET A 16 -2.42 4.23 -12.25
CA MET A 16 -2.44 4.20 -10.77
C MET A 16 -3.09 2.91 -10.27
N LEU A 17 -4.29 2.63 -10.73
CA LEU A 17 -4.96 1.41 -10.26
C LEU A 17 -4.07 0.22 -10.59
N LYS A 18 -3.73 0.11 -11.85
CA LYS A 18 -2.86 -1.01 -12.29
C LYS A 18 -1.81 -1.33 -11.22
N LYS A 19 -1.11 -0.32 -10.79
CA LYS A 19 -0.09 -0.55 -9.75
C LYS A 19 -0.75 -0.96 -8.45
N HIS A 20 -1.86 -0.34 -8.14
CA HIS A 20 -2.56 -0.66 -6.88
C HIS A 20 -2.97 -2.12 -6.84
N ILE A 21 -3.65 -2.57 -7.86
CA ILE A 21 -4.07 -3.99 -7.86
C ILE A 21 -2.85 -4.89 -7.68
N ARG A 22 -1.72 -4.44 -8.18
CA ARG A 22 -0.49 -5.26 -8.05
C ARG A 22 0.06 -5.13 -6.65
N THR A 23 -0.40 -4.16 -5.93
CA THR A 23 0.11 -3.98 -4.55
C THR A 23 -0.48 -5.06 -3.64
N HIS A 24 -1.43 -5.80 -4.15
CA HIS A 24 -2.03 -6.87 -3.32
C HIS A 24 -1.26 -8.17 -3.47
N THR A 25 -0.12 -8.08 -4.10
CA THR A 25 0.71 -9.29 -4.29
C THR A 25 1.84 -9.31 -3.27
N ASP A 26 3.00 -8.95 -3.72
CA ASP A 26 4.17 -8.94 -2.81
C ASP A 26 5.25 -8.05 -3.40
N VAL A 27 4.81 -7.08 -4.13
CA VAL A 27 5.75 -6.13 -4.77
C VAL A 27 5.86 -4.82 -3.97
N ARG A 28 6.02 -4.97 -2.68
CA ARG A 28 6.14 -3.78 -1.80
C ARG A 28 7.55 -3.72 -1.13
N PRO A 29 8.52 -3.10 -1.80
CA PRO A 29 9.88 -2.99 -1.27
C PRO A 29 9.93 -2.20 0.05
N TYR A 30 8.94 -1.36 0.27
CA TYR A 30 8.94 -0.56 1.52
C TYR A 30 8.38 -1.39 2.68
N HIS A 31 9.26 -2.12 3.34
CA HIS A 31 8.81 -2.96 4.49
C HIS A 31 9.14 -2.30 5.83
N CYS A 32 8.23 -2.39 6.77
CA CYS A 32 8.49 -1.77 8.09
C CYS A 32 9.68 -2.46 8.76
N THR A 33 10.39 -1.73 9.57
CA THR A 33 11.56 -2.34 10.25
C THR A 33 11.13 -3.09 11.51
N TYR A 34 9.85 -3.36 11.61
CA TYR A 34 9.34 -4.08 12.80
C TYR A 34 8.24 -5.08 12.40
N CYS A 35 7.15 -4.55 11.94
CA CYS A 35 6.02 -5.43 11.52
C CYS A 35 6.37 -6.24 10.29
N ASN A 36 5.36 -6.86 9.74
CA ASN A 36 5.55 -7.69 8.53
C ASN A 36 4.78 -7.07 7.37
N PHE A 37 4.25 -5.89 7.63
CA PHE A 37 3.48 -5.18 6.59
C PHE A 37 4.41 -4.40 5.68
N SER A 38 3.92 -4.05 4.53
CA SER A 38 4.77 -3.28 3.60
C SER A 38 3.93 -2.36 2.74
N PHE A 39 4.60 -1.52 1.99
CA PHE A 39 3.88 -0.57 1.12
C PHE A 39 4.52 -0.49 -0.26
N LYS A 40 3.76 -0.08 -1.23
CA LYS A 40 4.30 0.02 -2.61
C LYS A 40 4.92 1.39 -2.83
N THR A 41 4.59 2.33 -1.99
CA THR A 41 5.15 3.70 -2.13
C THR A 41 5.80 4.17 -0.84
N LYS A 42 6.66 5.13 -0.98
CA LYS A 42 7.35 5.66 0.22
C LYS A 42 6.39 6.54 1.04
N GLY A 43 5.32 6.95 0.40
CA GLY A 43 4.34 7.80 1.13
C GLY A 43 3.73 7.03 2.30
N ASN A 44 2.85 6.12 1.98
CA ASN A 44 2.20 5.33 3.06
C ASN A 44 3.24 4.87 4.08
N LEU A 45 4.36 4.41 3.60
CA LEU A 45 5.41 3.94 4.53
C LEU A 45 5.65 4.98 5.61
N THR A 46 5.84 6.21 5.21
CA THR A 46 6.08 7.28 6.21
C THR A 46 4.88 7.41 7.15
N LYS A 47 3.71 7.19 6.62
CA LYS A 47 2.50 7.31 7.47
C LYS A 47 2.49 6.22 8.55
N HIS A 48 3.02 5.07 8.22
CA HIS A 48 3.05 3.97 9.23
C HIS A 48 4.09 4.26 10.30
N MET A 49 5.16 4.90 9.92
CA MET A 49 6.20 5.21 10.92
C MET A 49 5.78 6.37 11.81
N LYS A 50 5.14 7.35 11.22
CA LYS A 50 4.69 8.51 12.03
C LYS A 50 3.96 8.05 13.27
N SER A 51 3.10 7.08 13.11
CA SER A 51 2.34 6.57 14.27
C SER A 51 3.29 6.18 15.40
N LYS A 52 2.88 6.43 16.61
CA LYS A 52 3.74 6.07 17.76
C LYS A 52 3.82 4.56 17.95
N ALA A 53 3.39 3.83 16.95
CA ALA A 53 3.43 2.35 17.06
C ALA A 53 4.77 1.90 17.61
N HIS A 54 5.78 1.94 16.79
CA HIS A 54 7.11 1.51 17.24
C HIS A 54 8.22 2.25 16.51
N SER A 55 8.65 3.34 17.07
CA SER A 55 9.73 4.13 16.43
C SER A 55 10.74 4.59 17.47
N LYS A 56 10.67 3.99 18.63
CA LYS A 56 11.61 4.35 19.74
C LYS A 56 12.27 3.10 20.31
N LYS A 57 11.60 1.99 20.20
CA LYS A 57 12.16 0.74 20.73
C LYS A 57 13.56 0.49 20.15
ZN ZN B . -6.75 -2.63 -2.99
ZN ZN C . 5.51 -1.36 11.83
N LYS A 1 -14.69 -0.20 -15.44
CA LYS A 1 -13.70 -1.03 -16.15
C LYS A 1 -12.33 -0.88 -15.50
N TYR A 2 -12.27 -0.06 -14.48
CA TYR A 2 -10.97 0.14 -13.79
C TYR A 2 -11.17 0.46 -12.31
N ILE A 3 -12.04 -0.29 -11.67
CA ILE A 3 -12.31 -0.04 -10.23
C ILE A 3 -12.00 -1.29 -9.41
N CYS A 4 -11.12 -1.15 -8.44
CA CYS A 4 -10.78 -2.33 -7.62
C CYS A 4 -11.95 -2.72 -6.75
N GLU A 5 -12.63 -3.74 -7.15
CA GLU A 5 -13.79 -4.20 -6.36
C GLU A 5 -13.39 -4.56 -4.92
N GLU A 6 -12.12 -4.70 -4.69
CA GLU A 6 -11.67 -5.05 -3.33
C GLU A 6 -11.61 -3.80 -2.45
N CYS A 7 -10.74 -2.89 -2.79
CA CYS A 7 -10.63 -1.65 -1.97
C CYS A 7 -11.78 -0.71 -2.29
N GLY A 8 -11.90 -0.40 -3.56
CA GLY A 8 -12.97 0.51 -4.01
C GLY A 8 -12.36 1.71 -4.74
N ILE A 9 -11.12 1.56 -5.15
CA ILE A 9 -10.46 2.66 -5.86
C ILE A 9 -11.09 2.86 -7.24
N ARG A 10 -11.15 4.10 -7.66
CA ARG A 10 -11.74 4.39 -8.99
C ARG A 10 -10.77 5.16 -9.87
N ABA A 11 -10.18 4.47 -10.81
CA ABA A 11 -9.21 5.13 -11.72
C ABA A 11 -9.59 4.88 -13.18
O ABA A 11 -9.15 3.93 -13.79
CB ABA A 11 -7.81 4.54 -11.47
CG ABA A 11 -7.46 4.63 -9.98
H2 ABA A 11 -10.38 3.51 -10.92
HA ABA A 11 -9.21 6.21 -11.54
HB3 ABA A 11 -7.80 3.51 -11.78
HB2 ABA A 11 -7.09 5.09 -12.05
HG1 ABA A 11 -6.55 4.07 -9.79
HG3 ABA A 11 -7.31 5.67 -9.71
HG2 ABA A 11 -8.27 4.22 -9.40
N LYS A 12 -10.41 5.75 -13.71
CA LYS A 12 -10.84 5.58 -15.12
C LYS A 12 -9.66 5.29 -16.05
N LYS A 13 -8.46 5.54 -15.58
CA LYS A 13 -7.26 5.28 -16.44
C LYS A 13 -6.59 3.93 -16.08
N PRO A 14 -6.11 3.18 -17.09
CA PRO A 14 -5.46 1.89 -16.83
C PRO A 14 -4.18 2.06 -16.00
N SER A 15 -3.16 2.60 -16.62
CA SER A 15 -1.85 2.81 -15.91
C SER A 15 -2.06 3.04 -14.42
N MET A 16 -3.05 3.82 -14.07
CA MET A 16 -3.30 4.08 -12.64
C MET A 16 -3.82 2.80 -11.98
N LEU A 17 -4.92 2.29 -12.48
CA LEU A 17 -5.47 1.06 -11.88
C LEU A 17 -4.42 -0.05 -12.01
N LYS A 18 -3.99 -0.24 -13.23
CA LYS A 18 -2.98 -1.28 -13.52
C LYS A 18 -1.97 -1.38 -12.37
N LYS A 19 -1.47 -0.27 -11.95
CA LYS A 19 -0.50 -0.30 -10.85
C LYS A 19 -1.18 -0.63 -9.53
N HIS A 20 -2.35 -0.06 -9.34
CA HIS A 20 -3.09 -0.33 -8.09
C HIS A 20 -3.33 -1.82 -7.91
N ILE A 21 -3.83 -2.45 -8.95
CA ILE A 21 -4.08 -3.90 -8.85
C ILE A 21 -2.79 -4.69 -8.64
N ARG A 22 -1.71 -4.17 -9.14
CA ARG A 22 -0.42 -4.88 -8.97
C ARG A 22 0.06 -4.81 -7.53
N THR A 23 -0.43 -3.85 -6.80
CA THR A 23 0.02 -3.73 -5.39
C THR A 23 -0.59 -4.84 -4.52
N HIS A 24 -1.64 -5.45 -5.00
CA HIS A 24 -2.28 -6.54 -4.20
C HIS A 24 -1.49 -7.83 -4.35
N THR A 25 -0.34 -7.75 -4.96
CA THR A 25 0.49 -8.96 -5.14
C THR A 25 1.55 -9.04 -4.05
N ASP A 26 2.75 -8.75 -4.41
CA ASP A 26 3.85 -8.81 -3.43
C ASP A 26 4.96 -7.89 -3.90
N VAL A 27 4.56 -6.87 -4.60
CA VAL A 27 5.54 -5.90 -5.12
C VAL A 27 5.68 -4.69 -4.20
N ARG A 28 5.82 -4.96 -2.92
CA ARG A 28 5.96 -3.85 -1.93
C ARG A 28 7.34 -3.92 -1.24
N PRO A 29 8.38 -3.33 -1.86
CA PRO A 29 9.72 -3.35 -1.28
C PRO A 29 9.80 -2.60 0.05
N TYR A 30 8.96 -1.63 0.22
CA TYR A 30 8.99 -0.86 1.51
C TYR A 30 8.41 -1.69 2.65
N HIS A 31 9.28 -2.29 3.44
CA HIS A 31 8.81 -3.11 4.59
C HIS A 31 9.13 -2.44 5.92
N CYS A 32 8.17 -2.44 6.83
CA CYS A 32 8.45 -1.79 8.13
C CYS A 32 9.65 -2.46 8.80
N THR A 33 10.41 -1.71 9.54
CA THR A 33 11.59 -2.31 10.20
C THR A 33 11.18 -3.07 11.47
N TYR A 34 9.90 -3.29 11.60
CA TYR A 34 9.39 -4.01 12.80
C TYR A 34 8.31 -5.00 12.40
N CYS A 35 7.19 -4.47 11.99
CA CYS A 35 6.06 -5.36 11.57
C CYS A 35 6.44 -6.20 10.36
N ASN A 36 5.43 -6.73 9.72
CA ASN A 36 5.65 -7.58 8.52
C ASN A 36 4.87 -7.00 7.35
N PHE A 37 4.27 -5.86 7.57
CA PHE A 37 3.49 -5.21 6.50
C PHE A 37 4.41 -4.48 5.54
N SER A 38 3.92 -4.19 4.37
CA SER A 38 4.76 -3.48 3.38
C SER A 38 3.93 -2.56 2.52
N PHE A 39 4.59 -1.64 1.85
CA PHE A 39 3.88 -0.69 0.97
C PHE A 39 4.57 -0.56 -0.38
N LYS A 40 3.84 -0.07 -1.35
CA LYS A 40 4.41 0.10 -2.70
C LYS A 40 5.10 1.45 -2.84
N THR A 41 4.79 2.35 -1.94
CA THR A 41 5.41 3.71 -2.00
C THR A 41 6.00 4.12 -0.67
N LYS A 42 6.94 5.03 -0.72
CA LYS A 42 7.57 5.50 0.52
C LYS A 42 6.63 6.42 1.26
N GLY A 43 5.67 6.97 0.56
CA GLY A 43 4.70 7.88 1.21
C GLY A 43 3.93 7.12 2.30
N ASN A 44 3.25 6.09 1.90
CA ASN A 44 2.48 5.30 2.88
C ASN A 44 3.38 4.86 4.04
N LEU A 45 4.59 4.51 3.72
CA LEU A 45 5.52 4.07 4.80
C LEU A 45 5.60 5.15 5.87
N THR A 46 5.94 6.34 5.46
CA THR A 46 6.04 7.44 6.44
C THR A 46 4.78 7.51 7.29
N LYS A 47 3.66 7.24 6.66
CA LYS A 47 2.38 7.28 7.40
C LYS A 47 2.37 6.24 8.51
N HIS A 48 2.89 5.07 8.22
CA HIS A 48 2.92 4.01 9.25
C HIS A 48 3.84 4.40 10.40
N MET A 49 4.98 4.94 10.06
CA MET A 49 5.93 5.36 11.13
C MET A 49 5.34 6.50 11.95
N LYS A 50 4.55 7.32 11.30
CA LYS A 50 3.93 8.46 12.02
C LYS A 50 3.37 8.00 13.36
N SER A 51 2.51 7.02 13.32
CA SER A 51 1.92 6.52 14.57
C SER A 51 3.01 6.24 15.61
N LYS A 52 2.67 6.42 16.85
CA LYS A 52 3.68 6.17 17.92
C LYS A 52 3.76 4.69 18.25
N ALA A 53 3.66 3.87 17.24
CA ALA A 53 3.72 2.40 17.48
C ALA A 53 5.15 1.97 17.82
N HIS A 54 6.03 2.09 16.87
CA HIS A 54 7.43 1.70 17.12
C HIS A 54 8.39 2.37 16.15
N SER A 55 8.93 3.48 16.56
CA SER A 55 9.88 4.21 15.68
C SER A 55 11.04 4.77 16.48
N LYS A 56 11.69 3.91 17.21
CA LYS A 56 12.84 4.38 18.03
C LYS A 56 14.00 4.83 17.13
N LYS A 57 14.94 3.94 16.92
CA LYS A 57 16.09 4.29 16.07
C LYS A 57 15.63 4.78 14.70
ZN ZN B . -7.30 -2.55 -4.37
ZN ZN C . 5.55 -1.31 11.93
N LYS A 1 -15.64 0.69 -13.90
CA LYS A 1 -15.52 -0.48 -13.01
C LYS A 1 -14.12 -0.57 -12.44
N TYR A 2 -13.44 0.54 -12.39
CA TYR A 2 -12.06 0.55 -11.85
C TYR A 2 -12.06 0.94 -10.37
N ILE A 3 -12.86 0.27 -9.59
CA ILE A 3 -12.93 0.58 -8.13
C ILE A 3 -12.34 -0.57 -7.32
N CYS A 4 -11.15 -0.36 -6.78
CA CYS A 4 -10.55 -1.45 -5.98
C CYS A 4 -11.52 -1.97 -4.94
N GLU A 5 -11.72 -3.26 -4.94
CA GLU A 5 -12.66 -3.86 -3.98
C GLU A 5 -12.18 -3.72 -2.53
N GLU A 6 -10.92 -3.41 -2.37
CA GLU A 6 -10.38 -3.26 -0.99
C GLU A 6 -10.37 -1.81 -0.53
N CYS A 7 -9.48 -1.03 -1.09
CA CYS A 7 -9.42 0.40 -0.69
C CYS A 7 -10.57 1.21 -1.26
N GLY A 8 -10.93 0.92 -2.49
CA GLY A 8 -12.05 1.67 -3.11
C GLY A 8 -11.50 2.78 -4.01
N ILE A 9 -10.23 2.71 -4.31
CA ILE A 9 -9.63 3.76 -5.17
C ILE A 9 -10.38 3.85 -6.50
N ARG A 10 -10.59 5.06 -6.96
CA ARG A 10 -11.32 5.24 -8.24
C ARG A 10 -10.39 5.74 -9.34
N ABA A 11 -10.13 4.89 -10.31
CA ABA A 11 -9.24 5.28 -11.43
C ABA A 11 -9.88 4.92 -12.76
O ABA A 11 -9.81 3.80 -13.21
CB ABA A 11 -7.92 4.51 -11.31
CG ABA A 11 -7.31 4.75 -9.92
H2 ABA A 11 -10.54 4.00 -10.29
HA ABA A 11 -9.07 6.36 -11.40
HB3 ABA A 11 -8.11 3.47 -11.44
HB2 ABA A 11 -7.24 4.86 -12.06
HG1 ABA A 11 -6.94 5.76 -9.85
HG3 ABA A 11 -8.05 4.59 -9.15
HG2 ABA A 11 -6.49 4.06 -9.76
N LYS A 12 -10.51 5.89 -13.38
CA LYS A 12 -11.16 5.62 -14.69
C LYS A 12 -10.21 5.01 -15.70
N LYS A 13 -8.93 5.01 -15.41
CA LYS A 13 -7.95 4.42 -16.38
C LYS A 13 -7.41 3.05 -15.89
N PRO A 14 -7.12 2.13 -16.82
CA PRO A 14 -6.60 0.80 -16.44
C PRO A 14 -5.21 0.91 -15.80
N SER A 15 -4.23 1.25 -16.61
CA SER A 15 -2.84 1.37 -16.09
C SER A 15 -2.82 1.86 -14.64
N MET A 16 -3.68 2.80 -14.35
CA MET A 16 -3.72 3.31 -12.96
C MET A 16 -4.27 2.25 -12.03
N LEU A 17 -5.43 1.73 -12.35
CA LEU A 17 -6.02 0.68 -11.47
C LEU A 17 -5.17 -0.57 -11.58
N LYS A 18 -5.05 -1.06 -12.80
CA LYS A 18 -4.24 -2.28 -13.04
C LYS A 18 -3.03 -2.35 -12.10
N LYS A 19 -2.31 -1.27 -12.01
CA LYS A 19 -1.14 -1.27 -11.12
C LYS A 19 -1.57 -1.20 -9.66
N HIS A 20 -2.59 -0.41 -9.40
CA HIS A 20 -3.06 -0.30 -8.00
C HIS A 20 -3.39 -1.67 -7.44
N ILE A 21 -4.15 -2.42 -8.20
CA ILE A 21 -4.51 -3.77 -7.71
C ILE A 21 -3.27 -4.65 -7.58
N ARG A 22 -2.31 -4.44 -8.43
CA ARG A 22 -1.08 -5.27 -8.35
C ARG A 22 -0.37 -5.03 -7.03
N THR A 23 -0.60 -3.89 -6.45
CA THR A 23 0.09 -3.60 -5.15
C THR A 23 -0.41 -4.52 -4.04
N HIS A 24 -1.66 -4.91 -4.11
CA HIS A 24 -2.21 -5.82 -3.06
C HIS A 24 -1.58 -7.21 -3.16
N THR A 25 -0.50 -7.32 -3.90
CA THR A 25 0.15 -8.64 -4.05
C THR A 25 1.31 -8.78 -3.07
N ASP A 26 2.50 -8.71 -3.60
CA ASP A 26 3.69 -8.83 -2.74
C ASP A 26 4.81 -8.00 -3.33
N VAL A 27 4.43 -6.98 -4.03
CA VAL A 27 5.42 -6.09 -4.66
C VAL A 27 5.59 -4.81 -3.86
N ARG A 28 5.69 -4.96 -2.57
CA ARG A 28 5.86 -3.79 -1.67
C ARG A 28 7.22 -3.88 -0.94
N PRO A 29 8.29 -3.40 -1.56
CA PRO A 29 9.62 -3.44 -0.93
C PRO A 29 9.68 -2.62 0.36
N TYR A 30 8.96 -1.53 0.40
CA TYR A 30 8.99 -0.68 1.62
C TYR A 30 8.43 -1.46 2.80
N HIS A 31 9.23 -2.34 3.34
CA HIS A 31 8.77 -3.15 4.50
C HIS A 31 9.12 -2.47 5.82
N CYS A 32 8.21 -2.48 6.76
CA CYS A 32 8.51 -1.84 8.06
C CYS A 32 9.69 -2.53 8.73
N THR A 33 10.48 -1.77 9.45
CA THR A 33 11.65 -2.38 10.13
C THR A 33 11.23 -3.11 11.41
N TYR A 34 9.94 -3.33 11.55
CA TYR A 34 9.44 -4.02 12.76
C TYR A 34 8.35 -5.03 12.38
N CYS A 35 7.22 -4.51 11.96
CA CYS A 35 6.11 -5.43 11.57
C CYS A 35 6.45 -6.23 10.34
N ASN A 36 5.44 -6.71 9.68
CA ASN A 36 5.64 -7.52 8.45
C ASN A 36 4.89 -6.88 7.29
N PHE A 37 4.28 -5.76 7.57
CA PHE A 37 3.53 -5.06 6.50
C PHE A 37 4.46 -4.25 5.64
N SER A 38 4.00 -3.89 4.48
CA SER A 38 4.85 -3.10 3.57
C SER A 38 4.00 -2.26 2.63
N PHE A 39 4.66 -1.38 1.91
CA PHE A 39 3.93 -0.52 0.95
C PHE A 39 4.66 -0.43 -0.38
N LYS A 40 3.99 0.10 -1.37
CA LYS A 40 4.62 0.23 -2.70
C LYS A 40 5.33 1.57 -2.83
N THR A 41 4.91 2.52 -2.02
CA THR A 41 5.55 3.86 -2.07
C THR A 41 6.10 4.28 -0.72
N LYS A 42 7.00 5.21 -0.75
CA LYS A 42 7.60 5.68 0.52
C LYS A 42 6.59 6.54 1.28
N GLY A 43 5.62 7.05 0.58
CA GLY A 43 4.60 7.90 1.26
C GLY A 43 3.90 7.09 2.35
N ASN A 44 3.07 6.18 1.94
CA ASN A 44 2.35 5.34 2.92
C ASN A 44 3.30 4.86 4.02
N LEU A 45 4.44 4.39 3.62
CA LEU A 45 5.41 3.90 4.62
C LEU A 45 5.59 4.94 5.73
N THR A 46 5.76 6.17 5.33
CA THR A 46 5.94 7.24 6.34
C THR A 46 4.72 7.33 7.26
N LYS A 47 3.56 7.17 6.69
CA LYS A 47 2.33 7.24 7.53
C LYS A 47 2.33 6.13 8.57
N HIS A 48 2.93 5.02 8.23
CA HIS A 48 2.96 3.88 9.20
C HIS A 48 3.92 4.19 10.34
N MET A 49 5.05 4.77 10.00
CA MET A 49 6.05 5.09 11.06
C MET A 49 5.55 6.24 11.92
N LYS A 50 4.83 7.13 11.31
CA LYS A 50 4.30 8.29 12.08
C LYS A 50 3.66 7.83 13.38
N SER A 51 2.73 6.92 13.26
CA SER A 51 2.05 6.42 14.49
C SER A 51 3.08 6.10 15.57
N LYS A 52 2.69 6.31 16.81
CA LYS A 52 3.63 6.03 17.92
C LYS A 52 3.81 4.52 18.11
N ALA A 53 3.40 3.76 17.13
CA ALA A 53 3.54 2.29 17.23
C ALA A 53 4.97 1.90 17.58
N HIS A 54 5.88 2.18 16.68
CA HIS A 54 7.29 1.83 16.93
C HIS A 54 8.21 2.50 15.92
N SER A 55 8.77 3.61 16.31
CA SER A 55 9.69 4.32 15.39
C SER A 55 10.80 5.03 16.16
N LYS A 56 10.61 6.31 16.39
CA LYS A 56 11.64 7.07 17.14
C LYS A 56 11.35 7.04 18.63
N LYS A 57 10.95 8.17 19.16
CA LYS A 57 10.64 8.24 20.60
C LYS A 57 9.51 7.28 20.96
ZN ZN B . -6.67 -1.20 -3.22
ZN ZN C . 5.56 -1.36 11.81
N LYS A 1 -16.73 -4.41 -13.38
CA LYS A 1 -16.48 -3.86 -12.03
C LYS A 1 -14.99 -3.69 -11.80
N TYR A 2 -14.64 -2.65 -11.10
CA TYR A 2 -13.19 -2.41 -10.82
C TYR A 2 -12.99 -1.78 -9.45
N ILE A 3 -13.69 -2.32 -8.49
CA ILE A 3 -13.58 -1.78 -7.10
C ILE A 3 -12.82 -2.76 -6.22
N CYS A 4 -11.59 -2.44 -5.90
CA CYS A 4 -10.81 -3.36 -5.05
C CYS A 4 -11.60 -3.74 -3.80
N GLU A 5 -11.79 -5.00 -3.62
CA GLU A 5 -12.54 -5.47 -2.43
C GLU A 5 -11.82 -5.15 -1.13
N GLU A 6 -10.56 -4.85 -1.22
CA GLU A 6 -9.79 -4.55 0.01
C GLU A 6 -9.78 -3.05 0.31
N CYS A 7 -9.08 -2.30 -0.50
CA CYS A 7 -9.03 -0.84 -0.27
C CYS A 7 -10.31 -0.15 -0.71
N GLY A 8 -10.82 -0.54 -1.85
CA GLY A 8 -12.08 0.08 -2.35
C GLY A 8 -11.76 1.07 -3.47
N ILE A 9 -10.56 1.00 -4.00
CA ILE A 9 -10.20 1.95 -5.08
C ILE A 9 -11.16 1.82 -6.25
N ARG A 10 -11.73 2.93 -6.65
CA ARG A 10 -12.69 2.90 -7.78
C ARG A 10 -12.03 3.32 -9.09
N ABA A 11 -11.63 2.35 -9.88
CA ABA A 11 -10.97 2.68 -11.19
C ABA A 11 -11.78 2.09 -12.34
O ABA A 11 -11.54 1.00 -12.80
CB ABA A 11 -9.58 2.04 -11.22
CG ABA A 11 -8.77 2.49 -9.99
H2 ABA A 11 -11.77 1.42 -9.62
HA ABA A 11 -10.91 3.75 -11.30
HB3 ABA A 11 -9.66 0.97 -11.23
HB2 ABA A 11 -9.06 2.36 -12.10
HG1 ABA A 11 -7.95 1.80 -9.83
HG3 ABA A 11 -8.37 3.49 -10.15
HG2 ABA A 11 -9.39 2.49 -9.12
N LYS A 12 -12.75 2.85 -12.77
CA LYS A 12 -13.61 2.38 -13.89
C LYS A 12 -12.80 1.73 -15.02
N LYS A 13 -11.53 2.04 -15.09
CA LYS A 13 -10.69 1.43 -16.16
C LYS A 13 -9.87 0.21 -15.64
N PRO A 14 -9.67 -0.81 -16.47
CA PRO A 14 -8.91 -2.00 -16.06
C PRO A 14 -7.46 -1.65 -15.76
N SER A 15 -6.74 -1.29 -16.81
CA SER A 15 -5.29 -0.92 -16.65
C SER A 15 -5.02 -0.33 -15.27
N MET A 16 -5.81 0.62 -14.88
CA MET A 16 -5.60 1.24 -13.55
C MET A 16 -5.84 0.21 -12.45
N LEU A 17 -6.94 -0.49 -12.54
CA LEU A 17 -7.23 -1.51 -11.50
C LEU A 17 -6.26 -2.68 -11.64
N LYS A 18 -6.26 -3.28 -12.80
CA LYS A 18 -5.34 -4.43 -13.07
C LYS A 18 -4.02 -4.27 -12.32
N LYS A 19 -3.47 -3.08 -12.37
CA LYS A 19 -2.19 -2.85 -11.68
C LYS A 19 -2.44 -2.73 -10.18
N HIS A 20 -3.50 -2.05 -9.82
CA HIS A 20 -3.79 -1.90 -8.39
C HIS A 20 -3.91 -3.25 -7.72
N ILE A 21 -4.76 -4.07 -8.27
CA ILE A 21 -4.94 -5.42 -7.67
C ILE A 21 -3.61 -6.16 -7.66
N ARG A 22 -2.78 -5.92 -8.64
CA ARG A 22 -1.48 -6.63 -8.66
C ARG A 22 -0.58 -6.14 -7.53
N THR A 23 -0.88 -5.00 -7.00
CA THR A 23 -0.05 -4.48 -5.88
C THR A 23 -0.24 -5.30 -4.61
N HIS A 24 -1.41 -5.88 -4.46
CA HIS A 24 -1.65 -6.69 -3.24
C HIS A 24 -0.88 -8.01 -3.33
N THR A 25 0.04 -8.07 -4.26
CA THR A 25 0.83 -9.31 -4.42
C THR A 25 2.04 -9.30 -3.50
N ASP A 26 3.19 -9.10 -4.09
CA ASP A 26 4.42 -9.06 -3.29
C ASP A 26 5.38 -8.05 -3.90
N VAL A 27 4.80 -7.10 -4.57
CA VAL A 27 5.62 -6.04 -5.21
C VAL A 27 5.69 -4.78 -4.32
N ARG A 28 5.88 -5.02 -3.06
CA ARG A 28 5.97 -3.91 -2.08
C ARG A 28 7.39 -3.90 -1.44
N PRO A 29 8.35 -3.21 -2.05
CA PRO A 29 9.72 -3.13 -1.52
C PRO A 29 9.79 -2.44 -0.16
N TYR A 30 8.92 -1.49 0.07
CA TYR A 30 8.94 -0.77 1.38
C TYR A 30 8.44 -1.66 2.50
N HIS A 31 9.29 -1.92 3.47
CA HIS A 31 8.88 -2.80 4.62
C HIS A 31 9.14 -2.11 5.96
N CYS A 32 8.24 -2.29 6.89
CA CYS A 32 8.44 -1.65 8.22
C CYS A 32 9.65 -2.24 8.93
N THR A 33 10.28 -1.46 9.74
CA THR A 33 11.47 -1.97 10.46
C THR A 33 11.05 -2.84 11.64
N TYR A 34 9.78 -3.18 11.66
CA TYR A 34 9.27 -4.03 12.77
C TYR A 34 8.21 -5.00 12.24
N CYS A 35 7.09 -4.46 11.83
CA CYS A 35 6.01 -5.34 11.30
C CYS A 35 6.44 -6.04 10.02
N ASN A 36 5.67 -7.01 9.62
CA ASN A 36 5.99 -7.75 8.40
C ASN A 36 5.18 -7.19 7.25
N PHE A 37 4.57 -6.06 7.51
CA PHE A 37 3.75 -5.40 6.47
C PHE A 37 4.63 -4.67 5.47
N SER A 38 4.14 -4.53 4.26
CA SER A 38 4.93 -3.83 3.23
C SER A 38 4.05 -2.89 2.42
N PHE A 39 4.65 -1.81 1.97
CA PHE A 39 3.87 -0.82 1.17
C PHE A 39 4.45 -0.69 -0.24
N LYS A 40 3.64 -0.21 -1.13
CA LYS A 40 4.09 -0.04 -2.53
C LYS A 40 4.71 1.33 -2.75
N THR A 41 4.44 2.25 -1.85
CA THR A 41 5.01 3.62 -1.99
C THR A 41 5.62 4.10 -0.68
N LYS A 42 6.54 5.02 -0.79
CA LYS A 42 7.19 5.57 0.42
C LYS A 42 6.21 6.42 1.22
N GLY A 43 5.24 6.97 0.55
CA GLY A 43 4.25 7.82 1.27
C GLY A 43 3.65 7.04 2.44
N ASN A 44 2.99 5.95 2.12
CA ASN A 44 2.38 5.14 3.20
C ASN A 44 3.41 4.77 4.25
N LEU A 45 4.57 4.37 3.81
CA LEU A 45 5.63 4.00 4.79
C LEU A 45 5.81 5.10 5.83
N THR A 46 6.02 6.30 5.35
CA THR A 46 6.20 7.44 6.29
C THR A 46 4.99 7.59 7.20
N LYS A 47 3.83 7.31 6.68
CA LYS A 47 2.61 7.43 7.52
C LYS A 47 2.58 6.36 8.61
N HIS A 48 3.04 5.18 8.28
CA HIS A 48 3.04 4.09 9.29
C HIS A 48 4.09 4.36 10.37
N MET A 49 5.16 5.02 9.98
CA MET A 49 6.22 5.32 10.97
C MET A 49 5.91 6.62 11.71
N LYS A 50 5.10 7.44 11.10
CA LYS A 50 4.75 8.73 11.76
C LYS A 50 4.05 8.48 13.09
N SER A 51 3.16 7.52 13.09
CA SER A 51 2.44 7.20 14.35
C SER A 51 3.41 6.72 15.43
N LYS A 52 2.93 6.67 16.64
CA LYS A 52 3.81 6.20 17.75
C LYS A 52 3.75 4.68 17.89
N ALA A 53 3.36 4.02 16.83
CA ALA A 53 3.27 2.54 16.90
C ALA A 53 4.51 1.96 17.58
N HIS A 54 5.58 1.86 16.83
CA HIS A 54 6.82 1.31 17.43
C HIS A 54 8.05 1.95 16.81
N SER A 55 8.48 3.02 17.41
CA SER A 55 9.68 3.73 16.90
C SER A 55 10.57 4.16 18.07
N LYS A 56 11.15 3.21 18.74
CA LYS A 56 12.03 3.54 19.88
C LYS A 56 13.39 4.04 19.39
N LYS A 57 13.36 5.10 18.63
CA LYS A 57 14.63 5.65 18.11
C LYS A 57 14.47 7.13 17.77
ZN ZN B . -6.56 -2.58 -3.05
ZN ZN C . 5.36 -1.32 11.88
N LYS A 1 -14.38 -1.00 -16.61
CA LYS A 1 -14.35 -0.13 -15.40
C LYS A 1 -12.97 -0.16 -14.77
N TYR A 2 -12.82 0.59 -13.71
CA TYR A 2 -11.50 0.62 -13.02
C TYR A 2 -11.65 0.87 -11.53
N ILE A 3 -12.53 0.11 -10.92
CA ILE A 3 -12.77 0.27 -9.45
C ILE A 3 -12.35 -0.99 -8.71
N CYS A 4 -11.27 -0.91 -7.95
CA CYS A 4 -10.84 -2.12 -7.21
C CYS A 4 -11.98 -2.67 -6.36
N GLU A 5 -12.43 -3.83 -6.72
CA GLU A 5 -13.54 -4.44 -5.96
C GLU A 5 -13.15 -4.69 -4.50
N GLU A 6 -11.86 -4.65 -4.22
CA GLU A 6 -11.41 -4.88 -2.84
C GLU A 6 -11.40 -3.58 -2.04
N CYS A 7 -10.51 -2.69 -2.41
CA CYS A 7 -10.44 -1.40 -1.67
C CYS A 7 -11.54 -0.47 -2.13
N GLY A 8 -11.65 -0.32 -3.43
CA GLY A 8 -12.69 0.58 -3.98
C GLY A 8 -12.04 1.80 -4.64
N ILE A 9 -10.75 1.71 -4.85
CA ILE A 9 -10.04 2.85 -5.49
C ILE A 9 -10.66 3.18 -6.84
N ARG A 10 -11.03 4.42 -7.02
CA ARG A 10 -11.64 4.82 -8.31
C ARG A 10 -10.64 5.55 -9.20
N ABA A 11 -10.15 4.85 -10.20
CA ABA A 11 -9.16 5.47 -11.13
C ABA A 11 -9.65 5.40 -12.57
O ABA A 11 -9.60 4.37 -13.20
CB ABA A 11 -7.84 4.70 -11.03
CG ABA A 11 -7.39 4.61 -9.57
H2 ABA A 11 -10.45 3.92 -10.35
HA ABA A 11 -9.02 6.52 -10.86
HB3 ABA A 11 -7.97 3.71 -11.43
HB2 ABA A 11 -7.09 5.21 -11.61
HG1 ABA A 11 -8.19 4.25 -8.96
HG3 ABA A 11 -6.55 3.94 -9.48
HG2 ABA A 11 -7.10 5.59 -9.21
N LYS A 12 -10.14 6.51 -13.06
CA LYS A 12 -10.65 6.54 -14.45
C LYS A 12 -9.55 6.25 -15.48
N LYS A 13 -8.40 5.81 -15.02
CA LYS A 13 -7.29 5.50 -15.98
C LYS A 13 -6.67 4.11 -15.69
N PRO A 14 -6.26 3.38 -16.74
CA PRO A 14 -5.65 2.05 -16.55
C PRO A 14 -4.35 2.13 -15.76
N SER A 15 -3.33 2.72 -16.37
CA SER A 15 -2.01 2.85 -15.68
C SER A 15 -2.18 3.04 -14.18
N MET A 16 -3.16 3.82 -13.80
CA MET A 16 -3.38 4.05 -12.35
C MET A 16 -3.94 2.80 -11.70
N LEU A 17 -5.06 2.33 -12.20
CA LEU A 17 -5.66 1.11 -11.61
C LEU A 17 -4.69 -0.05 -11.82
N LYS A 18 -4.36 -0.28 -13.07
CA LYS A 18 -3.42 -1.38 -13.41
C LYS A 18 -2.33 -1.53 -12.34
N LYS A 19 -1.74 -0.43 -11.97
CA LYS A 19 -0.68 -0.52 -10.94
C LYS A 19 -1.29 -0.83 -9.59
N HIS A 20 -2.40 -0.21 -9.30
CA HIS A 20 -3.07 -0.45 -8.01
C HIS A 20 -3.40 -1.92 -7.83
N ILE A 21 -4.04 -2.49 -8.82
CA ILE A 21 -4.40 -3.92 -8.71
C ILE A 21 -3.14 -4.78 -8.52
N ARG A 22 -2.04 -4.34 -9.09
CA ARG A 22 -0.79 -5.13 -8.93
C ARG A 22 -0.24 -5.00 -7.52
N THR A 23 -0.63 -3.98 -6.83
CA THR A 23 -0.12 -3.82 -5.44
C THR A 23 -0.67 -4.90 -4.51
N HIS A 24 -1.76 -5.51 -4.91
CA HIS A 24 -2.34 -6.58 -4.04
C HIS A 24 -1.54 -7.87 -4.19
N THR A 25 -0.37 -7.75 -4.77
CA THR A 25 0.46 -8.95 -4.97
C THR A 25 1.53 -9.03 -3.88
N ASP A 26 2.74 -8.78 -4.27
CA ASP A 26 3.84 -8.83 -3.30
C ASP A 26 4.96 -7.94 -3.80
N VAL A 27 4.57 -6.91 -4.50
CA VAL A 27 5.57 -5.97 -5.05
C VAL A 27 5.71 -4.73 -4.16
N ARG A 28 5.82 -4.96 -2.88
CA ARG A 28 5.97 -3.83 -1.91
C ARG A 28 7.35 -3.91 -1.21
N PRO A 29 8.38 -3.30 -1.78
CA PRO A 29 9.72 -3.32 -1.18
C PRO A 29 9.78 -2.58 0.17
N TYR A 30 9.04 -1.50 0.27
CA TYR A 30 9.06 -0.73 1.55
C TYR A 30 8.49 -1.57 2.71
N HIS A 31 9.37 -2.14 3.49
CA HIS A 31 8.90 -2.97 4.64
C HIS A 31 9.17 -2.29 5.97
N CYS A 32 8.21 -2.34 6.88
CA CYS A 32 8.42 -1.68 8.19
C CYS A 32 9.64 -2.27 8.89
N THR A 33 10.22 -1.49 9.77
CA THR A 33 11.42 -1.99 10.49
C THR A 33 11.00 -2.83 11.70
N TYR A 34 9.77 -3.28 11.68
CA TYR A 34 9.27 -4.10 12.80
C TYR A 34 8.20 -5.08 12.33
N CYS A 35 7.08 -4.54 11.94
CA CYS A 35 5.97 -5.42 11.45
C CYS A 35 6.40 -6.20 10.21
N ASN A 36 5.45 -6.89 9.66
CA ASN A 36 5.73 -7.70 8.44
C ASN A 36 4.96 -7.10 7.27
N PHE A 37 4.37 -5.95 7.52
CA PHE A 37 3.59 -5.27 6.45
C PHE A 37 4.53 -4.49 5.54
N SER A 38 4.05 -4.19 4.36
CA SER A 38 4.89 -3.43 3.42
C SER A 38 4.05 -2.48 2.58
N PHE A 39 4.71 -1.59 1.90
CA PHE A 39 3.98 -0.62 1.05
C PHE A 39 4.63 -0.50 -0.33
N LYS A 40 3.85 -0.05 -1.28
CA LYS A 40 4.38 0.11 -2.66
C LYS A 40 5.04 1.47 -2.84
N THR A 41 4.76 2.37 -1.93
CA THR A 41 5.37 3.72 -2.03
C THR A 41 5.92 4.19 -0.69
N LYS A 42 6.85 5.10 -0.77
CA LYS A 42 7.44 5.63 0.47
C LYS A 42 6.42 6.46 1.24
N GLY A 43 5.39 6.86 0.56
CA GLY A 43 4.33 7.67 1.23
C GLY A 43 3.68 6.87 2.36
N ASN A 44 2.81 5.98 2.00
CA ASN A 44 2.13 5.16 3.03
C ASN A 44 3.12 4.67 4.08
N LEU A 45 4.33 4.42 3.65
CA LEU A 45 5.35 3.94 4.61
C LEU A 45 5.60 5.01 5.67
N THR A 46 5.83 6.22 5.21
CA THR A 46 6.08 7.31 6.18
C THR A 46 4.92 7.47 7.14
N LYS A 47 3.74 7.22 6.66
CA LYS A 47 2.55 7.34 7.53
C LYS A 47 2.59 6.29 8.63
N HIS A 48 2.93 5.08 8.28
CA HIS A 48 2.99 4.02 9.32
C HIS A 48 3.99 4.38 10.40
N MET A 49 5.06 5.02 10.01
CA MET A 49 6.08 5.41 11.02
C MET A 49 5.58 6.59 11.84
N LYS A 50 4.81 7.44 11.22
CA LYS A 50 4.28 8.62 11.96
C LYS A 50 3.70 8.20 13.30
N SER A 51 2.73 7.33 13.27
CA SER A 51 2.11 6.87 14.53
C SER A 51 3.19 6.43 15.52
N LYS A 52 2.87 6.52 16.79
CA LYS A 52 3.85 6.11 17.82
C LYS A 52 3.93 4.59 17.92
N ALA A 53 3.54 3.93 16.86
CA ALA A 53 3.58 2.45 16.86
C ALA A 53 4.88 1.94 17.46
N HIS A 54 5.92 1.94 16.67
CA HIS A 54 7.22 1.47 17.19
C HIS A 54 8.38 2.02 16.37
N SER A 55 8.91 3.12 16.84
CA SER A 55 10.05 3.74 16.12
C SER A 55 10.94 4.49 17.10
N LYS A 56 11.70 3.76 17.87
CA LYS A 56 12.61 4.42 18.85
C LYS A 56 13.83 5.00 18.15
N LYS A 57 13.60 5.67 17.06
CA LYS A 57 14.74 6.27 16.32
C LYS A 57 15.58 7.15 17.23
ZN ZN B . -7.23 -2.46 -4.09
ZN ZN C . 5.43 -1.40 11.93
N LYS A 1 -17.49 -0.74 -10.78
CA LYS A 1 -17.18 -1.96 -10.01
C LYS A 1 -15.72 -1.97 -9.61
N TYR A 2 -15.19 -0.81 -9.34
CA TYR A 2 -13.76 -0.72 -8.93
C TYR A 2 -13.63 -0.73 -7.42
N ILE A 3 -14.35 -1.62 -6.79
CA ILE A 3 -14.28 -1.72 -5.30
C ILE A 3 -13.46 -2.93 -4.88
N CYS A 4 -12.20 -2.72 -4.54
CA CYS A 4 -11.38 -3.89 -4.13
C CYS A 4 -12.12 -4.72 -3.10
N GLU A 5 -12.44 -5.92 -3.47
CA GLU A 5 -13.17 -6.82 -2.53
C GLU A 5 -12.38 -7.05 -1.24
N GLU A 6 -11.10 -6.85 -1.30
CA GLU A 6 -10.29 -7.05 -0.07
C GLU A 6 -10.34 -5.82 0.83
N CYS A 7 -9.78 -4.74 0.37
CA CYS A 7 -9.80 -3.52 1.20
C CYS A 7 -11.13 -2.78 1.07
N GLY A 8 -11.49 -2.50 -0.16
CA GLY A 8 -12.77 -1.79 -0.41
C GLY A 8 -12.48 -0.43 -1.06
N ILE A 9 -11.27 -0.27 -1.54
CA ILE A 9 -10.91 1.01 -2.18
C ILE A 9 -11.85 1.33 -3.35
N ARG A 10 -12.43 2.50 -3.32
CA ARG A 10 -13.36 2.88 -4.42
C ARG A 10 -12.68 3.83 -5.40
N ABA A 11 -12.22 3.28 -6.49
CA ABA A 11 -11.55 4.13 -7.52
C ABA A 11 -12.34 4.13 -8.82
O ABA A 11 -12.30 3.20 -9.58
CB ABA A 11 -10.16 3.55 -7.80
CG ABA A 11 -9.36 3.49 -6.50
H2 ABA A 11 -12.33 2.32 -6.65
HA ABA A 11 -11.47 5.15 -7.15
HB3 ABA A 11 -10.27 2.55 -8.20
HB2 ABA A 11 -9.66 4.16 -8.52
HG1 ABA A 11 -9.97 3.07 -5.71
HG3 ABA A 11 -8.48 2.87 -6.64
HG2 ABA A 11 -9.04 4.49 -6.23
N LYS A 12 -13.04 5.20 -9.04
CA LYS A 12 -13.85 5.30 -10.27
C LYS A 12 -12.99 5.25 -11.54
N LYS A 13 -11.72 4.91 -11.39
CA LYS A 13 -10.84 4.85 -12.59
C LYS A 13 -10.02 3.53 -12.62
N PRO A 14 -9.83 2.93 -13.81
CA PRO A 14 -9.06 1.68 -13.92
C PRO A 14 -7.61 1.87 -13.50
N SER A 15 -6.90 2.69 -14.20
CA SER A 15 -5.47 2.93 -13.85
C SER A 15 -5.28 2.97 -12.33
N MET A 16 -6.25 3.55 -11.66
CA MET A 16 -6.13 3.63 -10.18
C MET A 16 -6.37 2.25 -9.56
N LEU A 17 -7.53 1.70 -9.79
CA LEU A 17 -7.82 0.36 -9.22
C LEU A 17 -6.78 -0.61 -9.74
N LYS A 18 -6.69 -0.67 -11.04
CA LYS A 18 -5.71 -1.59 -11.67
C LYS A 18 -4.41 -1.65 -10.88
N LYS A 19 -3.84 -0.51 -10.62
CA LYS A 19 -2.59 -0.50 -9.84
C LYS A 19 -2.82 -0.97 -8.41
N HIS A 20 -3.93 -0.54 -7.85
CA HIS A 20 -4.23 -0.95 -6.45
C HIS A 20 -4.30 -2.46 -6.32
N ILE A 21 -4.98 -3.11 -7.23
CA ILE A 21 -5.07 -4.58 -7.13
C ILE A 21 -3.70 -5.23 -7.28
N ARG A 22 -2.83 -4.59 -8.02
CA ARG A 22 -1.47 -5.18 -8.19
C ARG A 22 -0.71 -5.14 -6.88
N THR A 23 -1.02 -4.17 -6.06
CA THR A 23 -0.29 -4.08 -4.77
C THR A 23 -0.51 -5.33 -3.91
N HIS A 24 -1.62 -6.00 -4.11
CA HIS A 24 -1.88 -7.24 -3.31
C HIS A 24 -1.03 -8.38 -3.81
N THR A 25 0.03 -8.07 -4.51
CA THR A 25 0.92 -9.12 -5.03
C THR A 25 2.13 -9.28 -4.13
N ASP A 26 3.23 -8.78 -4.59
CA ASP A 26 4.47 -8.87 -3.80
C ASP A 26 5.42 -7.81 -4.28
N VAL A 27 4.86 -6.73 -4.75
CA VAL A 27 5.68 -5.61 -5.24
C VAL A 27 5.76 -4.46 -4.24
N ARG A 28 5.95 -4.82 -2.99
CA ARG A 28 6.05 -3.77 -1.92
C ARG A 28 7.43 -3.83 -1.23
N PRO A 29 8.44 -3.19 -1.81
CA PRO A 29 9.79 -3.20 -1.22
C PRO A 29 9.84 -2.43 0.10
N TYR A 30 8.91 -1.55 0.31
CA TYR A 30 8.91 -0.77 1.57
C TYR A 30 8.34 -1.58 2.73
N HIS A 31 9.20 -2.28 3.43
CA HIS A 31 8.75 -3.11 4.57
C HIS A 31 9.07 -2.43 5.89
N CYS A 32 8.10 -2.37 6.78
CA CYS A 32 8.36 -1.72 8.09
C CYS A 32 9.57 -2.38 8.75
N THR A 33 10.29 -1.62 9.54
CA THR A 33 11.48 -2.22 10.22
C THR A 33 11.08 -2.92 11.52
N TYR A 34 9.81 -3.22 11.63
CA TYR A 34 9.33 -3.91 12.86
C TYR A 34 8.27 -4.94 12.49
N CYS A 35 7.16 -4.46 12.00
CA CYS A 35 6.06 -5.39 11.60
C CYS A 35 6.46 -6.22 10.40
N ASN A 36 5.46 -6.71 9.71
CA ASN A 36 5.72 -7.54 8.50
C ASN A 36 4.93 -6.99 7.32
N PHE A 37 4.29 -5.86 7.55
CA PHE A 37 3.51 -5.24 6.46
C PHE A 37 4.41 -4.50 5.49
N SER A 38 3.92 -4.24 4.31
CA SER A 38 4.75 -3.52 3.33
C SER A 38 3.89 -2.64 2.44
N PHE A 39 4.50 -1.61 1.89
CA PHE A 39 3.76 -0.69 1.00
C PHE A 39 4.43 -0.54 -0.36
N LYS A 40 3.68 -0.12 -1.33
CA LYS A 40 4.25 0.05 -2.69
C LYS A 40 4.90 1.42 -2.83
N THR A 41 4.61 2.29 -1.88
CA THR A 41 5.20 3.66 -1.93
C THR A 41 5.84 4.05 -0.61
N LYS A 42 6.74 4.99 -0.68
CA LYS A 42 7.42 5.44 0.54
C LYS A 42 6.49 6.32 1.37
N GLY A 43 5.49 6.85 0.73
CA GLY A 43 4.54 7.73 1.48
C GLY A 43 3.87 6.92 2.59
N ASN A 44 3.00 6.03 2.21
CA ASN A 44 2.31 5.21 3.23
C ASN A 44 3.29 4.68 4.27
N LEU A 45 4.44 4.26 3.79
CA LEU A 45 5.46 3.74 4.74
C LEU A 45 5.78 4.79 5.79
N THR A 46 6.08 5.98 5.35
CA THR A 46 6.41 7.06 6.31
C THR A 46 5.23 7.32 7.24
N LYS A 47 4.04 7.16 6.73
CA LYS A 47 2.84 7.39 7.57
C LYS A 47 2.75 6.33 8.67
N HIS A 48 3.10 5.12 8.33
CA HIS A 48 3.03 4.03 9.33
C HIS A 48 4.05 4.26 10.44
N MET A 49 5.15 4.86 10.09
CA MET A 49 6.21 5.13 11.11
C MET A 49 5.83 6.31 11.99
N LYS A 50 5.13 7.25 11.41
CA LYS A 50 4.71 8.44 12.21
C LYS A 50 3.79 8.03 13.35
N SER A 51 3.29 6.83 13.28
CA SER A 51 2.37 6.36 14.36
C SER A 51 3.15 6.06 15.62
N LYS A 52 2.54 6.30 16.76
CA LYS A 52 3.23 6.03 18.03
C LYS A 52 3.57 4.55 18.17
N ALA A 53 3.21 3.79 17.17
CA ALA A 53 3.49 2.34 17.23
C ALA A 53 4.94 2.08 17.60
N HIS A 54 5.82 2.18 16.64
CA HIS A 54 7.25 1.95 16.94
C HIS A 54 8.15 2.66 15.94
N SER A 55 8.53 3.86 16.27
CA SER A 55 9.41 4.62 15.36
C SER A 55 10.24 5.64 16.11
N LYS A 56 10.84 5.21 17.19
CA LYS A 56 11.68 6.14 17.99
C LYS A 56 13.00 6.42 17.29
N LYS A 57 12.95 6.48 15.99
CA LYS A 57 14.19 6.74 15.23
C LYS A 57 14.88 8.02 15.72
ZN ZN B . -7.11 -3.80 -1.93
ZN ZN C . 5.48 -1.34 11.92
N LYS A 1 -15.67 -1.89 -15.98
CA LYS A 1 -15.39 -3.04 -15.08
C LYS A 1 -13.97 -2.96 -14.56
N TYR A 2 -13.80 -2.24 -13.48
CA TYR A 2 -12.44 -2.11 -12.91
C TYR A 2 -12.50 -1.88 -11.41
N ILE A 3 -13.25 -2.71 -10.73
CA ILE A 3 -13.39 -2.58 -9.25
C ILE A 3 -12.62 -3.69 -8.55
N CYS A 4 -11.45 -3.38 -8.05
CA CYS A 4 -10.68 -4.46 -7.36
C CYS A 4 -11.57 -5.19 -6.36
N GLU A 5 -11.69 -6.46 -6.55
CA GLU A 5 -12.54 -7.27 -5.63
C GLU A 5 -12.06 -7.16 -4.18
N GLU A 6 -10.82 -6.81 -3.99
CA GLU A 6 -10.30 -6.69 -2.61
C GLU A 6 -10.57 -5.30 -2.02
N CYS A 7 -9.90 -4.32 -2.56
CA CYS A 7 -10.11 -2.94 -2.04
C CYS A 7 -11.39 -2.33 -2.58
N GLY A 8 -11.56 -2.43 -3.88
CA GLY A 8 -12.78 -1.85 -4.52
C GLY A 8 -12.40 -0.59 -5.29
N ILE A 9 -11.11 -0.43 -5.52
CA ILE A 9 -10.66 0.77 -6.26
C ILE A 9 -11.35 0.87 -7.61
N ARG A 10 -11.96 1.99 -7.87
CA ARG A 10 -12.66 2.18 -9.17
C ARG A 10 -11.81 2.97 -10.15
N ABA A 11 -11.18 2.26 -11.05
CA ABA A 11 -10.32 2.94 -12.07
C ABA A 11 -10.92 2.76 -13.46
O ABA A 11 -10.84 1.70 -14.04
CB ABA A 11 -8.92 2.28 -12.05
CG ABA A 11 -8.32 2.44 -10.65
H2 ABA A 11 -11.27 1.27 -11.06
HA ABA A 11 -10.26 3.99 -11.84
HB3 ABA A 11 -9.00 1.24 -12.29
HB2 ABA A 11 -8.29 2.77 -12.77
HG1 ABA A 11 -9.06 2.83 -9.97
HG3 ABA A 11 -7.97 1.49 -10.30
HG2 ABA A 11 -7.49 3.14 -10.69
N LYS A 12 -11.49 3.82 -13.97
CA LYS A 12 -12.10 3.74 -15.32
C LYS A 12 -11.07 3.41 -16.40
N LYS A 13 -9.88 3.04 -15.99
CA LYS A 13 -8.83 2.70 -16.99
C LYS A 13 -8.10 1.38 -16.61
N PRO A 14 -7.95 0.44 -17.55
CA PRO A 14 -7.27 -0.83 -17.24
C PRO A 14 -5.82 -0.58 -16.87
N SER A 15 -5.24 0.44 -17.43
CA SER A 15 -3.83 0.72 -17.09
C SER A 15 -3.65 0.87 -15.59
N MET A 16 -4.52 1.66 -15.00
CA MET A 16 -4.43 1.86 -13.54
C MET A 16 -4.89 0.63 -12.76
N LEU A 17 -5.98 0.04 -13.18
CA LEU A 17 -6.44 -1.17 -12.46
C LEU A 17 -5.41 -2.29 -12.63
N LYS A 18 -5.11 -2.59 -13.86
CA LYS A 18 -4.10 -3.65 -14.13
C LYS A 18 -2.92 -3.55 -13.16
N LYS A 19 -2.35 -2.39 -13.05
CA LYS A 19 -1.21 -2.24 -12.13
C LYS A 19 -1.66 -2.36 -10.68
N HIS A 20 -2.82 -1.82 -10.40
CA HIS A 20 -3.33 -1.90 -9.01
C HIS A 20 -3.43 -3.34 -8.54
N ILE A 21 -3.96 -4.19 -9.38
CA ILE A 21 -4.08 -5.61 -8.96
C ILE A 21 -2.70 -6.26 -8.81
N ARG A 22 -1.76 -5.78 -9.58
CA ARG A 22 -0.40 -6.37 -9.48
C ARG A 22 0.23 -6.04 -8.14
N THR A 23 -0.22 -4.99 -7.53
CA THR A 23 0.36 -4.61 -6.20
C THR A 23 -0.02 -5.63 -5.12
N HIS A 24 -1.15 -6.29 -5.28
CA HIS A 24 -1.55 -7.29 -4.25
C HIS A 24 -0.65 -8.51 -4.33
N THR A 25 0.41 -8.39 -5.08
CA THR A 25 1.34 -9.53 -5.20
C THR A 25 2.39 -9.48 -4.10
N ASP A 26 3.58 -9.17 -4.50
CA ASP A 26 4.68 -9.08 -3.52
C ASP A 26 5.67 -8.05 -4.01
N VAL A 27 5.14 -7.08 -4.71
CA VAL A 27 6.00 -6.01 -5.24
C VAL A 27 6.00 -4.78 -4.34
N ARG A 28 6.13 -5.03 -3.06
CA ARG A 28 6.16 -3.92 -2.06
C ARG A 28 7.53 -3.89 -1.34
N PRO A 29 8.53 -3.22 -1.94
CA PRO A 29 9.86 -3.15 -1.32
C PRO A 29 9.86 -2.44 0.03
N TYR A 30 8.98 -1.48 0.20
CA TYR A 30 8.93 -0.76 1.49
C TYR A 30 8.37 -1.66 2.60
N HIS A 31 9.24 -2.10 3.48
CA HIS A 31 8.79 -2.99 4.61
C HIS A 31 9.05 -2.32 5.95
N CYS A 32 8.09 -2.41 6.86
CA CYS A 32 8.31 -1.77 8.18
C CYS A 32 9.53 -2.39 8.85
N THR A 33 10.23 -1.60 9.61
CA THR A 33 11.44 -2.14 10.30
C THR A 33 11.03 -2.97 11.51
N TYR A 34 9.76 -3.29 11.58
CA TYR A 34 9.26 -4.09 12.73
C TYR A 34 8.18 -5.07 12.27
N CYS A 35 7.03 -4.55 11.95
CA CYS A 35 5.93 -5.44 11.48
C CYS A 35 6.36 -6.27 10.29
N ASN A 36 5.39 -6.84 9.63
CA ASN A 36 5.67 -7.69 8.45
C ASN A 36 4.90 -7.14 7.26
N PHE A 37 4.29 -6.00 7.46
CA PHE A 37 3.50 -5.36 6.37
C PHE A 37 4.42 -4.61 5.42
N SER A 38 3.96 -4.43 4.21
CA SER A 38 4.80 -3.71 3.22
C SER A 38 3.93 -2.80 2.36
N PHE A 39 4.53 -1.75 1.87
CA PHE A 39 3.78 -0.79 1.01
C PHE A 39 4.45 -0.67 -0.35
N LYS A 40 3.69 -0.26 -1.32
CA LYS A 40 4.24 -0.10 -2.68
C LYS A 40 4.90 1.26 -2.85
N THR A 41 4.58 2.17 -1.95
CA THR A 41 5.17 3.53 -2.02
C THR A 41 5.81 3.93 -0.71
N LYS A 42 6.72 4.86 -0.79
CA LYS A 42 7.40 5.31 0.44
C LYS A 42 6.51 6.26 1.23
N GLY A 43 5.53 6.81 0.57
CA GLY A 43 4.62 7.74 1.28
C GLY A 43 3.91 7.01 2.42
N ASN A 44 3.19 5.98 2.07
CA ASN A 44 2.46 5.21 3.09
C ASN A 44 3.40 4.80 4.22
N LEU A 45 4.65 4.61 3.88
CA LEU A 45 5.63 4.20 4.92
C LEU A 45 5.67 5.26 6.01
N THR A 46 6.04 6.45 5.64
CA THR A 46 6.11 7.54 6.64
C THR A 46 4.81 7.60 7.44
N LYS A 47 3.73 7.27 6.78
CA LYS A 47 2.43 7.30 7.49
C LYS A 47 2.41 6.28 8.63
N HIS A 48 2.94 5.11 8.36
CA HIS A 48 2.97 4.07 9.41
C HIS A 48 3.97 4.45 10.50
N MET A 49 4.85 5.37 10.20
CA MET A 49 5.85 5.79 11.21
C MET A 49 5.30 6.94 12.05
N LYS A 50 4.54 7.80 11.44
CA LYS A 50 3.97 8.94 12.19
C LYS A 50 3.42 8.47 13.53
N SER A 51 2.64 7.42 13.49
CA SER A 51 2.06 6.90 14.74
C SER A 51 3.17 6.46 15.69
N LYS A 52 2.98 6.70 16.95
CA LYS A 52 4.02 6.31 17.93
C LYS A 52 4.04 4.79 18.12
N ALA A 53 3.74 4.07 17.07
CA ALA A 53 3.73 2.59 17.17
C ALA A 53 5.08 2.09 17.66
N HIS A 54 5.99 1.88 16.73
CA HIS A 54 7.33 1.39 17.13
C HIS A 54 8.42 1.89 16.20
N SER A 55 8.70 3.17 16.29
CA SER A 55 9.75 3.77 15.43
C SER A 55 10.95 4.21 16.26
N LYS A 56 10.83 5.35 16.88
CA LYS A 56 11.95 5.86 17.72
C LYS A 56 11.41 6.52 18.98
N LYS A 57 11.63 7.80 19.08
CA LYS A 57 11.14 8.52 20.27
C LYS A 57 9.62 8.64 20.25
ZN ZN B . -6.92 -3.78 -4.49
ZN ZN C . 5.37 -1.43 11.96
N LYS A 1 -15.30 -0.91 -14.42
CA LYS A 1 -14.52 -2.15 -14.61
C LYS A 1 -13.27 -2.13 -13.75
N TYR A 2 -12.77 -0.96 -13.49
CA TYR A 2 -11.55 -0.86 -12.65
C TYR A 2 -11.90 -0.79 -11.18
N ILE A 3 -12.34 -1.89 -10.64
CA ILE A 3 -12.71 -1.92 -9.20
C ILE A 3 -12.08 -3.13 -8.53
N CYS A 4 -11.09 -2.89 -7.69
CA CYS A 4 -10.45 -4.04 -7.02
C CYS A 4 -11.48 -4.95 -6.36
N GLU A 5 -11.36 -6.22 -6.62
CA GLU A 5 -12.31 -7.18 -6.03
C GLU A 5 -12.14 -7.30 -4.52
N GLU A 6 -11.02 -6.82 -4.03
CA GLU A 6 -10.77 -6.91 -2.57
C GLU A 6 -11.09 -5.60 -1.85
N CYS A 7 -10.25 -4.63 -2.03
CA CYS A 7 -10.48 -3.32 -1.36
C CYS A 7 -11.63 -2.55 -2.00
N GLY A 8 -11.83 -2.74 -3.27
CA GLY A 8 -12.94 -2.01 -3.95
C GLY A 8 -12.43 -0.65 -4.45
N ILE A 9 -11.13 -0.50 -4.47
CA ILE A 9 -10.56 0.78 -4.94
C ILE A 9 -11.18 1.20 -6.27
N ARG A 10 -11.52 2.46 -6.37
CA ARG A 10 -12.13 2.97 -7.62
C ARG A 10 -11.11 3.72 -8.46
N ABA A 11 -10.55 3.04 -9.43
CA ABA A 11 -9.53 3.69 -10.30
C ABA A 11 -9.94 3.59 -11.76
O ABA A 11 -9.41 2.79 -12.52
CB ABA A 11 -8.20 2.96 -10.10
CG ABA A 11 -7.58 3.41 -8.77
H2 ABA A 11 -10.80 2.11 -9.58
HA ABA A 11 -9.44 4.74 -10.03
HB3 ABA A 11 -8.38 1.89 -10.07
HB2 ABA A 11 -7.54 3.18 -10.91
HG1 ABA A 11 -8.25 3.16 -7.96
HG3 ABA A 11 -6.64 2.92 -8.62
HG2 ABA A 11 -7.43 4.48 -8.80
N LYS A 12 -10.89 4.40 -12.14
CA LYS A 12 -11.37 4.40 -13.54
C LYS A 12 -10.23 4.24 -14.55
N LYS A 13 -9.04 4.63 -14.16
CA LYS A 13 -7.89 4.50 -15.10
C LYS A 13 -7.12 3.18 -14.87
N PRO A 14 -6.55 2.60 -15.94
CA PRO A 14 -5.79 1.34 -15.82
C PRO A 14 -4.54 1.53 -14.97
N SER A 15 -3.64 2.35 -15.45
CA SER A 15 -2.38 2.60 -14.69
C SER A 15 -2.64 2.64 -13.19
N MET A 16 -3.65 3.35 -12.80
CA MET A 16 -3.96 3.44 -11.36
C MET A 16 -4.39 2.08 -10.80
N LEU A 17 -5.31 1.44 -11.49
CA LEU A 17 -5.78 0.11 -11.00
C LEU A 17 -4.69 -0.94 -11.25
N LYS A 18 -4.34 -1.11 -12.50
CA LYS A 18 -3.28 -2.12 -12.85
C LYS A 18 -2.21 -2.19 -11.76
N LYS A 19 -1.74 -1.06 -11.31
CA LYS A 19 -0.71 -1.09 -10.26
C LYS A 19 -1.33 -1.53 -8.93
N HIS A 20 -2.50 -1.02 -8.66
CA HIS A 20 -3.16 -1.39 -7.38
C HIS A 20 -3.36 -2.88 -7.29
N ILE A 21 -3.90 -3.47 -8.32
CA ILE A 21 -4.12 -4.93 -8.27
C ILE A 21 -2.78 -5.66 -8.08
N ARG A 22 -1.73 -5.08 -8.61
CA ARG A 22 -0.40 -5.73 -8.46
C ARG A 22 0.13 -5.53 -7.04
N THR A 23 -0.46 -4.62 -6.33
CA THR A 23 0.03 -4.38 -4.94
C THR A 23 -0.43 -5.51 -4.01
N HIS A 24 -1.36 -6.31 -4.47
CA HIS A 24 -1.84 -7.43 -3.62
C HIS A 24 -0.91 -8.63 -3.76
N THR A 25 0.19 -8.44 -4.43
CA THR A 25 1.14 -9.56 -4.61
C THR A 25 2.23 -9.50 -3.56
N ASP A 26 3.37 -9.06 -3.97
CA ASP A 26 4.52 -8.96 -3.04
C ASP A 26 5.50 -7.97 -3.60
N VAL A 27 4.99 -7.03 -4.33
CA VAL A 27 5.85 -6.00 -4.93
C VAL A 27 5.89 -4.73 -4.07
N ARG A 28 6.05 -4.92 -2.79
CA ARG A 28 6.11 -3.76 -1.85
C ARG A 28 7.51 -3.70 -1.16
N PRO A 29 8.48 -3.08 -1.81
CA PRO A 29 9.84 -2.97 -1.24
C PRO A 29 9.89 -2.17 0.07
N TYR A 30 8.87 -1.41 0.33
CA TYR A 30 8.87 -0.61 1.59
C TYR A 30 8.32 -1.43 2.76
N HIS A 31 9.21 -2.12 3.45
CA HIS A 31 8.77 -2.95 4.61
C HIS A 31 9.10 -2.28 5.94
N CYS A 32 8.22 -2.39 6.90
CA CYS A 32 8.49 -1.75 8.21
C CYS A 32 9.67 -2.44 8.89
N THR A 33 10.38 -1.70 9.71
CA THR A 33 11.55 -2.31 10.40
C THR A 33 11.10 -3.09 11.63
N TYR A 34 9.81 -3.33 11.71
CA TYR A 34 9.27 -4.09 12.88
C TYR A 34 8.19 -5.06 12.42
N CYS A 35 7.14 -4.52 11.87
CA CYS A 35 6.03 -5.37 11.40
C CYS A 35 6.40 -6.12 10.13
N ASN A 36 5.45 -6.89 9.64
CA ASN A 36 5.70 -7.67 8.41
C ASN A 36 4.91 -7.06 7.27
N PHE A 37 4.33 -5.91 7.53
CA PHE A 37 3.54 -5.23 6.50
C PHE A 37 4.43 -4.39 5.60
N SER A 38 3.98 -4.14 4.40
CA SER A 38 4.80 -3.33 3.49
C SER A 38 3.92 -2.46 2.61
N PHE A 39 4.54 -1.53 1.92
CA PHE A 39 3.76 -0.63 1.04
C PHE A 39 4.42 -0.50 -0.32
N LYS A 40 3.63 -0.16 -1.31
CA LYS A 40 4.18 -0.01 -2.68
C LYS A 40 4.77 1.38 -2.87
N THR A 41 4.48 2.26 -1.94
CA THR A 41 5.01 3.64 -2.03
C THR A 41 5.65 4.09 -0.74
N LYS A 42 6.53 5.05 -0.86
CA LYS A 42 7.22 5.57 0.33
C LYS A 42 6.30 6.48 1.13
N GLY A 43 5.25 6.92 0.49
CA GLY A 43 4.29 7.82 1.21
C GLY A 43 3.65 7.06 2.37
N ASN A 44 2.91 6.04 2.04
CA ASN A 44 2.26 5.24 3.10
C ASN A 44 3.28 4.80 4.15
N LEU A 45 4.44 4.42 3.68
CA LEU A 45 5.50 3.98 4.62
C LEU A 45 5.71 5.02 5.70
N THR A 46 5.89 6.25 5.29
CA THR A 46 6.11 7.32 6.29
C THR A 46 4.89 7.46 7.19
N LYS A 47 3.74 7.20 6.63
CA LYS A 47 2.50 7.29 7.42
C LYS A 47 2.49 6.26 8.55
N HIS A 48 3.04 5.11 8.28
CA HIS A 48 3.07 4.06 9.32
C HIS A 48 4.17 4.34 10.35
N MET A 49 5.31 4.77 9.87
CA MET A 49 6.42 5.07 10.81
C MET A 49 6.06 6.26 11.69
N LYS A 50 5.33 7.19 11.14
CA LYS A 50 4.95 8.37 11.92
C LYS A 50 4.16 7.97 13.16
N SER A 51 3.27 7.04 12.99
CA SER A 51 2.45 6.57 14.15
C SER A 51 3.35 6.22 15.33
N LYS A 52 2.85 6.48 16.51
CA LYS A 52 3.66 6.15 17.72
C LYS A 52 3.74 4.65 17.93
N ALA A 53 3.36 3.91 16.92
CA ALA A 53 3.41 2.43 17.05
C ALA A 53 4.73 1.98 17.65
N HIS A 54 5.75 1.92 16.83
CA HIS A 54 7.07 1.50 17.33
C HIS A 54 8.21 2.19 16.60
N SER A 55 8.58 3.33 17.10
CA SER A 55 9.69 4.08 16.46
C SER A 55 10.29 5.08 17.44
N LYS A 56 10.94 4.57 18.45
CA LYS A 56 11.56 5.47 19.45
C LYS A 56 13.01 5.81 19.07
N LYS A 57 13.93 5.24 19.79
CA LYS A 57 15.36 5.51 19.49
C LYS A 57 15.70 5.18 18.04
ZN ZN B . -7.15 -3.91 -3.59
ZN ZN C . 5.47 -1.31 11.94
N LYS A 1 -13.67 -3.56 -16.87
CA LYS A 1 -13.91 -2.45 -15.91
C LYS A 1 -12.69 -2.26 -15.01
N TYR A 2 -12.10 -1.10 -15.10
CA TYR A 2 -10.90 -0.82 -14.27
C TYR A 2 -11.31 -0.40 -12.86
N ILE A 3 -11.94 -1.30 -12.14
CA ILE A 3 -12.37 -0.98 -10.76
C ILE A 3 -11.94 -2.09 -9.79
N CYS A 4 -10.97 -1.79 -8.96
CA CYS A 4 -10.52 -2.84 -8.01
C CYS A 4 -11.67 -3.35 -7.17
N GLU A 5 -11.89 -4.63 -7.25
CA GLU A 5 -13.00 -5.22 -6.47
C GLU A 5 -12.69 -5.24 -4.97
N GLU A 6 -11.47 -4.96 -4.62
CA GLU A 6 -11.11 -4.96 -3.19
C GLU A 6 -11.27 -3.57 -2.57
N CYS A 7 -10.40 -2.67 -2.94
CA CYS A 7 -10.50 -1.30 -2.39
C CYS A 7 -11.64 -0.52 -3.03
N GLY A 8 -11.80 -0.70 -4.32
CA GLY A 8 -12.89 0.02 -5.03
C GLY A 8 -12.31 1.20 -5.80
N ILE A 9 -11.01 1.20 -5.99
CA ILE A 9 -10.39 2.32 -6.73
C ILE A 9 -10.91 2.38 -8.16
N ARG A 10 -11.02 3.57 -8.68
CA ARG A 10 -11.52 3.72 -10.07
C ARG A 10 -10.48 4.39 -10.95
N ABA A 11 -9.79 3.59 -11.72
CA ABA A 11 -8.74 4.14 -12.63
C ABA A 11 -9.06 3.79 -14.08
O ABA A 11 -8.64 2.77 -14.59
CB ABA A 11 -7.40 3.50 -12.26
CG ABA A 11 -6.82 4.23 -11.04
H2 ABA A 11 -9.96 2.62 -11.70
HA ABA A 11 -8.70 5.22 -12.52
HB3 ABA A 11 -7.55 2.47 -12.00
HB2 ABA A 11 -6.72 3.56 -13.08
HG1 ABA A 11 -7.55 4.27 -10.26
HG3 ABA A 11 -5.94 3.71 -10.70
HG2 ABA A 11 -6.54 5.23 -11.33
N LYS A 12 -9.79 4.65 -14.72
CA LYS A 12 -10.16 4.41 -16.14
C LYS A 12 -8.95 4.04 -17.00
N LYS A 13 -7.78 4.44 -16.58
CA LYS A 13 -6.58 4.10 -17.39
C LYS A 13 -5.92 2.77 -16.91
N PRO A 14 -5.39 1.96 -17.84
CA PRO A 14 -4.76 0.69 -17.47
C PRO A 14 -3.54 0.92 -16.58
N SER A 15 -2.54 1.56 -17.14
CA SER A 15 -1.30 1.83 -16.35
C SER A 15 -1.63 2.18 -14.90
N MET A 16 -2.67 2.94 -14.72
CA MET A 16 -3.05 3.33 -13.34
C MET A 16 -3.62 2.11 -12.60
N LEU A 17 -4.64 1.51 -13.15
CA LEU A 17 -5.23 0.33 -12.46
C LEU A 17 -4.20 -0.79 -12.46
N LYS A 18 -3.77 -1.17 -13.65
CA LYS A 18 -2.75 -2.26 -13.77
C LYS A 18 -1.77 -2.21 -12.61
N LYS A 19 -1.27 -1.04 -12.32
CA LYS A 19 -0.31 -0.94 -11.22
C LYS A 19 -1.03 -1.14 -9.88
N HIS A 20 -2.19 -0.57 -9.77
CA HIS A 20 -2.97 -0.71 -8.51
C HIS A 20 -3.23 -2.17 -8.20
N ILE A 21 -3.73 -2.89 -9.16
CA ILE A 21 -4.01 -4.32 -8.91
C ILE A 21 -2.74 -5.09 -8.60
N ARG A 22 -1.63 -4.62 -9.12
CA ARG A 22 -0.35 -5.33 -8.86
C ARG A 22 0.12 -5.06 -7.43
N THR A 23 -0.38 -4.04 -6.82
CA THR A 23 0.05 -3.76 -5.43
C THR A 23 -0.60 -4.73 -4.45
N HIS A 24 -1.59 -5.46 -4.91
CA HIS A 24 -2.27 -6.43 -3.99
C HIS A 24 -1.52 -7.75 -3.97
N THR A 25 -0.38 -7.78 -4.61
CA THR A 25 0.41 -9.03 -4.64
C THR A 25 1.44 -9.03 -3.53
N ASP A 26 2.66 -8.76 -3.89
CA ASP A 26 3.74 -8.74 -2.90
C ASP A 26 4.88 -7.89 -3.41
N VAL A 27 4.53 -6.94 -4.20
CA VAL A 27 5.55 -6.03 -4.78
C VAL A 27 5.69 -4.75 -3.96
N ARG A 28 5.76 -4.91 -2.66
CA ARG A 28 5.89 -3.74 -1.75
C ARG A 28 7.24 -3.82 -0.98
N PRO A 29 8.32 -3.32 -1.58
CA PRO A 29 9.63 -3.35 -0.92
C PRO A 29 9.68 -2.55 0.38
N TYR A 30 8.91 -1.50 0.46
CA TYR A 30 8.93 -0.69 1.70
C TYR A 30 8.36 -1.50 2.88
N HIS A 31 9.15 -2.42 3.37
CA HIS A 31 8.68 -3.26 4.51
C HIS A 31 9.06 -2.62 5.84
N CYS A 32 8.15 -2.66 6.79
CA CYS A 32 8.47 -2.06 8.10
C CYS A 32 9.62 -2.80 8.75
N THR A 33 10.50 -2.08 9.39
CA THR A 33 11.66 -2.74 10.04
C THR A 33 11.18 -3.63 11.18
N TYR A 34 10.02 -3.32 11.70
CA TYR A 34 9.48 -4.13 12.82
C TYR A 34 8.45 -5.14 12.32
N CYS A 35 7.27 -4.68 11.99
CA CYS A 35 6.22 -5.59 11.49
C CYS A 35 6.64 -6.27 10.20
N ASN A 36 5.65 -6.77 9.50
CA ASN A 36 5.91 -7.46 8.22
C ASN A 36 5.13 -6.76 7.11
N PHE A 37 4.30 -5.82 7.50
CA PHE A 37 3.49 -5.10 6.50
C PHE A 37 4.39 -4.23 5.64
N SER A 38 3.98 -4.00 4.43
CA SER A 38 4.80 -3.16 3.54
C SER A 38 3.94 -2.31 2.63
N PHE A 39 4.58 -1.40 1.94
CA PHE A 39 3.84 -0.52 1.02
C PHE A 39 4.56 -0.40 -0.32
N LYS A 40 3.88 0.10 -1.30
CA LYS A 40 4.53 0.24 -2.63
C LYS A 40 5.23 1.58 -2.72
N THR A 41 4.78 2.52 -1.92
CA THR A 41 5.40 3.88 -1.95
C THR A 41 5.98 4.24 -0.59
N LYS A 42 6.90 5.16 -0.61
CA LYS A 42 7.52 5.59 0.66
C LYS A 42 6.57 6.47 1.46
N GLY A 43 5.55 6.94 0.81
CA GLY A 43 4.57 7.80 1.51
C GLY A 43 3.86 7.01 2.62
N ASN A 44 3.05 6.08 2.22
CA ASN A 44 2.32 5.26 3.22
C ASN A 44 3.29 4.72 4.28
N LEU A 45 4.50 4.43 3.86
CA LEU A 45 5.49 3.90 4.83
C LEU A 45 5.73 4.91 5.94
N THR A 46 5.91 6.14 5.57
CA THR A 46 6.14 7.18 6.60
C THR A 46 4.95 7.27 7.54
N LYS A 47 3.77 7.08 7.01
CA LYS A 47 2.56 7.15 7.87
C LYS A 47 2.58 6.03 8.91
N HIS A 48 3.02 4.87 8.49
CA HIS A 48 3.06 3.74 9.46
C HIS A 48 4.05 4.02 10.57
N MET A 49 5.09 4.75 10.24
CA MET A 49 6.11 5.07 11.27
C MET A 49 5.74 6.35 12.01
N LYS A 50 4.92 7.15 11.39
CA LYS A 50 4.49 8.42 12.05
C LYS A 50 3.69 8.14 13.31
N SER A 51 2.64 7.37 13.17
CA SER A 51 1.80 7.04 14.34
C SER A 51 2.67 6.62 15.53
N LYS A 52 2.04 6.42 16.65
CA LYS A 52 2.81 6.00 17.85
C LYS A 52 3.24 4.54 17.75
N ALA A 53 3.33 4.06 16.53
CA ALA A 53 3.74 2.64 16.35
C ALA A 53 5.10 2.39 16.97
N HIS A 54 6.08 2.17 16.13
CA HIS A 54 7.44 1.91 16.65
C HIS A 54 8.50 2.48 15.71
N SER A 55 8.82 3.72 15.90
CA SER A 55 9.85 4.35 15.04
C SER A 55 10.43 5.58 15.71
N LYS A 56 9.60 6.29 16.45
CA LYS A 56 10.06 7.51 17.15
C LYS A 56 9.86 7.38 18.65
N LYS A 57 9.44 6.21 19.07
CA LYS A 57 9.21 6.00 20.53
C LYS A 57 10.46 6.36 21.32
ZN ZN B . -7.22 -2.40 -4.59
ZN ZN C . 5.60 -1.61 11.93
N LYS A 1 -14.49 -6.29 -15.93
CA LYS A 1 -14.68 -5.50 -14.69
C LYS A 1 -13.33 -5.16 -14.07
N TYR A 2 -12.94 -3.93 -14.17
CA TYR A 2 -11.64 -3.51 -13.60
C TYR A 2 -11.82 -2.88 -12.22
N ILE A 3 -12.38 -3.63 -11.32
CA ILE A 3 -12.60 -3.11 -9.94
C ILE A 3 -12.03 -4.07 -8.91
N CYS A 4 -11.02 -3.63 -8.19
CA CYS A 4 -10.43 -4.53 -7.17
C CYS A 4 -11.46 -4.93 -6.15
N GLU A 5 -11.69 -6.20 -6.06
CA GLU A 5 -12.69 -6.71 -5.08
C GLU A 5 -12.21 -6.54 -3.64
N GLU A 6 -10.94 -6.24 -3.49
CA GLU A 6 -10.41 -6.05 -2.11
C GLU A 6 -10.54 -4.61 -1.65
N CYS A 7 -9.78 -3.74 -2.25
CA CYS A 7 -9.85 -2.31 -1.86
C CYS A 7 -11.11 -1.66 -2.41
N GLY A 8 -11.38 -1.93 -3.67
CA GLY A 8 -12.59 -1.35 -4.32
C GLY A 8 -12.17 -0.25 -5.29
N ILE A 9 -10.92 -0.26 -5.68
CA ILE A 9 -10.45 0.78 -6.63
C ILE A 9 -11.15 0.65 -7.97
N ARG A 10 -11.41 1.76 -8.59
CA ARG A 10 -12.09 1.75 -9.91
C ARG A 10 -11.19 2.34 -10.99
N ABA A 11 -10.85 1.51 -11.96
CA ABA A 11 -9.97 1.99 -13.07
C ABA A 11 -10.56 1.59 -14.41
O ABA A 11 -10.55 0.43 -14.79
CB ABA A 11 -8.60 1.32 -12.91
CG ABA A 11 -7.89 1.89 -11.69
H2 ABA A 11 -11.17 0.59 -11.95
HA ABA A 11 -9.88 3.07 -13.02
HB3 ABA A 11 -8.73 0.26 -12.79
HB2 ABA A 11 -8.01 1.50 -13.79
HG1 ABA A 11 -6.98 1.34 -11.50
HG3 ABA A 11 -7.65 2.94 -11.86
HG2 ABA A 11 -8.53 1.83 -10.82
N LYS A 12 -11.04 2.57 -15.12
CA LYS A 12 -11.64 2.29 -16.45
C LYS A 12 -10.60 1.77 -17.45
N LYS A 13 -9.43 1.44 -16.98
CA LYS A 13 -8.38 0.93 -17.92
C LYS A 13 -7.57 -0.23 -17.29
N PRO A 14 -7.06 -1.15 -18.13
CA PRO A 14 -6.27 -2.28 -17.63
C PRO A 14 -4.98 -1.82 -16.96
N SER A 15 -4.05 -1.34 -17.77
CA SER A 15 -2.75 -0.86 -17.22
C SER A 15 -2.91 -0.27 -15.83
N MET A 16 -3.97 0.47 -15.64
CA MET A 16 -4.20 1.08 -14.31
C MET A 16 -4.53 -0.01 -13.30
N LEU A 17 -5.55 -0.77 -13.58
CA LEU A 17 -5.93 -1.86 -12.64
C LEU A 17 -4.80 -2.87 -12.61
N LYS A 18 -4.49 -3.39 -13.78
CA LYS A 18 -3.40 -4.39 -13.91
C LYS A 18 -2.28 -4.13 -12.90
N LYS A 19 -1.87 -2.90 -12.79
CA LYS A 19 -0.80 -2.58 -11.84
C LYS A 19 -1.34 -2.62 -10.42
N HIS A 20 -2.51 -2.07 -10.24
CA HIS A 20 -3.11 -2.06 -8.89
C HIS A 20 -3.20 -3.47 -8.35
N ILE A 21 -3.78 -4.34 -9.12
CA ILE A 21 -3.91 -5.74 -8.66
C ILE A 21 -2.53 -6.35 -8.42
N ARG A 22 -1.55 -5.93 -9.19
CA ARG A 22 -0.19 -6.50 -9.00
C ARG A 22 0.39 -6.01 -7.68
N THR A 23 -0.17 -4.98 -7.12
CA THR A 23 0.37 -4.49 -5.84
C THR A 23 -0.08 -5.37 -4.67
N HIS A 24 -0.98 -6.28 -4.93
CA HIS A 24 -1.46 -7.16 -3.83
C HIS A 24 -0.62 -8.43 -3.77
N THR A 25 0.41 -8.49 -4.57
CA THR A 25 1.27 -9.69 -4.56
C THR A 25 2.36 -9.56 -3.51
N ASP A 26 3.51 -9.15 -3.93
CA ASP A 26 4.63 -8.99 -2.98
C ASP A 26 5.62 -7.98 -3.54
N VAL A 27 5.10 -7.09 -4.30
CA VAL A 27 5.95 -6.06 -4.92
C VAL A 27 5.97 -4.77 -4.06
N ARG A 28 6.14 -4.95 -2.79
CA ARG A 28 6.17 -3.79 -1.85
C ARG A 28 7.53 -3.75 -1.10
N PRO A 29 8.56 -3.18 -1.74
CA PRO A 29 9.90 -3.11 -1.12
C PRO A 29 9.92 -2.29 0.18
N TYR A 30 8.89 -1.53 0.43
CA TYR A 30 8.89 -0.71 1.68
C TYR A 30 8.31 -1.51 2.84
N HIS A 31 9.15 -2.28 3.49
CA HIS A 31 8.68 -3.10 4.65
C HIS A 31 9.01 -2.42 5.97
N CYS A 32 8.07 -2.45 6.89
CA CYS A 32 8.34 -1.81 8.20
C CYS A 32 9.57 -2.42 8.85
N THR A 33 10.26 -1.65 9.65
CA THR A 33 11.47 -2.20 10.30
C THR A 33 11.09 -3.04 11.51
N TYR A 34 9.83 -3.39 11.59
CA TYR A 34 9.36 -4.22 12.73
C TYR A 34 8.29 -5.20 12.28
N CYS A 35 7.15 -4.67 11.92
CA CYS A 35 6.04 -5.54 11.46
C CYS A 35 6.43 -6.33 10.22
N ASN A 36 5.43 -6.89 9.58
CA ASN A 36 5.67 -7.68 8.36
C ASN A 36 4.88 -7.08 7.20
N PHE A 37 4.27 -5.95 7.47
CA PHE A 37 3.48 -5.28 6.41
C PHE A 37 4.37 -4.40 5.56
N SER A 38 3.98 -4.20 4.33
CA SER A 38 4.80 -3.36 3.43
C SER A 38 3.93 -2.53 2.51
N PHE A 39 4.52 -1.49 1.97
CA PHE A 39 3.78 -0.60 1.05
C PHE A 39 4.49 -0.48 -0.29
N LYS A 40 3.77 -0.03 -1.27
CA LYS A 40 4.38 0.12 -2.62
C LYS A 40 5.03 1.49 -2.76
N THR A 41 4.71 2.39 -1.87
CA THR A 41 5.29 3.75 -1.95
C THR A 41 5.89 4.17 -0.61
N LYS A 42 6.82 5.09 -0.67
CA LYS A 42 7.46 5.56 0.57
C LYS A 42 6.50 6.44 1.36
N GLY A 43 5.47 6.91 0.70
CA GLY A 43 4.48 7.77 1.40
C GLY A 43 3.75 6.97 2.48
N ASN A 44 2.94 6.05 2.04
CA ASN A 44 2.19 5.23 3.02
C ASN A 44 3.12 4.70 4.11
N LEU A 45 4.34 4.42 3.75
CA LEU A 45 5.30 3.91 4.75
C LEU A 45 5.49 4.95 5.85
N THR A 46 5.73 6.16 5.44
CA THR A 46 5.93 7.24 6.45
C THR A 46 4.72 7.33 7.37
N LYS A 47 3.56 7.08 6.81
CA LYS A 47 2.33 7.16 7.63
C LYS A 47 2.38 6.13 8.75
N HIS A 48 2.82 4.94 8.43
CA HIS A 48 2.89 3.89 9.48
C HIS A 48 3.95 4.23 10.51
N MET A 49 4.92 5.00 10.10
CA MET A 49 6.00 5.40 11.04
C MET A 49 5.60 6.63 11.84
N LYS A 50 4.82 7.48 11.22
CA LYS A 50 4.38 8.72 11.92
C LYS A 50 3.74 8.37 13.26
N SER A 51 2.65 7.67 13.21
CA SER A 51 1.96 7.28 14.47
C SER A 51 2.96 6.79 15.50
N LYS A 52 2.54 6.73 16.73
CA LYS A 52 3.46 6.25 17.80
C LYS A 52 3.64 4.73 17.72
N ALA A 53 3.69 4.23 16.52
CA ALA A 53 3.87 2.77 16.35
C ALA A 53 5.11 2.29 17.09
N HIS A 54 6.15 2.00 16.36
CA HIS A 54 7.38 1.52 17.01
C HIS A 54 8.61 1.92 16.21
N SER A 55 9.13 3.09 16.50
CA SER A 55 10.35 3.57 15.78
C SER A 55 11.45 3.94 16.77
N LYS A 56 11.35 3.41 17.96
CA LYS A 56 12.37 3.70 18.98
C LYS A 56 12.62 2.49 19.87
N LYS A 57 11.91 2.43 20.97
CA LYS A 57 12.09 1.28 21.89
C LYS A 57 11.89 -0.04 21.15
ZN ZN B . -6.76 -3.54 -4.30
ZN ZN C . 5.44 -1.51 12.03
N LYS A 1 -15.26 -1.65 -15.13
CA LYS A 1 -15.17 -0.57 -14.11
C LYS A 1 -13.86 -0.67 -13.35
N TYR A 2 -13.22 0.45 -13.16
CA TYR A 2 -11.93 0.44 -12.42
C TYR A 2 -12.14 0.70 -10.94
N ILE A 3 -12.54 -0.31 -10.23
CA ILE A 3 -12.78 -0.14 -8.77
C ILE A 3 -12.36 -1.39 -8.02
N CYS A 4 -11.26 -1.31 -7.31
CA CYS A 4 -10.83 -2.52 -6.56
C CYS A 4 -11.91 -2.96 -5.58
N GLU A 5 -12.58 -4.01 -5.93
CA GLU A 5 -13.64 -4.52 -5.04
C GLU A 5 -13.13 -4.77 -3.63
N GLU A 6 -11.84 -4.93 -3.49
CA GLU A 6 -11.29 -5.15 -2.14
C GLU A 6 -11.14 -3.85 -1.38
N CYS A 7 -10.28 -2.98 -1.86
CA CYS A 7 -10.09 -1.69 -1.16
C CYS A 7 -11.20 -0.72 -1.53
N GLY A 8 -11.38 -0.56 -2.81
CA GLY A 8 -12.44 0.36 -3.30
C GLY A 8 -11.78 1.54 -4.02
N ILE A 9 -10.52 1.40 -4.33
CA ILE A 9 -9.81 2.50 -5.02
C ILE A 9 -10.50 2.85 -6.33
N ARG A 10 -10.82 4.10 -6.50
CA ARG A 10 -11.50 4.53 -7.75
C ARG A 10 -10.51 5.18 -8.72
N ABA A 11 -10.18 4.46 -9.76
CA ABA A 11 -9.23 5.01 -10.76
C ABA A 11 -9.77 4.81 -12.18
O ABA A 11 -9.49 3.81 -12.81
CB ABA A 11 -7.90 4.25 -10.64
CG ABA A 11 -7.43 4.23 -9.19
H2 ABA A 11 -10.55 3.56 -9.88
HA ABA A 11 -9.08 6.07 -10.58
HB3 ABA A 11 -8.03 3.24 -10.98
HB2 ABA A 11 -7.16 4.73 -11.26
HG1 ABA A 11 -6.55 3.60 -9.09
HG3 ABA A 11 -7.18 5.23 -8.87
HG2 ABA A 11 -8.21 3.85 -8.55
N LYS A 12 -10.53 5.76 -12.63
CA LYS A 12 -11.10 5.65 -13.99
C LYS A 12 -10.04 5.33 -15.04
N LYS A 13 -8.79 5.42 -14.65
CA LYS A 13 -7.69 5.12 -15.62
C LYS A 13 -7.11 3.70 -15.39
N PRO A 14 -6.79 2.95 -16.46
CA PRO A 14 -6.23 1.60 -16.32
C PRO A 14 -4.86 1.62 -15.64
N SER A 15 -3.89 2.16 -16.33
CA SER A 15 -2.51 2.24 -15.75
C SER A 15 -2.53 2.42 -14.24
N MET A 16 -3.49 3.18 -13.77
CA MET A 16 -3.58 3.40 -12.31
C MET A 16 -4.13 2.16 -11.62
N LEU A 17 -5.35 1.80 -11.96
CA LEU A 17 -5.94 0.60 -11.34
C LEU A 17 -5.01 -0.58 -11.60
N LYS A 18 -4.71 -0.75 -12.86
CA LYS A 18 -3.80 -1.86 -13.25
C LYS A 18 -2.68 -2.04 -12.24
N LYS A 19 -1.97 -0.98 -11.97
CA LYS A 19 -0.87 -1.08 -11.00
C LYS A 19 -1.41 -1.36 -9.61
N HIS A 20 -2.50 -0.73 -9.27
CA HIS A 20 -3.09 -0.95 -7.93
C HIS A 20 -3.41 -2.42 -7.70
N ILE A 21 -4.05 -3.03 -8.65
CA ILE A 21 -4.40 -4.46 -8.48
C ILE A 21 -3.13 -5.29 -8.28
N ARG A 22 -2.06 -4.86 -8.91
CA ARG A 22 -0.79 -5.62 -8.77
C ARG A 22 -0.18 -5.41 -7.40
N THR A 23 -0.58 -4.37 -6.74
CA THR A 23 -0.01 -4.12 -5.39
C THR A 23 -0.48 -5.18 -4.39
N HIS A 24 -1.56 -5.84 -4.71
CA HIS A 24 -2.06 -6.90 -3.78
C HIS A 24 -1.24 -8.16 -3.92
N THR A 25 -0.11 -8.05 -4.56
CA THR A 25 0.75 -9.22 -4.76
C THR A 25 1.85 -9.25 -3.72
N ASP A 26 3.04 -8.96 -4.15
CA ASP A 26 4.19 -8.94 -3.22
C ASP A 26 5.23 -7.99 -3.75
N VAL A 27 4.76 -6.99 -4.43
CA VAL A 27 5.68 -5.99 -5.01
C VAL A 27 5.77 -4.73 -4.13
N ARG A 28 5.93 -4.96 -2.86
CA ARG A 28 6.03 -3.82 -1.90
C ARG A 28 7.42 -3.81 -1.21
N PRO A 29 8.41 -3.19 -1.84
CA PRO A 29 9.77 -3.13 -1.27
C PRO A 29 9.83 -2.33 0.03
N TYR A 30 8.86 -1.49 0.27
CA TYR A 30 8.88 -0.70 1.53
C TYR A 30 8.36 -1.53 2.70
N HIS A 31 9.27 -2.19 3.39
CA HIS A 31 8.84 -3.02 4.56
C HIS A 31 9.14 -2.33 5.89
N CYS A 32 8.24 -2.44 6.82
CA CYS A 32 8.46 -1.79 8.14
C CYS A 32 9.66 -2.42 8.83
N THR A 33 10.32 -1.67 9.67
CA THR A 33 11.49 -2.24 10.38
C THR A 33 11.05 -3.05 11.59
N TYR A 34 9.79 -3.38 11.64
CA TYR A 34 9.26 -4.17 12.78
C TYR A 34 8.21 -5.16 12.30
N CYS A 35 7.15 -4.64 11.74
CA CYS A 35 6.07 -5.52 11.24
C CYS A 35 6.45 -6.21 9.95
N ASN A 36 5.65 -7.14 9.54
CA ASN A 36 5.93 -7.87 8.28
C ASN A 36 5.11 -7.27 7.16
N PHE A 37 4.52 -6.13 7.44
CA PHE A 37 3.69 -5.46 6.41
C PHE A 37 4.56 -4.61 5.52
N SER A 38 4.08 -4.32 4.34
CA SER A 38 4.88 -3.50 3.41
C SER A 38 3.97 -2.64 2.54
N PHE A 39 4.57 -1.67 1.89
CA PHE A 39 3.77 -0.78 1.01
C PHE A 39 4.45 -0.60 -0.34
N LYS A 40 3.70 -0.16 -1.30
CA LYS A 40 4.27 0.05 -2.66
C LYS A 40 4.85 1.46 -2.79
N THR A 41 4.52 2.31 -1.85
CA THR A 41 5.04 3.70 -1.91
C THR A 41 5.69 4.11 -0.59
N LYS A 42 6.56 5.07 -0.67
CA LYS A 42 7.24 5.55 0.55
C LYS A 42 6.29 6.39 1.40
N GLY A 43 5.26 6.88 0.77
CA GLY A 43 4.28 7.72 1.52
C GLY A 43 3.70 6.92 2.68
N ASN A 44 3.02 5.85 2.36
CA ASN A 44 2.41 5.01 3.42
C ASN A 44 3.44 4.65 4.47
N LEU A 45 4.66 4.46 4.05
CA LEU A 45 5.72 4.11 5.01
C LEU A 45 5.83 5.19 6.08
N THR A 46 6.09 6.39 5.64
CA THR A 46 6.20 7.50 6.60
C THR A 46 4.98 7.57 7.50
N LYS A 47 3.85 7.22 6.95
CA LYS A 47 2.60 7.26 7.75
C LYS A 47 2.58 6.14 8.79
N HIS A 48 3.03 4.97 8.41
CA HIS A 48 3.02 3.85 9.36
C HIS A 48 4.13 4.02 10.41
N MET A 49 5.06 4.90 10.14
CA MET A 49 6.17 5.12 11.10
C MET A 49 5.90 6.35 11.96
N LYS A 50 5.35 7.37 11.36
CA LYS A 50 5.06 8.61 12.13
C LYS A 50 4.19 8.30 13.34
N SER A 51 3.11 7.61 13.10
CA SER A 51 2.20 7.28 14.23
C SER A 51 2.99 6.80 15.44
N LYS A 52 2.36 6.77 16.58
CA LYS A 52 3.07 6.31 17.80
C LYS A 52 3.28 4.80 17.77
N ALA A 53 3.25 4.23 16.59
CA ALA A 53 3.45 2.77 16.49
C ALA A 53 4.75 2.35 17.17
N HIS A 54 5.75 2.07 16.37
CA HIS A 54 7.04 1.66 16.95
C HIS A 54 8.21 2.16 16.11
N SER A 55 8.63 3.37 16.39
CA SER A 55 9.76 3.94 15.63
C SER A 55 10.55 4.93 16.49
N LYS A 56 9.83 5.78 17.18
CA LYS A 56 10.52 6.78 18.04
C LYS A 56 10.48 6.34 19.51
N LYS A 57 9.61 6.95 20.27
CA LYS A 57 9.50 6.58 21.69
C LYS A 57 8.37 7.35 22.38
ZN ZN B . -6.99 -2.87 -3.72
ZN ZN C . 5.43 -1.49 11.85
N LYS A 1 -17.74 -0.42 -9.52
CA LYS A 1 -17.30 -1.84 -9.65
C LYS A 1 -15.80 -1.94 -9.41
N TYR A 2 -15.09 -0.91 -9.79
CA TYR A 2 -13.62 -0.91 -9.61
C TYR A 2 -13.24 -0.22 -8.30
N ILE A 3 -13.77 -0.72 -7.21
CA ILE A 3 -13.46 -0.11 -5.88
C ILE A 3 -12.87 -1.16 -4.95
N CYS A 4 -11.64 -0.99 -4.56
CA CYS A 4 -11.03 -1.99 -3.65
C CYS A 4 -11.84 -2.12 -2.37
N GLU A 5 -12.44 -3.25 -2.20
CA GLU A 5 -13.26 -3.46 -0.98
C GLU A 5 -12.43 -3.30 0.29
N GLU A 6 -11.13 -3.39 0.15
CA GLU A 6 -10.26 -3.23 1.34
C GLU A 6 -9.92 -1.76 1.60
N CYS A 7 -9.15 -1.19 0.71
CA CYS A 7 -8.78 0.24 0.90
C CYS A 7 -9.95 1.15 0.54
N GLY A 8 -10.49 0.92 -0.62
CA GLY A 8 -11.64 1.74 -1.09
C GLY A 8 -11.19 2.65 -2.24
N ILE A 9 -10.04 2.33 -2.80
CA ILE A 9 -9.54 3.16 -3.91
C ILE A 9 -10.54 3.17 -5.08
N ARG A 10 -10.82 4.34 -5.58
CA ARG A 10 -11.79 4.44 -6.70
C ARG A 10 -11.06 4.65 -8.03
N ABA A 11 -11.18 3.70 -8.92
CA ABA A 11 -10.50 3.83 -10.23
C ABA A 11 -11.47 3.48 -11.37
O ABA A 11 -11.76 2.33 -11.62
CB ABA A 11 -9.33 2.84 -10.27
CG ABA A 11 -8.44 3.08 -9.05
H2 ABA A 11 -11.72 2.91 -8.72
HA ABA A 11 -10.16 4.85 -10.37
HB3 ABA A 11 -9.71 1.84 -10.25
HB2 ABA A 11 -8.78 3.00 -11.17
HG1 ABA A 11 -9.02 3.00 -8.15
HG3 ABA A 11 -7.64 2.35 -9.03
HG2 ABA A 11 -8.01 4.07 -9.10
N LYS A 12 -11.92 4.50 -12.05
CA LYS A 12 -12.85 4.27 -13.18
C LYS A 12 -12.23 3.44 -14.31
N LYS A 13 -11.08 2.86 -14.06
CA LYS A 13 -10.44 2.04 -15.13
C LYS A 13 -9.79 0.76 -14.55
N PRO A 14 -9.69 -0.31 -15.37
CA PRO A 14 -9.09 -1.58 -14.93
C PRO A 14 -7.60 -1.41 -14.62
N SER A 15 -6.81 -1.20 -15.66
CA SER A 15 -5.34 -1.03 -15.47
C SER A 15 -5.02 -0.38 -14.13
N MET A 16 -5.80 0.61 -13.78
CA MET A 16 -5.55 1.29 -12.50
C MET A 16 -5.95 0.39 -11.34
N LEU A 17 -7.17 -0.10 -11.38
CA LEU A 17 -7.61 -1.00 -10.28
C LEU A 17 -6.83 -2.30 -10.35
N LYS A 18 -6.96 -2.97 -11.47
CA LYS A 18 -6.24 -4.25 -11.65
C LYS A 18 -4.85 -4.18 -11.03
N LYS A 19 -4.14 -3.13 -11.32
CA LYS A 19 -2.79 -3.01 -10.75
C LYS A 19 -2.88 -2.81 -9.24
N HIS A 20 -3.86 -2.04 -8.83
CA HIS A 20 -4.02 -1.79 -7.38
C HIS A 20 -4.32 -3.08 -6.63
N ILE A 21 -5.31 -3.82 -7.09
CA ILE A 21 -5.65 -5.08 -6.40
C ILE A 21 -4.40 -5.96 -6.27
N ARG A 22 -3.52 -5.86 -7.23
CA ARG A 22 -2.30 -6.70 -7.16
C ARG A 22 -1.37 -6.19 -6.06
N THR A 23 -1.31 -4.90 -5.91
CA THR A 23 -0.40 -4.36 -4.85
C THR A 23 -0.61 -5.10 -3.54
N HIS A 24 -1.78 -5.68 -3.38
CA HIS A 24 -2.03 -6.42 -2.11
C HIS A 24 -1.35 -7.78 -2.17
N THR A 25 -0.42 -7.92 -3.08
CA THR A 25 0.31 -9.20 -3.21
C THR A 25 1.61 -9.17 -2.42
N ASP A 26 2.70 -9.06 -3.12
CA ASP A 26 4.01 -9.03 -2.44
C ASP A 26 4.95 -8.09 -3.18
N VAL A 27 4.35 -7.17 -3.88
CA VAL A 27 5.14 -6.19 -4.64
C VAL A 27 5.29 -4.87 -3.86
N ARG A 28 5.63 -5.01 -2.61
CA ARG A 28 5.81 -3.82 -1.73
C ARG A 28 7.20 -3.87 -1.06
N PRO A 29 8.22 -3.35 -1.75
CA PRO A 29 9.59 -3.35 -1.20
C PRO A 29 9.74 -2.52 0.08
N TYR A 30 8.85 -1.59 0.30
CA TYR A 30 8.96 -0.76 1.53
C TYR A 30 8.42 -1.52 2.75
N HIS A 31 9.27 -2.34 3.34
CA HIS A 31 8.82 -3.11 4.54
C HIS A 31 9.17 -2.39 5.84
N CYS A 32 8.27 -2.45 6.79
CA CYS A 32 8.54 -1.77 8.10
C CYS A 32 9.75 -2.40 8.78
N THR A 33 10.41 -1.63 9.60
CA THR A 33 11.60 -2.17 10.29
C THR A 33 11.19 -2.99 11.51
N TYR A 34 9.93 -3.30 11.58
CA TYR A 34 9.43 -4.10 12.73
C TYR A 34 8.37 -5.11 12.26
N CYS A 35 7.28 -4.58 11.77
CA CYS A 35 6.19 -5.47 11.28
C CYS A 35 6.58 -6.17 10.00
N ASN A 36 5.69 -7.02 9.55
CA ASN A 36 5.95 -7.77 8.30
C ASN A 36 5.16 -7.13 7.17
N PHE A 37 4.56 -6.01 7.48
CA PHE A 37 3.75 -5.30 6.46
C PHE A 37 4.64 -4.46 5.56
N SER A 38 4.10 -4.01 4.47
CA SER A 38 4.91 -3.19 3.56
C SER A 38 4.03 -2.32 2.68
N PHE A 39 4.64 -1.40 2.00
CA PHE A 39 3.87 -0.50 1.11
C PHE A 39 4.52 -0.40 -0.27
N LYS A 40 3.77 0.06 -1.23
CA LYS A 40 4.32 0.18 -2.59
C LYS A 40 5.01 1.53 -2.79
N THR A 41 4.78 2.44 -1.87
CA THR A 41 5.41 3.79 -1.99
C THR A 41 6.07 4.21 -0.69
N LYS A 42 7.00 5.12 -0.81
CA LYS A 42 7.70 5.60 0.40
C LYS A 42 6.79 6.51 1.22
N GLY A 43 5.74 6.97 0.60
CA GLY A 43 4.79 7.86 1.33
C GLY A 43 4.02 7.06 2.37
N ASN A 44 3.20 6.16 1.91
CA ASN A 44 2.42 5.34 2.87
C ASN A 44 3.31 4.81 3.98
N LEU A 45 4.54 4.53 3.64
CA LEU A 45 5.48 4.01 4.66
C LEU A 45 5.59 5.02 5.81
N THR A 46 5.81 6.26 5.45
CA THR A 46 5.94 7.30 6.49
C THR A 46 4.69 7.35 7.37
N LYS A 47 3.56 7.15 6.75
CA LYS A 47 2.30 7.17 7.53
C LYS A 47 2.32 6.12 8.63
N HIS A 48 2.86 4.97 8.31
CA HIS A 48 2.93 3.89 9.33
C HIS A 48 3.94 4.23 10.41
N MET A 49 4.94 4.99 10.03
CA MET A 49 5.97 5.38 11.02
C MET A 49 5.56 6.63 11.77
N LYS A 50 4.68 7.39 11.18
CA LYS A 50 4.22 8.64 11.84
C LYS A 50 3.56 8.32 13.18
N SER A 51 2.69 7.35 13.17
CA SER A 51 2.00 6.98 14.43
C SER A 51 3.01 6.53 15.48
N LYS A 52 2.58 6.51 16.72
CA LYS A 52 3.51 6.09 17.80
C LYS A 52 3.66 4.57 17.81
N ALA A 53 3.45 3.96 16.68
CA ALA A 53 3.58 2.48 16.62
C ALA A 53 4.86 2.02 17.31
N HIS A 54 5.91 1.91 16.55
CA HIS A 54 7.19 1.47 17.15
C HIS A 54 8.37 2.08 16.42
N SER A 55 8.78 3.24 16.87
CA SER A 55 9.93 3.93 16.23
C SER A 55 10.85 4.49 17.29
N LYS A 56 10.52 4.22 18.53
CA LYS A 56 11.37 4.71 19.64
C LYS A 56 11.36 3.75 20.82
N LYS A 57 10.18 3.30 21.17
CA LYS A 57 10.06 2.34 22.29
C LYS A 57 10.95 1.12 22.07
ZN ZN B . -6.59 -1.94 -1.89
ZN ZN C . 5.56 -1.42 11.86
N LYS A 1 -14.82 -1.61 -15.75
CA LYS A 1 -14.10 -0.32 -15.80
C LYS A 1 -12.76 -0.45 -15.09
N TYR A 2 -12.60 0.29 -14.02
CA TYR A 2 -11.33 0.21 -13.28
C TYR A 2 -11.54 0.50 -11.79
N ILE A 3 -12.26 -0.38 -11.15
CA ILE A 3 -12.53 -0.21 -9.70
C ILE A 3 -12.08 -1.44 -8.93
N CYS A 4 -10.98 -1.33 -8.22
CA CYS A 4 -10.51 -2.51 -7.46
C CYS A 4 -11.63 -3.05 -6.57
N GLU A 5 -12.05 -4.24 -6.86
CA GLU A 5 -13.13 -4.86 -6.06
C GLU A 5 -12.75 -4.97 -4.59
N GLU A 6 -11.47 -4.90 -4.30
CA GLU A 6 -11.04 -4.99 -2.90
C GLU A 6 -11.01 -3.62 -2.23
N CYS A 7 -10.11 -2.79 -2.66
CA CYS A 7 -10.02 -1.43 -2.05
C CYS A 7 -11.10 -0.51 -2.60
N GLY A 8 -11.20 -0.48 -3.91
CA GLY A 8 -12.23 0.38 -4.55
C GLY A 8 -11.54 1.54 -5.29
N ILE A 9 -10.24 1.42 -5.42
CA ILE A 9 -9.48 2.48 -6.11
C ILE A 9 -10.13 2.82 -7.45
N ARG A 10 -10.35 4.09 -7.68
CA ARG A 10 -10.98 4.52 -8.95
C ARG A 10 -9.93 5.11 -9.90
N ABA A 11 -9.58 4.35 -10.90
CA ABA A 11 -8.57 4.83 -11.88
C ABA A 11 -9.06 4.61 -13.30
O ABA A 11 -8.85 3.57 -13.87
CB ABA A 11 -7.28 4.04 -11.68
CG ABA A 11 -6.89 4.04 -10.19
H2 ABA A 11 -9.97 3.46 -11.00
HA ABA A 11 -8.40 5.91 -11.73
HB3 ABA A 11 -7.42 3.03 -12.01
HB2 ABA A 11 -6.49 4.49 -12.25
HG1 ABA A 11 -6.72 5.05 -9.86
HG3 ABA A 11 -7.69 3.61 -9.62
HG2 ABA A 11 -6.00 3.45 -10.05
N LYS A 12 -9.71 5.59 -13.85
CA LYS A 12 -10.23 5.46 -15.22
C LYS A 12 -9.13 5.06 -16.21
N LYS A 13 -7.91 4.99 -15.71
CA LYS A 13 -6.77 4.62 -16.61
C LYS A 13 -6.28 3.18 -16.29
N PRO A 14 -6.16 2.30 -17.31
CA PRO A 14 -5.68 0.93 -17.06
C PRO A 14 -4.26 0.93 -16.52
N SER A 15 -3.45 1.83 -17.03
CA SER A 15 -2.06 1.88 -16.53
C SER A 15 -2.03 1.98 -15.01
N MET A 16 -2.81 2.89 -14.49
CA MET A 16 -2.85 3.06 -13.02
C MET A 16 -3.51 1.86 -12.34
N LEU A 17 -4.65 1.45 -12.82
CA LEU A 17 -5.32 0.29 -12.18
C LEU A 17 -4.44 -0.94 -12.34
N LYS A 18 -4.14 -1.27 -13.57
CA LYS A 18 -3.29 -2.45 -13.83
C LYS A 18 -2.19 -2.57 -12.79
N LYS A 19 -1.52 -1.49 -12.54
CA LYS A 19 -0.44 -1.53 -11.54
C LYS A 19 -1.04 -1.72 -10.14
N HIS A 20 -2.12 -1.05 -9.88
CA HIS A 20 -2.76 -1.17 -8.56
C HIS A 20 -3.14 -2.62 -8.26
N ILE A 21 -3.86 -3.22 -9.18
CA ILE A 21 -4.26 -4.64 -8.95
C ILE A 21 -3.02 -5.50 -8.73
N ARG A 22 -1.94 -5.12 -9.36
CA ARG A 22 -0.69 -5.91 -9.19
C ARG A 22 -0.07 -5.62 -7.84
N THR A 23 -0.48 -4.55 -7.22
CA THR A 23 0.09 -4.22 -5.90
C THR A 23 -0.40 -5.19 -4.84
N HIS A 24 -1.49 -5.86 -5.12
CA HIS A 24 -2.01 -6.83 -4.11
C HIS A 24 -1.19 -8.11 -4.16
N THR A 25 -0.08 -8.02 -4.84
CA THR A 25 0.80 -9.21 -4.95
C THR A 25 1.84 -9.20 -3.84
N ASP A 26 3.05 -8.95 -4.22
CA ASP A 26 4.14 -8.90 -3.25
C ASP A 26 5.20 -7.94 -3.75
N VAL A 27 4.74 -6.96 -4.46
CA VAL A 27 5.66 -5.96 -5.02
C VAL A 27 5.74 -4.71 -4.12
N ARG A 28 5.89 -4.94 -2.85
CA ARG A 28 5.98 -3.81 -1.87
C ARG A 28 7.37 -3.85 -1.18
N PRO A 29 8.39 -3.24 -1.79
CA PRO A 29 9.73 -3.21 -1.19
C PRO A 29 9.79 -2.46 0.13
N TYR A 30 8.89 -1.53 0.33
CA TYR A 30 8.91 -0.77 1.60
C TYR A 30 8.35 -1.60 2.76
N HIS A 31 9.24 -2.26 3.46
CA HIS A 31 8.79 -3.11 4.60
C HIS A 31 9.10 -2.44 5.94
N CYS A 32 8.13 -2.42 6.82
CA CYS A 32 8.38 -1.79 8.15
C CYS A 32 9.63 -2.37 8.78
N THR A 33 10.25 -1.61 9.64
CA THR A 33 11.48 -2.11 10.30
C THR A 33 11.10 -2.90 11.55
N TYR A 34 9.90 -3.41 11.57
CA TYR A 34 9.44 -4.19 12.74
C TYR A 34 8.36 -5.19 12.32
N CYS A 35 7.20 -4.69 12.02
CA CYS A 35 6.08 -5.58 11.60
C CYS A 35 6.46 -6.38 10.36
N ASN A 36 5.44 -6.87 9.69
CA ASN A 36 5.67 -7.66 8.46
C ASN A 36 4.88 -7.04 7.31
N PHE A 37 4.25 -5.93 7.59
CA PHE A 37 3.47 -5.24 6.55
C PHE A 37 4.38 -4.49 5.60
N SER A 38 3.92 -4.26 4.40
CA SER A 38 4.77 -3.54 3.44
C SER A 38 3.93 -2.62 2.57
N PHE A 39 4.55 -1.58 2.08
CA PHE A 39 3.82 -0.60 1.23
C PHE A 39 4.47 -0.51 -0.15
N LYS A 40 3.73 0.00 -1.08
CA LYS A 40 4.26 0.14 -2.46
C LYS A 40 4.93 1.49 -2.65
N THR A 41 4.66 2.41 -1.75
CA THR A 41 5.27 3.76 -1.87
C THR A 41 5.93 4.19 -0.57
N LYS A 42 6.86 5.10 -0.70
CA LYS A 42 7.57 5.58 0.52
C LYS A 42 6.64 6.47 1.34
N GLY A 43 5.64 7.00 0.71
CA GLY A 43 4.70 7.89 1.45
C GLY A 43 4.00 7.10 2.56
N ASN A 44 3.16 6.18 2.16
CA ASN A 44 2.44 5.37 3.16
C ASN A 44 3.39 4.88 4.25
N LEU A 45 4.53 4.39 3.83
CA LEU A 45 5.52 3.90 4.83
C LEU A 45 5.68 4.92 5.95
N THR A 46 5.97 6.13 5.59
CA THR A 46 6.14 7.18 6.63
C THR A 46 4.90 7.27 7.51
N LYS A 47 3.77 7.08 6.90
CA LYS A 47 2.51 7.16 7.69
C LYS A 47 2.49 6.09 8.78
N HIS A 48 3.08 4.96 8.47
CA HIS A 48 3.10 3.87 9.49
C HIS A 48 4.08 4.20 10.61
N MET A 49 5.13 4.89 10.27
CA MET A 49 6.12 5.25 11.30
C MET A 49 5.72 6.53 12.03
N LYS A 50 4.81 7.26 11.45
CA LYS A 50 4.35 8.52 12.09
C LYS A 50 3.54 8.23 13.34
N SER A 51 2.50 7.45 13.19
CA SER A 51 1.65 7.11 14.36
C SER A 51 2.50 6.61 15.52
N LYS A 52 1.87 6.29 16.61
CA LYS A 52 2.63 5.80 17.78
C LYS A 52 3.11 4.37 17.55
N ALA A 53 3.44 4.07 16.33
CA ALA A 53 3.92 2.70 16.02
C ALA A 53 5.19 2.38 16.77
N HIS A 54 6.26 2.20 16.04
CA HIS A 54 7.54 1.89 16.71
C HIS A 54 8.73 2.31 15.86
N SER A 55 9.19 3.51 16.07
CA SER A 55 10.35 4.02 15.29
C SER A 55 11.38 4.68 16.21
N LYS A 56 10.97 4.96 17.43
CA LYS A 56 11.90 5.59 18.39
C LYS A 56 12.49 4.56 19.33
N LYS A 57 13.01 3.50 18.77
CA LYS A 57 13.60 2.44 19.61
C LYS A 57 14.73 1.73 18.87
ZN ZN B . -6.86 -2.75 -4.39
ZN ZN C . 5.59 -1.55 12.02
N LYS A 1 -12.04 -3.65 -18.95
CA LYS A 1 -12.50 -3.57 -17.54
C LYS A 1 -11.30 -3.41 -16.60
N TYR A 2 -10.82 -2.20 -16.49
CA TYR A 2 -9.66 -1.96 -15.60
C TYR A 2 -10.11 -1.70 -14.17
N ILE A 3 -10.94 -2.59 -13.66
CA ILE A 3 -11.44 -2.43 -12.27
C ILE A 3 -10.99 -3.60 -11.41
N CYS A 4 -10.12 -3.34 -10.47
CA CYS A 4 -9.65 -4.45 -9.61
C CYS A 4 -10.83 -5.16 -8.95
N GLU A 5 -10.98 -6.40 -9.25
CA GLU A 5 -12.10 -7.18 -8.66
C GLU A 5 -11.99 -7.26 -7.14
N GLU A 6 -10.82 -7.02 -6.61
CA GLU A 6 -10.66 -7.09 -5.14
C GLU A 6 -10.95 -5.75 -4.48
N CYS A 7 -10.10 -4.78 -4.72
CA CYS A 7 -10.33 -3.45 -4.10
C CYS A 7 -11.46 -2.70 -4.80
N GLY A 8 -11.38 -2.68 -6.10
CA GLY A 8 -12.43 -1.97 -6.89
C GLY A 8 -11.87 -0.68 -7.48
N ILE A 9 -10.56 -0.58 -7.48
CA ILE A 9 -9.93 0.65 -8.03
C ILE A 9 -10.34 0.84 -9.49
N ARG A 10 -10.85 2.01 -9.78
CA ARG A 10 -11.28 2.29 -11.18
C ARG A 10 -10.24 3.13 -11.91
N ABA A 11 -9.44 2.48 -12.73
CA ABA A 11 -8.38 3.22 -13.48
C ABA A 11 -8.68 3.19 -14.98
O ABA A 11 -8.53 2.16 -15.62
CB ABA A 11 -7.03 2.56 -13.23
CG ABA A 11 -6.73 2.57 -11.72
H2 ABA A 11 -9.53 1.50 -12.83
HA ABA A 11 -8.37 4.26 -13.16
HB3 ABA A 11 -7.04 1.54 -13.58
HB2 ABA A 11 -6.26 3.10 -13.75
HG1 ABA A 11 -5.92 1.89 -11.50
HG3 ABA A 11 -6.46 3.57 -11.41
HG2 ABA A 11 -7.62 2.26 -11.18
N LYS A 12 -9.10 4.30 -15.50
CA LYS A 12 -9.42 4.37 -16.94
C LYS A 12 -8.18 4.10 -17.82
N LYS A 13 -7.12 3.63 -17.23
CA LYS A 13 -5.90 3.35 -18.04
C LYS A 13 -5.15 2.09 -17.54
N PRO A 14 -4.44 1.39 -18.44
CA PRO A 14 -3.70 0.18 -18.08
C PRO A 14 -2.58 0.49 -17.08
N SER A 15 -1.56 1.17 -17.56
CA SER A 15 -0.40 1.53 -16.68
C SER A 15 -0.85 1.72 -15.23
N MET A 16 -1.91 2.44 -15.06
CA MET A 16 -2.41 2.67 -13.68
C MET A 16 -2.91 1.36 -13.07
N LEU A 17 -3.72 0.65 -13.82
CA LEU A 17 -4.25 -0.63 -13.29
C LEU A 17 -3.12 -1.66 -13.28
N LYS A 18 -2.55 -1.91 -14.45
CA LYS A 18 -1.43 -2.89 -14.57
C LYS A 18 -0.54 -2.85 -13.34
N LYS A 19 -0.23 -1.68 -12.89
CA LYS A 19 0.64 -1.57 -11.70
C LYS A 19 -0.15 -1.96 -10.44
N HIS A 20 -1.36 -1.46 -10.37
CA HIS A 20 -2.21 -1.77 -9.20
C HIS A 20 -2.36 -3.27 -9.03
N ILE A 21 -2.83 -3.91 -10.08
CA ILE A 21 -3.01 -5.38 -9.98
C ILE A 21 -1.69 -6.06 -9.61
N ARG A 22 -0.60 -5.50 -10.08
CA ARG A 22 0.71 -6.12 -9.74
C ARG A 22 1.09 -5.86 -8.29
N THR A 23 0.43 -4.92 -7.68
CA THR A 23 0.76 -4.62 -6.27
C THR A 23 0.23 -5.71 -5.34
N HIS A 24 -0.78 -6.43 -5.80
CA HIS A 24 -1.34 -7.50 -4.93
C HIS A 24 -0.37 -8.67 -4.86
N THR A 25 0.79 -8.49 -5.43
CA THR A 25 1.79 -9.57 -5.42
C THR A 25 2.70 -9.43 -4.21
N ASP A 26 3.92 -9.13 -4.48
CA ASP A 26 4.90 -8.95 -3.38
C ASP A 26 5.91 -7.92 -3.80
N VAL A 27 5.45 -7.02 -4.62
CA VAL A 27 6.33 -5.95 -5.12
C VAL A 27 6.29 -4.71 -4.21
N ARG A 28 6.40 -4.95 -2.93
CA ARG A 28 6.38 -3.83 -1.94
C ARG A 28 7.73 -3.76 -1.19
N PRO A 29 8.74 -3.10 -1.78
CA PRO A 29 10.06 -2.99 -1.15
C PRO A 29 10.03 -2.21 0.18
N TYR A 30 8.96 -1.51 0.42
CA TYR A 30 8.89 -0.73 1.69
C TYR A 30 8.32 -1.59 2.81
N HIS A 31 9.19 -2.32 3.47
CA HIS A 31 8.74 -3.20 4.60
C HIS A 31 9.07 -2.57 5.95
N CYS A 32 8.09 -2.48 6.81
CA CYS A 32 8.37 -1.89 8.14
C CYS A 32 9.52 -2.63 8.80
N THR A 33 10.30 -1.91 9.58
CA THR A 33 11.45 -2.58 10.25
C THR A 33 10.99 -3.37 11.47
N TYR A 34 9.70 -3.58 11.56
CA TYR A 34 9.15 -4.34 12.72
C TYR A 34 8.04 -5.28 12.25
N CYS A 35 6.96 -4.71 11.80
CA CYS A 35 5.83 -5.54 11.32
C CYS A 35 6.17 -6.26 10.03
N ASN A 36 5.24 -7.04 9.55
CA ASN A 36 5.47 -7.79 8.30
C ASN A 36 4.68 -7.15 7.17
N PHE A 37 4.15 -5.98 7.44
CA PHE A 37 3.36 -5.27 6.41
C PHE A 37 4.28 -4.47 5.51
N SER A 38 3.97 -4.44 4.23
CA SER A 38 4.81 -3.67 3.29
C SER A 38 3.97 -2.81 2.39
N PHE A 39 4.56 -1.71 1.95
CA PHE A 39 3.82 -0.79 1.06
C PHE A 39 4.52 -0.66 -0.29
N LYS A 40 3.80 -0.21 -1.26
CA LYS A 40 4.39 -0.05 -2.62
C LYS A 40 5.00 1.33 -2.78
N THR A 41 4.65 2.22 -1.89
CA THR A 41 5.19 3.60 -1.98
C THR A 41 5.77 4.06 -0.65
N LYS A 42 6.63 5.03 -0.72
CA LYS A 42 7.26 5.55 0.51
C LYS A 42 6.28 6.43 1.28
N GLY A 43 5.20 6.80 0.63
CA GLY A 43 4.20 7.65 1.31
C GLY A 43 3.59 6.90 2.49
N ASN A 44 2.88 5.85 2.19
CA ASN A 44 2.25 5.05 3.27
C ASN A 44 3.26 4.70 4.35
N LEU A 45 4.51 4.69 3.98
CA LEU A 45 5.56 4.36 4.97
C LEU A 45 5.59 5.44 6.04
N THR A 46 5.80 6.65 5.63
CA THR A 46 5.85 7.76 6.60
C THR A 46 4.60 7.73 7.47
N LYS A 47 3.52 7.30 6.90
CA LYS A 47 2.25 7.24 7.68
C LYS A 47 2.33 6.17 8.77
N HIS A 48 2.81 5.00 8.40
CA HIS A 48 2.91 3.92 9.40
C HIS A 48 3.98 4.24 10.44
N MET A 49 4.87 5.14 10.09
CA MET A 49 5.94 5.51 11.04
C MET A 49 5.57 6.76 11.83
N LYS A 50 4.78 7.61 11.22
CA LYS A 50 4.36 8.85 11.92
C LYS A 50 3.75 8.51 13.27
N SER A 51 2.92 7.50 13.29
CA SER A 51 2.29 7.11 14.57
C SER A 51 3.34 6.68 15.59
N LYS A 52 3.01 6.82 16.84
CA LYS A 52 3.99 6.42 17.89
C LYS A 52 4.06 4.90 18.02
N ALA A 53 3.75 4.21 16.94
CA ALA A 53 3.79 2.74 16.99
C ALA A 53 5.14 2.25 17.49
N HIS A 54 6.05 2.00 16.59
CA HIS A 54 7.38 1.52 17.00
C HIS A 54 8.48 2.06 16.07
N SER A 55 8.94 3.23 16.35
CA SER A 55 10.00 3.82 15.50
C SER A 55 10.95 4.70 16.32
N LYS A 56 11.77 4.05 17.11
CA LYS A 56 12.71 4.83 17.94
C LYS A 56 13.91 5.30 17.12
N LYS A 57 14.89 4.45 16.99
CA LYS A 57 16.08 4.83 16.21
C LYS A 57 15.68 5.28 14.80
ZN ZN B . -6.67 -4.15 -5.89
ZN ZN C . 5.41 -1.49 11.91
N LYS A 1 -15.56 -3.91 -14.47
CA LYS A 1 -14.61 -3.31 -15.44
C LYS A 1 -13.25 -3.09 -14.77
N TYR A 2 -13.24 -2.25 -13.77
CA TYR A 2 -11.96 -1.99 -13.06
C TYR A 2 -12.19 -1.76 -11.58
N ILE A 3 -13.03 -2.57 -11.00
CA ILE A 3 -13.32 -2.43 -9.55
C ILE A 3 -12.67 -3.56 -8.75
N CYS A 4 -11.55 -3.27 -8.12
CA CYS A 4 -10.88 -4.34 -7.34
C CYS A 4 -11.88 -5.10 -6.49
N GLU A 5 -11.87 -6.39 -6.63
CA GLU A 5 -12.82 -7.22 -5.85
C GLU A 5 -12.49 -7.22 -4.36
N GLU A 6 -11.32 -6.75 -4.02
CA GLU A 6 -10.94 -6.72 -2.58
C GLU A 6 -11.23 -5.36 -1.96
N CYS A 7 -10.47 -4.38 -2.31
CA CYS A 7 -10.68 -3.02 -1.75
C CYS A 7 -11.89 -2.34 -2.38
N GLY A 8 -12.06 -2.53 -3.66
CA GLY A 8 -13.23 -1.87 -4.34
C GLY A 8 -12.77 -0.59 -5.05
N ILE A 9 -11.49 -0.44 -5.22
CA ILE A 9 -10.98 0.77 -5.91
C ILE A 9 -11.60 0.91 -7.29
N ARG A 10 -12.17 2.05 -7.57
CA ARG A 10 -12.80 2.24 -8.91
C ARG A 10 -11.90 3.08 -9.82
N ABA A 11 -11.23 2.41 -10.73
CA ABA A 11 -10.32 3.13 -11.67
C ABA A 11 -10.73 2.83 -13.12
O ABA A 11 -10.38 1.81 -13.66
CB ABA A 11 -8.89 2.62 -11.48
CG ABA A 11 -8.47 2.76 -10.00
H2 ABA A 11 -11.33 1.43 -10.78
HA ABA A 11 -10.39 4.19 -11.49
HB3 ABA A 11 -8.82 1.58 -11.76
HB2 ABA A 11 -8.22 3.20 -12.09
HG1 ABA A 11 -9.30 2.54 -9.36
HG3 ABA A 11 -7.66 2.07 -9.79
HG2 ABA A 11 -8.13 3.77 -9.81
N LYS A 12 -11.47 3.73 -13.68
CA LYS A 12 -11.92 3.53 -15.09
C LYS A 12 -10.75 3.30 -16.04
N LYS A 13 -9.55 3.55 -15.57
CA LYS A 13 -8.36 3.34 -16.46
C LYS A 13 -7.60 2.03 -16.08
N PRO A 14 -7.10 1.29 -17.08
CA PRO A 14 -6.36 0.04 -16.80
C PRO A 14 -5.08 0.31 -16.02
N SER A 15 -4.14 0.98 -16.64
CA SER A 15 -2.86 1.30 -15.96
C SER A 15 -3.06 1.54 -14.47
N MET A 16 -4.11 2.24 -14.15
CA MET A 16 -4.37 2.52 -12.71
C MET A 16 -4.78 1.23 -12.01
N LEU A 17 -5.78 0.57 -12.54
CA LEU A 17 -6.22 -0.70 -11.90
C LEU A 17 -5.13 -1.74 -12.06
N LYS A 18 -4.79 -2.01 -13.30
CA LYS A 18 -3.73 -3.01 -13.59
C LYS A 18 -2.64 -2.97 -12.52
N LYS A 19 -2.21 -1.80 -12.18
CA LYS A 19 -1.16 -1.69 -11.16
C LYS A 19 -1.74 -2.00 -9.78
N HIS A 20 -2.92 -1.50 -9.55
CA HIS A 20 -3.57 -1.75 -8.23
C HIS A 20 -3.71 -3.23 -7.97
N ILE A 21 -4.29 -3.93 -8.92
CA ILE A 21 -4.46 -5.39 -8.73
C ILE A 21 -3.10 -6.08 -8.56
N ARG A 22 -2.09 -5.54 -9.18
CA ARG A 22 -0.76 -6.17 -9.06
C ARG A 22 -0.17 -5.88 -7.69
N THR A 23 -0.71 -4.90 -7.02
CA THR A 23 -0.17 -4.57 -5.68
C THR A 23 -0.62 -5.61 -4.65
N HIS A 24 -1.66 -6.33 -4.97
CA HIS A 24 -2.15 -7.36 -4.00
C HIS A 24 -1.24 -8.57 -4.04
N THR A 25 -0.15 -8.45 -4.77
CA THR A 25 0.78 -9.58 -4.87
C THR A 25 1.83 -9.51 -3.77
N ASP A 26 3.02 -9.20 -4.18
CA ASP A 26 4.12 -9.08 -3.21
C ASP A 26 5.14 -8.11 -3.76
N VAL A 27 4.65 -7.19 -4.52
CA VAL A 27 5.54 -6.16 -5.12
C VAL A 27 5.63 -4.90 -4.24
N ARG A 28 5.81 -5.13 -2.97
CA ARG A 28 5.91 -4.00 -2.01
C ARG A 28 7.29 -4.02 -1.33
N PRO A 29 8.30 -3.40 -1.95
CA PRO A 29 9.65 -3.37 -1.37
C PRO A 29 9.70 -2.64 -0.03
N TYR A 30 8.92 -1.59 0.09
CA TYR A 30 8.93 -0.83 1.37
C TYR A 30 8.37 -1.69 2.51
N HIS A 31 9.24 -2.07 3.42
CA HIS A 31 8.80 -2.91 4.58
C HIS A 31 9.10 -2.22 5.91
N CYS A 32 8.14 -2.26 6.82
CA CYS A 32 8.40 -1.59 8.13
C CYS A 32 9.61 -2.22 8.80
N THR A 33 10.35 -1.42 9.52
CA THR A 33 11.55 -1.97 10.21
C THR A 33 11.15 -2.74 11.47
N TYR A 34 9.88 -3.00 11.59
CA TYR A 34 9.38 -3.76 12.78
C TYR A 34 8.33 -4.78 12.36
N CYS A 35 7.19 -4.28 11.98
CA CYS A 35 6.09 -5.20 11.54
C CYS A 35 6.52 -6.03 10.35
N ASN A 36 5.54 -6.63 9.72
CA ASN A 36 5.80 -7.47 8.54
C ASN A 36 5.01 -6.93 7.36
N PHE A 37 4.36 -5.81 7.60
CA PHE A 37 3.54 -5.20 6.54
C PHE A 37 4.44 -4.49 5.53
N SER A 38 3.95 -4.32 4.34
CA SER A 38 4.75 -3.65 3.30
C SER A 38 3.90 -2.72 2.46
N PHE A 39 4.55 -1.73 1.89
CA PHE A 39 3.82 -0.76 1.04
C PHE A 39 4.45 -0.67 -0.34
N LYS A 40 3.70 -0.15 -1.27
CA LYS A 40 4.21 -0.02 -2.65
C LYS A 40 4.85 1.34 -2.86
N THR A 41 4.59 2.24 -1.94
CA THR A 41 5.17 3.61 -2.05
C THR A 41 5.86 4.03 -0.77
N LYS A 42 6.77 4.97 -0.90
CA LYS A 42 7.50 5.46 0.28
C LYS A 42 6.63 6.40 1.10
N GLY A 43 5.57 6.88 0.49
CA GLY A 43 4.67 7.81 1.23
C GLY A 43 3.99 7.08 2.40
N ASN A 44 3.27 6.03 2.08
CA ASN A 44 2.58 5.27 3.14
C ASN A 44 3.55 4.89 4.26
N LEU A 45 4.79 4.71 3.90
CA LEU A 45 5.78 4.34 4.93
C LEU A 45 5.83 5.41 6.01
N THR A 46 6.16 6.62 5.62
CA THR A 46 6.21 7.71 6.62
C THR A 46 4.90 7.77 7.39
N LYS A 47 3.83 7.43 6.72
CA LYS A 47 2.51 7.46 7.40
C LYS A 47 2.44 6.41 8.50
N HIS A 48 3.01 5.26 8.24
CA HIS A 48 2.98 4.19 9.27
C HIS A 48 3.97 4.48 10.39
N MET A 49 5.19 4.73 10.02
CA MET A 49 6.22 5.02 11.05
C MET A 49 5.80 6.21 11.91
N LYS A 50 4.97 7.04 11.35
CA LYS A 50 4.50 8.23 12.13
C LYS A 50 3.77 7.78 13.40
N SER A 51 2.83 6.90 13.23
CA SER A 51 2.06 6.41 14.41
C SER A 51 3.00 6.07 15.55
N LYS A 52 2.52 6.25 16.75
CA LYS A 52 3.38 5.94 17.93
C LYS A 52 3.50 4.44 18.14
N ALA A 53 3.28 3.70 17.09
CA ALA A 53 3.39 2.22 17.20
C ALA A 53 4.78 1.81 17.66
N HIS A 54 5.75 2.08 16.82
CA HIS A 54 7.14 1.71 17.19
C HIS A 54 8.15 2.41 16.30
N SER A 55 8.68 3.50 16.79
CA SER A 55 9.68 4.27 16.00
C SER A 55 11.00 4.38 16.76
N LYS A 56 11.02 5.24 17.74
CA LYS A 56 12.27 5.41 18.54
C LYS A 56 11.94 5.52 20.03
N LYS A 57 11.01 4.72 20.47
CA LYS A 57 10.63 4.75 21.90
C LYS A 57 11.85 4.55 22.79
ZN ZN B . -7.46 -3.82 -4.07
ZN ZN C . 5.44 -1.18 11.90
#